data_4UHL
#
_entry.id   4UHL
#
_cell.length_a   111.210
_cell.length_b   111.500
_cell.length_c   118.480
_cell.angle_alpha   64.09
_cell.angle_beta   75.07
_cell.angle_gamma   62.42
#
_symmetry.space_group_name_H-M   'P 1'
#
loop_
_entity.id
_entity.type
_entity.pdbx_description
1 polymer 'STEROL 14-ALPHA DEMETHYLASE'
2 non-polymer 'PROTOPORPHYRIN IX CONTAINING FE'
3 non-polymer "N-[(1R)-1-(3,4'-difluorobiphenyl-4-yl)-2-(1H-imidazol-1-yl)ethyl]-4-(5-phenyl-1,3,4-oxadiazol-2-yl)benzamide"
4 water water
#
_entity_poly.entity_id   1
_entity_poly.type   'polypeptide(L)'
_entity_poly.pdbx_seq_one_letter_code
;GKLPPYIFSPIPFLGHAIAFGKSPIEFLENAYEKYGPVFSFTMVGKTFTYLLGSDAAALLFNSKNEDLNAEDVYSRLTTP
VFGKGVAYDVPNPVFLEQKKMLKSGLNIAHFKQHVSIIEKETKEYFESWGESGEKNVFEALSELIILTASHCLHGKEIRS
QLNEKVAQLYADLDGGFSHAAWLLPGWLPLPSFRRRDRAHREIKDIFYKAIQKRRQSQEKIDDILQTLLDATYKDGRPLT
DDEVAGMLIGLLLAGQHTSSTTSAWMGFFLARDKTLQKKCYLEQKTVCGENLPPLTYDQLKDLNLLDRCIKETLRLRPPI
MIMMRMARTPQTVAGYTIPPGHQVCVSPTVNQRLKDSWVERLDFNPDRYLQDNPASGEKFAYVPFGAGRHRCIGENFAYV
QIKTIWSTMLRLYEFDLIDGYFPTVNYTTMIHTPENPVIRYKRRSK
;
_entity_poly.pdbx_strand_id   A,B,C,D,E,F,G,H
#
loop_
_chem_comp.id
_chem_comp.type
_chem_comp.name
_chem_comp.formula
HEM non-polymer 'PROTOPORPHYRIN IX CONTAINING FE' 'C34 H32 Fe N4 O4'
VFV non-polymer N-[(1R)-1-(3,4'-difluorobiphenyl-4-yl)-2-(1H-imidazol-1-yl)ethyl]-4-(5-phenyl-1,3,4-oxadiazol-2-yl)benzamide 'C32 H23 F2 N5 O2'
#
# COMPACT_ATOMS: atom_id res chain seq x y z
N GLY A 1 22.89 24.27 7.55
CA GLY A 1 22.69 22.91 6.94
C GLY A 1 23.27 21.78 7.77
N LYS A 2 22.43 21.14 8.57
CA LYS A 2 22.80 19.87 9.22
C LYS A 2 22.25 18.65 8.47
N LEU A 3 23.15 17.89 7.87
CA LEU A 3 22.79 16.76 6.99
C LEU A 3 22.10 15.65 7.76
N PRO A 4 21.22 14.89 7.07
CA PRO A 4 20.61 13.72 7.72
C PRO A 4 21.64 12.66 8.05
N PRO A 5 21.36 11.82 9.05
CA PRO A 5 22.27 10.74 9.38
C PRO A 5 22.56 9.83 8.18
N TYR A 6 23.83 9.48 8.01
CA TYR A 6 24.30 8.77 6.85
C TYR A 6 24.73 7.35 7.25
N ILE A 7 24.15 6.35 6.61
CA ILE A 7 24.42 4.95 6.95
C ILE A 7 25.67 4.47 6.22
N PHE A 8 26.81 4.50 6.89
CA PHE A 8 28.09 4.26 6.21
C PHE A 8 28.20 2.84 5.68
N SER A 9 28.79 2.69 4.51
CA SER A 9 29.18 1.38 3.99
C SER A 9 30.64 1.36 3.60
N PRO A 10 31.35 0.30 3.99
CA PRO A 10 32.75 0.12 3.60
C PRO A 10 32.91 -0.27 2.13
N ILE A 11 31.83 -0.78 1.53
CA ILE A 11 31.87 -1.31 0.15
C ILE A 11 31.79 -0.20 -0.88
N PRO A 12 32.90 0.04 -1.60
CA PRO A 12 33.12 1.29 -2.35
C PRO A 12 31.98 1.78 -3.24
N PHE A 13 31.63 1.04 -4.28
CA PHE A 13 30.74 1.56 -5.34
C PHE A 13 29.30 1.11 -5.08
N LEU A 14 29.15 -0.15 -4.70
CA LEU A 14 27.86 -0.76 -4.49
C LEU A 14 27.15 -0.26 -3.23
N GLY A 15 27.93 0.15 -2.24
CA GLY A 15 27.36 0.53 -0.96
C GLY A 15 26.51 -0.60 -0.41
N HIS A 16 25.25 -0.29 -0.11
CA HIS A 16 24.32 -1.27 0.47
C HIS A 16 23.52 -2.01 -0.61
N ALA A 17 23.93 -1.89 -1.86
CA ALA A 17 23.18 -2.43 -2.99
C ALA A 17 22.70 -3.86 -2.72
N ILE A 18 23.62 -4.72 -2.32
CA ILE A 18 23.29 -6.14 -2.13
C ILE A 18 22.31 -6.34 -0.97
N ALA A 19 22.60 -5.74 0.18
CA ALA A 19 21.71 -5.85 1.34
C ALA A 19 20.33 -5.26 1.07
N PHE A 20 20.29 -4.06 0.48
CA PHE A 20 19.02 -3.40 0.16
C PHE A 20 18.23 -4.22 -0.86
N GLY A 21 18.92 -4.74 -1.86
CA GLY A 21 18.29 -5.55 -2.91
C GLY A 21 17.65 -6.83 -2.42
N LYS A 22 18.22 -7.44 -1.38
CA LYS A 22 17.72 -8.72 -0.87
C LYS A 22 16.37 -8.57 -0.18
N SER A 23 16.29 -7.65 0.78
CA SER A 23 15.02 -7.27 1.38
C SER A 23 15.02 -5.80 1.75
N PRO A 24 14.48 -4.95 0.85
CA PRO A 24 14.47 -3.51 0.98
C PRO A 24 13.61 -3.02 2.14
N ILE A 25 12.49 -3.69 2.37
CA ILE A 25 11.54 -3.24 3.38
C ILE A 25 12.17 -3.41 4.75
N GLU A 26 12.80 -4.55 4.94
CA GLU A 26 13.50 -4.86 6.19
C GLU A 26 14.67 -3.92 6.39
N PHE A 27 15.40 -3.63 5.30
CA PHE A 27 16.49 -2.67 5.36
C PHE A 27 15.96 -1.33 5.86
N LEU A 28 14.88 -0.85 5.24
CA LEU A 28 14.35 0.48 5.55
C LEU A 28 13.71 0.53 6.94
N GLU A 29 13.05 -0.57 7.33
CA GLU A 29 12.44 -0.64 8.67
C GLU A 29 13.52 -0.67 9.78
N ASN A 30 14.60 -1.40 9.56
CA ASN A 30 15.72 -1.41 10.49
C ASN A 30 16.38 -0.04 10.60
N ALA A 31 16.59 0.59 9.46
CA ALA A 31 17.18 1.93 9.42
C ALA A 31 16.31 2.93 10.17
N TYR A 32 15.00 2.83 9.99
CA TYR A 32 14.05 3.73 10.63
C TYR A 32 14.20 3.63 12.14
N GLU A 33 14.34 2.39 12.60
CA GLU A 33 14.48 2.08 14.00
C GLU A 33 15.77 2.66 14.59
N LYS A 34 16.85 2.54 13.82
CA LYS A 34 18.16 2.97 14.29
C LYS A 34 18.38 4.47 14.09
N TYR A 35 17.90 5.01 12.97
CA TYR A 35 18.27 6.39 12.56
C TYR A 35 17.12 7.39 12.56
N GLY A 36 15.90 6.90 12.67
CA GLY A 36 14.72 7.78 12.64
C GLY A 36 14.16 7.94 11.24
N PRO A 37 13.22 8.88 11.07
CA PRO A 37 12.41 9.00 9.85
C PRO A 37 13.19 9.50 8.64
N VAL A 38 14.32 10.17 8.87
CA VAL A 38 15.08 10.77 7.77
C VAL A 38 16.55 10.36 7.82
N PHE A 39 17.03 9.76 6.73
CA PHE A 39 18.41 9.32 6.66
C PHE A 39 18.89 9.15 5.23
N SER A 40 20.19 8.93 5.09
CA SER A 40 20.83 8.88 3.78
C SER A 40 21.70 7.64 3.67
N PHE A 41 21.92 7.20 2.44
CA PHE A 41 22.92 6.17 2.16
C PHE A 41 23.28 6.18 0.69
N THR A 42 24.36 5.49 0.34
CA THR A 42 24.75 5.37 -1.05
C THR A 42 24.61 3.94 -1.56
N MET A 43 24.16 3.86 -2.81
CA MET A 43 24.03 2.60 -3.54
C MET A 43 24.52 2.83 -4.96
N VAL A 44 25.33 1.90 -5.46
CA VAL A 44 25.80 1.92 -6.84
C VAL A 44 26.08 3.35 -7.32
N GLY A 45 26.84 4.10 -6.54
CA GLY A 45 27.42 5.36 -6.99
C GLY A 45 26.62 6.58 -6.62
N LYS A 46 25.41 6.39 -6.09
CA LYS A 46 24.49 7.51 -5.87
C LYS A 46 24.13 7.67 -4.40
N THR A 47 23.78 8.90 -4.02
CA THR A 47 23.32 9.19 -2.65
C THR A 47 21.80 9.33 -2.56
N PHE A 48 21.18 8.46 -1.78
CA PHE A 48 19.73 8.50 -1.56
C PHE A 48 19.38 8.94 -0.14
N THR A 49 18.37 9.79 -0.03
CA THR A 49 17.83 10.15 1.28
C THR A 49 16.34 9.77 1.38
N TYR A 50 16.03 8.95 2.38
CA TYR A 50 14.65 8.49 2.60
C TYR A 50 13.87 9.37 3.57
N LEU A 51 12.58 9.47 3.31
CA LEU A 51 11.64 10.15 4.19
C LEU A 51 10.57 9.16 4.60
N LEU A 52 10.68 8.63 5.80
CA LEU A 52 9.79 7.57 6.28
C LEU A 52 8.80 8.11 7.31
N GLY A 53 7.58 7.59 7.25
CA GLY A 53 6.49 8.08 8.10
C GLY A 53 5.81 9.28 7.48
N SER A 54 4.61 9.59 7.94
CA SER A 54 3.77 10.61 7.32
C SER A 54 4.44 11.99 7.35
N ASP A 55 4.92 12.38 8.53
CA ASP A 55 5.40 13.75 8.73
C ASP A 55 6.58 14.07 7.82
N ALA A 56 7.51 13.14 7.72
CA ALA A 56 8.68 13.31 6.87
C ALA A 56 8.31 13.21 5.38
N ALA A 57 7.48 12.24 5.04
CA ALA A 57 7.06 12.03 3.64
C ALA A 57 6.37 13.28 3.07
N ALA A 58 5.77 14.05 3.96
CA ALA A 58 5.11 15.30 3.59
C ALA A 58 5.99 16.20 2.72
N LEU A 59 7.29 16.21 2.99
CA LEU A 59 8.20 17.06 2.25
C LEU A 59 8.13 16.75 0.75
N LEU A 60 8.22 15.47 0.42
CA LEU A 60 8.17 15.04 -0.97
C LEU A 60 6.79 15.31 -1.57
N PHE A 61 5.74 14.97 -0.83
CA PHE A 61 4.38 15.03 -1.37
C PHE A 61 3.90 16.46 -1.58
N ASN A 62 4.43 17.40 -0.79
CA ASN A 62 4.03 18.80 -0.91
C ASN A 62 4.91 19.61 -1.85
N SER A 63 6.06 19.08 -2.24
CA SER A 63 7.07 19.92 -2.85
C SER A 63 6.72 20.30 -4.28
N LYS A 64 7.19 21.47 -4.69
CA LYS A 64 7.10 21.88 -6.08
C LYS A 64 8.13 21.08 -6.87
N ASN A 65 7.84 20.86 -8.15
CA ASN A 65 8.72 20.06 -9.00
C ASN A 65 10.03 20.77 -9.30
N GLU A 66 10.03 22.10 -9.16
CA GLU A 66 11.24 22.89 -9.30
C GLU A 66 12.23 22.53 -8.20
N ASP A 67 11.70 22.18 -7.03
CA ASP A 67 12.51 21.88 -5.87
C ASP A 67 12.87 20.40 -5.83
N LEU A 68 11.86 19.54 -5.82
CA LEU A 68 12.06 18.10 -5.84
C LEU A 68 11.57 17.53 -7.17
N ASN A 69 12.53 17.23 -8.05
CA ASN A 69 12.24 17.12 -9.47
C ASN A 69 12.20 15.68 -9.95
N ALA A 70 11.14 15.34 -10.67
CA ALA A 70 10.89 13.96 -11.09
C ALA A 70 11.62 13.59 -12.39
N GLU A 71 11.61 14.49 -13.37
CA GLU A 71 12.23 14.19 -14.67
C GLU A 71 13.73 13.94 -14.55
N ASP A 72 14.38 14.65 -13.63
CA ASP A 72 15.82 14.45 -13.40
C ASP A 72 16.12 12.98 -13.12
N VAL A 73 15.26 12.31 -12.36
CA VAL A 73 15.49 10.91 -11.99
C VAL A 73 14.83 9.91 -12.93
N TYR A 74 13.81 10.34 -13.68
CA TYR A 74 12.99 9.40 -14.46
C TYR A 74 13.17 9.48 -16.00
N SER A 75 13.37 10.68 -16.55
CA SER A 75 13.22 10.90 -18.00
C SER A 75 14.13 10.01 -18.85
N ARG A 76 15.35 9.82 -18.39
CA ARG A 76 16.33 8.97 -19.08
C ARG A 76 15.75 7.59 -19.44
N LEU A 77 14.97 7.00 -18.55
CA LEU A 77 14.44 5.64 -18.76
C LEU A 77 13.06 5.63 -19.41
N THR A 78 12.22 6.60 -19.06
CA THR A 78 10.83 6.63 -19.50
C THR A 78 10.65 7.20 -20.90
N THR A 79 11.47 8.19 -21.24
CA THR A 79 11.30 8.90 -22.51
C THR A 79 11.47 7.99 -23.74
N PRO A 80 12.43 7.06 -23.71
CA PRO A 80 12.49 6.11 -24.82
C PRO A 80 11.30 5.17 -24.88
N VAL A 81 10.57 5.05 -23.77
CA VAL A 81 9.46 4.10 -23.68
C VAL A 81 8.14 4.76 -24.09
N PHE A 82 7.76 5.81 -23.37
CA PHE A 82 6.50 6.51 -23.63
C PHE A 82 6.60 7.36 -24.88
N GLY A 83 7.76 7.99 -25.06
CA GLY A 83 8.03 8.75 -26.26
C GLY A 83 8.22 10.23 -26.00
N LYS A 84 8.59 10.94 -27.05
CA LYS A 84 8.80 12.38 -26.99
C LYS A 84 7.50 13.15 -26.71
N GLY A 85 7.63 14.30 -26.05
CA GLY A 85 6.54 15.25 -25.92
C GLY A 85 5.50 14.89 -24.88
N VAL A 86 5.83 13.90 -24.05
CA VAL A 86 4.86 13.33 -23.12
C VAL A 86 5.53 12.97 -21.80
N ALA A 87 4.76 13.03 -20.71
CA ALA A 87 5.33 12.65 -19.43
C ALA A 87 6.50 13.51 -18.99
N TYR A 88 7.62 12.84 -18.77
CA TYR A 88 8.83 13.46 -18.21
C TYR A 88 9.76 14.02 -19.29
N ASP A 89 9.29 14.09 -20.53
CA ASP A 89 10.08 14.67 -21.62
C ASP A 89 9.77 16.14 -21.82
N VAL A 90 8.75 16.63 -21.12
CA VAL A 90 8.33 18.02 -21.21
C VAL A 90 8.39 18.67 -19.84
N PRO A 91 8.42 20.01 -19.79
CA PRO A 91 8.31 20.65 -18.49
C PRO A 91 7.07 20.19 -17.73
N ASN A 92 7.19 20.12 -16.42
CA ASN A 92 6.13 19.56 -15.59
C ASN A 92 4.77 20.25 -15.79
N PRO A 93 4.76 21.58 -15.94
CA PRO A 93 3.45 22.21 -16.14
C PRO A 93 2.69 21.65 -17.35
N VAL A 94 3.43 21.26 -18.38
CA VAL A 94 2.82 20.64 -19.55
C VAL A 94 2.22 19.28 -19.19
N PHE A 95 3.00 18.47 -18.48
CA PHE A 95 2.57 17.14 -18.04
C PHE A 95 1.29 17.26 -17.21
N LEU A 96 1.21 18.30 -16.39
CA LEU A 96 0.03 18.54 -15.56
C LEU A 96 -1.23 18.70 -16.40
N GLU A 97 -1.10 19.39 -17.54
CA GLU A 97 -2.24 19.59 -18.44
C GLU A 97 -2.62 18.26 -19.08
N GLN A 98 -1.62 17.56 -19.60
CA GLN A 98 -1.80 16.22 -20.15
C GLN A 98 -2.52 15.31 -19.14
N LYS A 99 -2.16 15.44 -17.87
CA LYS A 99 -2.84 14.68 -16.84
C LYS A 99 -4.31 15.09 -16.74
N LYS A 100 -4.57 16.39 -16.84
CA LYS A 100 -5.93 16.91 -16.78
C LYS A 100 -6.79 16.34 -17.90
N MET A 101 -6.21 16.27 -19.11
CA MET A 101 -6.88 15.68 -20.27
C MET A 101 -7.22 14.22 -20.02
N LEU A 102 -6.25 13.47 -19.49
CA LEU A 102 -6.44 12.06 -19.18
C LEU A 102 -7.48 11.87 -18.08
N LYS A 103 -7.39 12.72 -17.05
CA LYS A 103 -8.35 12.69 -15.95
C LYS A 103 -9.77 12.89 -16.47
N SER A 104 -9.92 13.82 -17.42
CA SER A 104 -11.24 14.13 -17.98
C SER A 104 -11.79 12.92 -18.72
N GLY A 105 -10.89 12.11 -19.25
CA GLY A 105 -11.26 10.89 -19.97
C GLY A 105 -11.64 9.76 -19.05
N LEU A 106 -11.18 9.82 -17.80
CA LEU A 106 -11.43 8.77 -16.83
C LEU A 106 -12.63 9.12 -15.96
N ASN A 107 -13.79 9.17 -16.59
CA ASN A 107 -15.01 9.62 -15.92
C ASN A 107 -16.07 8.54 -15.81
N ILE A 108 -17.14 8.86 -15.11
CA ILE A 108 -18.17 7.90 -14.73
C ILE A 108 -18.90 7.34 -15.95
N ALA A 109 -19.06 8.17 -16.97
CA ALA A 109 -19.70 7.75 -18.22
C ALA A 109 -18.94 6.59 -18.83
N HIS A 110 -17.63 6.76 -18.98
CA HIS A 110 -16.77 5.75 -19.58
C HIS A 110 -16.60 4.52 -18.69
N PHE A 111 -16.52 4.75 -17.38
CA PHE A 111 -16.44 3.64 -16.43
C PHE A 111 -17.64 2.70 -16.59
N LYS A 112 -18.80 3.27 -16.90
CA LYS A 112 -20.02 2.47 -17.05
C LYS A 112 -19.93 1.52 -18.25
N GLN A 113 -19.29 1.98 -19.31
CA GLN A 113 -19.00 1.11 -20.45
C GLN A 113 -17.94 0.07 -20.07
N HIS A 114 -16.97 0.49 -19.28
CA HIS A 114 -15.82 -0.36 -18.96
C HIS A 114 -16.25 -1.61 -18.21
N VAL A 115 -17.18 -1.46 -17.27
CA VAL A 115 -17.60 -2.56 -16.41
C VAL A 115 -18.04 -3.76 -17.24
N SER A 116 -18.88 -3.53 -18.24
CA SER A 116 -19.37 -4.61 -19.10
C SER A 116 -18.25 -5.21 -19.92
N ILE A 117 -17.42 -4.34 -20.50
CA ILE A 117 -16.25 -4.76 -21.26
C ILE A 117 -15.38 -5.70 -20.44
N ILE A 118 -15.07 -5.28 -19.22
CA ILE A 118 -14.14 -6.01 -18.36
C ILE A 118 -14.74 -7.32 -17.88
N GLU A 119 -16.03 -7.30 -17.52
CA GLU A 119 -16.71 -8.52 -17.12
C GLU A 119 -16.70 -9.53 -18.27
N LYS A 120 -16.96 -9.04 -19.47
CA LYS A 120 -17.02 -9.90 -20.65
C LYS A 120 -15.63 -10.48 -20.98
N GLU A 121 -14.61 -9.63 -20.99
CA GLU A 121 -13.24 -10.07 -21.27
C GLU A 121 -12.80 -11.12 -20.25
N THR A 122 -13.24 -10.94 -19.01
CA THR A 122 -12.79 -11.80 -17.91
C THR A 122 -13.42 -13.18 -18.01
N LYS A 123 -14.73 -13.23 -18.23
CA LYS A 123 -15.42 -14.51 -18.36
C LYS A 123 -14.84 -15.33 -19.52
N GLU A 124 -14.63 -14.68 -20.65
CA GLU A 124 -14.07 -15.32 -21.84
C GLU A 124 -12.68 -15.88 -21.57
N TYR A 125 -11.82 -15.06 -20.96
CA TYR A 125 -10.44 -15.47 -20.71
C TYR A 125 -10.36 -16.72 -19.85
N PHE A 126 -11.16 -16.75 -18.77
CA PHE A 126 -11.06 -17.83 -17.79
C PHE A 126 -11.80 -19.10 -18.22
N GLU A 127 -12.46 -19.05 -19.36
CA GLU A 127 -13.02 -20.26 -19.98
C GLU A 127 -11.93 -21.32 -20.18
N SER A 128 -10.72 -20.87 -20.53
CA SER A 128 -9.61 -21.80 -20.77
C SER A 128 -9.09 -22.42 -19.47
N TRP A 129 -9.63 -21.97 -18.34
CA TRP A 129 -9.21 -22.48 -17.03
C TRP A 129 -10.07 -23.67 -16.60
N GLY A 130 -11.15 -23.92 -17.33
CA GLY A 130 -11.99 -25.09 -17.10
C GLY A 130 -12.68 -25.06 -15.74
N GLU A 131 -12.94 -26.25 -15.19
CA GLU A 131 -13.76 -26.38 -13.98
C GLU A 131 -12.92 -26.31 -12.70
N SER A 132 -11.70 -26.84 -12.78
CA SER A 132 -10.78 -26.76 -11.64
C SER A 132 -9.33 -26.89 -12.12
N GLY A 133 -8.40 -26.68 -11.21
CA GLY A 133 -7.00 -26.89 -11.50
C GLY A 133 -6.05 -26.13 -10.59
N GLU A 134 -4.79 -26.05 -11.03
CA GLU A 134 -3.78 -25.26 -10.35
C GLU A 134 -3.00 -24.49 -11.40
N LYS A 135 -3.23 -23.19 -11.47
CA LYS A 135 -2.59 -22.37 -12.50
C LYS A 135 -2.00 -21.10 -11.94
N ASN A 136 -1.11 -20.52 -12.74
CA ASN A 136 -0.42 -19.30 -12.39
C ASN A 136 -1.33 -18.12 -12.63
N VAL A 137 -1.80 -17.55 -11.53
CA VAL A 137 -2.78 -16.49 -11.57
C VAL A 137 -2.18 -15.15 -12.01
N PHE A 138 -0.93 -14.90 -11.66
CA PHE A 138 -0.28 -13.67 -12.05
C PHE A 138 -0.15 -13.56 -13.58
N GLU A 139 0.26 -14.65 -14.23
CA GLU A 139 0.30 -14.69 -15.69
C GLU A 139 -1.09 -14.56 -16.30
N ALA A 140 -2.07 -15.23 -15.71
CA ALA A 140 -3.46 -15.11 -16.13
C ALA A 140 -3.93 -13.66 -16.07
N LEU A 141 -3.72 -13.03 -14.92
CA LEU A 141 -4.14 -11.66 -14.71
C LEU A 141 -3.37 -10.66 -15.58
N SER A 142 -2.07 -10.90 -15.79
CA SER A 142 -1.28 -10.04 -16.67
C SER A 142 -1.82 -10.10 -18.10
N GLU A 143 -2.06 -11.30 -18.59
CA GLU A 143 -2.57 -11.49 -19.94
C GLU A 143 -3.96 -10.88 -20.09
N LEU A 144 -4.80 -11.06 -19.08
CA LEU A 144 -6.16 -10.54 -19.11
C LEU A 144 -6.16 -9.02 -19.04
N ILE A 145 -5.36 -8.46 -18.14
CA ILE A 145 -5.39 -7.03 -17.89
C ILE A 145 -4.87 -6.22 -19.09
N ILE A 146 -3.95 -6.80 -19.84
CA ILE A 146 -3.46 -6.14 -21.06
C ILE A 146 -4.62 -5.98 -22.04
N LEU A 147 -5.55 -6.93 -22.00
CA LEU A 147 -6.73 -6.92 -22.87
C LEU A 147 -7.76 -5.93 -22.35
N THR A 148 -8.13 -6.07 -21.08
CA THR A 148 -9.14 -5.20 -20.46
C THR A 148 -8.74 -3.73 -20.55
N ALA A 149 -7.47 -3.43 -20.25
CA ALA A 149 -6.98 -2.06 -20.23
C ALA A 149 -6.94 -1.45 -21.63
N SER A 150 -6.51 -2.25 -22.60
CA SER A 150 -6.55 -1.82 -23.99
C SER A 150 -7.98 -1.47 -24.41
N HIS A 151 -8.89 -2.39 -24.12
CA HIS A 151 -10.27 -2.25 -24.57
C HIS A 151 -10.88 -0.98 -24.00
N CYS A 152 -10.61 -0.71 -22.73
CA CYS A 152 -11.14 0.45 -22.03
C CYS A 152 -10.40 1.74 -22.38
N LEU A 153 -9.07 1.67 -22.37
CA LEU A 153 -8.25 2.88 -22.45
C LEU A 153 -7.77 3.20 -23.86
N HIS A 154 -7.76 2.20 -24.74
CA HIS A 154 -7.41 2.41 -26.15
C HIS A 154 -8.64 2.38 -27.04
N GLY A 155 -9.60 1.54 -26.69
CA GLY A 155 -10.82 1.40 -27.48
C GLY A 155 -10.91 0.07 -28.20
N LYS A 156 -12.05 -0.14 -28.87
CA LYS A 156 -12.36 -1.39 -29.55
C LYS A 156 -11.46 -1.62 -30.78
N GLU A 157 -11.24 -0.58 -31.57
CA GLU A 157 -10.43 -0.69 -32.78
C GLU A 157 -9.07 -1.27 -32.43
N ILE A 158 -8.38 -0.59 -31.52
CA ILE A 158 -7.03 -0.95 -31.14
C ILE A 158 -7.00 -2.31 -30.47
N ARG A 159 -8.02 -2.58 -29.67
CA ARG A 159 -8.09 -3.81 -28.93
C ARG A 159 -8.22 -5.05 -29.83
N SER A 160 -8.92 -4.91 -30.95
CA SER A 160 -9.10 -6.00 -31.90
C SER A 160 -7.79 -6.34 -32.62
N GLN A 161 -6.82 -5.42 -32.54
CA GLN A 161 -5.49 -5.63 -33.12
C GLN A 161 -4.53 -6.22 -32.09
N LEU A 162 -5.01 -6.48 -30.88
CA LEU A 162 -4.13 -6.91 -29.80
C LEU A 162 -3.91 -8.42 -29.83
N ASN A 163 -3.05 -8.87 -30.74
CA ASN A 163 -2.61 -10.26 -30.77
C ASN A 163 -1.31 -10.46 -29.99
N GLU A 164 -0.79 -11.67 -30.05
CA GLU A 164 0.42 -12.05 -29.32
C GLU A 164 1.64 -11.25 -29.77
N LYS A 165 1.72 -10.96 -31.07
CA LYS A 165 2.81 -10.15 -31.59
C LYS A 165 2.81 -8.78 -30.90
N VAL A 166 1.65 -8.14 -30.84
CA VAL A 166 1.53 -6.82 -30.21
C VAL A 166 1.75 -6.88 -28.70
N ALA A 167 1.25 -7.92 -28.06
CA ALA A 167 1.47 -8.13 -26.63
C ALA A 167 2.97 -8.22 -26.32
N GLN A 168 3.72 -8.87 -27.20
CA GLN A 168 5.17 -9.00 -27.05
C GLN A 168 5.86 -7.66 -27.27
N LEU A 169 5.29 -6.82 -28.12
CA LEU A 169 5.82 -5.47 -28.33
C LEU A 169 5.72 -4.67 -27.03
N TYR A 170 4.64 -4.90 -26.30
CA TYR A 170 4.42 -4.23 -25.02
C TYR A 170 5.39 -4.75 -23.95
N ALA A 171 5.64 -6.05 -23.96
CA ALA A 171 6.65 -6.62 -23.06
C ALA A 171 8.03 -6.04 -23.39
N ASP A 172 8.36 -5.96 -24.68
CA ASP A 172 9.63 -5.38 -25.12
C ASP A 172 9.78 -3.93 -24.63
N LEU A 173 8.67 -3.20 -24.58
CA LEU A 173 8.67 -1.84 -24.04
C LEU A 173 8.99 -1.84 -22.54
N ASP A 174 8.36 -2.74 -21.80
CA ASP A 174 8.67 -2.91 -20.38
C ASP A 174 10.17 -3.10 -20.19
N GLY A 175 10.80 -3.79 -21.13
CA GLY A 175 12.23 -4.09 -21.06
C GLY A 175 13.11 -2.86 -20.97
N GLY A 176 12.58 -1.71 -21.35
CA GLY A 176 13.31 -0.45 -21.29
C GLY A 176 13.54 -0.01 -19.86
N PHE A 177 12.80 -0.63 -18.94
CA PHE A 177 12.94 -0.35 -17.52
C PHE A 177 13.84 -1.39 -16.87
N SER A 178 15.11 -1.33 -17.22
CA SER A 178 16.06 -2.34 -16.79
C SER A 178 17.23 -1.71 -16.05
N HIS A 179 17.93 -2.56 -15.32
CA HIS A 179 19.18 -2.18 -14.68
C HIS A 179 20.21 -1.78 -15.69
N ALA A 180 20.16 -2.45 -16.84
CA ALA A 180 21.03 -2.15 -17.96
C ALA A 180 20.77 -0.73 -18.45
N ALA A 181 19.49 -0.42 -18.67
CA ALA A 181 19.10 0.89 -19.15
C ALA A 181 19.53 1.99 -18.17
N TRP A 182 19.51 1.69 -16.87
CA TRP A 182 19.88 2.65 -15.83
C TRP A 182 21.39 2.86 -15.78
N LEU A 183 22.12 1.76 -15.87
CA LEU A 183 23.55 1.72 -15.61
C LEU A 183 24.39 2.08 -16.83
N LEU A 184 23.90 1.71 -18.02
CA LEU A 184 24.72 1.73 -19.23
C LEU A 184 24.37 2.88 -20.18
N PRO A 185 25.32 3.27 -21.04
CA PRO A 185 25.05 4.27 -22.06
C PRO A 185 23.95 3.82 -23.02
N GLY A 186 23.15 4.77 -23.48
CA GLY A 186 22.06 4.46 -24.40
C GLY A 186 22.53 3.97 -25.76
N TRP A 187 23.72 4.37 -26.17
CA TRP A 187 24.22 4.06 -27.51
C TRP A 187 24.69 2.61 -27.67
N LEU A 188 24.72 1.85 -26.59
CA LEU A 188 25.05 0.43 -26.70
C LEU A 188 23.91 -0.34 -27.34
N PRO A 189 24.21 -1.15 -28.36
CA PRO A 189 23.17 -1.91 -29.05
C PRO A 189 22.77 -3.18 -28.30
N LEU A 190 22.43 -3.04 -27.03
CA LEU A 190 21.92 -4.18 -26.25
C LEU A 190 20.59 -4.66 -26.84
N PRO A 191 20.34 -5.98 -26.78
CA PRO A 191 19.11 -6.55 -27.31
C PRO A 191 17.85 -5.87 -26.79
N SER A 192 17.82 -5.57 -25.49
CA SER A 192 16.63 -5.00 -24.86
C SER A 192 16.43 -3.56 -25.30
N PHE A 193 17.53 -2.84 -25.54
CA PHE A 193 17.46 -1.47 -26.07
C PHE A 193 16.88 -1.50 -27.48
N ARG A 194 17.42 -2.41 -28.29
CA ARG A 194 16.99 -2.58 -29.68
C ARG A 194 15.50 -2.93 -29.76
N ARG A 195 15.09 -3.95 -29.02
CA ARG A 195 13.68 -4.33 -28.94
C ARG A 195 12.81 -3.18 -28.47
N ARG A 196 13.21 -2.56 -27.36
CA ARG A 196 12.45 -1.44 -26.81
C ARG A 196 12.17 -0.42 -27.91
N ASP A 197 13.24 0.02 -28.57
CA ASP A 197 13.15 1.06 -29.60
C ASP A 197 12.35 0.59 -30.82
N ARG A 198 12.55 -0.66 -31.22
CA ARG A 198 11.77 -1.26 -32.31
C ARG A 198 10.29 -1.33 -31.98
N ALA A 199 9.99 -1.82 -30.78
CA ALA A 199 8.60 -1.97 -30.32
C ALA A 199 7.92 -0.62 -30.19
N HIS A 200 8.67 0.39 -29.77
CA HIS A 200 8.14 1.73 -29.65
C HIS A 200 7.74 2.26 -31.03
N ARG A 201 8.52 1.92 -32.04
CA ARG A 201 8.23 2.33 -33.42
C ARG A 201 6.99 1.63 -33.95
N GLU A 202 6.93 0.32 -33.79
CA GLU A 202 5.82 -0.46 -34.33
C GLU A 202 4.50 -0.15 -33.63
N ILE A 203 4.57 0.13 -32.33
CA ILE A 203 3.37 0.40 -31.55
C ILE A 203 2.82 1.79 -31.86
N LYS A 204 3.72 2.75 -32.02
CA LYS A 204 3.31 4.10 -32.41
C LYS A 204 2.64 4.08 -33.77
N ASP A 205 3.15 3.23 -34.65
CA ASP A 205 2.63 3.11 -36.00
C ASP A 205 1.18 2.63 -36.00
N ILE A 206 0.93 1.55 -35.26
CA ILE A 206 -0.43 1.07 -35.04
C ILE A 206 -1.35 2.15 -34.47
N PHE A 207 -0.85 2.91 -33.50
CA PHE A 207 -1.64 3.99 -32.91
C PHE A 207 -1.84 5.13 -33.91
N TYR A 208 -0.85 5.38 -34.76
CA TYR A 208 -0.97 6.41 -35.80
C TYR A 208 -2.13 6.07 -36.72
N LYS A 209 -2.19 4.83 -37.17
CA LYS A 209 -3.22 4.40 -38.11
C LYS A 209 -4.61 4.48 -37.47
N ALA A 210 -4.72 3.99 -36.25
CA ALA A 210 -5.99 4.00 -35.53
C ALA A 210 -6.46 5.42 -35.24
N ILE A 211 -5.52 6.32 -34.98
CA ILE A 211 -5.85 7.71 -34.67
C ILE A 211 -6.38 8.45 -35.90
N GLN A 212 -5.69 8.29 -37.03
CA GLN A 212 -6.11 8.94 -38.27
C GLN A 212 -7.40 8.31 -38.78
N LYS A 213 -7.54 7.01 -38.57
CA LYS A 213 -8.77 6.28 -38.88
C LYS A 213 -9.98 6.85 -38.15
N ARG A 214 -9.82 7.22 -36.88
CA ARG A 214 -10.95 7.79 -36.15
C ARG A 214 -11.21 9.24 -36.52
N ARG A 215 -10.14 9.96 -36.80
CA ARG A 215 -10.28 11.37 -37.13
C ARG A 215 -11.14 11.49 -38.38
N GLN A 216 -10.98 10.55 -39.30
CA GLN A 216 -11.70 10.56 -40.58
C GLN A 216 -13.14 10.03 -40.54
N SER A 217 -13.49 9.27 -39.52
CA SER A 217 -14.85 8.73 -39.41
C SER A 217 -15.80 9.76 -38.84
N GLN A 218 -17.08 9.66 -39.20
CA GLN A 218 -18.11 10.56 -38.66
C GLN A 218 -18.90 9.87 -37.54
N GLU A 219 -18.56 8.61 -37.30
CA GLU A 219 -19.07 7.84 -36.17
C GLU A 219 -18.60 8.44 -34.84
N LYS A 220 -19.42 9.32 -34.25
CA LYS A 220 -19.10 9.94 -32.96
C LYS A 220 -19.02 8.91 -31.83
N ILE A 221 -17.81 8.55 -31.44
CA ILE A 221 -17.60 7.56 -30.37
C ILE A 221 -17.30 8.24 -29.04
N ASP A 222 -17.96 7.79 -27.97
CA ASP A 222 -17.71 8.33 -26.63
C ASP A 222 -16.77 7.44 -25.82
N ASP A 223 -15.47 7.60 -26.06
CA ASP A 223 -14.47 6.89 -25.28
C ASP A 223 -13.22 7.74 -25.03
N ILE A 224 -12.20 7.13 -24.44
CA ILE A 224 -11.02 7.84 -23.96
C ILE A 224 -10.16 8.36 -25.12
N LEU A 225 -10.04 7.57 -26.18
CA LEU A 225 -9.32 8.03 -27.37
C LEU A 225 -9.94 9.32 -27.87
N GLN A 226 -11.27 9.31 -27.98
CA GLN A 226 -12.01 10.49 -28.41
C GLN A 226 -11.75 11.70 -27.51
N THR A 227 -11.72 11.47 -26.20
CA THR A 227 -11.47 12.56 -25.27
C THR A 227 -10.12 13.21 -25.55
N LEU A 228 -9.14 12.39 -25.94
CA LEU A 228 -7.81 12.90 -26.26
C LEU A 228 -7.78 13.69 -27.57
N LEU A 229 -8.46 13.16 -28.59
CA LEU A 229 -8.49 13.81 -29.90
C LEU A 229 -9.21 15.16 -29.82
N ASP A 230 -10.11 15.30 -28.85
CA ASP A 230 -10.89 16.53 -28.67
C ASP A 230 -10.33 17.49 -27.61
N ALA A 231 -9.26 17.08 -26.93
CA ALA A 231 -8.75 17.86 -25.80
C ALA A 231 -7.90 19.03 -26.31
N THR A 232 -7.71 20.06 -25.47
CA THR A 232 -6.80 21.15 -25.82
C THR A 232 -6.08 21.73 -24.61
N TYR A 233 -4.82 22.10 -24.83
CA TYR A 233 -4.03 22.83 -23.84
C TYR A 233 -4.67 24.19 -23.57
N LYS A 234 -4.15 24.92 -22.58
CA LYS A 234 -4.65 26.26 -22.27
C LYS A 234 -4.42 27.21 -23.44
N ASP A 235 -3.28 27.09 -24.10
CA ASP A 235 -2.98 27.94 -25.27
C ASP A 235 -3.98 27.67 -26.40
N GLY A 236 -4.71 26.56 -26.29
CA GLY A 236 -5.74 26.20 -27.26
C GLY A 236 -5.32 25.09 -28.23
N ARG A 237 -4.04 24.74 -28.21
CA ARG A 237 -3.48 23.79 -29.17
C ARG A 237 -3.97 22.36 -28.93
N PRO A 238 -4.49 21.70 -29.99
CA PRO A 238 -4.84 20.30 -29.83
C PRO A 238 -3.62 19.39 -29.90
N LEU A 239 -3.75 18.19 -29.35
CA LEU A 239 -2.64 17.25 -29.28
C LEU A 239 -2.28 16.74 -30.67
N THR A 240 -0.99 16.65 -30.96
CA THR A 240 -0.53 16.01 -32.18
C THR A 240 -0.77 14.51 -32.08
N ASP A 241 -0.59 13.81 -33.19
CA ASP A 241 -0.76 12.36 -33.22
C ASP A 241 0.31 11.66 -32.38
N ASP A 242 1.52 12.20 -32.41
CA ASP A 242 2.63 11.60 -31.66
C ASP A 242 2.42 11.79 -30.17
N GLU A 243 1.85 12.93 -29.79
CA GLU A 243 1.50 13.18 -28.40
C GLU A 243 0.44 12.18 -27.92
N VAL A 244 -0.63 12.05 -28.70
CA VAL A 244 -1.72 11.14 -28.35
C VAL A 244 -1.21 9.71 -28.18
N ALA A 245 -0.43 9.26 -29.15
CA ALA A 245 0.10 7.90 -29.15
C ALA A 245 1.02 7.68 -27.94
N GLY A 246 1.76 8.72 -27.59
CA GLY A 246 2.59 8.69 -26.38
C GLY A 246 1.75 8.44 -25.15
N MET A 247 0.66 9.18 -25.04
CA MET A 247 -0.23 9.09 -23.89
C MET A 247 -0.98 7.75 -23.85
N LEU A 248 -1.19 7.15 -25.01
CA LEU A 248 -1.84 5.84 -25.09
C LEU A 248 -0.91 4.74 -24.58
N ILE A 249 0.36 4.82 -24.94
CA ILE A 249 1.38 3.90 -24.43
C ILE A 249 1.45 3.95 -22.91
N GLY A 250 1.49 5.16 -22.38
CA GLY A 250 1.49 5.36 -20.93
C GLY A 250 0.27 4.77 -20.28
N LEU A 251 -0.90 5.02 -20.88
CA LEU A 251 -2.15 4.54 -20.34
C LEU A 251 -2.14 3.03 -20.19
N LEU A 252 -1.54 2.34 -21.16
CA LEU A 252 -1.50 0.89 -21.08
C LEU A 252 -0.52 0.43 -20.03
N LEU A 253 0.72 0.93 -20.10
CA LEU A 253 1.74 0.54 -19.15
C LEU A 253 1.25 0.75 -17.72
N ALA A 254 0.73 1.96 -17.46
CA ALA A 254 0.18 2.29 -16.15
C ALA A 254 -1.01 1.40 -15.79
N GLY A 255 -1.81 1.04 -16.80
CA GLY A 255 -3.05 0.30 -16.57
C GLY A 255 -2.86 -1.18 -16.33
N GLN A 256 -1.68 -1.71 -16.65
CA GLN A 256 -1.51 -3.16 -16.66
C GLN A 256 -0.90 -3.69 -15.36
N HIS A 257 0.37 -3.40 -15.14
CA HIS A 257 1.17 -4.13 -14.16
C HIS A 257 0.83 -3.77 -12.73
N THR A 258 0.44 -2.52 -12.51
CA THR A 258 0.00 -2.09 -11.19
C THR A 258 -1.27 -2.83 -10.78
N SER A 259 -2.14 -3.11 -11.75
CA SER A 259 -3.39 -3.83 -11.48
C SER A 259 -3.15 -5.33 -11.41
N SER A 260 -2.30 -5.84 -12.28
CA SER A 260 -2.10 -7.29 -12.39
C SER A 260 -1.40 -7.83 -11.15
N THR A 261 -0.34 -7.17 -10.71
CA THR A 261 0.37 -7.60 -9.51
C THR A 261 -0.56 -7.49 -8.30
N THR A 262 -1.27 -6.36 -8.21
CA THR A 262 -2.18 -6.14 -7.10
C THR A 262 -3.26 -7.20 -7.07
N SER A 263 -3.87 -7.44 -8.22
CA SER A 263 -4.95 -8.42 -8.34
C SER A 263 -4.44 -9.82 -7.97
N ALA A 264 -3.20 -10.13 -8.34
CA ALA A 264 -2.62 -11.42 -8.01
C ALA A 264 -2.45 -11.56 -6.50
N TRP A 265 -1.95 -10.52 -5.84
CA TRP A 265 -1.74 -10.55 -4.40
C TRP A 265 -3.06 -10.71 -3.65
N MET A 266 -4.10 -10.02 -4.12
CA MET A 266 -5.40 -10.13 -3.48
C MET A 266 -5.90 -11.56 -3.55
N GLY A 267 -5.66 -12.21 -4.68
CA GLY A 267 -6.03 -13.62 -4.85
C GLY A 267 -5.48 -14.50 -3.76
N PHE A 268 -4.20 -14.35 -3.46
CA PHE A 268 -3.55 -15.18 -2.45
C PHE A 268 -3.93 -14.79 -1.03
N PHE A 269 -4.26 -13.52 -0.82
CA PHE A 269 -4.74 -13.07 0.49
C PHE A 269 -6.11 -13.68 0.79
N LEU A 270 -6.94 -13.79 -0.25
CA LEU A 270 -8.30 -14.31 -0.08
C LEU A 270 -8.29 -15.84 0.00
N ALA A 271 -7.35 -16.46 -0.70
CA ALA A 271 -7.17 -17.91 -0.67
C ALA A 271 -6.72 -18.37 0.72
N ARG A 272 -5.89 -17.56 1.36
CA ARG A 272 -5.39 -17.87 2.70
C ARG A 272 -6.47 -17.66 3.75
N ASP A 273 -7.38 -16.73 3.48
CA ASP A 273 -8.46 -16.41 4.41
C ASP A 273 -9.80 -16.80 3.78
N LYS A 274 -10.14 -18.07 3.89
CA LYS A 274 -11.28 -18.62 3.15
C LYS A 274 -12.61 -18.06 3.64
N THR A 275 -12.66 -17.73 4.94
CA THR A 275 -13.85 -17.13 5.53
C THR A 275 -14.10 -15.77 4.91
N LEU A 276 -13.02 -15.02 4.68
CA LEU A 276 -13.09 -13.71 4.05
C LEU A 276 -13.53 -13.81 2.60
N GLN A 277 -13.03 -14.84 1.91
CA GLN A 277 -13.41 -15.09 0.52
C GLN A 277 -14.90 -15.43 0.41
N LYS A 278 -15.39 -16.23 1.35
CA LYS A 278 -16.81 -16.58 1.43
C LYS A 278 -17.67 -15.33 1.60
N LYS A 279 -17.28 -14.47 2.54
CA LYS A 279 -18.02 -13.24 2.83
C LYS A 279 -18.10 -12.34 1.59
N CYS A 280 -17.02 -12.31 0.82
CA CYS A 280 -16.98 -11.54 -0.42
C CYS A 280 -17.98 -12.10 -1.44
N TYR A 281 -17.99 -13.42 -1.60
CA TYR A 281 -18.94 -14.06 -2.51
C TYR A 281 -20.37 -13.79 -2.05
N LEU A 282 -20.59 -13.89 -0.75
CA LEU A 282 -21.91 -13.59 -0.19
C LEU A 282 -22.28 -12.13 -0.41
N GLU A 283 -21.29 -11.24 -0.34
CA GLU A 283 -21.51 -9.82 -0.65
C GLU A 283 -21.95 -9.62 -2.10
N GLN A 284 -21.36 -10.38 -3.02
CA GLN A 284 -21.79 -10.33 -4.42
C GLN A 284 -23.29 -10.52 -4.51
N LYS A 285 -23.78 -11.60 -3.90
CA LYS A 285 -25.20 -11.97 -3.95
C LYS A 285 -26.09 -10.92 -3.29
N THR A 286 -25.71 -10.48 -2.10
CA THR A 286 -26.48 -9.48 -1.36
C THR A 286 -26.73 -8.23 -2.20
N VAL A 287 -25.66 -7.70 -2.79
CA VAL A 287 -25.71 -6.44 -3.50
C VAL A 287 -26.39 -6.58 -4.87
N CYS A 288 -26.06 -7.65 -5.57
CA CYS A 288 -26.46 -7.81 -6.97
C CYS A 288 -27.66 -8.74 -7.15
N GLY A 289 -27.97 -9.54 -6.13
CA GLY A 289 -29.04 -10.52 -6.20
C GLY A 289 -28.53 -11.93 -6.33
N GLU A 290 -29.34 -12.90 -5.91
CA GLU A 290 -28.95 -14.31 -5.93
C GLU A 290 -28.76 -14.82 -7.37
N ASN A 291 -29.44 -14.20 -8.32
CA ASN A 291 -29.34 -14.59 -9.74
C ASN A 291 -28.00 -14.19 -10.36
N LEU A 292 -27.29 -13.28 -9.71
CA LEU A 292 -26.00 -12.76 -10.19
C LEU A 292 -26.04 -12.30 -11.65
N PRO A 293 -26.72 -11.16 -11.90
CA PRO A 293 -26.82 -10.57 -13.24
C PRO A 293 -25.53 -9.87 -13.64
N PRO A 294 -25.41 -9.44 -14.91
CA PRO A 294 -24.22 -8.70 -15.32
C PRO A 294 -23.92 -7.52 -14.41
N LEU A 295 -22.65 -7.36 -14.06
CA LEU A 295 -22.21 -6.28 -13.18
C LEU A 295 -22.51 -4.90 -13.78
N THR A 296 -22.79 -3.95 -12.90
CA THR A 296 -22.92 -2.55 -13.29
C THR A 296 -22.04 -1.68 -12.41
N TYR A 297 -21.68 -0.50 -12.92
CA TYR A 297 -20.87 0.46 -12.16
C TYR A 297 -21.49 0.77 -10.79
N ASP A 298 -22.81 0.93 -10.77
CA ASP A 298 -23.51 1.30 -9.55
C ASP A 298 -23.45 0.19 -8.50
N GLN A 299 -23.45 -1.05 -8.97
CA GLN A 299 -23.32 -2.20 -8.07
C GLN A 299 -21.91 -2.31 -7.49
N LEU A 300 -20.91 -1.91 -8.27
CA LEU A 300 -19.52 -1.93 -7.80
C LEU A 300 -19.34 -1.01 -6.60
N LYS A 301 -20.01 0.13 -6.63
CA LYS A 301 -19.89 1.11 -5.56
C LYS A 301 -20.45 0.58 -4.24
N ASP A 302 -21.28 -0.45 -4.32
CA ASP A 302 -21.90 -1.04 -3.13
C ASP A 302 -21.16 -2.30 -2.64
N LEU A 303 -20.16 -2.76 -3.40
CA LEU A 303 -19.29 -3.85 -2.95
C LEU A 303 -18.24 -3.34 -1.96
N ASN A 304 -18.71 -2.87 -0.80
CA ASN A 304 -17.87 -2.22 0.21
C ASN A 304 -16.76 -3.10 0.76
N LEU A 305 -17.06 -4.38 0.98
CA LEU A 305 -16.08 -5.30 1.53
C LEU A 305 -14.99 -5.58 0.50
N LEU A 306 -15.40 -5.89 -0.72
CA LEU A 306 -14.44 -6.07 -1.80
C LEU A 306 -13.54 -4.85 -1.90
N ASP A 307 -14.13 -3.68 -1.71
CA ASP A 307 -13.39 -2.42 -1.77
C ASP A 307 -12.31 -2.35 -0.69
N ARG A 308 -12.65 -2.79 0.52
CA ARG A 308 -11.70 -2.77 1.62
C ARG A 308 -10.63 -3.84 1.46
N CYS A 309 -10.96 -4.90 0.72
CA CYS A 309 -9.97 -5.93 0.40
C CYS A 309 -8.94 -5.42 -0.59
N ILE A 310 -9.39 -4.64 -1.57
CA ILE A 310 -8.46 -4.00 -2.49
C ILE A 310 -7.61 -2.98 -1.74
N LYS A 311 -8.29 -2.15 -0.95
CA LYS A 311 -7.62 -1.14 -0.15
C LYS A 311 -6.51 -1.75 0.72
N GLU A 312 -6.81 -2.91 1.31
CA GLU A 312 -5.87 -3.56 2.24
C GLU A 312 -4.74 -4.29 1.49
N THR A 313 -5.05 -4.80 0.30
CA THR A 313 -4.03 -5.41 -0.55
C THR A 313 -3.01 -4.36 -0.96
N LEU A 314 -3.50 -3.18 -1.29
CA LEU A 314 -2.65 -2.06 -1.68
C LEU A 314 -1.79 -1.61 -0.51
N ARG A 315 -2.33 -1.73 0.68
CA ARG A 315 -1.58 -1.38 1.87
C ARG A 315 -0.36 -2.28 2.05
N LEU A 316 -0.55 -3.59 1.95
CA LEU A 316 0.52 -4.54 2.19
C LEU A 316 1.39 -4.80 0.96
N ARG A 317 0.80 -4.59 -0.23
CA ARG A 317 1.52 -4.84 -1.48
C ARG A 317 1.29 -3.72 -2.50
N PRO A 318 1.74 -2.49 -2.18
CA PRO A 318 1.67 -1.45 -3.20
C PRO A 318 2.62 -1.73 -4.36
N PRO A 319 2.13 -1.63 -5.60
CA PRO A 319 2.92 -1.96 -6.78
C PRO A 319 4.10 -1.03 -6.96
N ILE A 320 3.90 0.22 -6.60
CA ILE A 320 4.96 1.21 -6.67
C ILE A 320 5.54 1.43 -5.28
N MET A 321 6.64 0.73 -5.03
CA MET A 321 7.25 0.66 -3.70
C MET A 321 7.95 1.96 -3.37
N ILE A 322 8.33 2.72 -4.39
CA ILE A 322 9.14 3.91 -4.19
C ILE A 322 8.70 5.08 -5.05
N MET A 323 8.92 6.27 -4.54
CA MET A 323 8.76 7.49 -5.30
C MET A 323 9.94 8.39 -5.03
N MET A 324 10.56 8.87 -6.10
CA MET A 324 11.87 9.48 -6.02
C MET A 324 11.88 10.84 -6.69
N ARG A 325 12.70 11.74 -6.16
CA ARG A 325 12.91 13.06 -6.75
C ARG A 325 14.37 13.41 -6.72
N MET A 326 14.77 14.34 -7.59
CA MET A 326 16.07 14.98 -7.49
C MET A 326 15.90 16.33 -6.82
N ALA A 327 16.66 16.57 -5.77
CA ALA A 327 16.61 17.85 -5.10
C ALA A 327 17.46 18.86 -5.85
N ARG A 328 16.77 19.79 -6.50
CA ARG A 328 17.41 20.88 -7.21
C ARG A 328 17.86 21.98 -6.26
N THR A 329 17.10 22.17 -5.19
CA THR A 329 17.37 23.20 -4.18
C THR A 329 17.26 22.60 -2.77
N PRO A 330 17.94 23.21 -1.78
CA PRO A 330 17.99 22.58 -0.45
C PRO A 330 16.62 22.48 0.21
N GLN A 331 16.42 21.40 0.95
CA GLN A 331 15.13 21.12 1.56
C GLN A 331 15.27 20.83 3.05
N THR A 332 14.27 21.20 3.82
CA THR A 332 14.31 21.02 5.26
C THR A 332 13.20 20.08 5.73
N VAL A 333 13.59 19.09 6.54
CA VAL A 333 12.63 18.18 7.15
C VAL A 333 13.23 17.54 8.39
N ALA A 334 12.42 17.42 9.43
CA ALA A 334 12.82 16.78 10.69
C ALA A 334 14.11 17.36 11.28
N GLY A 335 14.38 18.63 11.01
CA GLY A 335 15.56 19.30 11.54
C GLY A 335 16.76 19.26 10.61
N TYR A 336 16.66 18.46 9.54
CA TYR A 336 17.78 18.28 8.63
C TYR A 336 17.65 19.14 7.40
N THR A 337 18.80 19.47 6.81
CA THR A 337 18.82 20.15 5.53
C THR A 337 19.37 19.21 4.47
N ILE A 338 18.51 18.88 3.50
CA ILE A 338 18.89 18.01 2.41
C ILE A 338 19.46 18.85 1.27
N PRO A 339 20.71 18.57 0.86
CA PRO A 339 21.39 19.37 -0.14
C PRO A 339 21.00 18.99 -1.57
N PRO A 340 21.14 19.95 -2.50
CA PRO A 340 20.93 19.64 -3.91
C PRO A 340 21.81 18.47 -4.36
N GLY A 341 21.27 17.64 -5.26
CA GLY A 341 22.02 16.48 -5.76
C GLY A 341 21.63 15.19 -5.07
N HIS A 342 21.00 15.31 -3.90
CA HIS A 342 20.43 14.14 -3.23
C HIS A 342 19.17 13.70 -3.97
N GLN A 343 18.98 12.39 -4.05
CA GLN A 343 17.73 11.83 -4.56
C GLN A 343 16.86 11.48 -3.37
N VAL A 344 15.68 12.10 -3.32
CA VAL A 344 14.83 12.02 -2.15
C VAL A 344 13.74 11.00 -2.39
N CYS A 345 13.58 10.07 -1.44
CA CYS A 345 12.75 8.90 -1.64
C CYS A 345 11.67 8.78 -0.58
N VAL A 346 10.54 8.24 -1.00
CA VAL A 346 9.48 7.82 -0.10
C VAL A 346 9.10 6.38 -0.43
N SER A 347 8.72 5.64 0.58
CA SER A 347 8.25 4.27 0.38
C SER A 347 6.85 4.10 0.95
N PRO A 348 5.84 4.08 0.07
CA PRO A 348 4.51 3.75 0.54
C PRO A 348 4.51 2.48 1.37
N THR A 349 5.22 1.46 0.91
CA THR A 349 5.28 0.19 1.61
C THR A 349 5.60 0.38 3.08
N VAL A 350 6.67 1.11 3.36
CA VAL A 350 7.10 1.28 4.75
C VAL A 350 6.06 2.06 5.55
N ASN A 351 5.66 3.22 5.02
CA ASN A 351 4.67 4.06 5.69
C ASN A 351 3.39 3.28 6.02
N GLN A 352 2.99 2.40 5.10
CA GLN A 352 1.70 1.71 5.18
C GLN A 352 1.71 0.52 6.11
N ARG A 353 2.79 0.37 6.86
CA ARG A 353 3.11 -0.88 7.54
C ARG A 353 3.83 -0.57 8.86
N LEU A 354 3.94 0.73 9.15
CA LEU A 354 4.71 1.24 10.28
C LEU A 354 4.12 0.78 11.61
N LYS A 355 4.99 0.32 12.51
CA LYS A 355 4.57 -0.18 13.82
C LYS A 355 3.79 0.86 14.64
N ASP A 356 4.29 2.08 14.64
CA ASP A 356 3.74 3.14 15.49
C ASP A 356 2.27 3.47 15.16
N SER A 357 1.84 3.25 13.93
CA SER A 357 0.50 3.70 13.53
C SER A 357 -0.46 2.60 13.05
N TRP A 358 0.07 1.45 12.65
CA TRP A 358 -0.77 0.37 12.15
C TRP A 358 -0.83 -0.79 13.15
N VAL A 359 -2.02 -1.06 13.68
CA VAL A 359 -2.24 -2.15 14.62
C VAL A 359 -2.26 -3.50 13.91
N GLU A 360 -1.50 -4.45 14.45
CA GLU A 360 -1.34 -5.75 13.82
C GLU A 360 -0.99 -5.54 12.36
N ARG A 361 0.18 -4.95 12.15
CA ARG A 361 0.53 -4.31 10.89
C ARG A 361 0.68 -5.28 9.73
N LEU A 362 1.20 -6.48 9.99
CA LEU A 362 1.41 -7.44 8.90
C LEU A 362 0.20 -8.31 8.63
N ASP A 363 -0.91 -8.00 9.30
CA ASP A 363 -2.16 -8.75 9.10
C ASP A 363 -2.96 -8.17 7.95
N PHE A 364 -3.43 -9.05 7.06
CA PHE A 364 -4.41 -8.66 6.06
C PHE A 364 -5.79 -8.55 6.70
N ASN A 365 -6.16 -7.34 7.11
CA ASN A 365 -7.43 -7.10 7.78
C ASN A 365 -8.23 -5.98 7.11
N PRO A 366 -9.10 -6.35 6.17
CA PRO A 366 -9.96 -5.38 5.48
C PRO A 366 -10.85 -4.60 6.45
N ASP A 367 -11.22 -5.22 7.57
CA ASP A 367 -12.12 -4.60 8.53
C ASP A 367 -11.47 -3.48 9.33
N ARG A 368 -10.14 -3.38 9.26
CA ARG A 368 -9.41 -2.33 9.98
C ARG A 368 -9.86 -0.91 9.61
N TYR A 369 -10.51 -0.78 8.45
CA TYR A 369 -10.93 0.52 7.94
C TYR A 369 -12.31 0.95 8.46
N LEU A 370 -12.93 0.08 9.25
CA LEU A 370 -14.22 0.38 9.86
C LEU A 370 -14.04 1.12 11.18
N GLN A 371 -12.79 1.18 11.65
CA GLN A 371 -12.44 1.93 12.84
C GLN A 371 -11.53 3.11 12.51
N ASP A 372 -11.07 3.80 13.55
CA ASP A 372 -9.98 4.77 13.40
C ASP A 372 -8.73 4.06 12.90
N ASN A 373 -8.08 4.66 11.92
CA ASN A 373 -6.89 4.08 11.29
C ASN A 373 -6.13 5.19 10.54
N PRO A 374 -4.86 4.93 10.20
CA PRO A 374 -4.05 6.04 9.68
C PRO A 374 -4.42 6.50 8.27
N ALA A 375 -5.22 5.72 7.55
CA ALA A 375 -5.68 6.13 6.22
C ALA A 375 -6.54 7.38 6.33
N SER A 376 -7.42 7.39 7.33
CA SER A 376 -8.23 8.58 7.64
C SER A 376 -7.55 9.47 8.67
N GLY A 377 -6.69 8.88 9.49
CA GLY A 377 -6.13 9.57 10.67
C GLY A 377 -4.90 10.43 10.39
N GLU A 378 -4.16 10.11 9.33
CA GLU A 378 -2.95 10.85 9.00
C GLU A 378 -2.99 11.34 7.55
N LYS A 379 -2.06 12.22 7.20
CA LYS A 379 -1.99 12.74 5.83
C LYS A 379 -1.38 11.70 4.89
N PHE A 380 -0.23 11.15 5.25
CA PHE A 380 0.59 10.36 4.32
C PHE A 380 1.06 9.02 4.86
N ALA A 381 0.28 8.42 5.76
CA ALA A 381 0.56 7.06 6.24
C ALA A 381 0.17 6.04 5.19
N TYR A 382 -0.90 6.37 4.47
CA TYR A 382 -1.45 5.49 3.44
C TYR A 382 -1.44 6.20 2.09
N VAL A 383 -0.52 5.78 1.22
CA VAL A 383 -0.25 6.52 -0.02
C VAL A 383 0.07 5.61 -1.22
N PRO A 384 -0.77 4.61 -1.50
CA PRO A 384 -0.46 3.74 -2.63
C PRO A 384 -0.60 4.43 -3.98
N PHE A 385 -1.35 5.53 -4.02
CA PHE A 385 -1.55 6.28 -5.25
C PHE A 385 -0.83 7.62 -5.19
N GLY A 386 0.00 7.78 -4.15
CA GLY A 386 0.77 9.01 -3.96
C GLY A 386 -0.09 10.21 -3.57
N ALA A 387 0.50 11.40 -3.71
CA ALA A 387 -0.18 12.65 -3.38
C ALA A 387 0.58 13.85 -3.94
N GLY A 388 -0.10 14.99 -4.01
CA GLY A 388 0.50 16.19 -4.57
C GLY A 388 0.61 16.13 -6.08
N ARG A 389 1.58 16.87 -6.62
CA ARG A 389 1.62 17.21 -8.04
C ARG A 389 1.77 16.00 -8.95
N HIS A 390 2.48 14.98 -8.48
CA HIS A 390 2.72 13.78 -9.27
C HIS A 390 1.76 12.66 -8.89
N ARG A 391 0.69 12.98 -8.18
CA ARG A 391 -0.24 11.96 -7.69
C ARG A 391 -0.92 11.23 -8.84
N CYS A 392 -1.38 10.01 -8.57
CA CYS A 392 -1.99 9.17 -9.59
C CYS A 392 -3.29 9.78 -10.10
N ILE A 393 -3.60 9.54 -11.36
CA ILE A 393 -4.90 9.92 -11.93
C ILE A 393 -5.77 8.70 -12.25
N GLY A 394 -5.24 7.50 -12.02
CA GLY A 394 -5.89 6.27 -12.47
C GLY A 394 -6.58 5.48 -11.37
N GLU A 395 -6.63 6.03 -10.17
CA GLU A 395 -7.14 5.29 -9.02
C GLU A 395 -8.55 4.75 -9.24
N ASN A 396 -9.43 5.58 -9.79
CA ASN A 396 -10.82 5.17 -9.99
C ASN A 396 -10.96 4.10 -11.08
N PHE A 397 -10.20 4.23 -12.17
CA PHE A 397 -10.17 3.16 -13.19
C PHE A 397 -9.64 1.86 -12.61
N ALA A 398 -8.54 1.95 -11.87
CA ALA A 398 -7.90 0.78 -11.28
C ALA A 398 -8.87 0.01 -10.38
N TYR A 399 -9.63 0.76 -9.59
CA TYR A 399 -10.65 0.16 -8.73
C TYR A 399 -11.78 -0.45 -9.56
N VAL A 400 -12.20 0.25 -10.60
CA VAL A 400 -13.19 -0.30 -11.50
C VAL A 400 -12.68 -1.61 -12.08
N GLN A 401 -11.45 -1.58 -12.60
CA GLN A 401 -10.87 -2.74 -13.28
C GLN A 401 -10.72 -3.93 -12.32
N ILE A 402 -10.08 -3.68 -11.18
CA ILE A 402 -9.79 -4.72 -10.21
C ILE A 402 -11.08 -5.28 -9.58
N LYS A 403 -12.03 -4.41 -9.27
CA LYS A 403 -13.31 -4.84 -8.72
C LYS A 403 -14.10 -5.73 -9.68
N THR A 404 -14.24 -5.28 -10.92
CA THR A 404 -14.97 -6.05 -11.91
C THR A 404 -14.33 -7.41 -12.12
N ILE A 405 -13.02 -7.42 -12.31
CA ILE A 405 -12.30 -8.66 -12.56
C ILE A 405 -12.49 -9.64 -11.41
N TRP A 406 -12.28 -9.18 -10.18
CA TRP A 406 -12.33 -10.07 -9.03
C TRP A 406 -13.76 -10.43 -8.64
N SER A 407 -14.68 -9.49 -8.84
CA SER A 407 -16.10 -9.80 -8.71
C SER A 407 -16.44 -10.99 -9.59
N THR A 408 -16.06 -10.91 -10.86
CA THR A 408 -16.28 -12.01 -11.80
C THR A 408 -15.57 -13.29 -11.37
N MET A 409 -14.33 -13.15 -10.92
CA MET A 409 -13.50 -14.31 -10.55
C MET A 409 -14.08 -15.04 -9.33
N LEU A 410 -14.53 -14.30 -8.33
CA LEU A 410 -15.18 -14.89 -7.17
C LEU A 410 -16.45 -15.66 -7.58
N ARG A 411 -17.17 -15.11 -8.56
CA ARG A 411 -18.38 -15.77 -9.07
C ARG A 411 -18.05 -17.08 -9.80
N LEU A 412 -16.96 -17.06 -10.56
CA LEU A 412 -16.57 -18.23 -11.35
C LEU A 412 -15.94 -19.32 -10.49
N TYR A 413 -14.97 -18.95 -9.64
CA TYR A 413 -14.16 -19.93 -8.93
C TYR A 413 -14.04 -19.64 -7.44
N GLU A 414 -13.73 -20.69 -6.69
CA GLU A 414 -13.21 -20.59 -5.32
C GLU A 414 -11.72 -20.89 -5.33
N PHE A 415 -10.94 -20.11 -4.59
CA PHE A 415 -9.49 -20.18 -4.70
C PHE A 415 -8.84 -20.65 -3.41
N ASP A 416 -7.85 -21.52 -3.54
CA ASP A 416 -7.14 -22.06 -2.39
C ASP A 416 -5.63 -22.04 -2.60
N LEU A 417 -4.91 -21.92 -1.49
CA LEU A 417 -3.47 -22.11 -1.47
C LEU A 417 -3.10 -23.57 -1.77
N ILE A 418 -1.91 -23.76 -2.31
CA ILE A 418 -1.37 -25.09 -2.57
C ILE A 418 -0.36 -25.47 -1.49
N ASP A 419 -0.69 -26.48 -0.70
CA ASP A 419 0.12 -26.90 0.45
C ASP A 419 0.33 -25.77 1.44
N GLY A 420 -0.67 -24.91 1.59
CA GLY A 420 -0.59 -23.79 2.51
C GLY A 420 0.55 -22.83 2.19
N TYR A 421 1.04 -22.85 0.95
CA TYR A 421 2.09 -21.94 0.54
C TYR A 421 1.53 -20.57 0.20
N PHE A 422 1.97 -19.55 0.95
CA PHE A 422 1.68 -18.17 0.60
C PHE A 422 2.88 -17.51 -0.06
N PRO A 423 2.73 -17.08 -1.33
CA PRO A 423 3.85 -16.61 -2.14
C PRO A 423 4.71 -15.58 -1.43
N THR A 424 6.02 -15.75 -1.50
CA THR A 424 6.95 -14.74 -1.04
C THR A 424 7.12 -13.67 -2.12
N VAL A 425 7.75 -12.57 -1.74
CA VAL A 425 7.94 -11.44 -2.65
C VAL A 425 9.19 -11.63 -3.50
N ASN A 426 9.03 -11.58 -4.82
CA ASN A 426 10.16 -11.58 -5.75
C ASN A 426 10.74 -10.18 -5.93
N TYR A 427 11.86 -9.91 -5.26
CA TYR A 427 12.41 -8.56 -5.23
C TYR A 427 13.26 -8.22 -6.46
N THR A 428 13.50 -9.21 -7.32
CA THR A 428 14.40 -9.01 -8.46
C THR A 428 13.70 -8.38 -9.66
N THR A 429 12.38 -8.45 -9.69
CA THR A 429 11.61 -7.81 -10.75
C THR A 429 11.33 -6.35 -10.40
N MET A 430 11.07 -5.55 -11.43
CA MET A 430 10.87 -4.12 -11.28
C MET A 430 9.72 -3.80 -10.32
N ILE A 431 8.54 -4.34 -10.61
CA ILE A 431 7.49 -4.40 -9.61
C ILE A 431 7.55 -5.74 -8.92
N HIS A 432 7.56 -5.70 -7.60
CA HIS A 432 7.73 -6.89 -6.79
C HIS A 432 6.54 -7.81 -6.97
N THR A 433 6.75 -8.85 -7.77
CA THR A 433 5.71 -9.82 -8.07
C THR A 433 5.77 -10.95 -7.05
N PRO A 434 4.69 -11.74 -6.96
CA PRO A 434 4.72 -12.91 -6.08
C PRO A 434 5.51 -14.08 -6.68
N GLU A 435 6.35 -14.71 -5.86
CA GLU A 435 7.14 -15.87 -6.30
C GLU A 435 6.26 -17.11 -6.40
N ASN A 436 6.37 -17.80 -7.54
CA ASN A 436 5.59 -19.01 -7.79
C ASN A 436 4.11 -18.81 -7.48
N PRO A 437 3.45 -17.92 -8.23
CA PRO A 437 2.05 -17.59 -7.99
C PRO A 437 1.09 -18.59 -8.65
N VAL A 438 1.28 -19.86 -8.35
CA VAL A 438 0.33 -20.88 -8.78
C VAL A 438 -0.75 -21.01 -7.72
N ILE A 439 -2.00 -20.94 -8.16
CA ILE A 439 -3.13 -20.97 -7.24
C ILE A 439 -4.04 -22.14 -7.58
N ARG A 440 -4.65 -22.72 -6.56
CA ARG A 440 -5.63 -23.78 -6.76
C ARG A 440 -7.04 -23.19 -6.78
N TYR A 441 -7.85 -23.70 -7.70
CA TYR A 441 -9.19 -23.21 -7.89
C TYR A 441 -10.13 -24.34 -8.32
N LYS A 442 -11.37 -24.24 -7.88
CA LYS A 442 -12.43 -25.13 -8.34
C LYS A 442 -13.69 -24.29 -8.56
N ARG A 443 -14.53 -24.71 -9.51
CA ARG A 443 -15.74 -23.96 -9.82
C ARG A 443 -16.55 -23.64 -8.56
N ARG A 444 -17.06 -22.42 -8.50
CA ARG A 444 -17.83 -21.96 -7.34
C ARG A 444 -19.24 -22.58 -7.31
N SER A 445 -19.72 -22.81 -6.09
CA SER A 445 -21.04 -23.41 -5.81
C SER A 445 -21.78 -23.88 -7.07
N GLY B 1 31.15 -1.65 39.82
CA GLY B 1 30.48 -0.34 39.52
C GLY B 1 30.16 -0.19 38.04
N LYS B 2 28.89 -0.38 37.70
CA LYS B 2 28.40 -0.30 36.33
C LYS B 2 27.33 0.80 36.25
N LEU B 3 27.65 1.91 35.59
CA LEU B 3 26.71 3.01 35.42
C LEU B 3 25.61 2.63 34.43
N PRO B 4 24.45 3.28 34.53
CA PRO B 4 23.43 3.08 33.49
C PRO B 4 23.86 3.69 32.17
N PRO B 5 23.35 3.16 31.05
CA PRO B 5 23.72 3.72 29.77
C PRO B 5 23.48 5.22 29.72
N TYR B 6 24.41 5.94 29.12
CA TYR B 6 24.38 7.40 29.13
C TYR B 6 24.10 7.90 27.72
N ILE B 7 23.05 8.69 27.57
CA ILE B 7 22.67 9.16 26.24
C ILE B 7 23.54 10.33 25.83
N PHE B 8 24.49 10.04 24.95
CA PHE B 8 25.44 11.03 24.48
C PHE B 8 24.74 12.24 23.86
N SER B 9 25.22 13.43 24.22
CA SER B 9 24.86 14.65 23.50
C SER B 9 26.11 15.46 23.18
N PRO B 10 26.21 15.96 21.94
CA PRO B 10 27.35 16.78 21.50
C PRO B 10 27.35 18.20 22.06
N ILE B 11 26.18 18.74 22.38
CA ILE B 11 26.03 20.14 22.77
C ILE B 11 26.49 20.37 24.22
N PRO B 12 27.61 21.11 24.41
CA PRO B 12 28.37 21.14 25.66
C PRO B 12 27.60 21.41 26.95
N PHE B 13 26.56 22.24 26.91
CA PHE B 13 25.84 22.59 28.16
C PHE B 13 24.36 22.22 28.10
N LEU B 14 23.69 22.61 27.03
CA LEU B 14 22.27 22.29 26.86
C LEU B 14 22.01 20.79 26.90
N GLY B 15 22.91 20.03 26.30
CA GLY B 15 22.67 18.61 26.09
C GLY B 15 21.40 18.40 25.30
N HIS B 16 20.49 17.59 25.84
CA HIS B 16 19.27 17.22 25.13
C HIS B 16 18.11 18.18 25.39
N ALA B 17 18.41 19.36 25.90
CA ALA B 17 17.37 20.29 26.35
C ALA B 17 16.35 20.58 25.26
N ILE B 18 16.82 20.89 24.06
CA ILE B 18 15.91 21.28 22.99
C ILE B 18 14.97 20.13 22.60
N ALA B 19 15.52 18.95 22.37
CA ALA B 19 14.71 17.79 22.02
C ALA B 19 13.70 17.46 23.13
N PHE B 20 14.17 17.44 24.37
CA PHE B 20 13.34 17.03 25.50
C PHE B 20 12.21 18.02 25.79
N GLY B 21 12.51 19.31 25.62
CA GLY B 21 11.53 20.36 25.84
C GLY B 21 10.40 20.34 24.83
N LYS B 22 10.68 19.89 23.62
CA LYS B 22 9.67 19.84 22.55
C LYS B 22 8.68 18.70 22.78
N SER B 23 9.18 17.50 23.05
CA SER B 23 8.33 16.40 23.49
C SER B 23 9.06 15.38 24.36
N PRO B 24 8.91 15.51 25.69
CA PRO B 24 9.53 14.66 26.71
C PRO B 24 9.11 13.20 26.64
N ILE B 25 7.85 12.96 26.31
CA ILE B 25 7.32 11.59 26.29
C ILE B 25 7.94 10.79 25.15
N GLU B 26 7.98 11.37 23.97
CA GLU B 26 8.57 10.68 22.83
C GLU B 26 10.05 10.42 23.10
N PHE B 27 10.73 11.43 23.61
CA PHE B 27 12.13 11.32 23.98
C PHE B 27 12.33 10.12 24.92
N LEU B 28 11.52 10.08 25.98
CA LEU B 28 11.67 9.04 27.00
C LEU B 28 11.24 7.66 26.47
N GLU B 29 10.22 7.65 25.61
CA GLU B 29 9.76 6.40 25.00
C GLU B 29 10.78 5.82 24.03
N ASN B 30 11.35 6.66 23.18
CA ASN B 30 12.43 6.21 22.30
C ASN B 30 13.65 5.76 23.08
N ALA B 31 13.99 6.53 24.11
CA ALA B 31 15.12 6.21 24.98
C ALA B 31 14.92 4.85 25.65
N TYR B 32 13.69 4.58 26.04
CA TYR B 32 13.34 3.33 26.69
C TYR B 32 13.59 2.18 25.73
N GLU B 33 13.18 2.39 24.49
CA GLU B 33 13.35 1.38 23.48
C GLU B 33 14.83 1.15 23.16
N LYS B 34 15.60 2.23 23.07
CA LYS B 34 17.01 2.08 22.73
C LYS B 34 17.86 1.58 23.91
N TYR B 35 17.59 2.07 25.11
CA TYR B 35 18.50 1.86 26.24
C TYR B 35 17.95 0.97 27.36
N GLY B 36 16.65 0.71 27.35
CA GLY B 36 16.03 -0.04 28.44
C GLY B 36 15.44 0.86 29.52
N PRO B 37 15.12 0.28 30.69
CA PRO B 37 14.36 0.97 31.75
C PRO B 37 15.16 2.00 32.54
N VAL B 38 16.48 1.95 32.48
CA VAL B 38 17.32 2.83 33.29
C VAL B 38 18.43 3.46 32.46
N PHE B 39 18.46 4.79 32.45
CA PHE B 39 19.45 5.49 31.64
C PHE B 39 19.67 6.93 32.10
N SER B 40 20.69 7.56 31.51
CA SER B 40 21.13 8.89 31.94
C SER B 40 21.32 9.82 30.75
N PHE B 41 21.18 11.12 31.04
CA PHE B 41 21.47 12.16 30.07
C PHE B 41 21.60 13.47 30.81
N THR B 42 22.22 14.46 30.17
CA THR B 42 22.28 15.78 30.76
C THR B 42 21.42 16.78 30.01
N MET B 43 20.88 17.73 30.77
CA MET B 43 20.08 18.83 30.28
C MET B 43 20.47 20.08 31.07
N VAL B 44 20.75 21.16 30.36
CA VAL B 44 20.99 22.46 31.00
C VAL B 44 21.86 22.32 32.24
N GLY B 45 23.02 21.69 32.08
CA GLY B 45 24.03 21.63 33.13
C GLY B 45 23.88 20.52 34.16
N LYS B 46 22.82 19.72 34.06
CA LYS B 46 22.54 18.73 35.08
C LYS B 46 22.40 17.33 34.49
N THR B 47 22.72 16.31 35.28
CA THR B 47 22.58 14.93 34.85
C THR B 47 21.40 14.23 35.52
N PHE B 48 20.60 13.56 34.70
CA PHE B 48 19.36 12.93 35.15
C PHE B 48 19.34 11.45 34.81
N THR B 49 18.93 10.62 35.77
CA THR B 49 18.78 9.20 35.52
C THR B 49 17.34 8.76 35.71
N TYR B 50 16.74 8.26 34.62
CA TYR B 50 15.34 7.86 34.64
C TYR B 50 15.14 6.41 35.04
N LEU B 51 14.04 6.17 35.75
CA LEU B 51 13.56 4.83 36.07
C LEU B 51 12.20 4.61 35.41
N LEU B 52 12.21 3.88 34.29
CA LEU B 52 10.99 3.66 33.54
C LEU B 52 10.46 2.26 33.75
N GLY B 53 9.13 2.15 33.78
CA GLY B 53 8.48 0.87 34.02
C GLY B 53 8.36 0.62 35.51
N SER B 54 7.42 -0.24 35.88
CA SER B 54 7.11 -0.47 37.28
C SER B 54 8.33 -0.98 38.06
N ASP B 55 9.01 -1.99 37.52
CA ASP B 55 10.08 -2.67 38.26
C ASP B 55 11.19 -1.71 38.67
N ALA B 56 11.54 -0.82 37.76
CA ALA B 56 12.60 0.15 38.01
C ALA B 56 12.11 1.30 38.88
N ALA B 57 10.92 1.79 38.59
CA ALA B 57 10.36 2.95 39.31
C ALA B 57 10.20 2.63 40.79
N ALA B 58 10.08 1.35 41.09
CA ALA B 58 10.05 0.86 42.48
C ALA B 58 11.21 1.40 43.33
N LEU B 59 12.35 1.65 42.71
CA LEU B 59 13.51 2.16 43.44
C LEU B 59 13.16 3.48 44.11
N LEU B 60 12.66 4.43 43.32
CA LEU B 60 12.28 5.74 43.85
C LEU B 60 11.15 5.60 44.85
N PHE B 61 10.13 4.82 44.49
CA PHE B 61 8.93 4.73 45.31
C PHE B 61 9.16 4.05 46.65
N ASN B 62 10.05 3.06 46.69
CA ASN B 62 10.32 2.34 47.93
C ASN B 62 11.42 2.96 48.80
N SER B 63 12.10 3.97 48.26
CA SER B 63 13.35 4.42 48.87
C SER B 63 13.13 5.30 50.09
N LYS B 64 14.06 5.23 51.03
CA LYS B 64 14.08 6.13 52.17
C LYS B 64 14.57 7.50 51.73
N ASN B 65 14.14 8.54 52.44
CA ASN B 65 14.46 9.90 52.02
C ASN B 65 15.93 10.25 52.25
N GLU B 66 16.58 9.48 53.12
CA GLU B 66 18.02 9.60 53.34
C GLU B 66 18.81 9.19 52.09
N ASP B 67 18.24 8.28 51.31
CA ASP B 67 18.93 7.71 50.15
C ASP B 67 18.58 8.47 48.87
N LEU B 68 17.29 8.50 48.57
CA LEU B 68 16.78 9.31 47.47
C LEU B 68 15.96 10.46 48.05
N ASN B 69 16.50 11.67 47.91
CA ASN B 69 16.12 12.80 48.77
C ASN B 69 15.37 13.86 47.98
N ALA B 70 14.26 14.32 48.53
CA ALA B 70 13.38 15.27 47.84
C ALA B 70 13.81 16.73 48.07
N GLU B 71 14.15 17.07 49.31
CA GLU B 71 14.48 18.46 49.67
C GLU B 71 15.57 19.01 48.75
N ASP B 72 16.58 18.19 48.51
CA ASP B 72 17.75 18.59 47.74
C ASP B 72 17.40 19.09 46.34
N VAL B 73 16.32 18.57 45.77
CA VAL B 73 15.90 19.01 44.44
C VAL B 73 14.81 20.08 44.50
N TYR B 74 13.99 20.07 45.54
CA TYR B 74 12.76 20.86 45.54
C TYR B 74 12.82 22.14 46.40
N SER B 75 13.49 22.07 47.55
CA SER B 75 13.32 23.08 48.59
C SER B 75 13.71 24.51 48.17
N ARG B 76 14.79 24.65 47.40
CA ARG B 76 15.23 25.99 47.00
C ARG B 76 14.16 26.72 46.20
N LEU B 77 13.25 25.95 45.59
CA LEU B 77 12.14 26.55 44.86
C LEU B 77 10.85 26.60 45.67
N THR B 78 10.60 25.59 46.50
CA THR B 78 9.33 25.50 47.23
C THR B 78 9.32 26.35 48.50
N THR B 79 10.45 26.46 49.18
CA THR B 79 10.50 27.15 50.47
C THR B 79 10.09 28.64 50.40
N PRO B 80 10.57 29.38 49.38
CA PRO B 80 10.13 30.78 49.25
C PRO B 80 8.64 30.92 48.92
N VAL B 81 8.02 29.81 48.53
CA VAL B 81 6.61 29.80 48.14
C VAL B 81 5.70 29.35 49.29
N PHE B 82 5.99 28.18 49.86
CA PHE B 82 5.17 27.62 50.94
C PHE B 82 5.52 28.27 52.28
N GLY B 83 6.79 28.59 52.46
CA GLY B 83 7.23 29.30 53.67
C GLY B 83 8.19 28.46 54.50
N LYS B 84 8.82 29.09 55.48
CA LYS B 84 9.72 28.39 56.38
C LYS B 84 8.96 27.41 57.25
N GLY B 85 9.65 26.35 57.68
CA GLY B 85 9.13 25.43 58.70
C GLY B 85 8.11 24.41 58.24
N VAL B 86 7.99 24.24 56.92
CA VAL B 86 6.94 23.39 56.36
C VAL B 86 7.42 22.70 55.09
N ALA B 87 6.81 21.57 54.75
CA ALA B 87 7.13 20.83 53.53
C ALA B 87 8.60 20.43 53.44
N TYR B 88 9.32 20.95 52.45
CA TYR B 88 10.72 20.55 52.23
C TYR B 88 11.70 21.43 52.98
N ASP B 89 11.17 22.37 53.76
CA ASP B 89 12.02 23.21 54.58
C ASP B 89 12.41 22.53 55.89
N VAL B 90 11.75 21.40 56.17
CA VAL B 90 12.02 20.66 57.41
C VAL B 90 12.51 19.25 57.11
N PRO B 91 13.16 18.60 58.08
CA PRO B 91 13.50 17.22 57.83
C PRO B 91 12.26 16.39 57.54
N ASN B 92 12.42 15.37 56.71
CA ASN B 92 11.29 14.61 56.20
C ASN B 92 10.36 14.11 57.31
N PRO B 93 10.92 13.58 58.40
CA PRO B 93 10.04 13.05 59.46
C PRO B 93 9.09 14.10 60.00
N VAL B 94 9.52 15.36 60.04
CA VAL B 94 8.64 16.44 60.45
C VAL B 94 7.50 16.59 59.44
N PHE B 95 7.87 16.56 58.16
CA PHE B 95 6.91 16.71 57.07
C PHE B 95 5.89 15.57 57.08
N LEU B 96 6.36 14.35 57.33
CA LEU B 96 5.47 13.19 57.43
C LEU B 96 4.43 13.42 58.51
N GLU B 97 4.85 13.98 59.64
CA GLU B 97 3.92 14.33 60.71
C GLU B 97 2.93 15.39 60.23
N GLN B 98 3.45 16.39 59.52
CA GLN B 98 2.59 17.45 58.97
C GLN B 98 1.57 16.89 57.98
N LYS B 99 1.97 15.88 57.22
CA LYS B 99 1.08 15.23 56.26
C LYS B 99 -0.03 14.45 56.96
N LYS B 100 0.30 13.85 58.10
CA LYS B 100 -0.68 13.15 58.92
C LYS B 100 -1.75 14.10 59.46
N MET B 101 -1.31 15.26 59.92
CA MET B 101 -2.24 16.29 60.40
C MET B 101 -3.21 16.69 59.30
N LEU B 102 -2.66 16.98 58.12
CA LEU B 102 -3.48 17.40 56.98
C LEU B 102 -4.44 16.29 56.54
N LYS B 103 -3.96 15.04 56.56
CA LYS B 103 -4.81 13.88 56.25
C LYS B 103 -6.04 13.80 57.15
N SER B 104 -5.81 13.97 58.45
CA SER B 104 -6.88 13.85 59.44
C SER B 104 -7.98 14.88 59.17
N GLY B 105 -7.61 15.98 58.51
CA GLY B 105 -8.57 17.01 58.13
C GLY B 105 -9.30 16.69 56.85
N LEU B 106 -8.78 15.73 56.09
CA LEU B 106 -9.42 15.31 54.85
C LEU B 106 -10.27 14.06 55.08
N ASN B 107 -11.39 14.25 55.77
CA ASN B 107 -12.24 13.13 56.15
C ASN B 107 -13.67 13.26 55.64
N ILE B 108 -14.45 12.20 55.85
CA ILE B 108 -15.81 12.11 55.34
C ILE B 108 -16.67 13.23 55.90
N ALA B 109 -16.56 13.47 57.21
CA ALA B 109 -17.26 14.58 57.84
C ALA B 109 -17.12 15.85 57.01
N HIS B 110 -15.88 16.24 56.73
CA HIS B 110 -15.62 17.45 55.97
C HIS B 110 -15.99 17.31 54.49
N PHE B 111 -15.71 16.16 53.90
CA PHE B 111 -16.07 15.94 52.49
C PHE B 111 -17.56 16.18 52.25
N LYS B 112 -18.38 15.78 53.22
CA LYS B 112 -19.83 15.97 53.13
C LYS B 112 -20.20 17.44 53.03
N GLN B 113 -19.49 18.28 53.77
CA GLN B 113 -19.65 19.72 53.67
C GLN B 113 -19.16 20.24 52.32
N HIS B 114 -18.01 19.74 51.87
CA HIS B 114 -17.37 20.23 50.66
C HIS B 114 -18.24 20.07 49.41
N VAL B 115 -18.96 18.95 49.31
CA VAL B 115 -19.73 18.68 48.09
C VAL B 115 -20.72 19.81 47.83
N SER B 116 -21.49 20.19 48.85
CA SER B 116 -22.51 21.20 48.67
C SER B 116 -21.89 22.59 48.47
N ILE B 117 -20.80 22.86 49.18
CA ILE B 117 -19.99 24.06 48.92
C ILE B 117 -19.52 24.11 47.47
N ILE B 118 -18.88 23.04 47.01
CA ILE B 118 -18.33 22.99 45.65
C ILE B 118 -19.45 23.12 44.61
N GLU B 119 -20.54 22.40 44.82
CA GLU B 119 -21.69 22.46 43.90
C GLU B 119 -22.26 23.88 43.76
N LYS B 120 -22.44 24.55 44.89
CA LYS B 120 -22.94 25.92 44.87
C LYS B 120 -21.99 26.83 44.10
N GLU B 121 -20.71 26.79 44.46
CA GLU B 121 -19.68 27.59 43.80
C GLU B 121 -19.69 27.35 42.29
N THR B 122 -19.84 26.10 41.88
CA THR B 122 -19.78 25.74 40.47
C THR B 122 -20.97 26.30 39.71
N LYS B 123 -22.15 26.13 40.29
CA LYS B 123 -23.40 26.58 39.67
C LYS B 123 -23.40 28.09 39.51
N GLU B 124 -23.00 28.80 40.56
CA GLU B 124 -22.85 30.25 40.52
C GLU B 124 -21.87 30.66 39.43
N TYR B 125 -20.67 30.09 39.46
CA TYR B 125 -19.62 30.51 38.53
C TYR B 125 -20.12 30.44 37.10
N PHE B 126 -20.84 29.37 36.78
CA PHE B 126 -21.18 29.07 35.40
C PHE B 126 -22.50 29.70 34.94
N GLU B 127 -23.21 30.38 35.83
CA GLU B 127 -24.30 31.27 35.42
C GLU B 127 -23.77 32.17 34.31
N SER B 128 -22.57 32.70 34.53
CA SER B 128 -21.94 33.65 33.62
C SER B 128 -21.62 33.04 32.26
N TRP B 129 -21.90 31.75 32.08
CA TRP B 129 -21.65 31.12 30.79
C TRP B 129 -22.88 31.17 29.90
N GLY B 130 -24.02 31.47 30.49
CA GLY B 130 -25.27 31.62 29.74
C GLY B 130 -25.73 30.32 29.15
N GLU B 131 -26.36 30.38 27.98
CA GLU B 131 -27.05 29.22 27.42
C GLU B 131 -26.19 28.41 26.47
N SER B 132 -25.30 29.09 25.75
CA SER B 132 -24.39 28.41 24.83
C SER B 132 -23.18 29.28 24.52
N GLY B 133 -22.18 28.69 23.90
CA GLY B 133 -21.03 29.47 23.44
C GLY B 133 -19.78 28.68 23.14
N GLU B 134 -18.67 29.41 23.05
CA GLU B 134 -17.35 28.83 22.86
C GLU B 134 -16.36 29.56 23.75
N LYS B 135 -16.05 28.97 24.90
CA LYS B 135 -15.17 29.61 25.89
C LYS B 135 -14.02 28.72 26.34
N ASN B 136 -13.07 29.34 27.02
CA ASN B 136 -11.90 28.67 27.55
C ASN B 136 -12.23 27.89 28.81
N VAL B 137 -12.34 26.59 28.66
CA VAL B 137 -12.70 25.73 29.78
C VAL B 137 -11.58 25.62 30.83
N PHE B 138 -10.33 25.74 30.40
CA PHE B 138 -9.20 25.67 31.34
C PHE B 138 -9.14 26.91 32.25
N GLU B 139 -9.27 28.09 31.66
CA GLU B 139 -9.27 29.33 32.45
C GLU B 139 -10.43 29.36 33.43
N ALA B 140 -11.60 28.97 32.95
CA ALA B 140 -12.80 28.92 33.77
C ALA B 140 -12.58 28.02 34.98
N LEU B 141 -12.10 26.81 34.72
CA LEU B 141 -11.86 25.85 35.79
C LEU B 141 -10.81 26.36 36.75
N SER B 142 -9.78 26.99 36.20
CA SER B 142 -8.73 27.57 37.00
C SER B 142 -9.31 28.61 37.97
N GLU B 143 -10.18 29.46 37.44
CA GLU B 143 -10.84 30.51 38.20
C GLU B 143 -11.82 29.95 39.23
N LEU B 144 -12.50 28.86 38.88
CA LEU B 144 -13.46 28.21 39.76
C LEU B 144 -12.77 27.45 40.89
N ILE B 145 -11.73 26.69 40.53
CA ILE B 145 -11.10 25.77 41.50
C ILE B 145 -10.42 26.54 42.63
N ILE B 146 -9.88 27.72 42.33
CA ILE B 146 -9.28 28.54 43.37
C ILE B 146 -10.34 28.95 44.38
N LEU B 147 -11.58 29.06 43.92
CA LEU B 147 -12.70 29.37 44.79
C LEU B 147 -13.11 28.14 45.61
N THR B 148 -13.35 27.03 44.93
CA THR B 148 -13.78 25.80 45.60
C THR B 148 -12.76 25.32 46.64
N ALA B 149 -11.48 25.41 46.30
CA ALA B 149 -10.42 24.91 47.20
C ALA B 149 -10.19 25.80 48.43
N SER B 150 -10.25 27.12 48.26
CA SER B 150 -10.15 28.02 49.40
C SER B 150 -11.33 27.78 50.35
N HIS B 151 -12.52 27.74 49.78
CA HIS B 151 -13.73 27.51 50.56
C HIS B 151 -13.64 26.23 51.38
N CYS B 152 -13.22 25.14 50.74
CA CYS B 152 -13.12 23.84 51.41
C CYS B 152 -11.92 23.75 52.33
N LEU B 153 -10.75 24.16 51.86
CA LEU B 153 -9.50 23.90 52.58
C LEU B 153 -9.10 25.05 53.50
N HIS B 154 -9.52 26.27 53.17
CA HIS B 154 -9.23 27.43 54.01
C HIS B 154 -10.40 27.77 54.93
N GLY B 155 -11.61 27.72 54.39
CA GLY B 155 -12.82 28.09 55.15
C GLY B 155 -13.48 29.35 54.61
N LYS B 156 -14.70 29.62 55.07
CA LYS B 156 -15.50 30.72 54.53
C LYS B 156 -14.96 32.10 54.88
N GLU B 157 -14.33 32.24 56.04
CA GLU B 157 -13.77 33.54 56.40
C GLU B 157 -12.76 33.96 55.33
N ILE B 158 -11.80 33.08 55.08
CA ILE B 158 -10.74 33.36 54.11
C ILE B 158 -11.28 33.42 52.71
N ARG B 159 -12.18 32.50 52.41
CA ARG B 159 -12.76 32.41 51.08
C ARG B 159 -13.45 33.73 50.72
N SER B 160 -13.98 34.41 51.73
CA SER B 160 -14.67 35.69 51.55
C SER B 160 -13.69 36.74 51.04
N GLN B 161 -12.43 36.58 51.41
CA GLN B 161 -11.38 37.54 51.11
C GLN B 161 -10.83 37.37 49.70
N LEU B 162 -11.35 36.40 48.95
CA LEU B 162 -10.76 36.04 47.66
C LEU B 162 -11.25 36.95 46.53
N ASN B 163 -10.71 38.16 46.48
CA ASN B 163 -10.97 39.06 45.36
C ASN B 163 -9.90 38.92 44.28
N GLU B 164 -10.01 39.71 43.23
CA GLU B 164 -9.06 39.64 42.10
C GLU B 164 -7.63 39.90 42.57
N LYS B 165 -7.49 40.72 43.59
CA LYS B 165 -6.19 41.09 44.14
C LYS B 165 -5.49 39.89 44.78
N VAL B 166 -6.22 39.14 45.59
CA VAL B 166 -5.68 37.94 46.23
C VAL B 166 -5.42 36.83 45.22
N ALA B 167 -6.33 36.67 44.26
CA ALA B 167 -6.14 35.66 43.20
C ALA B 167 -4.84 35.93 42.44
N GLN B 168 -4.56 37.21 42.22
CA GLN B 168 -3.33 37.63 41.55
C GLN B 168 -2.11 37.27 42.39
N LEU B 169 -2.23 37.43 43.71
CA LEU B 169 -1.12 37.12 44.62
C LEU B 169 -0.76 35.64 44.59
N TYR B 170 -1.77 34.79 44.47
CA TYR B 170 -1.54 33.36 44.34
C TYR B 170 -0.80 33.06 43.04
N ALA B 171 -1.20 33.75 41.97
CA ALA B 171 -0.55 33.61 40.68
C ALA B 171 0.91 34.11 40.72
N ASP B 172 1.17 35.09 41.57
CA ASP B 172 2.54 35.58 41.78
C ASP B 172 3.37 34.54 42.52
N LEU B 173 2.74 33.87 43.47
CA LEU B 173 3.36 32.74 44.15
C LEU B 173 3.71 31.62 43.17
N ASP B 174 2.75 31.27 42.30
CA ASP B 174 3.00 30.27 41.25
C ASP B 174 4.27 30.63 40.48
N GLY B 175 4.43 31.92 40.24
CA GLY B 175 5.55 32.45 39.46
C GLY B 175 6.92 32.08 40.02
N GLY B 176 6.96 31.68 41.29
CA GLY B 176 8.19 31.21 41.91
C GLY B 176 8.68 29.87 41.37
N PHE B 177 7.80 29.17 40.66
CA PHE B 177 8.15 27.88 40.09
C PHE B 177 8.46 28.00 38.61
N SER B 178 9.42 28.86 38.29
CA SER B 178 9.69 29.17 36.90
C SER B 178 11.03 28.61 36.46
N HIS B 179 11.24 28.63 35.16
CA HIS B 179 12.54 28.30 34.58
C HIS B 179 13.59 29.30 35.07
N ALA B 180 13.16 30.54 35.30
CA ALA B 180 14.04 31.57 35.83
C ALA B 180 14.51 31.24 37.24
N ALA B 181 13.58 30.85 38.10
CA ALA B 181 13.90 30.54 39.50
C ALA B 181 14.80 29.30 39.57
N TRP B 182 14.60 28.37 38.66
CA TRP B 182 15.40 27.15 38.63
C TRP B 182 16.83 27.41 38.14
N LEU B 183 16.97 28.23 37.09
CA LEU B 183 18.27 28.41 36.43
C LEU B 183 19.12 29.46 37.14
N LEU B 184 18.48 30.53 37.61
CA LEU B 184 19.19 31.71 38.08
C LEU B 184 19.28 31.74 39.60
N PRO B 185 20.33 32.40 40.14
CA PRO B 185 20.48 32.49 41.59
C PRO B 185 19.40 33.34 42.26
N GLY B 186 19.07 32.97 43.50
CA GLY B 186 17.96 33.59 44.22
C GLY B 186 18.17 35.05 44.55
N TRP B 187 19.42 35.50 44.51
CA TRP B 187 19.77 36.88 44.87
C TRP B 187 19.57 37.90 43.75
N LEU B 188 19.26 37.44 42.54
CA LEU B 188 18.91 38.36 41.45
C LEU B 188 17.57 39.04 41.69
N PRO B 189 17.52 40.38 41.61
CA PRO B 189 16.27 41.08 41.83
C PRO B 189 15.34 41.00 40.62
N LEU B 190 15.04 39.79 40.17
CA LEU B 190 14.08 39.62 39.09
C LEU B 190 12.70 39.94 39.62
N PRO B 191 11.87 40.57 38.78
CA PRO B 191 10.52 40.97 39.16
C PRO B 191 9.67 39.81 39.65
N SER B 192 9.81 38.65 39.02
CA SER B 192 9.01 37.49 39.39
C SER B 192 9.43 36.96 40.77
N PHE B 193 10.72 37.04 41.07
CA PHE B 193 11.20 36.72 42.42
C PHE B 193 10.61 37.70 43.42
N ARG B 194 10.59 38.97 43.04
CA ARG B 194 10.13 40.04 43.92
C ARG B 194 8.62 39.96 44.17
N ARG B 195 7.86 39.68 43.11
CA ARG B 195 6.42 39.46 43.23
C ARG B 195 6.11 38.28 44.16
N ARG B 196 6.85 37.19 43.99
CA ARG B 196 6.62 35.99 44.76
C ARG B 196 6.75 36.26 46.25
N ASP B 197 7.87 36.88 46.64
CA ASP B 197 8.17 37.14 48.04
C ASP B 197 7.21 38.16 48.66
N ARG B 198 6.78 39.13 47.85
CA ARG B 198 5.78 40.10 48.31
C ARG B 198 4.43 39.43 48.54
N ALA B 199 3.99 38.66 47.55
CA ALA B 199 2.73 37.94 47.65
C ALA B 199 2.73 36.98 48.83
N HIS B 200 3.89 36.38 49.11
CA HIS B 200 3.99 35.43 50.21
C HIS B 200 3.67 36.07 51.56
N ARG B 201 4.29 37.21 51.83
CA ARG B 201 4.08 37.93 53.10
C ARG B 201 2.64 38.40 53.25
N GLU B 202 2.09 38.96 52.18
CA GLU B 202 0.75 39.52 52.20
C GLU B 202 -0.32 38.44 52.41
N ILE B 203 -0.14 37.30 51.76
CA ILE B 203 -1.06 36.18 51.92
C ILE B 203 -0.95 35.61 53.31
N LYS B 204 0.28 35.50 53.81
CA LYS B 204 0.53 35.09 55.18
C LYS B 204 -0.15 36.04 56.16
N ASP B 205 -0.11 37.34 55.87
CA ASP B 205 -0.75 38.32 56.73
C ASP B 205 -2.24 38.04 56.82
N ILE B 206 -2.84 37.70 55.69
CA ILE B 206 -4.27 37.37 55.63
C ILE B 206 -4.60 36.12 56.44
N PHE B 207 -3.74 35.11 56.38
CA PHE B 207 -3.93 33.89 57.15
C PHE B 207 -3.75 34.15 58.63
N TYR B 208 -2.76 34.99 58.99
CA TYR B 208 -2.48 35.30 60.38
C TYR B 208 -3.70 35.92 61.06
N LYS B 209 -4.33 36.87 60.38
CA LYS B 209 -5.53 37.52 60.90
C LYS B 209 -6.64 36.50 61.10
N ALA B 210 -6.87 35.68 60.08
CA ALA B 210 -7.91 34.66 60.13
C ALA B 210 -7.59 33.57 61.17
N ILE B 211 -6.30 33.27 61.33
CA ILE B 211 -5.87 32.26 62.28
C ILE B 211 -6.16 32.72 63.71
N GLN B 212 -5.78 33.97 64.01
CA GLN B 212 -5.97 34.52 65.36
C GLN B 212 -7.44 34.84 65.64
N LYS B 213 -8.19 35.24 64.62
CA LYS B 213 -9.63 35.44 64.77
C LYS B 213 -10.34 34.16 65.21
N ARG B 214 -9.79 33.02 64.80
CA ARG B 214 -10.35 31.72 65.19
C ARG B 214 -9.87 31.30 66.57
N ARG B 215 -8.62 31.60 66.88
CA ARG B 215 -8.06 31.30 68.20
C ARG B 215 -8.69 32.17 69.29
N GLN B 216 -9.20 33.34 68.90
CA GLN B 216 -9.77 34.29 69.86
C GLN B 216 -11.27 34.08 70.06
N SER B 217 -11.87 33.22 69.24
CA SER B 217 -13.29 32.89 69.38
C SER B 217 -13.44 31.54 70.04
N GLN B 218 -14.64 31.26 70.52
CA GLN B 218 -14.93 29.98 71.16
C GLN B 218 -16.24 29.40 70.64
N GLU B 219 -16.54 29.71 69.38
CA GLU B 219 -17.72 29.18 68.69
C GLU B 219 -17.15 28.46 67.48
N LYS B 220 -16.24 27.54 67.77
CA LYS B 220 -15.40 26.91 66.75
C LYS B 220 -16.23 26.17 65.69
N ILE B 221 -15.69 26.19 64.48
CA ILE B 221 -16.24 25.48 63.34
C ILE B 221 -15.51 24.13 63.16
N ASP B 222 -16.18 23.15 62.54
CA ASP B 222 -15.55 21.87 62.23
C ASP B 222 -15.05 21.82 60.78
N ASP B 223 -13.88 22.40 60.55
CA ASP B 223 -13.28 22.43 59.22
C ASP B 223 -11.77 22.21 59.32
N ILE B 224 -11.10 22.35 58.18
CA ILE B 224 -9.69 21.99 58.08
C ILE B 224 -8.79 22.92 58.89
N LEU B 225 -9.09 24.22 58.88
CA LEU B 225 -8.34 25.17 59.71
C LEU B 225 -8.36 24.76 61.18
N GLN B 226 -9.53 24.33 61.67
CA GLN B 226 -9.67 23.91 63.05
C GLN B 226 -8.86 22.65 63.32
N THR B 227 -8.91 21.71 62.38
CA THR B 227 -8.12 20.48 62.51
C THR B 227 -6.66 20.82 62.70
N LEU B 228 -6.19 21.82 61.96
CA LEU B 228 -4.79 22.24 62.03
C LEU B 228 -4.48 22.92 63.37
N LEU B 229 -5.40 23.75 63.84
CA LEU B 229 -5.23 24.46 65.11
C LEU B 229 -5.31 23.53 66.32
N ASP B 230 -6.02 22.42 66.18
CA ASP B 230 -6.15 21.42 67.25
C ASP B 230 -5.04 20.38 67.18
N ALA B 231 -4.25 20.43 66.12
CA ALA B 231 -3.27 19.39 65.86
C ALA B 231 -2.06 19.55 66.77
N THR B 232 -1.27 18.49 66.83
CA THR B 232 -0.15 18.42 67.76
C THR B 232 0.85 17.41 67.21
N TYR B 233 2.14 17.74 67.31
CA TYR B 233 3.18 16.79 66.94
C TYR B 233 3.22 15.65 67.96
N LYS B 234 4.06 14.66 67.70
CA LYS B 234 4.33 13.62 68.69
C LYS B 234 5.07 14.22 69.89
N ASP B 235 5.68 15.38 69.68
CA ASP B 235 6.20 16.20 70.76
C ASP B 235 5.13 16.46 71.80
N GLY B 236 3.90 16.64 71.32
CA GLY B 236 2.87 17.33 72.08
C GLY B 236 2.82 18.79 71.69
N ARG B 237 3.80 19.23 70.90
CA ARG B 237 3.90 20.62 70.47
C ARG B 237 2.85 20.93 69.41
N PRO B 238 2.05 21.97 69.64
CA PRO B 238 1.06 22.41 68.66
C PRO B 238 1.71 23.20 67.52
N LEU B 239 0.91 23.52 66.50
CA LEU B 239 1.40 24.25 65.34
C LEU B 239 1.40 25.75 65.59
N THR B 240 2.50 26.39 65.22
CA THR B 240 2.59 27.86 65.22
C THR B 240 1.73 28.43 64.09
N ASP B 241 1.40 29.71 64.20
CA ASP B 241 0.60 30.38 63.17
C ASP B 241 1.29 30.27 61.82
N ASP B 242 2.61 30.41 61.83
CA ASP B 242 3.41 30.37 60.61
C ASP B 242 3.42 28.97 60.00
N GLU B 243 3.48 27.95 60.85
CA GLU B 243 3.34 26.58 60.38
C GLU B 243 1.98 26.38 59.75
N VAL B 244 0.93 26.83 60.44
CA VAL B 244 -0.44 26.75 59.91
C VAL B 244 -0.57 27.49 58.58
N ALA B 245 -0.07 28.72 58.53
CA ALA B 245 -0.20 29.56 57.33
C ALA B 245 0.49 28.92 56.12
N GLY B 246 1.70 28.40 56.36
CA GLY B 246 2.45 27.68 55.35
C GLY B 246 1.72 26.47 54.80
N MET B 247 1.07 25.72 55.69
CA MET B 247 0.30 24.54 55.27
C MET B 247 -0.92 24.94 54.46
N LEU B 248 -1.52 26.08 54.82
CA LEU B 248 -2.65 26.62 54.07
C LEU B 248 -2.28 27.08 52.67
N ILE B 249 -1.08 27.64 52.52
CA ILE B 249 -0.59 27.98 51.18
C ILE B 249 -0.41 26.70 50.36
N GLY B 250 0.29 25.75 50.95
CA GLY B 250 0.45 24.43 50.36
C GLY B 250 -0.87 23.82 49.93
N LEU B 251 -1.87 23.91 50.80
CA LEU B 251 -3.17 23.31 50.51
C LEU B 251 -3.79 23.90 49.25
N LEU B 252 -3.73 25.22 49.12
CA LEU B 252 -4.37 25.85 47.98
C LEU B 252 -3.63 25.55 46.68
N LEU B 253 -2.31 25.69 46.70
CA LEU B 253 -1.52 25.43 45.50
C LEU B 253 -1.67 23.98 45.07
N ALA B 254 -1.57 23.07 46.03
CA ALA B 254 -1.76 21.63 45.79
C ALA B 254 -3.16 21.37 45.26
N GLY B 255 -4.14 22.02 45.88
CA GLY B 255 -5.54 21.79 45.60
C GLY B 255 -6.03 22.36 44.28
N GLN B 256 -5.29 23.31 43.71
CA GLN B 256 -5.77 24.03 42.53
C GLN B 256 -5.36 23.43 41.18
N HIS B 257 -4.10 23.64 40.76
CA HIS B 257 -3.70 23.36 39.37
C HIS B 257 -3.85 21.89 38.99
N THR B 258 -3.59 21.00 39.93
CA THR B 258 -3.66 19.57 39.66
C THR B 258 -5.08 19.19 39.21
N SER B 259 -6.08 19.82 39.81
CA SER B 259 -7.47 19.57 39.46
C SER B 259 -7.92 20.32 38.21
N SER B 260 -7.42 21.54 38.03
CA SER B 260 -7.86 22.37 36.92
C SER B 260 -7.40 21.83 35.56
N THR B 261 -6.14 21.41 35.47
CA THR B 261 -5.66 20.85 34.20
C THR B 261 -6.35 19.52 33.92
N THR B 262 -6.51 18.71 34.97
CA THR B 262 -7.13 17.38 34.84
C THR B 262 -8.60 17.52 34.46
N SER B 263 -9.29 18.46 35.10
CA SER B 263 -10.69 18.74 34.78
C SER B 263 -10.84 19.25 33.34
N ALA B 264 -9.90 20.09 32.92
CA ALA B 264 -9.92 20.61 31.55
C ALA B 264 -9.67 19.51 30.52
N TRP B 265 -8.66 18.68 30.74
CA TRP B 265 -8.38 17.57 29.83
C TRP B 265 -9.57 16.61 29.74
N MET B 266 -10.21 16.32 30.87
CA MET B 266 -11.34 15.40 30.86
C MET B 266 -12.49 15.98 30.06
N GLY B 267 -12.71 17.28 30.19
CA GLY B 267 -13.67 17.99 29.34
C GLY B 267 -13.49 17.66 27.87
N PHE B 268 -12.25 17.70 27.40
CA PHE B 268 -11.97 17.50 25.98
C PHE B 268 -12.01 16.04 25.58
N PHE B 269 -11.65 15.16 26.51
CA PHE B 269 -11.79 13.72 26.28
C PHE B 269 -13.26 13.37 26.11
N LEU B 270 -14.10 14.01 26.92
CA LEU B 270 -15.54 13.78 26.88
C LEU B 270 -16.21 14.45 25.67
N ALA B 271 -15.70 15.62 25.28
CA ALA B 271 -16.21 16.31 24.09
C ALA B 271 -15.84 15.55 22.82
N ARG B 272 -14.68 14.91 22.82
CA ARG B 272 -14.26 14.09 21.69
C ARG B 272 -15.06 12.80 21.61
N ASP B 273 -15.45 12.28 22.77
CA ASP B 273 -16.20 11.02 22.83
C ASP B 273 -17.62 11.27 23.35
N LYS B 274 -18.50 11.64 22.43
CA LYS B 274 -19.85 12.08 22.79
C LYS B 274 -20.72 10.97 23.36
N THR B 275 -20.54 9.75 22.86
CA THR B 275 -21.25 8.61 23.43
C THR B 275 -20.93 8.51 24.90
N LEU B 276 -19.65 8.60 25.22
CA LEU B 276 -19.19 8.54 26.60
C LEU B 276 -19.77 9.68 27.42
N GLN B 277 -19.76 10.89 26.86
CA GLN B 277 -20.30 12.06 27.56
C GLN B 277 -21.76 11.85 27.89
N LYS B 278 -22.49 11.25 26.95
CA LYS B 278 -23.91 10.97 27.14
C LYS B 278 -24.11 9.96 28.26
N LYS B 279 -23.32 8.89 28.25
CA LYS B 279 -23.42 7.87 29.29
C LYS B 279 -23.13 8.44 30.68
N CYS B 280 -22.24 9.43 30.73
CA CYS B 280 -21.91 10.07 32.01
C CYS B 280 -23.10 10.87 32.53
N TYR B 281 -23.81 11.53 31.62
CA TYR B 281 -25.00 12.28 32.00
C TYR B 281 -26.11 11.35 32.52
N LEU B 282 -26.30 10.21 31.86
CA LEU B 282 -27.35 9.27 32.25
C LEU B 282 -27.06 8.65 33.61
N GLU B 283 -25.78 8.42 33.89
CA GLU B 283 -25.39 7.93 35.21
C GLU B 283 -25.81 8.90 36.31
N GLN B 284 -25.73 10.20 36.02
CA GLN B 284 -26.21 11.23 36.94
C GLN B 284 -27.66 10.97 37.33
N LYS B 285 -28.50 10.81 36.32
CA LYS B 285 -29.92 10.52 36.52
C LYS B 285 -30.08 9.20 37.27
N THR B 286 -29.44 8.17 36.75
CA THR B 286 -29.56 6.82 37.29
C THR B 286 -29.25 6.80 38.79
N VAL B 287 -28.15 7.43 39.18
CA VAL B 287 -27.63 7.31 40.54
C VAL B 287 -28.30 8.30 41.49
N CYS B 288 -28.59 9.50 40.99
CA CYS B 288 -29.08 10.58 41.83
C CYS B 288 -30.60 10.76 41.73
N GLY B 289 -31.18 10.23 40.67
CA GLY B 289 -32.61 10.38 40.40
C GLY B 289 -32.86 11.24 39.17
N GLU B 290 -33.98 11.01 38.49
CA GLU B 290 -34.34 11.75 37.29
C GLU B 290 -34.45 13.25 37.55
N ASN B 291 -34.90 13.61 38.75
CA ASN B 291 -35.10 15.00 39.13
C ASN B 291 -33.77 15.72 39.41
N LEU B 292 -32.69 14.96 39.46
CA LEU B 292 -31.34 15.50 39.65
C LEU B 292 -31.29 16.46 40.84
N PRO B 293 -31.49 15.93 42.05
CA PRO B 293 -31.44 16.73 43.27
C PRO B 293 -30.02 17.14 43.65
N PRO B 294 -29.87 18.03 44.66
CA PRO B 294 -28.54 18.45 45.07
C PRO B 294 -27.61 17.29 45.37
N LEU B 295 -26.37 17.40 44.93
CA LEU B 295 -25.38 16.34 45.15
C LEU B 295 -25.05 16.21 46.62
N THR B 296 -24.76 14.98 47.02
CA THR B 296 -24.30 14.68 48.36
C THR B 296 -23.01 13.88 48.27
N TYR B 297 -22.26 13.83 49.37
CA TYR B 297 -21.04 13.02 49.40
C TYR B 297 -21.34 11.55 49.09
N ASP B 298 -22.37 11.00 49.73
CA ASP B 298 -22.66 9.55 49.64
C ASP B 298 -22.97 9.08 48.20
N GLN B 299 -23.47 9.99 47.37
CA GLN B 299 -23.77 9.68 45.98
C GLN B 299 -22.50 9.47 45.14
N LEU B 300 -21.42 10.13 45.53
CA LEU B 300 -20.21 10.23 44.69
C LEU B 300 -19.58 8.87 44.36
N LYS B 301 -19.51 8.00 45.35
CA LYS B 301 -18.88 6.68 45.18
C LYS B 301 -19.66 5.76 44.24
N ASP B 302 -20.88 6.16 43.91
CA ASP B 302 -21.71 5.38 42.98
C ASP B 302 -21.65 5.92 41.56
N LEU B 303 -20.94 7.02 41.37
CA LEU B 303 -20.71 7.55 40.01
C LEU B 303 -19.49 6.84 39.40
N ASN B 304 -19.69 5.56 39.09
CA ASN B 304 -18.60 4.67 38.72
C ASN B 304 -17.97 5.04 37.39
N LEU B 305 -18.80 5.37 36.41
CA LEU B 305 -18.32 5.73 35.10
C LEU B 305 -17.52 7.03 35.15
N LEU B 306 -18.04 8.00 35.90
CA LEU B 306 -17.33 9.28 36.07
C LEU B 306 -15.99 9.05 36.76
N ASP B 307 -15.99 8.14 37.73
CA ASP B 307 -14.77 7.78 38.45
C ASP B 307 -13.71 7.26 37.48
N ARG B 308 -14.12 6.34 36.61
CA ARG B 308 -13.19 5.74 35.64
C ARG B 308 -12.74 6.74 34.60
N CYS B 309 -13.56 7.75 34.33
CA CYS B 309 -13.19 8.85 33.44
C CYS B 309 -12.11 9.74 34.05
N ILE B 310 -12.23 10.02 35.34
CA ILE B 310 -11.18 10.76 36.05
C ILE B 310 -9.92 9.91 36.10
N LYS B 311 -10.09 8.64 36.38
CA LYS B 311 -8.98 7.69 36.46
C LYS B 311 -8.24 7.61 35.13
N GLU B 312 -8.98 7.61 34.03
CA GLU B 312 -8.37 7.51 32.69
C GLU B 312 -7.73 8.82 32.28
N THR B 313 -8.29 9.92 32.73
CA THR B 313 -7.74 11.24 32.44
C THR B 313 -6.41 11.41 33.16
N LEU B 314 -6.34 10.95 34.41
CA LEU B 314 -5.09 10.99 35.15
C LEU B 314 -4.07 10.02 34.57
N ARG B 315 -4.54 8.97 33.88
CA ARG B 315 -3.60 8.05 33.22
C ARG B 315 -2.87 8.73 32.07
N LEU B 316 -3.59 9.46 31.24
CA LEU B 316 -3.02 10.02 30.02
C LEU B 316 -2.50 11.44 30.19
N ARG B 317 -3.00 12.13 31.21
CA ARG B 317 -2.66 13.53 31.44
C ARG B 317 -2.42 13.79 32.93
N PRO B 318 -1.52 13.03 33.55
CA PRO B 318 -1.27 13.34 34.96
C PRO B 318 -0.66 14.73 35.12
N PRO B 319 -1.26 15.56 35.99
CA PRO B 319 -0.80 16.95 36.12
C PRO B 319 0.64 17.08 36.62
N ILE B 320 1.09 16.13 37.42
CA ILE B 320 2.48 16.11 37.84
C ILE B 320 3.26 15.03 37.08
N MET B 321 3.92 15.45 36.00
CA MET B 321 4.52 14.52 35.03
C MET B 321 5.85 13.94 35.50
N ILE B 322 6.34 14.42 36.64
CA ILE B 322 7.71 14.10 37.06
C ILE B 322 7.81 14.04 38.57
N MET B 323 8.56 13.06 39.05
CA MET B 323 8.92 12.99 40.45
C MET B 323 10.40 12.69 40.57
N MET B 324 11.10 13.49 41.37
CA MET B 324 12.53 13.58 41.28
C MET B 324 13.20 13.57 42.64
N ARG B 325 14.35 12.91 42.72
CA ARG B 325 15.12 12.84 43.96
C ARG B 325 16.61 13.03 43.68
N MET B 326 17.33 13.51 44.69
CA MET B 326 18.79 13.50 44.66
C MET B 326 19.29 12.25 45.34
N ALA B 327 20.13 11.49 44.64
CA ALA B 327 20.77 10.32 45.23
C ALA B 327 21.86 10.75 46.21
N ARG B 328 21.63 10.55 47.50
CA ARG B 328 22.64 10.90 48.50
C ARG B 328 23.59 9.72 48.75
N THR B 329 23.08 8.50 48.57
CA THR B 329 23.91 7.29 48.63
C THR B 329 23.77 6.54 47.31
N PRO B 330 24.82 5.78 46.92
CA PRO B 330 24.72 5.06 45.66
C PRO B 330 23.56 4.06 45.67
N GLN B 331 22.84 3.97 44.55
CA GLN B 331 21.67 3.09 44.47
C GLN B 331 21.80 2.11 43.33
N THR B 332 21.35 0.87 43.57
CA THR B 332 21.38 -0.16 42.54
C THR B 332 19.98 -0.56 42.09
N VAL B 333 19.82 -0.69 40.77
CA VAL B 333 18.55 -1.07 40.18
C VAL B 333 18.77 -1.60 38.76
N ALA B 334 18.14 -2.71 38.44
CA ALA B 334 18.27 -3.33 37.12
C ALA B 334 19.73 -3.57 36.71
N GLY B 335 20.56 -3.93 37.68
CA GLY B 335 21.95 -4.28 37.42
C GLY B 335 22.89 -3.09 37.29
N TYR B 336 22.35 -1.88 37.41
CA TYR B 336 23.14 -0.65 37.32
C TYR B 336 23.36 -0.02 38.69
N THR B 337 24.41 0.78 38.80
CA THR B 337 24.65 1.56 40.00
C THR B 337 24.58 3.05 39.72
N ILE B 338 23.76 3.74 40.52
CA ILE B 338 23.58 5.17 40.39
C ILE B 338 24.42 5.85 41.48
N PRO B 339 25.33 6.74 41.07
CA PRO B 339 26.21 7.43 42.01
C PRO B 339 25.51 8.61 42.68
N PRO B 340 25.96 8.99 43.89
CA PRO B 340 25.49 10.24 44.46
C PRO B 340 25.69 11.40 43.51
N GLY B 341 24.76 12.35 43.54
CA GLY B 341 24.84 13.53 42.68
C GLY B 341 23.98 13.39 41.44
N HIS B 342 23.51 12.16 41.18
CA HIS B 342 22.53 11.95 40.14
C HIS B 342 21.17 12.35 40.65
N GLN B 343 20.44 13.06 39.80
CA GLN B 343 19.04 13.29 40.04
C GLN B 343 18.22 12.18 39.40
N VAL B 344 17.46 11.47 40.24
CA VAL B 344 16.74 10.27 39.82
C VAL B 344 15.26 10.55 39.63
N CYS B 345 14.77 10.21 38.44
CA CYS B 345 13.46 10.65 37.97
C CYS B 345 12.54 9.48 37.69
N VAL B 346 11.25 9.69 37.94
CA VAL B 346 10.20 8.78 37.51
C VAL B 346 9.16 9.59 36.72
N SER B 347 8.65 9.03 35.63
CA SER B 347 7.59 9.67 34.87
C SER B 347 6.29 8.86 34.98
N PRO B 348 5.30 9.39 35.72
CA PRO B 348 4.00 8.75 35.70
C PRO B 348 3.44 8.64 34.28
N THR B 349 3.69 9.66 33.47
CA THR B 349 3.14 9.69 32.12
C THR B 349 3.65 8.51 31.29
N VAL B 350 4.96 8.26 31.34
CA VAL B 350 5.54 7.16 30.60
C VAL B 350 5.05 5.81 31.12
N ASN B 351 5.13 5.61 32.44
CA ASN B 351 4.69 4.36 33.04
C ASN B 351 3.25 4.02 32.70
N GLN B 352 2.42 5.05 32.61
CA GLN B 352 0.97 4.88 32.52
C GLN B 352 0.51 4.69 31.08
N ARG B 353 1.48 4.38 30.22
CA ARG B 353 1.31 4.48 28.78
C ARG B 353 2.22 3.46 28.08
N LEU B 354 2.97 2.73 28.89
CA LEU B 354 3.98 1.79 28.39
C LEU B 354 3.35 0.72 27.49
N LYS B 355 3.87 0.63 26.27
CA LYS B 355 3.42 -0.34 25.26
C LYS B 355 3.28 -1.75 25.83
N ASP B 356 4.32 -2.19 26.52
CA ASP B 356 4.41 -3.58 26.97
C ASP B 356 3.29 -3.97 27.92
N SER B 357 2.68 -2.99 28.58
CA SER B 357 1.68 -3.31 29.61
C SER B 357 0.29 -2.69 29.40
N TRP B 358 0.20 -1.59 28.68
CA TRP B 358 -1.10 -0.96 28.43
C TRP B 358 -1.63 -1.25 27.02
N VAL B 359 -2.60 -2.14 26.95
CA VAL B 359 -3.32 -2.44 25.72
C VAL B 359 -4.00 -1.17 25.19
N GLU B 360 -3.86 -0.92 23.89
CA GLU B 360 -4.40 0.30 23.29
C GLU B 360 -4.00 1.53 24.11
N ARG B 361 -2.70 1.68 24.30
CA ARG B 361 -2.14 2.58 25.31
C ARG B 361 -2.59 4.04 25.16
N LEU B 362 -2.85 4.48 23.93
CA LEU B 362 -3.16 5.89 23.69
C LEU B 362 -4.66 6.18 23.51
N ASP B 363 -5.49 5.16 23.72
CA ASP B 363 -6.94 5.36 23.67
C ASP B 363 -7.45 5.86 25.01
N PHE B 364 -8.30 6.88 24.97
CA PHE B 364 -9.04 7.24 26.17
C PHE B 364 -10.18 6.26 26.36
N ASN B 365 -9.95 5.26 27.22
CA ASN B 365 -10.88 4.16 27.37
C ASN B 365 -11.11 3.80 28.83
N PRO B 366 -12.06 4.48 29.49
CA PRO B 366 -12.34 4.31 30.91
C PRO B 366 -12.72 2.88 31.30
N ASP B 367 -13.22 2.09 30.34
CA ASP B 367 -13.70 0.75 30.63
C ASP B 367 -12.56 -0.26 30.70
N ARG B 368 -11.33 0.19 30.47
CA ARG B 368 -10.18 -0.70 30.56
C ARG B 368 -9.99 -1.20 32.00
N TYR B 369 -10.52 -0.46 32.97
CA TYR B 369 -10.38 -0.83 34.38
C TYR B 369 -11.41 -1.90 34.76
N LEU B 370 -12.31 -2.21 33.82
CA LEU B 370 -13.29 -3.28 34.01
C LEU B 370 -12.71 -4.64 33.65
N GLN B 371 -11.52 -4.66 33.06
CA GLN B 371 -10.75 -5.88 32.89
C GLN B 371 -9.35 -5.76 33.46
N ASP B 372 -8.54 -6.79 33.25
CA ASP B 372 -7.16 -6.80 33.71
C ASP B 372 -6.39 -5.66 33.08
N ASN B 373 -5.65 -4.95 33.92
CA ASN B 373 -4.91 -3.77 33.51
C ASN B 373 -3.79 -3.55 34.52
N PRO B 374 -2.78 -2.76 34.14
CA PRO B 374 -1.63 -2.65 35.03
C PRO B 374 -1.86 -1.86 36.33
N ALA B 375 -2.96 -1.11 36.42
CA ALA B 375 -3.25 -0.39 37.66
C ALA B 375 -3.57 -1.36 38.79
N SER B 376 -4.34 -2.40 38.50
CA SER B 376 -4.56 -3.48 39.47
C SER B 376 -3.46 -4.55 39.42
N GLY B 377 -2.87 -4.72 38.25
CA GLY B 377 -1.95 -5.84 37.99
C GLY B 377 -0.48 -5.61 38.32
N GLU B 378 -0.05 -4.35 38.32
CA GLU B 378 1.34 -4.04 38.65
C GLU B 378 1.40 -3.09 39.83
N LYS B 379 2.59 -2.98 40.42
CA LYS B 379 2.78 -2.18 41.62
C LYS B 379 2.86 -0.69 41.29
N PHE B 380 3.64 -0.34 40.27
CA PHE B 380 3.94 1.07 39.97
C PHE B 380 3.81 1.40 38.49
N ALA B 381 2.89 0.74 37.80
CA ALA B 381 2.58 1.11 36.42
C ALA B 381 1.62 2.31 36.38
N TYR B 382 0.75 2.41 37.39
CA TYR B 382 -0.20 3.51 37.49
C TYR B 382 0.02 4.29 38.80
N VAL B 383 0.54 5.50 38.69
CA VAL B 383 1.06 6.23 39.84
C VAL B 383 0.83 7.74 39.76
N PRO B 384 -0.40 8.17 39.38
CA PRO B 384 -0.60 9.62 39.25
C PRO B 384 -0.57 10.38 40.59
N PHE B 385 -0.68 9.66 41.70
CA PHE B 385 -0.67 10.26 43.03
C PHE B 385 0.55 9.79 43.82
N GLY B 386 1.50 9.22 43.10
CA GLY B 386 2.74 8.75 43.70
C GLY B 386 2.53 7.49 44.50
N ALA B 387 3.52 7.19 45.33
CA ALA B 387 3.51 6.02 46.19
C ALA B 387 4.68 6.15 47.15
N GLY B 388 4.68 5.34 48.19
CA GLY B 388 5.78 5.35 49.15
C GLY B 388 5.71 6.55 50.05
N ARG B 389 6.86 7.05 50.46
CA ARG B 389 6.95 7.99 51.56
C ARG B 389 6.50 9.41 51.18
N HIS B 390 6.63 9.75 49.90
CA HIS B 390 6.25 11.08 49.41
C HIS B 390 4.88 11.07 48.74
N ARG B 391 4.19 9.93 48.83
CA ARG B 391 2.89 9.74 48.17
C ARG B 391 1.88 10.81 48.60
N CYS B 392 0.90 11.05 47.72
CA CYS B 392 -0.06 12.13 47.89
C CYS B 392 -1.02 11.89 49.07
N ILE B 393 -1.55 12.97 49.61
CA ILE B 393 -2.61 12.89 50.63
C ILE B 393 -3.96 13.42 50.16
N GLY B 394 -4.01 13.96 48.95
CA GLY B 394 -5.19 14.72 48.50
C GLY B 394 -6.05 13.99 47.49
N GLU B 395 -5.79 12.69 47.31
CA GLU B 395 -6.47 11.92 46.29
C GLU B 395 -7.99 11.94 46.49
N ASN B 396 -8.44 11.63 47.71
CA ASN B 396 -9.87 11.62 47.99
C ASN B 396 -10.47 12.99 47.74
N PHE B 397 -9.83 14.03 48.26
CA PHE B 397 -10.33 15.39 48.06
C PHE B 397 -10.34 15.77 46.58
N ALA B 398 -9.24 15.52 45.89
CA ALA B 398 -9.17 15.79 44.46
C ALA B 398 -10.36 15.15 43.76
N TYR B 399 -10.60 13.88 44.06
CA TYR B 399 -11.73 13.16 43.47
C TYR B 399 -13.07 13.77 43.88
N VAL B 400 -13.26 14.05 45.16
CA VAL B 400 -14.44 14.76 45.63
C VAL B 400 -14.61 16.05 44.84
N GLN B 401 -13.55 16.84 44.76
CA GLN B 401 -13.61 18.14 44.09
C GLN B 401 -13.92 18.01 42.60
N ILE B 402 -13.21 17.11 41.91
CA ILE B 402 -13.38 16.95 40.46
C ILE B 402 -14.73 16.34 40.10
N LYS B 403 -15.17 15.35 40.88
CA LYS B 403 -16.46 14.69 40.64
C LYS B 403 -17.62 15.67 40.78
N THR B 404 -17.61 16.44 41.86
CA THR B 404 -18.71 17.38 42.10
C THR B 404 -18.80 18.42 40.99
N ILE B 405 -17.67 19.04 40.66
CA ILE B 405 -17.64 20.04 39.61
C ILE B 405 -18.14 19.47 38.29
N TRP B 406 -17.66 18.29 37.92
CA TRP B 406 -18.00 17.73 36.61
C TRP B 406 -19.41 17.15 36.56
N SER B 407 -19.86 16.56 37.67
CA SER B 407 -21.26 16.19 37.81
C SER B 407 -22.15 17.40 37.56
N THR B 408 -21.85 18.49 38.24
CA THR B 408 -22.56 19.75 38.10
C THR B 408 -22.51 20.26 36.66
N MET B 409 -21.34 20.21 36.05
CA MET B 409 -21.13 20.74 34.70
C MET B 409 -21.88 19.96 33.65
N LEU B 410 -21.91 18.63 33.78
CA LEU B 410 -22.61 17.79 32.81
C LEU B 410 -24.11 18.05 32.85
N ARG B 411 -24.63 18.34 34.04
CA ARG B 411 -26.03 18.70 34.21
C ARG B 411 -26.35 20.02 33.50
N LEU B 412 -25.41 20.96 33.58
CA LEU B 412 -25.62 22.28 33.00
C LEU B 412 -25.53 22.26 31.47
N TYR B 413 -24.47 21.64 30.95
CA TYR B 413 -24.15 21.78 29.52
C TYR B 413 -23.80 20.46 28.83
N GLU B 414 -23.96 20.46 27.51
CA GLU B 414 -23.38 19.44 26.64
C GLU B 414 -22.18 20.05 25.93
N PHE B 415 -21.10 19.30 25.86
CA PHE B 415 -19.82 19.84 25.37
C PHE B 415 -19.40 19.20 24.07
N ASP B 416 -18.75 20.01 23.23
CA ASP B 416 -18.30 19.56 21.92
C ASP B 416 -16.96 20.20 21.58
N LEU B 417 -16.16 19.47 20.79
CA LEU B 417 -14.95 20.02 20.20
C LEU B 417 -15.34 21.09 19.21
N ILE B 418 -14.44 22.05 19.01
CA ILE B 418 -14.65 23.10 18.03
C ILE B 418 -13.96 22.73 16.72
N ASP B 419 -14.78 22.42 15.72
CA ASP B 419 -14.29 21.98 14.41
C ASP B 419 -13.38 20.75 14.55
N GLY B 420 -13.70 19.91 15.53
CA GLY B 420 -12.99 18.64 15.74
C GLY B 420 -11.54 18.79 16.17
N TYR B 421 -11.18 19.95 16.70
CA TYR B 421 -9.82 20.17 17.20
C TYR B 421 -9.68 19.55 18.58
N PHE B 422 -8.78 18.58 18.71
CA PHE B 422 -8.36 18.13 20.02
C PHE B 422 -7.05 18.78 20.43
N PRO B 423 -7.06 19.49 21.57
CA PRO B 423 -5.90 20.24 22.03
C PRO B 423 -4.64 19.40 22.17
N THR B 424 -3.55 19.92 21.62
CA THR B 424 -2.22 19.38 21.88
C THR B 424 -1.70 19.89 23.22
N VAL B 425 -0.59 19.31 23.67
CA VAL B 425 -0.05 19.65 24.98
C VAL B 425 0.89 20.85 24.90
N ASN B 426 0.65 21.82 25.78
CA ASN B 426 1.56 22.95 25.92
C ASN B 426 2.71 22.59 26.86
N TYR B 427 3.84 22.21 26.28
CA TYR B 427 4.99 21.77 27.06
C TYR B 427 5.83 22.93 27.59
N THR B 428 5.43 24.17 27.27
CA THR B 428 6.19 25.36 27.68
C THR B 428 5.82 25.83 29.09
N THR B 429 4.68 25.38 29.60
CA THR B 429 4.33 25.61 31.00
C THR B 429 4.68 24.35 31.80
N MET B 430 4.95 24.50 33.10
CA MET B 430 5.34 23.34 33.91
C MET B 430 4.15 22.41 34.10
N ILE B 431 2.98 23.00 34.27
CA ILE B 431 1.74 22.24 34.20
C ILE B 431 1.33 22.12 32.73
N HIS B 432 1.49 20.95 32.16
CA HIS B 432 1.19 20.88 30.78
C HIS B 432 -0.27 21.04 30.65
N THR B 433 -0.59 22.17 30.10
CA THR B 433 -1.97 22.59 29.87
C THR B 433 -2.36 22.23 28.45
N PRO B 434 -3.67 22.16 28.16
CA PRO B 434 -4.03 22.03 26.76
C PRO B 434 -3.86 23.36 26.01
N GLU B 435 -3.21 23.31 24.85
CA GLU B 435 -3.07 24.51 24.02
C GLU B 435 -4.41 24.87 23.39
N ASN B 436 -4.72 26.16 23.44
CA ASN B 436 -5.99 26.67 22.89
C ASN B 436 -7.17 25.86 23.45
N PRO B 437 -7.40 25.95 24.76
CA PRO B 437 -8.43 25.11 25.36
C PRO B 437 -9.82 25.74 25.30
N VAL B 438 -10.26 26.17 24.13
CA VAL B 438 -11.62 26.66 23.98
C VAL B 438 -12.57 25.53 23.60
N ILE B 439 -13.70 25.45 24.30
CA ILE B 439 -14.64 24.36 24.15
C ILE B 439 -16.05 24.87 23.84
N ARG B 440 -16.76 24.16 22.97
CA ARG B 440 -18.15 24.49 22.65
C ARG B 440 -19.11 23.88 23.66
N TYR B 441 -20.09 24.68 24.08
CA TYR B 441 -21.07 24.23 25.05
C TYR B 441 -22.48 24.73 24.71
N LYS B 442 -23.47 23.89 24.95
CA LYS B 442 -24.88 24.28 24.84
C LYS B 442 -25.63 23.72 26.04
N ARG B 443 -26.66 24.44 26.48
CA ARG B 443 -27.47 24.02 27.62
C ARG B 443 -27.90 22.58 27.42
N ARG B 444 -27.93 21.81 28.51
CA ARG B 444 -28.31 20.42 28.41
C ARG B 444 -29.82 20.27 28.38
N SER B 445 -30.30 19.47 27.43
CA SER B 445 -31.72 19.31 27.19
C SER B 445 -32.37 18.44 28.26
N GLY C 1 -81.61 -17.32 -32.02
CA GLY C 1 -80.42 -16.79 -32.73
C GLY C 1 -80.00 -15.43 -32.19
N LYS C 2 -79.04 -15.44 -31.26
CA LYS C 2 -78.47 -14.21 -30.74
C LYS C 2 -77.08 -13.97 -31.33
N LEU C 3 -76.93 -12.86 -32.05
CA LEU C 3 -75.67 -12.53 -32.73
C LEU C 3 -74.58 -12.21 -31.71
N PRO C 4 -73.31 -12.54 -32.04
CA PRO C 4 -72.19 -12.18 -31.18
C PRO C 4 -72.03 -10.68 -31.05
N PRO C 5 -71.42 -10.23 -29.95
CA PRO C 5 -71.14 -8.81 -29.79
C PRO C 5 -70.33 -8.25 -30.96
N TYR C 6 -70.73 -7.08 -31.43
CA TYR C 6 -70.15 -6.49 -32.62
C TYR C 6 -69.40 -5.22 -32.25
N ILE C 7 -68.14 -5.14 -32.65
CA ILE C 7 -67.32 -3.97 -32.36
C ILE C 7 -67.52 -2.91 -33.45
N PHE C 8 -68.31 -1.89 -33.14
CA PHE C 8 -68.63 -0.84 -34.09
C PHE C 8 -67.40 -0.03 -34.47
N SER C 9 -67.35 0.41 -35.71
CA SER C 9 -66.34 1.37 -36.14
C SER C 9 -66.96 2.50 -36.95
N PRO C 10 -66.59 3.74 -36.64
CA PRO C 10 -67.06 4.89 -37.41
C PRO C 10 -66.43 5.00 -38.79
N ILE C 11 -65.28 4.36 -39.01
CA ILE C 11 -64.56 4.52 -40.27
C ILE C 11 -65.18 3.68 -41.38
N PRO C 12 -65.78 4.35 -42.37
CA PRO C 12 -66.49 3.64 -43.43
C PRO C 12 -65.59 2.82 -44.34
N PHE C 13 -66.11 1.66 -44.72
CA PHE C 13 -65.42 0.69 -45.56
C PHE C 13 -64.26 0.00 -44.86
N LEU C 14 -63.26 0.78 -44.46
CA LEU C 14 -62.08 0.22 -43.83
C LEU C 14 -62.38 -0.44 -42.48
N GLY C 15 -63.28 0.17 -41.72
CA GLY C 15 -63.55 -0.28 -40.36
C GLY C 15 -62.29 -0.24 -39.50
N HIS C 16 -61.98 -1.36 -38.85
CA HIS C 16 -60.81 -1.42 -37.97
C HIS C 16 -59.53 -1.80 -38.71
N ALA C 17 -59.59 -1.86 -40.04
CA ALA C 17 -58.46 -2.36 -40.84
C ALA C 17 -57.13 -1.77 -40.39
N ILE C 18 -57.08 -0.45 -40.23
CA ILE C 18 -55.84 0.24 -39.91
C ILE C 18 -55.31 -0.14 -38.52
N ALA C 19 -56.16 -0.02 -37.52
CA ALA C 19 -55.78 -0.37 -36.14
C ALA C 19 -55.33 -1.83 -36.07
N PHE C 20 -56.13 -2.69 -36.66
CA PHE C 20 -55.85 -4.12 -36.71
C PHE C 20 -54.55 -4.43 -37.43
N GLY C 21 -54.32 -3.74 -38.54
CA GLY C 21 -53.12 -3.92 -39.35
C GLY C 21 -51.85 -3.51 -38.65
N LYS C 22 -51.94 -2.49 -37.77
CA LYS C 22 -50.77 -2.00 -37.05
C LYS C 22 -50.32 -3.01 -36.00
N SER C 23 -51.25 -3.50 -35.19
CA SER C 23 -50.95 -4.62 -34.30
C SER C 23 -52.18 -5.48 -34.03
N PRO C 24 -52.31 -6.59 -34.75
CA PRO C 24 -53.43 -7.53 -34.68
C PRO C 24 -53.59 -8.19 -33.31
N ILE C 25 -52.47 -8.57 -32.70
CA ILE C 25 -52.50 -9.31 -31.45
C ILE C 25 -53.02 -8.41 -30.32
N GLU C 26 -52.49 -7.20 -30.27
CA GLU C 26 -52.94 -6.21 -29.30
C GLU C 26 -54.45 -5.97 -29.47
N PHE C 27 -54.88 -5.83 -30.71
CA PHE C 27 -56.28 -5.59 -31.03
C PHE C 27 -57.18 -6.71 -30.52
N LEU C 28 -56.79 -7.95 -30.83
CA LEU C 28 -57.60 -9.11 -30.48
C LEU C 28 -57.59 -9.39 -28.97
N GLU C 29 -56.48 -9.06 -28.30
CA GLU C 29 -56.37 -9.29 -26.86
C GLU C 29 -57.24 -8.28 -26.10
N ASN C 30 -57.18 -7.03 -26.53
CA ASN C 30 -58.07 -5.99 -25.99
C ASN C 30 -59.53 -6.33 -26.25
N ALA C 31 -59.82 -6.82 -27.45
CA ALA C 31 -61.18 -7.22 -27.78
C ALA C 31 -61.66 -8.33 -26.86
N TYR C 32 -60.81 -9.33 -26.65
CA TYR C 32 -61.16 -10.47 -25.80
C TYR C 32 -61.48 -10.00 -24.38
N GLU C 33 -60.70 -9.05 -23.88
CA GLU C 33 -60.93 -8.46 -22.55
C GLU C 33 -62.30 -7.78 -22.46
N LYS C 34 -62.66 -7.00 -23.48
CA LYS C 34 -63.94 -6.28 -23.47
C LYS C 34 -65.15 -7.14 -23.86
N TYR C 35 -64.97 -8.07 -24.81
CA TYR C 35 -66.13 -8.72 -25.45
C TYR C 35 -66.27 -10.21 -25.18
N GLY C 36 -65.25 -10.84 -24.60
CA GLY C 36 -65.27 -12.28 -24.38
C GLY C 36 -64.74 -13.06 -25.58
N PRO C 37 -64.94 -14.39 -25.58
CA PRO C 37 -64.31 -15.32 -26.52
C PRO C 37 -64.84 -15.23 -27.95
N VAL C 38 -66.01 -14.63 -28.13
CA VAL C 38 -66.63 -14.54 -29.45
C VAL C 38 -67.11 -13.13 -29.75
N PHE C 39 -66.66 -12.58 -30.87
CA PHE C 39 -67.05 -11.24 -31.27
C PHE C 39 -66.84 -11.04 -32.77
N SER C 40 -67.49 -10.00 -33.29
CA SER C 40 -67.50 -9.73 -34.72
C SER C 40 -67.12 -8.29 -34.98
N PHE C 41 -66.58 -8.06 -36.17
CA PHE C 41 -66.24 -6.72 -36.61
C PHE C 41 -66.09 -6.77 -38.12
N THR C 42 -66.15 -5.61 -38.77
CA THR C 42 -65.81 -5.56 -40.17
C THR C 42 -64.45 -4.96 -40.41
N MET C 43 -63.94 -5.34 -41.56
CA MET C 43 -62.72 -4.83 -42.06
C MET C 43 -62.83 -4.88 -43.53
N VAL C 44 -62.47 -3.81 -44.18
CA VAL C 44 -62.41 -3.78 -45.61
C VAL C 44 -63.58 -4.40 -46.34
N GLY C 45 -64.78 -4.10 -45.92
CA GLY C 45 -65.99 -4.56 -46.60
C GLY C 45 -66.58 -5.87 -46.08
N LYS C 46 -65.80 -6.62 -45.31
CA LYS C 46 -66.20 -7.97 -44.91
C LYS C 46 -66.45 -8.05 -43.42
N THR C 47 -67.33 -8.97 -43.02
CA THR C 47 -67.61 -9.22 -41.61
C THR C 47 -66.91 -10.48 -41.12
N PHE C 48 -66.12 -10.32 -40.06
CA PHE C 48 -65.39 -11.45 -39.46
C PHE C 48 -65.83 -11.69 -38.02
N THR C 49 -65.98 -12.96 -37.67
CA THR C 49 -66.22 -13.34 -36.27
C THR C 49 -65.06 -14.18 -35.76
N TYR C 50 -64.46 -13.72 -34.66
CA TYR C 50 -63.33 -14.44 -34.06
C TYR C 50 -63.77 -15.40 -32.97
N LEU C 51 -62.98 -16.47 -32.80
CA LEU C 51 -63.18 -17.42 -31.71
C LEU C 51 -61.90 -17.51 -30.91
N LEU C 52 -61.90 -16.86 -29.75
CA LEU C 52 -60.70 -16.82 -28.91
C LEU C 52 -60.84 -17.74 -27.71
N GLY C 53 -59.76 -18.45 -27.42
CA GLY C 53 -59.74 -19.45 -26.36
C GLY C 53 -60.06 -20.83 -26.91
N SER C 54 -59.70 -21.85 -26.14
CA SER C 54 -59.83 -23.23 -26.58
C SER C 54 -61.28 -23.61 -26.82
N ASP C 55 -62.14 -23.20 -25.89
CA ASP C 55 -63.56 -23.57 -25.91
C ASP C 55 -64.26 -23.06 -27.15
N ALA C 56 -64.01 -21.80 -27.49
CA ALA C 56 -64.65 -21.18 -28.65
C ALA C 56 -64.07 -21.75 -29.95
N ALA C 57 -62.74 -21.85 -30.00
CA ALA C 57 -62.04 -22.26 -31.21
C ALA C 57 -62.43 -23.67 -31.64
N ALA C 58 -62.85 -24.49 -30.67
CA ALA C 58 -63.27 -25.86 -30.96
C ALA C 58 -64.35 -25.89 -32.04
N LEU C 59 -65.17 -24.84 -32.11
CA LEU C 59 -66.18 -24.76 -33.15
C LEU C 59 -65.54 -24.92 -34.52
N LEU C 60 -64.50 -24.13 -34.78
CA LEU C 60 -63.80 -24.18 -36.05
C LEU C 60 -63.05 -25.49 -36.20
N PHE C 61 -62.28 -25.85 -35.19
CA PHE C 61 -61.44 -27.04 -35.28
C PHE C 61 -62.22 -28.34 -35.41
N ASN C 62 -63.45 -28.37 -34.86
CA ASN C 62 -64.28 -29.58 -34.92
C ASN C 62 -65.24 -29.62 -36.12
N SER C 63 -65.40 -28.50 -36.80
CA SER C 63 -66.50 -28.36 -37.76
C SER C 63 -66.22 -29.13 -39.04
N LYS C 64 -67.32 -29.48 -39.72
CA LYS C 64 -67.25 -30.09 -41.03
C LYS C 64 -67.08 -29.00 -42.08
N ASN C 65 -66.34 -29.30 -43.14
CA ASN C 65 -66.04 -28.33 -44.18
C ASN C 65 -67.30 -27.88 -44.93
N GLU C 66 -68.34 -28.71 -44.88
CA GLU C 66 -69.63 -28.38 -45.46
C GLU C 66 -70.29 -27.21 -44.71
N ASP C 67 -69.96 -27.09 -43.43
CA ASP C 67 -70.53 -26.05 -42.57
C ASP C 67 -69.63 -24.83 -42.44
N LEU C 68 -68.38 -25.04 -42.03
CA LEU C 68 -67.38 -23.97 -42.04
C LEU C 68 -66.33 -24.28 -43.12
N ASN C 69 -66.38 -23.53 -44.21
CA ASN C 69 -65.75 -23.94 -45.45
C ASN C 69 -64.49 -23.14 -45.79
N ALA C 70 -63.43 -23.87 -46.18
CA ALA C 70 -62.13 -23.27 -46.43
C ALA C 70 -61.99 -22.73 -47.86
N GLU C 71 -62.47 -23.47 -48.86
CA GLU C 71 -62.34 -23.03 -50.26
C GLU C 71 -62.91 -21.63 -50.43
N ASP C 72 -64.05 -21.38 -49.82
CA ASP C 72 -64.76 -20.12 -50.00
C ASP C 72 -63.86 -18.94 -49.66
N VAL C 73 -62.95 -19.13 -48.70
CA VAL C 73 -62.05 -18.05 -48.31
C VAL C 73 -60.69 -18.11 -49.02
N TYR C 74 -60.20 -19.32 -49.32
CA TYR C 74 -58.82 -19.49 -49.75
C TYR C 74 -58.64 -19.68 -51.26
N SER C 75 -59.64 -20.30 -51.87
CA SER C 75 -59.52 -20.84 -53.24
C SER C 75 -59.08 -19.79 -54.26
N ARG C 76 -59.70 -18.62 -54.20
CA ARG C 76 -59.49 -17.55 -55.17
C ARG C 76 -57.99 -17.26 -55.32
N LEU C 77 -57.29 -17.29 -54.20
CA LEU C 77 -55.87 -16.93 -54.17
C LEU C 77 -54.95 -18.12 -54.40
N THR C 78 -55.28 -19.25 -53.79
CA THR C 78 -54.36 -20.38 -53.77
C THR C 78 -54.35 -21.13 -55.10
N THR C 79 -55.51 -21.19 -55.75
CA THR C 79 -55.64 -21.98 -56.98
C THR C 79 -54.70 -21.49 -58.08
N PRO C 80 -54.59 -20.17 -58.30
CA PRO C 80 -53.64 -19.73 -59.33
C PRO C 80 -52.18 -20.03 -58.97
N VAL C 81 -51.90 -20.21 -57.68
CA VAL C 81 -50.54 -20.45 -57.24
C VAL C 81 -50.23 -21.94 -57.23
N PHE C 82 -51.02 -22.71 -56.49
CA PHE C 82 -50.81 -24.16 -56.38
C PHE C 82 -51.18 -24.90 -57.66
N GLY C 83 -52.26 -24.47 -58.32
CA GLY C 83 -52.69 -25.08 -59.58
C GLY C 83 -54.05 -25.74 -59.50
N LYS C 84 -54.56 -26.16 -60.66
CA LYS C 84 -55.87 -26.80 -60.75
C LYS C 84 -55.79 -28.25 -60.24
N GLY C 85 -56.91 -28.75 -59.75
CA GLY C 85 -57.04 -30.17 -59.41
C GLY C 85 -56.39 -30.54 -58.09
N VAL C 86 -56.10 -29.53 -57.29
CA VAL C 86 -55.27 -29.70 -56.11
C VAL C 86 -55.75 -28.77 -55.00
N ALA C 87 -55.59 -29.20 -53.75
CA ALA C 87 -55.89 -28.36 -52.60
C ALA C 87 -57.33 -27.82 -52.66
N TYR C 88 -57.49 -26.50 -52.74
CA TYR C 88 -58.82 -25.89 -52.60
C TYR C 88 -59.55 -25.70 -53.93
N ASP C 89 -58.98 -26.25 -55.00
CA ASP C 89 -59.64 -26.19 -56.31
C ASP C 89 -60.56 -27.39 -56.52
N VAL C 90 -60.49 -28.35 -55.61
CA VAL C 90 -61.29 -29.57 -55.66
C VAL C 90 -62.13 -29.67 -54.39
N PRO C 91 -63.19 -30.51 -54.42
CA PRO C 91 -63.95 -30.76 -53.20
C PRO C 91 -63.07 -31.33 -52.09
N ASN C 92 -63.40 -30.99 -50.85
CA ASN C 92 -62.54 -31.30 -49.72
C ASN C 92 -62.19 -32.79 -49.60
N PRO C 93 -63.16 -33.69 -49.85
CA PRO C 93 -62.81 -35.11 -49.76
C PRO C 93 -61.65 -35.52 -50.66
N VAL C 94 -61.60 -34.96 -51.87
CA VAL C 94 -60.48 -35.22 -52.77
C VAL C 94 -59.17 -34.70 -52.16
N PHE C 95 -59.22 -33.49 -51.61
CA PHE C 95 -58.05 -32.91 -50.95
C PHE C 95 -57.58 -33.80 -49.79
N LEU C 96 -58.52 -34.38 -49.03
CA LEU C 96 -58.16 -35.25 -47.91
C LEU C 96 -57.41 -36.48 -48.39
N GLU C 97 -57.82 -37.03 -49.53
CA GLU C 97 -57.10 -38.13 -50.16
C GLU C 97 -55.69 -37.70 -50.57
N GLN C 98 -55.59 -36.53 -51.18
CA GLN C 98 -54.30 -35.95 -51.53
C GLN C 98 -53.41 -35.78 -50.31
N LYS C 99 -54.00 -35.37 -49.20
CA LYS C 99 -53.26 -35.23 -47.94
C LYS C 99 -52.81 -36.57 -47.38
N LYS C 100 -53.63 -37.61 -47.54
CA LYS C 100 -53.23 -38.95 -47.12
C LYS C 100 -52.06 -39.44 -47.95
N MET C 101 -52.14 -39.22 -49.25
CA MET C 101 -51.04 -39.54 -50.16
C MET C 101 -49.76 -38.86 -49.71
N LEU C 102 -49.82 -37.55 -49.50
CA LEU C 102 -48.65 -36.79 -49.06
C LEU C 102 -48.12 -37.33 -47.73
N LYS C 103 -49.02 -37.64 -46.82
CA LYS C 103 -48.67 -38.20 -45.50
C LYS C 103 -47.83 -39.47 -45.63
N SER C 104 -48.28 -40.39 -46.47
CA SER C 104 -47.57 -41.66 -46.69
C SER C 104 -46.14 -41.43 -47.16
N GLY C 105 -45.92 -40.28 -47.80
CA GLY C 105 -44.59 -39.90 -48.26
C GLY C 105 -43.71 -39.30 -47.18
N LEU C 106 -44.32 -38.76 -46.13
CA LEU C 106 -43.57 -38.15 -45.03
C LEU C 106 -43.32 -39.17 -43.93
N ASN C 107 -42.54 -40.20 -44.26
CA ASN C 107 -42.31 -41.31 -43.34
C ASN C 107 -40.88 -41.33 -42.84
N ILE C 108 -40.62 -42.27 -41.93
CA ILE C 108 -39.33 -42.37 -41.28
C ILE C 108 -38.23 -42.78 -42.27
N ALA C 109 -38.58 -43.68 -43.18
CA ALA C 109 -37.63 -44.09 -44.22
C ALA C 109 -37.05 -42.84 -44.87
N HIS C 110 -37.94 -41.95 -45.30
CA HIS C 110 -37.54 -40.72 -45.98
C HIS C 110 -36.90 -39.70 -45.04
N PHE C 111 -37.44 -39.56 -43.82
CA PHE C 111 -36.83 -38.67 -42.83
C PHE C 111 -35.38 -39.04 -42.55
N LYS C 112 -35.08 -40.34 -42.60
CA LYS C 112 -33.72 -40.82 -42.29
C LYS C 112 -32.71 -40.30 -43.31
N GLN C 113 -33.14 -40.23 -44.57
CA GLN C 113 -32.35 -39.61 -45.63
C GLN C 113 -32.26 -38.10 -45.48
N HIS C 114 -33.37 -37.47 -45.09
CA HIS C 114 -33.45 -36.01 -45.02
C HIS C 114 -32.42 -35.44 -44.05
N VAL C 115 -32.28 -36.06 -42.90
CA VAL C 115 -31.39 -35.55 -41.86
C VAL C 115 -30.01 -35.27 -42.42
N SER C 116 -29.43 -36.26 -43.08
CA SER C 116 -28.07 -36.12 -43.61
C SER C 116 -28.02 -35.18 -44.82
N ILE C 117 -29.02 -35.25 -45.70
CA ILE C 117 -29.17 -34.24 -46.75
C ILE C 117 -29.14 -32.83 -46.17
N ILE C 118 -29.97 -32.60 -45.15
CA ILE C 118 -30.19 -31.26 -44.61
C ILE C 118 -28.95 -30.77 -43.85
N GLU C 119 -28.33 -31.68 -43.10
CA GLU C 119 -27.08 -31.38 -42.41
C GLU C 119 -26.04 -30.94 -43.43
N LYS C 120 -25.98 -31.66 -44.55
CA LYS C 120 -25.02 -31.36 -45.61
C LYS C 120 -25.26 -29.97 -46.19
N GLU C 121 -26.49 -29.72 -46.62
CA GLU C 121 -26.89 -28.43 -47.18
C GLU C 121 -26.56 -27.27 -46.25
N THR C 122 -26.76 -27.48 -44.95
CA THR C 122 -26.55 -26.42 -43.96
C THR C 122 -25.07 -26.09 -43.82
N LYS C 123 -24.24 -27.13 -43.67
CA LYS C 123 -22.78 -26.93 -43.57
C LYS C 123 -22.27 -26.22 -44.82
N GLU C 124 -22.72 -26.68 -45.97
CA GLU C 124 -22.32 -26.08 -47.23
C GLU C 124 -22.81 -24.64 -47.34
N TYR C 125 -24.08 -24.40 -47.02
CA TYR C 125 -24.60 -23.03 -47.08
C TYR C 125 -23.82 -22.06 -46.18
N PHE C 126 -23.53 -22.47 -44.95
CA PHE C 126 -22.98 -21.55 -43.96
C PHE C 126 -21.46 -21.39 -44.05
N GLU C 127 -20.83 -22.13 -44.96
CA GLU C 127 -19.40 -21.92 -45.23
C GLU C 127 -19.14 -20.47 -45.64
N SER C 128 -20.09 -19.89 -46.35
CA SER C 128 -19.98 -18.51 -46.81
C SER C 128 -20.10 -17.48 -45.68
N TRP C 129 -20.39 -17.94 -44.47
CA TRP C 129 -20.55 -17.03 -43.33
C TRP C 129 -19.23 -16.76 -42.61
N GLY C 130 -18.21 -17.56 -42.92
CA GLY C 130 -16.88 -17.35 -42.36
C GLY C 130 -16.78 -17.67 -40.87
N GLU C 131 -15.87 -16.99 -40.18
CA GLU C 131 -15.57 -17.30 -38.79
C GLU C 131 -16.40 -16.47 -37.80
N SER C 132 -16.75 -15.26 -38.20
CA SER C 132 -17.65 -14.43 -37.40
C SER C 132 -18.27 -13.31 -38.23
N GLY C 133 -19.19 -12.57 -37.62
CA GLY C 133 -19.76 -11.40 -38.26
C GLY C 133 -21.15 -11.00 -37.81
N GLU C 134 -21.75 -10.10 -38.59
CA GLU C 134 -23.11 -9.64 -38.36
C GLU C 134 -23.90 -9.71 -39.66
N LYS C 135 -24.77 -10.71 -39.77
CA LYS C 135 -25.52 -10.95 -41.00
C LYS C 135 -27.02 -11.17 -40.77
N ASN C 136 -27.76 -11.16 -41.87
CA ASN C 136 -29.20 -11.37 -41.84
C ASN C 136 -29.53 -12.85 -41.85
N VAL C 137 -29.89 -13.37 -40.68
CA VAL C 137 -30.16 -14.78 -40.52
C VAL C 137 -31.47 -15.22 -41.19
N PHE C 138 -32.47 -14.34 -41.26
CA PHE C 138 -33.72 -14.69 -41.94
C PHE C 138 -33.52 -14.88 -43.44
N GLU C 139 -32.84 -13.93 -44.07
CA GLU C 139 -32.50 -14.05 -45.48
C GLU C 139 -31.70 -15.34 -45.72
N ALA C 140 -30.75 -15.62 -44.84
CA ALA C 140 -29.94 -16.83 -44.93
C ALA C 140 -30.79 -18.10 -44.82
N LEU C 141 -31.63 -18.17 -43.78
CA LEU C 141 -32.45 -19.35 -43.53
C LEU C 141 -33.44 -19.64 -44.65
N SER C 142 -34.08 -18.60 -45.20
CA SER C 142 -35.03 -18.80 -46.29
C SER C 142 -34.33 -19.27 -47.56
N GLU C 143 -33.15 -18.72 -47.82
CA GLU C 143 -32.32 -19.19 -48.94
C GLU C 143 -31.93 -20.65 -48.76
N LEU C 144 -31.60 -21.03 -47.53
CA LEU C 144 -31.20 -22.40 -47.26
C LEU C 144 -32.38 -23.38 -47.33
N ILE C 145 -33.52 -22.96 -46.79
CA ILE C 145 -34.65 -23.86 -46.62
C ILE C 145 -35.30 -24.20 -47.96
N ILE C 146 -35.21 -23.28 -48.91
CA ILE C 146 -35.72 -23.55 -50.25
C ILE C 146 -34.91 -24.68 -50.87
N LEU C 147 -33.62 -24.71 -50.53
CA LEU C 147 -32.74 -25.79 -50.99
C LEU C 147 -33.07 -27.09 -50.27
N THR C 148 -33.12 -27.06 -48.94
CA THR C 148 -33.35 -28.28 -48.16
C THR C 148 -34.73 -28.87 -48.42
N ALA C 149 -35.76 -28.03 -48.40
CA ALA C 149 -37.12 -28.48 -48.63
C ALA C 149 -37.28 -29.03 -50.05
N SER C 150 -36.68 -28.34 -51.01
CA SER C 150 -36.69 -28.81 -52.38
C SER C 150 -35.92 -30.13 -52.49
N HIS C 151 -34.77 -30.19 -51.83
CA HIS C 151 -33.95 -31.41 -51.85
C HIS C 151 -34.71 -32.60 -51.28
N CYS C 152 -35.29 -32.42 -50.09
CA CYS C 152 -35.98 -33.51 -49.40
C CYS C 152 -37.33 -33.85 -50.06
N LEU C 153 -38.08 -32.83 -50.46
CA LEU C 153 -39.48 -33.03 -50.87
C LEU C 153 -39.60 -33.25 -52.38
N HIS C 154 -38.68 -32.65 -53.13
CA HIS C 154 -38.72 -32.74 -54.59
C HIS C 154 -37.78 -33.82 -55.12
N GLY C 155 -36.63 -33.96 -54.48
CA GLY C 155 -35.63 -34.94 -54.90
C GLY C 155 -34.42 -34.28 -55.53
N LYS C 156 -33.40 -35.09 -55.76
CA LYS C 156 -32.09 -34.60 -56.19
C LYS C 156 -32.10 -33.96 -57.59
N GLU C 157 -32.80 -34.58 -58.53
CA GLU C 157 -32.87 -34.09 -59.91
C GLU C 157 -33.39 -32.66 -59.92
N ILE C 158 -34.53 -32.46 -59.27
CA ILE C 158 -35.16 -31.15 -59.23
C ILE C 158 -34.33 -30.19 -58.41
N ARG C 159 -33.77 -30.69 -57.32
CA ARG C 159 -32.96 -29.86 -56.44
C ARG C 159 -31.75 -29.31 -57.20
N SER C 160 -31.26 -30.11 -58.15
CA SER C 160 -30.10 -29.76 -58.96
C SER C 160 -30.39 -28.57 -59.85
N GLN C 161 -31.65 -28.45 -60.23
CA GLN C 161 -32.12 -27.43 -61.16
C GLN C 161 -32.39 -26.10 -60.46
N LEU C 162 -32.30 -26.06 -59.14
CA LEU C 162 -32.69 -24.87 -58.38
C LEU C 162 -31.60 -23.80 -58.38
N ASN C 163 -31.54 -23.04 -59.46
CA ASN C 163 -30.71 -21.84 -59.55
C ASN C 163 -31.51 -20.59 -59.18
N GLU C 164 -30.88 -19.42 -59.30
CA GLU C 164 -31.52 -18.16 -58.90
C GLU C 164 -32.71 -17.81 -59.80
N LYS C 165 -32.67 -18.28 -61.04
CA LYS C 165 -33.79 -18.13 -61.94
C LYS C 165 -35.01 -18.88 -61.36
N VAL C 166 -34.78 -20.09 -60.86
CA VAL C 166 -35.85 -20.89 -60.27
C VAL C 166 -36.29 -20.36 -58.91
N ALA C 167 -35.33 -19.95 -58.07
CA ALA C 167 -35.67 -19.34 -56.78
C ALA C 167 -36.52 -18.11 -56.98
N GLN C 168 -36.27 -17.40 -58.07
CA GLN C 168 -37.01 -16.19 -58.42
C GLN C 168 -38.43 -16.53 -58.87
N LEU C 169 -38.59 -17.63 -59.58
CA LEU C 169 -39.92 -18.09 -60.00
C LEU C 169 -40.80 -18.39 -58.80
N TYR C 170 -40.22 -19.04 -57.79
CA TYR C 170 -40.93 -19.31 -56.56
C TYR C 170 -41.39 -18.02 -55.87
N ALA C 171 -40.51 -17.01 -55.86
CA ALA C 171 -40.85 -15.70 -55.32
C ALA C 171 -42.05 -15.10 -56.06
N ASP C 172 -42.04 -15.20 -57.38
CA ASP C 172 -43.15 -14.72 -58.19
C ASP C 172 -44.45 -15.41 -57.79
N LEU C 173 -44.37 -16.69 -57.45
CA LEU C 173 -45.52 -17.44 -56.97
C LEU C 173 -46.04 -16.92 -55.64
N ASP C 174 -45.12 -16.66 -54.71
CA ASP C 174 -45.50 -16.10 -53.42
C ASP C 174 -46.28 -14.81 -53.65
N GLY C 175 -45.90 -14.08 -54.68
CA GLY C 175 -46.48 -12.77 -54.97
C GLY C 175 -47.98 -12.83 -55.21
N GLY C 176 -48.48 -14.01 -55.56
CA GLY C 176 -49.91 -14.22 -55.75
C GLY C 176 -50.72 -14.07 -54.47
N PHE C 177 -50.05 -14.16 -53.32
CA PHE C 177 -50.71 -13.99 -52.03
C PHE C 177 -50.56 -12.57 -51.52
N SER C 178 -51.03 -11.60 -52.30
CA SER C 178 -50.85 -10.21 -51.93
C SER C 178 -52.20 -9.56 -51.62
N HIS C 179 -52.15 -8.45 -50.90
CA HIS C 179 -53.35 -7.67 -50.62
C HIS C 179 -54.07 -7.29 -51.91
N ALA C 180 -53.29 -7.05 -52.96
CA ALA C 180 -53.82 -6.71 -54.27
C ALA C 180 -54.69 -7.83 -54.84
N ALA C 181 -54.20 -9.07 -54.78
CA ALA C 181 -54.92 -10.21 -55.32
C ALA C 181 -56.17 -10.53 -54.51
N TRP C 182 -56.12 -10.25 -53.23
CA TRP C 182 -57.28 -10.41 -52.35
C TRP C 182 -58.31 -9.33 -52.66
N LEU C 183 -57.84 -8.10 -52.84
CA LEU C 183 -58.71 -6.94 -52.94
C LEU C 183 -59.28 -6.77 -54.35
N LEU C 184 -58.47 -7.05 -55.36
CA LEU C 184 -58.81 -6.68 -56.75
C LEU C 184 -59.21 -7.88 -57.61
N PRO C 185 -60.02 -7.62 -58.65
CA PRO C 185 -60.41 -8.66 -59.59
C PRO C 185 -59.21 -9.21 -60.38
N GLY C 186 -59.22 -10.51 -60.61
CA GLY C 186 -58.09 -11.18 -61.24
C GLY C 186 -57.87 -10.81 -62.69
N TRP C 187 -58.83 -10.13 -63.30
CA TRP C 187 -58.72 -9.78 -64.72
C TRP C 187 -57.92 -8.51 -64.97
N LEU C 188 -57.58 -7.78 -63.91
CA LEU C 188 -56.65 -6.66 -64.02
C LEU C 188 -55.27 -7.19 -64.38
N PRO C 189 -54.64 -6.61 -65.42
CA PRO C 189 -53.31 -7.05 -65.83
C PRO C 189 -52.19 -6.49 -64.96
N LEU C 190 -52.31 -6.68 -63.65
CA LEU C 190 -51.25 -6.28 -62.73
C LEU C 190 -50.02 -7.15 -62.96
N PRO C 191 -48.82 -6.54 -62.91
CA PRO C 191 -47.59 -7.28 -63.15
C PRO C 191 -47.43 -8.49 -62.24
N SER C 192 -47.80 -8.34 -60.98
CA SER C 192 -47.64 -9.42 -60.02
C SER C 192 -48.57 -10.60 -60.36
N PHE C 193 -49.75 -10.31 -60.90
CA PHE C 193 -50.65 -11.37 -61.37
C PHE C 193 -49.99 -12.14 -62.52
N ARG C 194 -49.35 -11.41 -63.42
CA ARG C 194 -48.76 -12.01 -64.62
C ARG C 194 -47.48 -12.77 -64.33
N ARG C 195 -46.68 -12.26 -63.41
CA ARG C 195 -45.48 -12.98 -62.97
C ARG C 195 -45.89 -14.30 -62.32
N ARG C 196 -46.89 -14.21 -61.46
CA ARG C 196 -47.42 -15.41 -60.81
C ARG C 196 -47.83 -16.44 -61.86
N ASP C 197 -48.62 -16.01 -62.83
CA ASP C 197 -49.16 -16.93 -63.83
C ASP C 197 -48.08 -17.51 -64.73
N ARG C 198 -47.08 -16.68 -65.02
CA ARG C 198 -45.93 -17.09 -65.85
C ARG C 198 -45.01 -18.05 -65.07
N ALA C 199 -44.77 -17.73 -63.81
CA ALA C 199 -43.91 -18.57 -62.97
C ALA C 199 -44.59 -19.90 -62.67
N HIS C 200 -45.91 -19.89 -62.57
CA HIS C 200 -46.66 -21.13 -62.35
C HIS C 200 -46.44 -22.08 -63.52
N ARG C 201 -46.58 -21.56 -64.73
CA ARG C 201 -46.40 -22.38 -65.94
C ARG C 201 -44.97 -22.91 -66.02
N GLU C 202 -44.01 -22.02 -65.81
CA GLU C 202 -42.62 -22.37 -66.02
C GLU C 202 -42.15 -23.40 -65.01
N ILE C 203 -42.63 -23.31 -63.78
CA ILE C 203 -42.31 -24.28 -62.75
C ILE C 203 -42.98 -25.63 -63.02
N LYS C 204 -44.20 -25.61 -63.54
CA LYS C 204 -44.89 -26.84 -63.91
C LYS C 204 -44.09 -27.60 -64.97
N ASP C 205 -43.60 -26.87 -65.98
CA ASP C 205 -42.78 -27.47 -67.04
C ASP C 205 -41.51 -28.11 -66.48
N ILE C 206 -40.85 -27.43 -65.54
CA ILE C 206 -39.68 -28.02 -64.89
C ILE C 206 -40.08 -29.32 -64.21
N PHE C 207 -41.20 -29.30 -63.49
CA PHE C 207 -41.70 -30.50 -62.82
C PHE C 207 -42.14 -31.54 -63.84
N TYR C 208 -42.82 -31.10 -64.90
CA TYR C 208 -43.27 -32.03 -65.93
C TYR C 208 -42.11 -32.85 -66.48
N LYS C 209 -40.99 -32.18 -66.78
CA LYS C 209 -39.82 -32.86 -67.36
C LYS C 209 -39.26 -33.90 -66.39
N ALA C 210 -39.17 -33.53 -65.12
CA ALA C 210 -38.60 -34.41 -64.10
C ALA C 210 -39.55 -35.56 -63.78
N ILE C 211 -40.85 -35.30 -63.87
CA ILE C 211 -41.86 -36.33 -63.66
C ILE C 211 -41.79 -37.37 -64.77
N GLN C 212 -41.63 -36.90 -66.00
CA GLN C 212 -41.57 -37.77 -67.17
C GLN C 212 -40.26 -38.56 -67.24
N LYS C 213 -39.16 -37.93 -66.83
CA LYS C 213 -37.86 -38.60 -66.78
C LYS C 213 -37.88 -39.74 -65.77
N ARG C 214 -38.61 -39.52 -64.67
CA ARG C 214 -38.67 -40.50 -63.58
C ARG C 214 -39.52 -41.70 -63.93
N ARG C 215 -40.68 -41.43 -64.51
CA ARG C 215 -41.65 -42.47 -64.84
C ARG C 215 -41.02 -43.51 -65.74
N GLN C 216 -40.11 -43.04 -66.60
CA GLN C 216 -39.51 -43.87 -67.63
C GLN C 216 -38.16 -44.43 -67.20
N SER C 217 -37.68 -43.99 -66.03
CA SER C 217 -36.43 -44.50 -65.49
C SER C 217 -36.60 -45.95 -65.03
N GLN C 218 -35.52 -46.71 -65.06
CA GLN C 218 -35.48 -48.02 -64.43
C GLN C 218 -34.96 -47.88 -63.01
N GLU C 219 -34.22 -46.81 -62.82
CA GLU C 219 -33.70 -46.60 -61.53
C GLU C 219 -34.95 -46.46 -60.67
N LYS C 220 -35.07 -47.39 -59.74
CA LYS C 220 -36.08 -47.35 -58.67
C LYS C 220 -35.59 -46.48 -57.52
N ILE C 221 -36.12 -45.26 -57.42
CA ILE C 221 -35.74 -44.35 -56.34
C ILE C 221 -36.82 -44.29 -55.27
N ASP C 222 -36.40 -44.32 -54.00
CA ASP C 222 -37.33 -44.27 -52.87
C ASP C 222 -37.34 -42.89 -52.22
N ASP C 223 -38.11 -41.98 -52.80
CA ASP C 223 -38.32 -40.64 -52.23
C ASP C 223 -39.78 -40.21 -52.37
N ILE C 224 -40.06 -38.96 -52.02
CA ILE C 224 -41.44 -38.47 -51.94
C ILE C 224 -42.08 -38.35 -53.33
N LEU C 225 -41.29 -37.96 -54.32
CA LEU C 225 -41.78 -37.93 -55.69
C LEU C 225 -42.32 -39.29 -56.11
N GLN C 226 -41.56 -40.34 -55.81
CA GLN C 226 -41.95 -41.71 -56.17
C GLN C 226 -43.26 -42.10 -55.50
N THR C 227 -43.39 -41.77 -54.22
CA THR C 227 -44.62 -42.04 -53.49
C THR C 227 -45.81 -41.50 -54.28
N LEU C 228 -45.65 -40.31 -54.85
CA LEU C 228 -46.73 -39.65 -55.57
C LEU C 228 -46.99 -40.28 -56.93
N LEU C 229 -45.93 -40.70 -57.61
CA LEU C 229 -46.09 -41.36 -58.90
C LEU C 229 -46.72 -42.75 -58.74
N ASP C 230 -46.50 -43.37 -57.59
CA ASP C 230 -47.04 -44.70 -57.29
C ASP C 230 -48.41 -44.60 -56.60
N ALA C 231 -48.77 -43.39 -56.19
CA ALA C 231 -49.96 -43.18 -55.38
C ALA C 231 -51.22 -43.43 -56.19
N THR C 232 -52.33 -43.65 -55.49
CA THR C 232 -53.59 -43.96 -56.13
C THR C 232 -54.76 -43.52 -55.24
N TYR C 233 -55.76 -42.91 -55.87
CA TYR C 233 -57.00 -42.58 -55.17
C TYR C 233 -57.79 -43.84 -54.81
N LYS C 234 -58.86 -43.66 -54.05
CA LYS C 234 -59.80 -44.75 -53.77
C LYS C 234 -60.43 -45.27 -55.06
N ASP C 235 -60.56 -44.40 -56.06
CA ASP C 235 -60.94 -44.80 -57.41
C ASP C 235 -60.09 -45.97 -57.89
N GLY C 236 -58.82 -45.95 -57.50
CA GLY C 236 -57.79 -46.75 -58.16
C GLY C 236 -57.02 -45.88 -59.13
N ARG C 237 -57.58 -44.72 -59.44
CA ARG C 237 -56.96 -43.76 -60.37
C ARG C 237 -55.66 -43.18 -59.81
N PRO C 238 -54.59 -43.22 -60.62
CA PRO C 238 -53.32 -42.59 -60.24
C PRO C 238 -53.28 -41.09 -60.55
N LEU C 239 -52.35 -40.38 -59.94
CA LEU C 239 -52.22 -38.93 -60.14
C LEU C 239 -51.74 -38.63 -61.55
N THR C 240 -52.35 -37.63 -62.19
CA THR C 240 -51.81 -37.07 -63.42
C THR C 240 -50.52 -36.29 -63.14
N ASP C 241 -49.79 -35.97 -64.19
CA ASP C 241 -48.59 -35.15 -64.09
C ASP C 241 -48.91 -33.81 -63.43
N ASP C 242 -50.06 -33.24 -63.80
CA ASP C 242 -50.43 -31.91 -63.33
C ASP C 242 -50.81 -31.89 -61.86
N GLU C 243 -51.53 -32.92 -61.42
CA GLU C 243 -51.84 -33.08 -60.00
C GLU C 243 -50.55 -33.21 -59.20
N VAL C 244 -49.63 -34.04 -59.69
CA VAL C 244 -48.36 -34.25 -59.00
C VAL C 244 -47.58 -32.94 -58.93
N ALA C 245 -47.52 -32.24 -60.06
CA ALA C 245 -46.77 -31.00 -60.16
C ALA C 245 -47.32 -29.95 -59.21
N GLY C 246 -48.64 -29.90 -59.09
CA GLY C 246 -49.31 -28.99 -58.15
C GLY C 246 -48.98 -29.30 -56.71
N MET C 247 -48.91 -30.59 -56.39
CA MET C 247 -48.60 -31.03 -55.03
C MET C 247 -47.14 -30.74 -54.67
N LEU C 248 -46.26 -30.78 -55.67
CA LEU C 248 -44.86 -30.41 -55.47
C LEU C 248 -44.70 -28.92 -55.14
N ILE C 249 -45.41 -28.07 -55.88
CA ILE C 249 -45.39 -26.63 -55.59
C ILE C 249 -45.85 -26.37 -54.16
N GLY C 250 -47.02 -26.91 -53.83
CA GLY C 250 -47.57 -26.80 -52.48
C GLY C 250 -46.61 -27.29 -51.42
N LEU C 251 -45.97 -28.43 -51.70
CA LEU C 251 -44.98 -28.98 -50.78
C LEU C 251 -43.87 -27.99 -50.51
N LEU C 252 -43.41 -27.32 -51.56
CA LEU C 252 -42.32 -26.38 -51.39
C LEU C 252 -42.76 -25.16 -50.58
N LEU C 253 -43.90 -24.59 -50.97
CA LEU C 253 -44.36 -23.34 -50.35
C LEU C 253 -44.63 -23.53 -48.86
N ALA C 254 -45.28 -24.65 -48.52
CA ALA C 254 -45.54 -25.00 -47.12
C ALA C 254 -44.23 -25.27 -46.38
N GLY C 255 -43.33 -25.96 -47.06
CA GLY C 255 -42.09 -26.41 -46.43
C GLY C 255 -41.12 -25.28 -46.18
N GLN C 256 -41.28 -24.16 -46.89
CA GLN C 256 -40.26 -23.12 -46.88
C GLN C 256 -40.49 -22.07 -45.79
N HIS C 257 -41.47 -21.19 -45.98
CA HIS C 257 -41.54 -19.98 -45.17
C HIS C 257 -41.96 -20.24 -43.73
N THR C 258 -42.79 -21.26 -43.51
CA THR C 258 -43.17 -21.63 -42.15
C THR C 258 -41.96 -22.07 -41.32
N SER C 259 -41.02 -22.75 -41.97
CA SER C 259 -39.79 -23.14 -41.28
C SER C 259 -38.77 -22.01 -41.22
N SER C 260 -38.71 -21.18 -42.26
CA SER C 260 -37.68 -20.15 -42.32
C SER C 260 -37.95 -19.03 -41.31
N THR C 261 -39.20 -18.56 -41.24
CA THR C 261 -39.57 -17.56 -40.24
C THR C 261 -39.44 -18.13 -38.84
N THR C 262 -39.92 -19.36 -38.64
CA THR C 262 -39.86 -19.98 -37.32
C THR C 262 -38.40 -20.18 -36.88
N SER C 263 -37.58 -20.69 -37.79
CA SER C 263 -36.16 -20.87 -37.50
C SER C 263 -35.44 -19.55 -37.19
N ALA C 264 -35.87 -18.45 -37.82
CA ALA C 264 -35.26 -17.14 -37.55
C ALA C 264 -35.59 -16.61 -36.17
N TRP C 265 -36.85 -16.73 -35.77
CA TRP C 265 -37.28 -16.28 -34.45
C TRP C 265 -36.56 -17.04 -33.32
N MET C 266 -36.43 -18.35 -33.45
CA MET C 266 -35.71 -19.13 -32.43
C MET C 266 -34.27 -18.64 -32.29
N GLY C 267 -33.65 -18.30 -33.41
CA GLY C 267 -32.31 -17.75 -33.42
C GLY C 267 -32.17 -16.54 -32.51
N PHE C 268 -33.16 -15.66 -32.55
CA PHE C 268 -33.12 -14.45 -31.72
C PHE C 268 -33.54 -14.72 -30.28
N PHE C 269 -34.46 -15.65 -30.09
CA PHE C 269 -34.78 -16.11 -28.74
C PHE C 269 -33.54 -16.71 -28.09
N LEU C 270 -32.81 -17.53 -28.84
CA LEU C 270 -31.60 -18.19 -28.33
C LEU C 270 -30.41 -17.24 -28.25
N ALA C 271 -30.40 -16.21 -29.09
CA ALA C 271 -29.40 -15.15 -28.97
C ALA C 271 -29.66 -14.27 -27.74
N ARG C 272 -30.94 -14.08 -27.41
CA ARG C 272 -31.31 -13.25 -26.26
C ARG C 272 -31.05 -13.98 -24.94
N ASP C 273 -31.32 -15.28 -24.94
CA ASP C 273 -31.14 -16.11 -23.75
C ASP C 273 -29.91 -17.00 -23.89
N LYS C 274 -28.75 -16.46 -23.53
CA LYS C 274 -27.47 -17.12 -23.81
C LYS C 274 -27.28 -18.44 -23.05
N THR C 275 -27.71 -18.51 -21.79
CA THR C 275 -27.53 -19.76 -21.05
C THR C 275 -28.34 -20.86 -21.72
N LEU C 276 -29.55 -20.54 -22.16
CA LEU C 276 -30.37 -21.48 -22.89
C LEU C 276 -29.68 -21.95 -24.18
N GLN C 277 -29.11 -21.00 -24.92
CA GLN C 277 -28.37 -21.35 -26.13
C GLN C 277 -27.22 -22.29 -25.79
N LYS C 278 -26.50 -21.97 -24.73
CA LYS C 278 -25.40 -22.81 -24.28
C LYS C 278 -25.90 -24.22 -23.97
N LYS C 279 -26.95 -24.33 -23.18
CA LYS C 279 -27.50 -25.63 -22.79
C LYS C 279 -27.89 -26.46 -24.02
N CYS C 280 -28.44 -25.80 -25.03
CA CYS C 280 -28.82 -26.48 -26.27
C CYS C 280 -27.61 -27.13 -26.92
N TYR C 281 -26.48 -26.42 -26.90
CA TYR C 281 -25.24 -26.92 -27.45
C TYR C 281 -24.73 -28.11 -26.65
N LEU C 282 -24.71 -27.95 -25.34
CA LEU C 282 -24.26 -29.02 -24.44
C LEU C 282 -25.10 -30.27 -24.67
N GLU C 283 -26.39 -30.08 -24.92
CA GLU C 283 -27.29 -31.19 -25.20
C GLU C 283 -26.85 -31.97 -26.45
N GLN C 284 -26.36 -31.24 -27.45
CA GLN C 284 -25.82 -31.87 -28.66
C GLN C 284 -24.72 -32.87 -28.29
N LYS C 285 -23.74 -32.38 -27.53
CA LYS C 285 -22.61 -33.19 -27.09
C LYS C 285 -23.08 -34.39 -26.28
N THR C 286 -23.96 -34.13 -25.31
CA THR C 286 -24.49 -35.17 -24.43
C THR C 286 -25.20 -36.29 -25.19
N VAL C 287 -26.06 -35.91 -26.13
CA VAL C 287 -26.91 -36.88 -26.83
C VAL C 287 -26.15 -37.57 -27.96
N CYS C 288 -25.32 -36.80 -28.65
CA CYS C 288 -24.71 -37.26 -29.91
C CYS C 288 -23.26 -37.70 -29.72
N GLY C 289 -22.68 -37.33 -28.58
CA GLY C 289 -21.29 -37.63 -28.31
C GLY C 289 -20.42 -36.38 -28.37
N GLU C 290 -19.36 -36.38 -27.58
CA GLU C 290 -18.49 -35.21 -27.41
C GLU C 290 -17.75 -34.87 -28.72
N ASN C 291 -17.56 -35.87 -29.57
CA ASN C 291 -16.91 -35.68 -30.87
C ASN C 291 -17.84 -35.07 -31.91
N LEU C 292 -19.13 -35.08 -31.60
CA LEU C 292 -20.18 -34.53 -32.48
C LEU C 292 -20.12 -35.10 -33.90
N PRO C 293 -20.55 -36.37 -34.05
CA PRO C 293 -20.63 -37.06 -35.34
C PRO C 293 -21.79 -36.56 -36.20
N PRO C 294 -21.91 -37.08 -37.43
CA PRO C 294 -23.05 -36.77 -38.29
C PRO C 294 -24.40 -37.07 -37.64
N LEU C 295 -25.37 -36.18 -37.86
CA LEU C 295 -26.69 -36.33 -37.28
C LEU C 295 -27.47 -37.47 -37.91
N THR C 296 -28.28 -38.14 -37.09
CA THR C 296 -29.18 -39.18 -37.56
C THR C 296 -30.59 -38.93 -37.05
N TYR C 297 -31.58 -39.49 -37.74
CA TYR C 297 -32.97 -39.35 -37.33
C TYR C 297 -33.19 -39.88 -35.92
N ASP C 298 -32.63 -41.04 -35.63
CA ASP C 298 -32.85 -41.70 -34.34
C ASP C 298 -32.44 -40.80 -33.18
N GLN C 299 -31.50 -39.89 -33.45
CA GLN C 299 -30.94 -39.00 -32.42
C GLN C 299 -31.86 -37.83 -32.08
N LEU C 300 -32.60 -37.36 -33.08
CA LEU C 300 -33.38 -36.13 -32.96
C LEU C 300 -34.36 -36.23 -31.78
N LYS C 301 -35.00 -37.39 -31.64
CA LYS C 301 -36.01 -37.57 -30.61
C LYS C 301 -35.48 -37.30 -29.19
N ASP C 302 -34.17 -37.38 -29.04
CA ASP C 302 -33.55 -37.20 -27.72
C ASP C 302 -33.05 -35.77 -27.52
N LEU C 303 -33.15 -34.96 -28.58
CA LEU C 303 -32.85 -33.53 -28.48
C LEU C 303 -34.05 -32.79 -27.91
N ASN C 304 -34.28 -32.99 -26.61
CA ASN C 304 -35.51 -32.58 -25.96
C ASN C 304 -35.57 -31.08 -25.67
N LEU C 305 -34.46 -30.50 -25.23
CA LEU C 305 -34.42 -29.06 -24.98
C LEU C 305 -34.64 -28.31 -26.30
N LEU C 306 -33.97 -28.77 -27.35
CA LEU C 306 -34.16 -28.20 -28.69
C LEU C 306 -35.60 -28.36 -29.15
N ASP C 307 -36.17 -29.54 -28.89
CA ASP C 307 -37.57 -29.80 -29.21
C ASP C 307 -38.47 -28.76 -28.55
N ARG C 308 -38.26 -28.55 -27.26
CA ARG C 308 -39.04 -27.59 -26.49
C ARG C 308 -38.82 -26.15 -26.94
N CYS C 309 -37.62 -25.85 -27.43
CA CYS C 309 -37.31 -24.51 -27.91
C CYS C 309 -38.06 -24.20 -29.20
N ILE C 310 -38.14 -25.21 -30.08
CA ILE C 310 -38.95 -25.10 -31.29
C ILE C 310 -40.43 -24.98 -30.91
N LYS C 311 -40.86 -25.81 -29.97
CA LYS C 311 -42.24 -25.79 -29.49
C LYS C 311 -42.61 -24.43 -28.91
N GLU C 312 -41.68 -23.82 -28.20
CA GLU C 312 -41.90 -22.52 -27.57
C GLU C 312 -41.84 -21.39 -28.59
N THR C 313 -41.02 -21.55 -29.62
CA THR C 313 -40.98 -20.56 -30.69
C THR C 313 -42.29 -20.57 -31.47
N LEU C 314 -42.83 -21.76 -31.70
CA LEU C 314 -44.11 -21.88 -32.41
C LEU C 314 -45.24 -21.33 -31.57
N ARG C 315 -45.04 -21.34 -30.25
CA ARG C 315 -46.04 -20.82 -29.32
C ARG C 315 -46.17 -19.30 -29.42
N LEU C 316 -45.03 -18.61 -29.45
CA LEU C 316 -45.00 -17.15 -29.45
C LEU C 316 -44.97 -16.55 -30.86
N ARG C 317 -44.49 -17.33 -31.82
CA ARG C 317 -44.34 -16.85 -33.19
C ARG C 317 -44.81 -17.90 -34.20
N PRO C 318 -46.08 -18.31 -34.11
CA PRO C 318 -46.57 -19.26 -35.11
C PRO C 318 -46.65 -18.63 -36.50
N PRO C 319 -46.11 -19.31 -37.52
CA PRO C 319 -46.10 -18.79 -38.90
C PRO C 319 -47.48 -18.57 -39.48
N ILE C 320 -48.39 -19.50 -39.23
CA ILE C 320 -49.77 -19.35 -39.67
C ILE C 320 -50.57 -18.70 -38.53
N MET C 321 -50.66 -17.37 -38.54
CA MET C 321 -51.23 -16.61 -37.42
C MET C 321 -52.77 -16.70 -37.36
N ILE C 322 -53.38 -17.08 -38.46
CA ILE C 322 -54.82 -16.98 -38.60
C ILE C 322 -55.34 -18.18 -39.38
N MET C 323 -56.49 -18.69 -38.98
CA MET C 323 -57.18 -19.70 -39.76
C MET C 323 -58.64 -19.32 -39.92
N MET C 324 -59.14 -19.46 -41.13
CA MET C 324 -60.40 -18.84 -41.48
C MET C 324 -61.32 -19.76 -42.26
N ARG C 325 -62.60 -19.59 -42.02
CA ARG C 325 -63.63 -20.36 -42.70
C ARG C 325 -64.78 -19.46 -43.09
N MET C 326 -65.53 -19.88 -44.10
CA MET C 326 -66.81 -19.29 -44.42
C MET C 326 -67.92 -20.16 -43.86
N ALA C 327 -68.80 -19.56 -43.07
CA ALA C 327 -69.96 -20.28 -42.58
C ALA C 327 -70.99 -20.42 -43.68
N ARG C 328 -71.36 -21.65 -43.97
CA ARG C 328 -72.36 -21.91 -44.99
C ARG C 328 -73.69 -22.22 -44.33
N THR C 329 -73.63 -22.47 -43.03
CA THR C 329 -74.81 -22.81 -42.26
C THR C 329 -74.69 -22.14 -40.91
N PRO C 330 -75.83 -21.90 -40.25
CA PRO C 330 -75.72 -21.26 -38.95
C PRO C 330 -74.94 -22.10 -37.95
N GLN C 331 -74.13 -21.44 -37.13
CA GLN C 331 -73.27 -22.14 -36.18
C GLN C 331 -73.45 -21.58 -34.78
N THR C 332 -73.42 -22.46 -33.79
CA THR C 332 -73.64 -22.04 -32.41
C THR C 332 -72.40 -22.21 -31.55
N VAL C 333 -72.03 -21.15 -30.88
CA VAL C 333 -70.89 -21.16 -29.98
C VAL C 333 -71.08 -20.06 -28.93
N ALA C 334 -70.74 -20.40 -27.69
CA ALA C 334 -70.81 -19.46 -26.55
C ALA C 334 -72.20 -18.84 -26.34
N GLY C 335 -73.23 -19.53 -26.80
CA GLY C 335 -74.60 -19.05 -26.67
C GLY C 335 -75.01 -18.14 -27.80
N TYR C 336 -74.08 -17.88 -28.71
CA TYR C 336 -74.34 -17.04 -29.88
C TYR C 336 -74.60 -17.90 -31.10
N THR C 337 -75.32 -17.35 -32.07
CA THR C 337 -75.45 -17.99 -33.38
C THR C 337 -74.70 -17.18 -34.42
N ILE C 338 -73.83 -17.86 -35.16
CA ILE C 338 -73.15 -17.22 -36.28
C ILE C 338 -73.87 -17.56 -37.58
N PRO C 339 -74.33 -16.54 -38.32
CA PRO C 339 -75.11 -16.72 -39.53
C PRO C 339 -74.24 -16.99 -40.76
N PRO C 340 -74.80 -17.66 -41.77
CA PRO C 340 -74.08 -17.88 -43.02
C PRO C 340 -73.60 -16.57 -43.62
N GLY C 341 -72.40 -16.59 -44.20
CA GLY C 341 -71.82 -15.40 -44.80
C GLY C 341 -70.80 -14.74 -43.90
N HIS C 342 -70.81 -15.09 -42.62
CA HIS C 342 -69.76 -14.69 -41.71
C HIS C 342 -68.50 -15.49 -41.97
N GLN C 343 -67.36 -14.80 -41.90
CA GLN C 343 -66.07 -15.46 -41.94
C GLN C 343 -65.56 -15.66 -40.52
N VAL C 344 -65.37 -16.92 -40.16
CA VAL C 344 -65.05 -17.30 -38.79
C VAL C 344 -63.55 -17.51 -38.64
N CYS C 345 -62.99 -16.96 -37.57
CA CYS C 345 -61.55 -16.87 -37.46
C CYS C 345 -61.05 -17.45 -36.16
N VAL C 346 -59.86 -18.03 -36.23
CA VAL C 346 -59.13 -18.47 -35.06
C VAL C 346 -57.70 -17.93 -35.14
N SER C 347 -57.19 -17.43 -34.02
CA SER C 347 -55.80 -16.99 -33.96
C SER C 347 -54.96 -17.83 -33.02
N PRO C 348 -54.13 -18.73 -33.58
CA PRO C 348 -53.19 -19.50 -32.77
C PRO C 348 -52.35 -18.61 -31.87
N THR C 349 -51.91 -17.48 -32.41
CA THR C 349 -51.05 -16.56 -31.66
C THR C 349 -51.71 -16.13 -30.36
N VAL C 350 -53.00 -15.81 -30.44
CA VAL C 350 -53.73 -15.31 -29.27
C VAL C 350 -54.02 -16.44 -28.28
N ASN C 351 -54.48 -17.59 -28.77
CA ASN C 351 -54.71 -18.75 -27.91
C ASN C 351 -53.45 -19.17 -27.14
N GLN C 352 -52.30 -19.10 -27.80
CA GLN C 352 -51.05 -19.66 -27.26
C GLN C 352 -50.36 -18.69 -26.31
N ARG C 353 -51.10 -17.64 -25.97
CA ARG C 353 -50.54 -16.48 -25.28
C ARG C 353 -51.58 -15.95 -24.29
N LEU C 354 -52.72 -16.63 -24.23
CA LEU C 354 -53.88 -16.16 -23.49
C LEU C 354 -53.56 -16.09 -22.00
N LYS C 355 -53.80 -14.92 -21.42
CA LYS C 355 -53.38 -14.62 -20.05
C LYS C 355 -54.01 -15.59 -19.03
N ASP C 356 -55.26 -15.97 -19.28
CA ASP C 356 -55.99 -16.83 -18.35
C ASP C 356 -55.30 -18.15 -18.10
N SER C 357 -54.59 -18.66 -19.10
CA SER C 357 -54.08 -20.04 -19.03
C SER C 357 -52.58 -20.23 -19.23
N TRP C 358 -51.89 -19.23 -19.76
CA TRP C 358 -50.43 -19.33 -19.88
C TRP C 358 -49.74 -18.46 -18.85
N VAL C 359 -49.02 -19.11 -17.94
CA VAL C 359 -48.31 -18.40 -16.89
C VAL C 359 -47.09 -17.68 -17.48
N GLU C 360 -46.86 -16.44 -17.05
CA GLU C 360 -45.84 -15.60 -17.65
C GLU C 360 -45.88 -15.71 -19.16
N ARG C 361 -47.00 -15.27 -19.73
CA ARG C 361 -47.40 -15.61 -21.09
C ARG C 361 -46.42 -15.13 -22.16
N LEU C 362 -45.70 -14.04 -21.91
CA LEU C 362 -44.85 -13.45 -22.93
C LEU C 362 -43.38 -13.82 -22.75
N ASP C 363 -43.10 -14.73 -21.82
CA ASP C 363 -41.73 -15.22 -21.61
C ASP C 363 -41.45 -16.37 -22.56
N PHE C 364 -40.29 -16.32 -23.22
CA PHE C 364 -39.79 -17.50 -23.93
C PHE C 364 -39.19 -18.48 -22.93
N ASN C 365 -40.01 -19.44 -22.51
CA ASN C 365 -39.61 -20.39 -21.49
C ASN C 365 -39.89 -21.84 -21.90
N PRO C 366 -38.93 -22.48 -22.58
CA PRO C 366 -39.12 -23.83 -23.10
C PRO C 366 -39.46 -24.87 -22.03
N ASP C 367 -39.02 -24.63 -20.80
CA ASP C 367 -39.22 -25.59 -19.72
C ASP C 367 -40.64 -25.60 -19.17
N ARG C 368 -41.47 -24.68 -19.66
CA ARG C 368 -42.87 -24.59 -19.22
C ARG C 368 -43.63 -25.88 -19.50
N TYR C 369 -43.17 -26.65 -20.49
CA TYR C 369 -43.84 -27.90 -20.87
C TYR C 369 -43.45 -29.06 -19.97
N LEU C 370 -42.52 -28.79 -19.05
CA LEU C 370 -42.14 -29.77 -18.03
C LEU C 370 -43.05 -29.71 -16.80
N GLN C 371 -43.96 -28.73 -16.76
CA GLN C 371 -45.04 -28.72 -15.77
C GLN C 371 -46.38 -28.68 -16.48
N ASP C 372 -47.46 -28.52 -15.71
CA ASP C 372 -48.79 -28.40 -16.30
C ASP C 372 -48.87 -27.14 -17.15
N ASN C 373 -49.41 -27.31 -18.35
CA ASN C 373 -49.47 -26.24 -19.32
C ASN C 373 -50.69 -26.46 -20.20
N PRO C 374 -51.18 -25.39 -20.85
CA PRO C 374 -52.39 -25.61 -21.65
C PRO C 374 -52.15 -26.41 -22.93
N ALA C 375 -50.89 -26.60 -23.32
CA ALA C 375 -50.60 -27.43 -24.51
C ALA C 375 -51.04 -28.88 -24.28
N SER C 376 -50.79 -29.39 -23.08
CA SER C 376 -51.26 -30.74 -22.72
C SER C 376 -52.60 -30.69 -21.98
N GLY C 377 -52.81 -29.59 -21.24
CA GLY C 377 -53.99 -29.44 -20.38
C GLY C 377 -55.29 -29.14 -21.12
N GLU C 378 -55.21 -28.44 -22.24
CA GLU C 378 -56.41 -28.07 -23.00
C GLU C 378 -56.40 -28.67 -24.41
N LYS C 379 -57.53 -28.57 -25.09
CA LYS C 379 -57.68 -29.16 -26.42
C LYS C 379 -57.08 -28.24 -27.47
N PHE C 380 -57.40 -26.95 -27.41
CA PHE C 380 -57.07 -26.01 -28.47
C PHE C 380 -56.45 -24.70 -27.96
N ALA C 381 -55.66 -24.78 -26.91
CA ALA C 381 -54.91 -23.62 -26.43
C ALA C 381 -53.59 -23.48 -27.20
N TYR C 382 -53.03 -24.61 -27.60
CA TYR C 382 -51.80 -24.66 -28.38
C TYR C 382 -52.04 -25.38 -29.70
N VAL C 383 -52.04 -24.63 -30.80
CA VAL C 383 -52.49 -25.17 -32.09
C VAL C 383 -51.74 -24.60 -33.29
N PRO C 384 -50.40 -24.61 -33.25
CA PRO C 384 -49.68 -24.01 -34.37
C PRO C 384 -49.74 -24.86 -35.65
N PHE C 385 -50.18 -26.11 -35.54
CA PHE C 385 -50.35 -26.96 -36.71
C PHE C 385 -51.81 -27.24 -37.02
N GLY C 386 -52.70 -26.51 -36.36
CA GLY C 386 -54.13 -26.69 -36.56
C GLY C 386 -54.64 -27.96 -35.91
N ALA C 387 -55.87 -28.33 -36.28
CA ALA C 387 -56.50 -29.55 -35.76
C ALA C 387 -57.73 -29.86 -36.58
N GLY C 388 -58.25 -31.08 -36.45
CA GLY C 388 -59.42 -31.48 -37.21
C GLY C 388 -59.11 -31.68 -38.68
N ARG C 389 -60.10 -31.40 -39.53
CA ARG C 389 -60.06 -31.82 -40.93
C ARG C 389 -58.97 -31.12 -41.75
N HIS C 390 -58.68 -29.87 -41.43
CA HIS C 390 -57.69 -29.09 -42.19
C HIS C 390 -56.31 -29.13 -41.52
N ARG C 391 -56.15 -30.06 -40.58
CA ARG C 391 -54.90 -30.23 -39.82
C ARG C 391 -53.67 -30.29 -40.74
N CYS C 392 -52.56 -29.77 -40.24
CA CYS C 392 -51.28 -29.88 -40.93
C CYS C 392 -50.86 -31.34 -41.06
N ILE C 393 -50.19 -31.67 -42.18
CA ILE C 393 -49.59 -33.00 -42.35
C ILE C 393 -48.07 -32.96 -42.24
N GLY C 394 -47.50 -31.78 -42.03
CA GLY C 394 -46.05 -31.58 -42.19
C GLY C 394 -45.31 -31.36 -40.89
N GLU C 395 -46.00 -31.54 -39.78
CA GLU C 395 -45.42 -31.25 -38.47
C GLU C 395 -44.11 -31.99 -38.27
N ASN C 396 -44.11 -33.29 -38.56
CA ASN C 396 -42.92 -34.12 -38.37
C ASN C 396 -41.77 -33.67 -39.24
N PHE C 397 -42.03 -33.49 -40.53
CA PHE C 397 -40.97 -33.01 -41.43
C PHE C 397 -40.43 -31.67 -40.92
N ALA C 398 -41.34 -30.76 -40.59
CA ALA C 398 -40.95 -29.43 -40.12
C ALA C 398 -39.97 -29.53 -38.96
N TYR C 399 -40.25 -30.43 -38.03
CA TYR C 399 -39.38 -30.62 -36.88
C TYR C 399 -38.06 -31.30 -37.27
N VAL C 400 -38.14 -32.25 -38.20
CA VAL C 400 -36.92 -32.83 -38.79
C VAL C 400 -36.04 -31.73 -39.36
N GLN C 401 -36.65 -30.86 -40.16
CA GLN C 401 -35.93 -29.81 -40.88
C GLN C 401 -35.33 -28.79 -39.91
N ILE C 402 -36.15 -28.30 -38.99
CA ILE C 402 -35.73 -27.26 -38.05
C ILE C 402 -34.71 -27.79 -37.04
N LYS C 403 -34.92 -29.01 -36.56
CA LYS C 403 -33.99 -29.62 -35.61
C LYS C 403 -32.62 -29.80 -36.25
N THR C 404 -32.61 -30.36 -37.46
CA THR C 404 -31.37 -30.62 -38.17
C THR C 404 -30.63 -29.32 -38.49
N ILE C 405 -31.36 -28.31 -38.98
CA ILE C 405 -30.72 -27.05 -39.33
C ILE C 405 -30.12 -26.37 -38.10
N TRP C 406 -30.89 -26.30 -37.02
CA TRP C 406 -30.43 -25.57 -35.83
C TRP C 406 -29.43 -26.35 -34.99
N SER C 407 -29.53 -27.67 -35.00
CA SER C 407 -28.45 -28.49 -34.44
C SER C 407 -27.14 -28.12 -35.11
N THR C 408 -27.11 -28.22 -36.44
CA THR C 408 -25.94 -27.87 -37.23
C THR C 408 -25.45 -26.45 -36.94
N MET C 409 -26.38 -25.49 -36.99
CA MET C 409 -26.02 -24.08 -36.83
C MET C 409 -25.40 -23.80 -35.47
N LEU C 410 -25.92 -24.45 -34.43
CA LEU C 410 -25.40 -24.27 -33.08
C LEU C 410 -24.00 -24.86 -32.94
N ARG C 411 -23.75 -25.99 -33.60
CA ARG C 411 -22.43 -26.59 -33.60
C ARG C 411 -21.42 -25.64 -34.25
N LEU C 412 -21.87 -24.95 -35.30
CA LEU C 412 -21.00 -24.10 -36.10
C LEU C 412 -20.69 -22.77 -35.42
N TYR C 413 -21.74 -22.09 -34.93
CA TYR C 413 -21.58 -20.74 -34.39
C TYR C 413 -22.24 -20.54 -33.03
N GLU C 414 -21.77 -19.53 -32.32
CA GLU C 414 -22.46 -18.99 -31.16
C GLU C 414 -23.13 -17.67 -31.56
N PHE C 415 -24.37 -17.48 -31.15
CA PHE C 415 -25.19 -16.38 -31.68
C PHE C 415 -25.49 -15.33 -30.63
N ASP C 416 -25.50 -14.07 -31.05
CA ASP C 416 -25.76 -12.96 -30.14
C ASP C 416 -26.63 -11.87 -30.78
N LEU C 417 -27.24 -11.07 -29.91
CA LEU C 417 -27.93 -9.87 -30.33
C LEU C 417 -26.93 -8.75 -30.61
N ILE C 418 -27.35 -7.82 -31.46
CA ILE C 418 -26.55 -6.64 -31.77
C ILE C 418 -27.06 -5.45 -30.97
N ASP C 419 -26.25 -5.02 -30.00
CA ASP C 419 -26.61 -3.93 -29.07
C ASP C 419 -27.94 -4.19 -28.36
N GLY C 420 -28.18 -5.46 -28.04
CA GLY C 420 -29.35 -5.85 -27.24
C GLY C 420 -30.67 -5.71 -27.96
N TYR C 421 -30.62 -5.56 -29.29
CA TYR C 421 -31.83 -5.37 -30.08
C TYR C 421 -32.54 -6.69 -30.28
N PHE C 422 -33.77 -6.78 -29.78
CA PHE C 422 -34.64 -7.91 -30.14
C PHE C 422 -35.61 -7.49 -31.24
N PRO C 423 -35.60 -8.24 -32.36
CA PRO C 423 -36.42 -7.87 -33.52
C PRO C 423 -37.90 -7.75 -33.19
N THR C 424 -38.50 -6.65 -33.60
CA THR C 424 -39.95 -6.52 -33.55
C THR C 424 -40.57 -7.25 -34.73
N VAL C 425 -41.88 -7.38 -34.71
CA VAL C 425 -42.61 -8.08 -35.77
C VAL C 425 -42.91 -7.14 -36.94
N ASN C 426 -42.61 -7.60 -38.15
CA ASN C 426 -43.01 -6.90 -39.36
C ASN C 426 -44.41 -7.35 -39.79
N TYR C 427 -45.41 -6.53 -39.46
CA TYR C 427 -46.80 -6.89 -39.69
C TYR C 427 -47.27 -6.61 -41.11
N THR C 428 -46.41 -6.02 -41.94
CA THR C 428 -46.80 -5.67 -43.31
C THR C 428 -46.65 -6.83 -44.29
N THR C 429 -45.87 -7.85 -43.93
CA THR C 429 -45.67 -9.00 -44.81
C THR C 429 -46.71 -10.10 -44.59
N MET C 430 -46.91 -10.92 -45.62
CA MET C 430 -47.89 -12.01 -45.59
C MET C 430 -47.67 -12.82 -44.33
N ILE C 431 -46.48 -13.39 -44.23
CA ILE C 431 -46.02 -14.11 -43.06
C ILE C 431 -45.23 -13.11 -42.20
N HIS C 432 -45.49 -13.10 -40.90
CA HIS C 432 -44.95 -12.03 -40.03
C HIS C 432 -43.47 -12.26 -39.72
N THR C 433 -42.62 -11.46 -40.35
CA THR C 433 -41.17 -11.63 -40.28
C THR C 433 -40.58 -10.70 -39.22
N PRO C 434 -39.44 -11.09 -38.65
CA PRO C 434 -38.74 -10.18 -37.73
C PRO C 434 -38.10 -9.01 -38.46
N GLU C 435 -38.26 -7.81 -37.93
CA GLU C 435 -37.68 -6.61 -38.55
C GLU C 435 -36.18 -6.52 -38.33
N ASN C 436 -35.48 -6.16 -39.40
CA ASN C 436 -34.02 -6.11 -39.40
C ASN C 436 -33.40 -7.29 -38.64
N PRO C 437 -33.61 -8.50 -39.16
CA PRO C 437 -33.18 -9.71 -38.49
C PRO C 437 -31.70 -9.99 -38.70
N VAL C 438 -30.87 -9.02 -38.32
CA VAL C 438 -29.43 -9.17 -38.39
C VAL C 438 -28.93 -9.75 -37.08
N ILE C 439 -28.15 -10.83 -37.17
CA ILE C 439 -27.67 -11.53 -35.97
C ILE C 439 -26.15 -11.55 -35.92
N ARG C 440 -25.60 -11.41 -34.71
CA ARG C 440 -24.16 -11.49 -34.49
C ARG C 440 -23.77 -12.95 -34.27
N TYR C 441 -22.67 -13.37 -34.89
CA TYR C 441 -22.20 -14.74 -34.77
C TYR C 441 -20.69 -14.83 -34.71
N LYS C 442 -20.20 -15.84 -34.01
CA LYS C 442 -18.79 -16.16 -33.99
C LYS C 442 -18.69 -17.67 -33.88
N ARG C 443 -17.56 -18.22 -34.28
CA ARG C 443 -17.40 -19.66 -34.32
C ARG C 443 -17.54 -20.25 -32.92
N ARG C 444 -18.18 -21.41 -32.84
CA ARG C 444 -18.27 -22.08 -31.56
C ARG C 444 -17.02 -22.89 -31.25
N SER C 445 -16.64 -22.84 -29.98
CA SER C 445 -15.44 -23.49 -29.48
C SER C 445 -15.44 -24.99 -29.76
N GLY D 1 -61.08 22.57 -84.46
CA GLY D 1 -60.61 21.46 -83.59
C GLY D 1 -60.76 20.09 -84.24
N LYS D 2 -59.70 19.63 -84.90
CA LYS D 2 -59.67 18.28 -85.46
C LYS D 2 -58.86 17.35 -84.56
N LEU D 3 -59.48 16.27 -84.08
CA LEU D 3 -58.83 15.35 -83.16
C LEU D 3 -57.75 14.52 -83.87
N PRO D 4 -56.73 14.09 -83.11
CA PRO D 4 -55.77 13.13 -83.64
C PRO D 4 -56.42 11.78 -83.91
N PRO D 5 -55.91 11.04 -84.90
CA PRO D 5 -56.38 9.68 -85.14
C PRO D 5 -56.40 8.84 -83.87
N TYR D 6 -57.45 8.05 -83.68
CA TYR D 6 -57.63 7.32 -82.44
C TYR D 6 -57.64 5.82 -82.71
N ILE D 7 -56.68 5.12 -82.10
CA ILE D 7 -56.56 3.68 -82.28
C ILE D 7 -57.64 2.96 -81.46
N PHE D 8 -58.70 2.52 -82.13
CA PHE D 8 -59.83 1.92 -81.45
C PHE D 8 -59.44 0.62 -80.78
N SER D 9 -59.98 0.39 -79.59
CA SER D 9 -59.89 -0.90 -78.94
C SER D 9 -61.30 -1.33 -78.54
N PRO D 10 -61.65 -2.57 -78.84
CA PRO D 10 -62.94 -3.12 -78.45
C PRO D 10 -63.03 -3.35 -76.94
N ILE D 11 -61.87 -3.45 -76.30
CA ILE D 11 -61.79 -3.78 -74.88
C ILE D 11 -62.11 -2.55 -74.03
N PRO D 12 -63.29 -2.53 -73.40
CA PRO D 12 -63.88 -1.29 -72.87
C PRO D 12 -62.94 -0.42 -72.02
N PHE D 13 -62.43 -0.97 -70.92
CA PHE D 13 -61.76 -0.14 -69.90
C PHE D 13 -60.23 -0.24 -69.98
N LEU D 14 -59.75 -1.48 -70.06
CA LEU D 14 -58.33 -1.76 -70.23
C LEU D 14 -57.77 -1.19 -71.54
N GLY D 15 -58.57 -1.26 -72.59
CA GLY D 15 -58.11 -0.86 -73.92
C GLY D 15 -56.88 -1.64 -74.34
N HIS D 16 -55.82 -0.92 -74.68
CA HIS D 16 -54.60 -1.55 -75.21
C HIS D 16 -53.62 -1.96 -74.12
N ALA D 17 -54.06 -1.92 -72.86
CA ALA D 17 -53.15 -2.13 -71.73
C ALA D 17 -52.23 -3.32 -71.95
N ILE D 18 -52.80 -4.47 -72.28
CA ILE D 18 -52.04 -5.70 -72.41
C ILE D 18 -51.09 -5.68 -73.61
N ALA D 19 -51.62 -5.34 -74.78
CA ALA D 19 -50.78 -5.23 -75.98
C ALA D 19 -49.64 -4.25 -75.75
N PHE D 20 -49.97 -3.07 -75.22
CA PHE D 20 -48.97 -2.05 -74.96
C PHE D 20 -47.95 -2.53 -73.91
N GLY D 21 -48.45 -3.18 -72.87
CA GLY D 21 -47.61 -3.60 -71.74
C GLY D 21 -46.60 -4.67 -72.10
N LYS D 22 -46.95 -5.52 -73.05
CA LYS D 22 -46.08 -6.63 -73.47
C LYS D 22 -44.84 -6.16 -74.22
N SER D 23 -45.02 -5.26 -75.18
CA SER D 23 -43.90 -4.53 -75.77
C SER D 23 -44.33 -3.15 -76.23
N PRO D 24 -44.08 -2.13 -75.41
CA PRO D 24 -44.49 -0.74 -75.63
C PRO D 24 -43.85 -0.13 -76.86
N ILE D 25 -42.61 -0.49 -77.12
CA ILE D 25 -41.85 0.11 -78.21
C ILE D 25 -42.35 -0.40 -79.56
N GLU D 26 -42.61 -1.70 -79.64
CA GLU D 26 -43.20 -2.29 -80.83
C GLU D 26 -44.59 -1.72 -81.12
N PHE D 27 -45.36 -1.47 -80.07
CA PHE D 27 -46.69 -0.88 -80.21
C PHE D 27 -46.61 0.50 -80.84
N LEU D 28 -45.66 1.32 -80.37
CA LEU D 28 -45.55 2.72 -80.81
C LEU D 28 -44.95 2.84 -82.21
N GLU D 29 -44.01 1.96 -82.53
CA GLU D 29 -43.40 1.94 -83.86
C GLU D 29 -44.44 1.58 -84.92
N ASN D 30 -45.23 0.56 -84.65
CA ASN D 30 -46.33 0.16 -85.54
C ASN D 30 -47.35 1.29 -85.73
N ALA D 31 -47.76 1.88 -84.61
CA ALA D 31 -48.74 2.95 -84.63
C ALA D 31 -48.22 4.14 -85.44
N TYR D 32 -46.93 4.39 -85.35
CA TYR D 32 -46.30 5.47 -86.12
C TYR D 32 -46.47 5.18 -87.60
N GLU D 33 -46.17 3.95 -87.99
CA GLU D 33 -46.38 3.48 -89.36
C GLU D 33 -47.81 3.70 -89.87
N LYS D 34 -48.80 3.23 -89.09
CA LYS D 34 -50.19 3.22 -89.57
C LYS D 34 -50.89 4.57 -89.44
N TYR D 35 -50.59 5.30 -88.37
CA TYR D 35 -51.35 6.52 -88.02
C TYR D 35 -50.52 7.79 -88.10
N GLY D 36 -49.20 7.66 -88.21
CA GLY D 36 -48.32 8.82 -88.26
C GLY D 36 -47.82 9.24 -86.89
N PRO D 37 -47.33 10.49 -86.78
CA PRO D 37 -46.60 11.01 -85.63
C PRO D 37 -47.47 11.42 -84.44
N VAL D 38 -48.76 11.67 -84.68
CA VAL D 38 -49.66 12.03 -83.60
C VAL D 38 -50.89 11.14 -83.59
N PHE D 39 -51.11 10.47 -82.47
CA PHE D 39 -52.27 9.60 -82.33
C PHE D 39 -52.69 9.44 -80.88
N SER D 40 -53.88 8.86 -80.70
CA SER D 40 -54.45 8.61 -79.39
C SER D 40 -54.86 7.16 -79.23
N PHE D 41 -54.94 6.72 -77.98
CA PHE D 41 -55.52 5.43 -77.64
C PHE D 41 -55.80 5.45 -76.14
N THR D 42 -56.62 4.50 -75.67
CA THR D 42 -56.88 4.43 -74.24
C THR D 42 -56.23 3.22 -73.56
N MET D 43 -55.83 3.45 -72.31
CA MET D 43 -55.36 2.40 -71.41
C MET D 43 -55.95 2.61 -70.03
N VAL D 44 -56.48 1.54 -69.44
CA VAL D 44 -56.95 1.57 -68.06
C VAL D 44 -57.72 2.86 -67.78
N GLY D 45 -58.69 3.16 -68.63
CA GLY D 45 -59.62 4.26 -68.38
C GLY D 45 -59.12 5.64 -68.79
N LYS D 46 -57.87 5.72 -69.24
CA LYS D 46 -57.29 7.00 -69.60
C LYS D 46 -57.04 7.10 -71.10
N THR D 47 -57.14 8.32 -71.62
CA THR D 47 -56.80 8.60 -73.00
C THR D 47 -55.42 9.24 -73.08
N PHE D 48 -54.55 8.63 -73.87
CA PHE D 48 -53.20 9.15 -74.09
C PHE D 48 -53.04 9.55 -75.54
N THR D 49 -52.33 10.65 -75.74
CA THR D 49 -51.99 11.12 -77.08
C THR D 49 -50.48 11.22 -77.21
N TYR D 50 -49.91 10.49 -78.16
CA TYR D 50 -48.46 10.44 -78.33
C TYR D 50 -47.95 11.43 -79.38
N LEU D 51 -46.77 11.97 -79.11
CA LEU D 51 -46.04 12.80 -80.07
C LEU D 51 -44.75 12.10 -80.44
N LEU D 52 -44.75 11.42 -81.58
CA LEU D 52 -43.57 10.70 -82.06
C LEU D 52 -42.82 11.49 -83.11
N GLY D 53 -41.50 11.38 -83.09
CA GLY D 53 -40.64 12.13 -84.01
C GLY D 53 -40.33 13.49 -83.44
N SER D 54 -39.34 14.16 -84.02
CA SER D 54 -38.84 15.44 -83.50
C SER D 54 -39.85 16.59 -83.64
N ASP D 55 -40.52 16.66 -84.78
CA ASP D 55 -41.43 17.77 -85.05
C ASP D 55 -42.61 17.76 -84.06
N ALA D 56 -43.22 16.60 -83.92
CA ALA D 56 -44.36 16.43 -83.01
C ALA D 56 -43.94 16.63 -81.55
N ALA D 57 -42.83 16.01 -81.17
CA ALA D 57 -42.38 16.03 -79.77
C ALA D 57 -42.10 17.45 -79.28
N ALA D 58 -41.79 18.34 -80.20
CA ALA D 58 -41.50 19.74 -79.88
C ALA D 58 -42.63 20.38 -79.07
N LEU D 59 -43.86 19.96 -79.35
CA LEU D 59 -45.03 20.47 -78.65
C LEU D 59 -44.88 20.35 -77.14
N LEU D 60 -44.56 19.15 -76.67
CA LEU D 60 -44.39 18.88 -75.25
C LEU D 60 -43.16 19.59 -74.69
N PHE D 61 -42.05 19.49 -75.42
CA PHE D 61 -40.77 20.03 -74.97
C PHE D 61 -40.78 21.55 -74.92
N ASN D 62 -41.54 22.18 -75.82
CA ASN D 62 -41.58 23.64 -75.89
C ASN D 62 -42.66 24.28 -75.02
N SER D 63 -43.58 23.46 -74.53
CA SER D 63 -44.81 23.98 -73.93
C SER D 63 -44.55 24.56 -72.54
N LYS D 64 -45.42 25.49 -72.16
CA LYS D 64 -45.45 26.03 -70.82
C LYS D 64 -46.16 25.04 -69.91
N ASN D 65 -45.83 25.07 -68.62
CA ASN D 65 -46.41 24.12 -67.68
C ASN D 65 -47.91 24.34 -67.45
N GLU D 66 -48.37 25.58 -67.67
CA GLU D 66 -49.78 25.90 -67.47
C GLU D 66 -50.64 25.18 -68.50
N ASP D 67 -50.03 24.83 -69.62
CA ASP D 67 -50.72 24.22 -70.75
C ASP D 67 -50.57 22.69 -70.74
N LEU D 68 -49.33 22.23 -70.64
CA LEU D 68 -49.06 20.81 -70.46
C LEU D 68 -48.42 20.57 -69.10
N ASN D 69 -49.23 20.08 -68.17
CA ASN D 69 -48.91 20.14 -66.75
C ASN D 69 -48.36 18.82 -66.23
N ALA D 70 -47.26 18.89 -65.48
CA ALA D 70 -46.57 17.70 -65.00
C ALA D 70 -47.14 17.21 -63.66
N GLU D 71 -47.42 18.14 -62.74
CA GLU D 71 -47.94 17.77 -61.42
C GLU D 71 -49.20 16.94 -61.53
N ASP D 72 -50.09 17.35 -62.44
CA ASP D 72 -51.37 16.68 -62.62
C ASP D 72 -51.20 15.19 -62.84
N VAL D 73 -50.16 14.81 -63.57
CA VAL D 73 -49.93 13.40 -63.85
C VAL D 73 -49.04 12.73 -62.81
N TYR D 74 -48.12 13.49 -62.21
CA TYR D 74 -47.05 12.88 -61.40
C TYR D 74 -47.21 13.01 -59.88
N SER D 75 -47.83 14.11 -59.43
CA SER D 75 -47.77 14.50 -58.01
C SER D 75 -48.30 13.43 -57.05
N ARG D 76 -49.34 12.73 -57.50
CA ARG D 76 -50.04 11.76 -56.70
C ARG D 76 -49.12 10.67 -56.19
N LEU D 77 -48.26 10.18 -57.08
CA LEU D 77 -47.34 9.11 -56.76
C LEU D 77 -46.10 9.68 -56.08
N THR D 78 -45.78 10.90 -56.47
CA THR D 78 -44.48 11.50 -56.25
C THR D 78 -44.39 12.19 -54.87
N THR D 79 -45.44 12.90 -54.50
CA THR D 79 -45.42 13.68 -53.27
C THR D 79 -45.22 12.79 -52.03
N PRO D 80 -45.90 11.63 -52.00
CA PRO D 80 -45.69 10.75 -50.84
C PRO D 80 -44.27 10.19 -50.75
N VAL D 81 -43.51 10.27 -51.82
CA VAL D 81 -42.15 9.73 -51.86
C VAL D 81 -41.10 10.81 -51.55
N PHE D 82 -41.11 11.89 -52.32
CA PHE D 82 -40.12 12.96 -52.13
C PHE D 82 -40.41 13.81 -50.90
N GLY D 83 -41.68 14.08 -50.65
CA GLY D 83 -42.09 14.86 -49.48
C GLY D 83 -42.90 16.09 -49.86
N LYS D 84 -43.53 16.72 -48.87
CA LYS D 84 -44.27 17.96 -49.10
C LYS D 84 -43.31 19.12 -49.38
N GLY D 85 -43.77 20.12 -50.11
CA GLY D 85 -43.01 21.35 -50.35
C GLY D 85 -41.91 21.22 -51.39
N VAL D 86 -41.94 20.15 -52.17
CA VAL D 86 -40.85 19.87 -53.10
C VAL D 86 -41.38 19.27 -54.41
N ALA D 87 -40.68 19.55 -55.50
CA ALA D 87 -40.94 18.94 -56.80
C ALA D 87 -42.37 19.21 -57.29
N TYR D 88 -43.20 18.18 -57.39
CA TYR D 88 -44.51 18.31 -58.04
C TYR D 88 -45.60 18.69 -57.04
N ASP D 89 -45.20 18.97 -55.81
CA ASP D 89 -46.14 19.33 -54.73
C ASP D 89 -46.26 20.85 -54.58
N VAL D 90 -45.45 21.59 -55.34
CA VAL D 90 -45.44 23.05 -55.30
C VAL D 90 -45.68 23.57 -56.72
N PRO D 91 -46.00 24.86 -56.85
CA PRO D 91 -46.11 25.37 -58.22
C PRO D 91 -44.79 25.31 -58.95
N ASN D 92 -44.85 25.08 -60.26
CA ASN D 92 -43.65 24.89 -61.07
C ASN D 92 -42.58 25.96 -60.86
N PRO D 93 -42.99 27.24 -60.72
CA PRO D 93 -41.95 28.26 -60.48
C PRO D 93 -41.15 28.02 -59.21
N VAL D 94 -41.80 27.57 -58.15
CA VAL D 94 -41.08 27.21 -56.93
C VAL D 94 -40.13 26.06 -57.21
N PHE D 95 -40.58 25.11 -58.02
CA PHE D 95 -39.76 23.96 -58.39
C PHE D 95 -38.59 24.37 -59.28
N LEU D 96 -38.81 25.32 -60.18
CA LEU D 96 -37.74 25.80 -61.06
C LEU D 96 -36.61 26.42 -60.26
N GLU D 97 -36.97 27.26 -59.29
CA GLU D 97 -35.99 27.85 -58.38
C GLU D 97 -35.18 26.72 -57.73
N GLN D 98 -35.90 25.73 -57.21
CA GLN D 98 -35.28 24.59 -56.52
C GLN D 98 -34.27 23.87 -57.40
N LYS D 99 -34.60 23.74 -58.68
CA LYS D 99 -33.73 23.08 -59.65
C LYS D 99 -32.47 23.90 -59.92
N LYS D 100 -32.61 25.22 -59.93
CA LYS D 100 -31.47 26.11 -60.10
C LYS D 100 -30.51 25.96 -58.93
N MET D 101 -31.07 25.83 -57.73
CA MET D 101 -30.27 25.58 -56.54
C MET D 101 -29.49 24.28 -56.70
N LEU D 102 -30.16 23.24 -57.19
CA LEU D 102 -29.53 21.93 -57.35
C LEU D 102 -28.42 22.00 -58.40
N LYS D 103 -28.68 22.72 -59.49
CA LYS D 103 -27.70 22.94 -60.55
C LYS D 103 -26.41 23.56 -60.02
N SER D 104 -26.56 24.53 -59.12
CA SER D 104 -25.42 25.27 -58.59
C SER D 104 -24.55 24.38 -57.69
N GLY D 105 -25.15 23.33 -57.15
CA GLY D 105 -24.41 22.34 -56.36
C GLY D 105 -23.69 21.36 -57.26
N LEU D 106 -24.20 21.23 -58.48
CA LEU D 106 -23.61 20.33 -59.46
C LEU D 106 -22.63 21.09 -60.33
N ASN D 107 -21.57 21.59 -59.70
CA ASN D 107 -20.55 22.38 -60.38
C ASN D 107 -19.21 21.65 -60.48
N ILE D 108 -18.30 22.23 -61.24
CA ILE D 108 -17.01 21.63 -61.54
C ILE D 108 -16.22 21.39 -60.26
N ALA D 109 -16.25 22.35 -59.34
CA ALA D 109 -15.55 22.22 -58.07
C ALA D 109 -15.92 20.90 -57.39
N HIS D 110 -17.22 20.66 -57.26
CA HIS D 110 -17.71 19.44 -56.62
C HIS D 110 -17.43 18.19 -57.44
N PHE D 111 -17.64 18.27 -58.76
CA PHE D 111 -17.35 17.14 -59.64
C PHE D 111 -15.92 16.64 -59.44
N LYS D 112 -14.98 17.57 -59.24
CA LYS D 112 -13.57 17.18 -59.06
C LYS D 112 -13.39 16.29 -57.84
N GLN D 113 -14.15 16.60 -56.79
CA GLN D 113 -14.18 15.74 -55.60
C GLN D 113 -14.87 14.40 -55.88
N HIS D 114 -15.98 14.46 -56.62
CA HIS D 114 -16.77 13.25 -56.90
C HIS D 114 -15.95 12.16 -57.60
N VAL D 115 -15.10 12.56 -58.54
CA VAL D 115 -14.32 11.59 -59.32
C VAL D 115 -13.52 10.65 -58.42
N SER D 116 -12.76 11.20 -57.47
CA SER D 116 -11.94 10.35 -56.60
C SER D 116 -12.79 9.59 -55.58
N ILE D 117 -13.87 10.22 -55.11
CA ILE D 117 -14.84 9.52 -54.28
C ILE D 117 -15.40 8.29 -54.99
N ILE D 118 -15.92 8.51 -56.19
CA ILE D 118 -16.55 7.45 -56.97
C ILE D 118 -15.54 6.38 -57.37
N GLU D 119 -14.35 6.81 -57.77
CA GLU D 119 -13.28 5.86 -58.10
C GLU D 119 -12.99 4.93 -56.94
N LYS D 120 -12.87 5.49 -55.74
CA LYS D 120 -12.50 4.73 -54.54
C LYS D 120 -13.59 3.73 -54.16
N GLU D 121 -14.84 4.21 -54.11
CA GLU D 121 -15.98 3.37 -53.80
C GLU D 121 -16.07 2.18 -54.75
N THR D 122 -15.75 2.45 -56.02
CA THR D 122 -15.82 1.44 -57.06
C THR D 122 -14.77 0.35 -56.86
N LYS D 123 -13.52 0.74 -56.58
CA LYS D 123 -12.46 -0.24 -56.36
C LYS D 123 -12.74 -1.10 -55.13
N GLU D 124 -13.25 -0.48 -54.08
CA GLU D 124 -13.53 -1.19 -52.83
C GLU D 124 -14.69 -2.19 -52.98
N TYR D 125 -15.75 -1.76 -53.66
CA TYR D 125 -16.89 -2.65 -53.91
C TYR D 125 -16.48 -3.87 -54.72
N PHE D 126 -15.69 -3.64 -55.76
CA PHE D 126 -15.38 -4.71 -56.73
C PHE D 126 -14.21 -5.59 -56.30
N GLU D 127 -13.68 -5.36 -55.09
CA GLU D 127 -12.71 -6.30 -54.52
C GLU D 127 -13.37 -7.66 -54.29
N SER D 128 -14.66 -7.65 -53.98
CA SER D 128 -15.40 -8.88 -53.68
C SER D 128 -15.68 -9.74 -54.90
N TRP D 129 -15.31 -9.24 -56.08
CA TRP D 129 -15.52 -9.98 -57.32
C TRP D 129 -14.35 -10.89 -57.65
N GLY D 130 -13.22 -10.68 -56.98
CA GLY D 130 -12.05 -11.54 -57.15
C GLY D 130 -11.42 -11.38 -58.53
N GLU D 131 -10.69 -12.40 -58.95
CA GLU D 131 -9.91 -12.32 -60.19
C GLU D 131 -10.75 -12.63 -61.41
N SER D 132 -11.75 -13.48 -61.23
CA SER D 132 -12.68 -13.80 -62.31
C SER D 132 -14.01 -14.34 -61.79
N GLY D 133 -14.98 -14.44 -62.69
CA GLY D 133 -16.27 -15.03 -62.34
C GLY D 133 -17.38 -14.75 -63.32
N GLU D 134 -18.59 -15.07 -62.88
CA GLU D 134 -19.80 -14.77 -63.62
C GLU D 134 -20.86 -14.27 -62.63
N LYS D 135 -21.08 -12.96 -62.60
CA LYS D 135 -21.93 -12.35 -61.59
C LYS D 135 -22.93 -11.35 -62.15
N ASN D 136 -23.92 -11.03 -61.33
CA ASN D 136 -24.98 -10.11 -61.71
C ASN D 136 -24.51 -8.67 -61.64
N VAL D 137 -24.21 -8.10 -62.80
CA VAL D 137 -23.67 -6.76 -62.89
C VAL D 137 -24.70 -5.66 -62.58
N PHE D 138 -25.97 -5.90 -62.90
CA PHE D 138 -27.01 -4.92 -62.60
C PHE D 138 -27.20 -4.73 -61.09
N GLU D 139 -27.22 -5.83 -60.35
CA GLU D 139 -27.32 -5.76 -58.89
C GLU D 139 -26.07 -5.13 -58.30
N ALA D 140 -24.91 -5.50 -58.83
CA ALA D 140 -23.65 -4.92 -58.38
C ALA D 140 -23.68 -3.41 -58.55
N LEU D 141 -24.08 -2.95 -59.72
CA LEU D 141 -24.08 -1.52 -60.04
C LEU D 141 -25.06 -0.72 -59.18
N SER D 142 -26.28 -1.20 -59.02
CA SER D 142 -27.27 -0.49 -58.22
C SER D 142 -26.83 -0.44 -56.78
N GLU D 143 -26.18 -1.51 -56.33
CA GLU D 143 -25.57 -1.52 -55.01
C GLU D 143 -24.44 -0.50 -54.93
N LEU D 144 -23.62 -0.42 -55.98
CA LEU D 144 -22.50 0.50 -56.01
C LEU D 144 -22.99 1.95 -56.11
N ILE D 145 -23.97 2.18 -56.98
CA ILE D 145 -24.39 3.54 -57.32
C ILE D 145 -25.13 4.21 -56.15
N ILE D 146 -25.85 3.42 -55.36
CA ILE D 146 -26.54 3.97 -54.19
C ILE D 146 -25.52 4.54 -53.22
N LEU D 147 -24.36 3.89 -53.11
CA LEU D 147 -23.29 4.37 -52.26
C LEU D 147 -22.64 5.62 -52.86
N THR D 148 -22.26 5.53 -54.13
CA THR D 148 -21.54 6.62 -54.78
C THR D 148 -22.38 7.89 -54.81
N ALA D 149 -23.67 7.74 -55.13
CA ALA D 149 -24.57 8.88 -55.23
C ALA D 149 -24.84 9.54 -53.87
N SER D 150 -25.04 8.73 -52.83
CA SER D 150 -25.22 9.29 -51.49
C SER D 150 -23.97 10.06 -51.09
N HIS D 151 -22.82 9.47 -51.34
CA HIS D 151 -21.55 10.07 -50.95
C HIS D 151 -21.39 11.44 -51.61
N CYS D 152 -21.66 11.50 -52.91
CA CYS D 152 -21.50 12.74 -53.67
C CYS D 152 -22.63 13.72 -53.42
N LEU D 153 -23.86 13.22 -53.36
CA LEU D 153 -25.03 14.10 -53.35
C LEU D 153 -25.54 14.39 -51.93
N HIS D 154 -25.24 13.49 -50.99
CA HIS D 154 -25.69 13.65 -49.61
C HIS D 154 -24.56 14.08 -48.68
N GLY D 155 -23.34 13.62 -48.97
CA GLY D 155 -22.19 13.93 -48.13
C GLY D 155 -21.76 12.74 -47.27
N LYS D 156 -20.65 12.91 -46.56
CA LYS D 156 -20.02 11.79 -45.86
C LYS D 156 -20.80 11.39 -44.59
N GLU D 157 -21.36 12.37 -43.91
CA GLU D 157 -22.17 12.12 -42.71
C GLU D 157 -23.27 11.10 -43.02
N ILE D 158 -24.09 11.43 -44.01
CA ILE D 158 -25.21 10.60 -44.42
C ILE D 158 -24.74 9.30 -45.08
N ARG D 159 -23.64 9.36 -45.80
CA ARG D 159 -23.12 8.19 -46.51
C ARG D 159 -22.66 7.08 -45.56
N SER D 160 -22.13 7.48 -44.41
CA SER D 160 -21.65 6.55 -43.39
C SER D 160 -22.81 5.86 -42.68
N GLN D 161 -24.03 6.31 -42.96
CA GLN D 161 -25.24 5.74 -42.38
C GLN D 161 -25.87 4.68 -43.29
N LEU D 162 -25.32 4.54 -44.48
CA LEU D 162 -25.94 3.73 -45.52
C LEU D 162 -25.64 2.24 -45.37
N ASN D 163 -26.37 1.58 -44.49
CA ASN D 163 -26.28 0.12 -44.35
C ASN D 163 -27.41 -0.60 -45.08
N GLU D 164 -27.45 -1.92 -44.99
CA GLU D 164 -28.47 -2.71 -45.67
C GLU D 164 -29.87 -2.27 -45.22
N LYS D 165 -29.99 -1.91 -43.94
CA LYS D 165 -31.28 -1.45 -43.42
C LYS D 165 -31.74 -0.22 -44.19
N VAL D 166 -30.84 0.75 -44.33
CA VAL D 166 -31.19 2.03 -44.97
C VAL D 166 -31.37 1.87 -46.47
N ALA D 167 -30.59 0.99 -47.09
CA ALA D 167 -30.78 0.68 -48.51
C ALA D 167 -32.18 0.13 -48.72
N GLN D 168 -32.64 -0.67 -47.76
CA GLN D 168 -34.00 -1.20 -47.77
C GLN D 168 -35.07 -0.11 -47.66
N LEU D 169 -34.81 0.91 -46.85
CA LEU D 169 -35.75 2.02 -46.72
C LEU D 169 -35.89 2.76 -48.06
N TYR D 170 -34.81 2.84 -48.81
CA TYR D 170 -34.86 3.47 -50.13
C TYR D 170 -35.64 2.62 -51.11
N ALA D 171 -35.50 1.31 -51.00
CA ALA D 171 -36.28 0.38 -51.81
C ALA D 171 -37.77 0.50 -51.46
N ASP D 172 -38.06 0.69 -50.18
CA ASP D 172 -39.44 0.88 -49.74
C ASP D 172 -40.00 2.19 -50.30
N LEU D 173 -39.15 3.19 -50.45
CA LEU D 173 -39.53 4.43 -51.10
C LEU D 173 -39.85 4.21 -52.58
N ASP D 174 -38.97 3.48 -53.26
CA ASP D 174 -39.20 3.11 -54.66
C ASP D 174 -40.54 2.40 -54.83
N GLY D 175 -40.86 1.51 -53.89
CA GLY D 175 -42.12 0.77 -53.90
C GLY D 175 -43.36 1.63 -53.98
N GLY D 176 -43.19 2.93 -53.71
CA GLY D 176 -44.28 3.90 -53.81
C GLY D 176 -44.67 4.20 -55.25
N PHE D 177 -43.83 3.79 -56.20
CA PHE D 177 -44.12 4.00 -57.63
C PHE D 177 -44.69 2.73 -58.23
N SER D 178 -45.95 2.47 -57.95
CA SER D 178 -46.55 1.18 -58.29
C SER D 178 -47.87 1.33 -59.02
N HIS D 179 -48.25 0.26 -59.71
CA HIS D 179 -49.56 0.17 -60.34
C HIS D 179 -50.64 0.36 -59.29
N ALA D 180 -50.38 -0.14 -58.09
CA ALA D 180 -51.31 -0.01 -56.96
C ALA D 180 -51.52 1.47 -56.57
N ALA D 181 -50.41 2.19 -56.40
CA ALA D 181 -50.47 3.60 -56.02
C ALA D 181 -51.17 4.43 -57.09
N TRP D 182 -50.91 4.10 -58.35
CA TRP D 182 -51.57 4.75 -59.50
C TRP D 182 -53.08 4.47 -59.50
N LEU D 183 -53.46 3.24 -59.20
CA LEU D 183 -54.81 2.75 -59.41
C LEU D 183 -55.74 3.06 -58.25
N LEU D 184 -55.21 2.95 -57.04
CA LEU D 184 -56.04 2.86 -55.84
C LEU D 184 -55.93 4.12 -55.01
N PRO D 185 -56.96 4.40 -54.19
CA PRO D 185 -56.89 5.57 -53.31
C PRO D 185 -55.78 5.45 -52.29
N GLY D 186 -55.19 6.58 -51.94
CA GLY D 186 -54.07 6.61 -51.02
C GLY D 186 -54.46 6.33 -49.58
N TRP D 187 -55.75 6.41 -49.27
CA TRP D 187 -56.21 6.13 -47.90
C TRP D 187 -56.30 4.63 -47.59
N LEU D 188 -56.10 3.80 -48.60
CA LEU D 188 -56.06 2.35 -48.39
C LEU D 188 -54.76 1.96 -47.72
N PRO D 189 -54.84 1.18 -46.64
CA PRO D 189 -53.67 0.83 -45.86
C PRO D 189 -52.88 -0.34 -46.46
N LEU D 190 -52.50 -0.22 -47.72
CA LEU D 190 -51.75 -1.27 -48.39
C LEU D 190 -50.34 -1.39 -47.80
N PRO D 191 -49.79 -2.61 -47.77
CA PRO D 191 -48.46 -2.79 -47.20
C PRO D 191 -47.40 -1.93 -47.86
N SER D 192 -47.43 -1.83 -49.18
CA SER D 192 -46.43 -1.03 -49.90
C SER D 192 -46.60 0.47 -49.60
N PHE D 193 -47.84 0.91 -49.44
CA PHE D 193 -48.11 2.30 -49.02
C PHE D 193 -47.52 2.51 -47.62
N ARG D 194 -47.78 1.57 -46.72
CA ARG D 194 -47.36 1.69 -45.34
C ARG D 194 -45.84 1.70 -45.22
N ARG D 195 -45.19 0.80 -45.96
CA ARG D 195 -43.73 0.76 -45.98
C ARG D 195 -43.15 2.05 -46.53
N ARG D 196 -43.75 2.53 -47.62
CA ARG D 196 -43.32 3.78 -48.23
C ARG D 196 -43.33 4.91 -47.19
N ASP D 197 -44.44 5.04 -46.48
CA ASP D 197 -44.65 6.15 -45.55
C ASP D 197 -43.72 6.06 -44.33
N ARG D 198 -43.49 4.85 -43.84
CA ARG D 198 -42.54 4.61 -42.76
C ARG D 198 -41.11 4.92 -43.20
N ALA D 199 -40.75 4.43 -44.37
CA ALA D 199 -39.40 4.62 -44.92
C ALA D 199 -39.11 6.11 -45.09
N HIS D 200 -40.12 6.84 -45.54
CA HIS D 200 -40.01 8.27 -45.76
C HIS D 200 -39.69 9.01 -44.46
N ARG D 201 -40.42 8.65 -43.40
CA ARG D 201 -40.24 9.29 -42.08
C ARG D 201 -38.85 9.00 -41.53
N GLU D 202 -38.43 7.75 -41.60
CA GLU D 202 -37.18 7.31 -40.99
C GLU D 202 -35.95 7.82 -41.76
N ILE D 203 -36.11 8.00 -43.06
CA ILE D 203 -35.06 8.59 -43.88
C ILE D 203 -34.97 10.11 -43.66
N LYS D 204 -36.12 10.77 -43.61
CA LYS D 204 -36.16 12.21 -43.31
C LYS D 204 -35.47 12.47 -41.97
N ASP D 205 -35.65 11.53 -41.05
CA ASP D 205 -35.10 11.61 -39.71
C ASP D 205 -33.57 11.56 -39.74
N ILE D 206 -33.03 10.61 -40.49
CA ILE D 206 -31.59 10.52 -40.71
C ILE D 206 -31.04 11.81 -41.33
N PHE D 207 -31.83 12.44 -42.20
CA PHE D 207 -31.42 13.68 -42.87
C PHE D 207 -31.51 14.87 -41.91
N TYR D 208 -32.55 14.90 -41.09
CA TYR D 208 -32.70 15.94 -40.08
C TYR D 208 -31.49 16.00 -39.16
N LYS D 209 -31.05 14.84 -38.67
CA LYS D 209 -29.88 14.77 -37.81
C LYS D 209 -28.62 15.29 -38.52
N ALA D 210 -28.40 14.83 -39.74
CA ALA D 210 -27.21 15.24 -40.50
C ALA D 210 -27.23 16.72 -40.85
N ILE D 211 -28.42 17.28 -41.06
CA ILE D 211 -28.57 18.72 -41.33
C ILE D 211 -28.28 19.55 -40.08
N GLN D 212 -28.78 19.08 -38.94
CA GLN D 212 -28.55 19.75 -37.66
C GLN D 212 -27.07 19.71 -37.33
N LYS D 213 -26.52 18.50 -37.40
CA LYS D 213 -25.11 18.25 -37.10
C LYS D 213 -24.19 19.15 -37.90
N ARG D 214 -24.57 19.49 -39.13
CA ARG D 214 -23.72 20.35 -39.94
C ARG D 214 -24.07 21.82 -39.85
N ARG D 215 -25.36 22.13 -39.75
CA ARG D 215 -25.76 23.52 -39.59
C ARG D 215 -25.02 24.18 -38.43
N GLN D 216 -24.64 23.39 -37.42
CA GLN D 216 -23.98 23.98 -36.24
C GLN D 216 -22.46 23.75 -36.11
N SER D 217 -21.89 22.78 -36.83
CA SER D 217 -20.44 22.73 -36.90
C SER D 217 -20.06 23.93 -37.75
N GLN D 218 -18.98 24.63 -37.41
CA GLN D 218 -18.60 25.79 -38.20
C GLN D 218 -17.57 25.44 -39.27
N GLU D 219 -17.13 24.18 -39.24
CA GLU D 219 -16.20 23.63 -40.23
C GLU D 219 -16.67 23.93 -41.65
N LYS D 220 -15.78 24.44 -42.49
CA LYS D 220 -16.16 24.83 -43.85
C LYS D 220 -16.09 23.66 -44.82
N ILE D 221 -17.20 22.95 -44.96
CA ILE D 221 -17.32 21.88 -45.96
C ILE D 221 -17.95 22.41 -47.24
N ASP D 222 -17.31 22.14 -48.36
CA ASP D 222 -17.83 22.55 -49.67
C ASP D 222 -18.40 21.37 -50.42
N ASP D 223 -19.68 21.09 -50.17
CA ASP D 223 -20.36 20.02 -50.90
C ASP D 223 -21.80 20.41 -51.22
N ILE D 224 -22.52 19.47 -51.81
CA ILE D 224 -23.86 19.75 -52.31
C ILE D 224 -24.84 19.97 -51.15
N LEU D 225 -24.69 19.24 -50.06
CA LEU D 225 -25.51 19.49 -48.88
C LEU D 225 -25.32 20.93 -48.42
N GLN D 226 -24.07 21.36 -48.35
CA GLN D 226 -23.77 22.74 -47.99
C GLN D 226 -24.45 23.74 -48.93
N THR D 227 -24.35 23.50 -50.23
CA THR D 227 -24.97 24.39 -51.21
C THR D 227 -26.46 24.56 -50.92
N LEU D 228 -27.11 23.50 -50.45
CA LEU D 228 -28.53 23.56 -50.12
C LEU D 228 -28.79 24.32 -48.84
N LEU D 229 -27.93 24.11 -47.84
CA LEU D 229 -28.05 24.81 -46.56
C LEU D 229 -27.81 26.31 -46.72
N ASP D 230 -27.07 26.68 -47.75
CA ASP D 230 -26.70 28.08 -47.97
C ASP D 230 -27.58 28.75 -49.02
N ALA D 231 -28.55 28.01 -49.53
CA ALA D 231 -29.34 28.51 -50.65
C ALA D 231 -30.45 29.45 -50.17
N THR D 232 -30.97 30.23 -51.10
CA THR D 232 -32.09 31.12 -50.84
C THR D 232 -32.96 31.18 -52.09
N TYR D 233 -34.27 31.25 -51.90
CA TYR D 233 -35.15 31.61 -53.00
C TYR D 233 -34.85 33.05 -53.39
N LYS D 234 -35.35 33.46 -54.56
CA LYS D 234 -35.11 34.81 -55.04
C LYS D 234 -35.70 35.87 -54.10
N ASP D 235 -36.74 35.52 -53.35
CA ASP D 235 -37.29 36.43 -52.34
C ASP D 235 -36.40 36.47 -51.10
N GLY D 236 -35.44 35.55 -51.02
CA GLY D 236 -34.45 35.54 -49.94
C GLY D 236 -34.65 34.49 -48.85
N ARG D 237 -35.78 33.78 -48.90
CA ARG D 237 -36.07 32.77 -47.87
C ARG D 237 -35.16 31.55 -48.04
N PRO D 238 -34.48 31.13 -46.97
CA PRO D 238 -33.70 29.91 -47.10
C PRO D 238 -34.59 28.66 -47.09
N LEU D 239 -34.08 27.56 -47.64
CA LEU D 239 -34.79 26.28 -47.56
C LEU D 239 -34.92 25.87 -46.11
N THR D 240 -36.10 25.36 -45.75
CA THR D 240 -36.29 24.72 -44.46
C THR D 240 -35.60 23.36 -44.46
N ASP D 241 -35.49 22.76 -43.29
CA ASP D 241 -34.90 21.43 -43.17
C ASP D 241 -35.73 20.38 -43.88
N ASP D 242 -37.05 20.59 -43.98
CA ASP D 242 -37.91 19.61 -44.62
C ASP D 242 -37.81 19.71 -46.13
N GLU D 243 -37.62 20.93 -46.63
CA GLU D 243 -37.35 21.14 -48.05
C GLU D 243 -36.03 20.48 -48.43
N VAL D 244 -34.98 20.77 -47.68
CA VAL D 244 -33.66 20.19 -47.92
C VAL D 244 -33.73 18.66 -47.94
N ALA D 245 -34.38 18.09 -46.94
CA ALA D 245 -34.49 16.63 -46.83
C ALA D 245 -35.22 16.04 -48.03
N GLY D 246 -36.31 16.72 -48.43
CA GLY D 246 -37.08 16.31 -49.60
C GLY D 246 -36.27 16.36 -50.88
N MET D 247 -35.41 17.35 -51.01
CA MET D 247 -34.57 17.49 -52.21
C MET D 247 -33.45 16.45 -52.18
N LEU D 248 -33.01 16.09 -50.98
CA LEU D 248 -32.01 15.04 -50.81
C LEU D 248 -32.56 13.68 -51.22
N ILE D 249 -33.84 13.43 -50.92
CA ILE D 249 -34.46 12.18 -51.32
C ILE D 249 -34.58 12.11 -52.84
N GLY D 250 -35.05 13.20 -53.46
CA GLY D 250 -35.14 13.25 -54.90
C GLY D 250 -33.81 12.96 -55.56
N LEU D 251 -32.76 13.54 -55.01
CA LEU D 251 -31.42 13.44 -55.57
C LEU D 251 -30.96 11.99 -55.61
N LEU D 252 -31.22 11.27 -54.53
CA LEU D 252 -30.82 9.88 -54.48
C LEU D 252 -31.61 9.04 -55.48
N LEU D 253 -32.92 9.21 -55.48
CA LEU D 253 -33.77 8.44 -56.38
C LEU D 253 -33.41 8.72 -57.83
N ALA D 254 -33.19 9.99 -58.15
CA ALA D 254 -32.74 10.39 -59.50
C ALA D 254 -31.36 9.83 -59.83
N GLY D 255 -30.46 9.85 -58.84
CA GLY D 255 -29.06 9.53 -59.07
C GLY D 255 -28.75 8.04 -59.08
N GLN D 256 -29.71 7.22 -58.67
CA GLN D 256 -29.44 5.78 -58.54
C GLN D 256 -29.88 5.03 -59.78
N HIS D 257 -31.19 4.95 -59.99
CA HIS D 257 -31.76 3.97 -60.89
C HIS D 257 -31.47 4.26 -62.37
N THR D 258 -31.46 5.53 -62.74
CA THR D 258 -31.18 5.91 -64.13
C THR D 258 -29.73 5.60 -64.52
N SER D 259 -28.83 5.72 -63.56
CA SER D 259 -27.41 5.48 -63.79
C SER D 259 -27.07 3.98 -63.75
N SER D 260 -27.71 3.25 -62.84
CA SER D 260 -27.40 1.84 -62.63
C SER D 260 -27.87 0.96 -63.78
N THR D 261 -29.10 1.16 -64.23
CA THR D 261 -29.62 0.42 -65.39
C THR D 261 -28.80 0.78 -66.62
N THR D 262 -28.51 2.06 -66.78
CA THR D 262 -27.76 2.53 -67.94
C THR D 262 -26.34 1.96 -67.94
N SER D 263 -25.71 1.92 -66.76
CA SER D 263 -24.36 1.37 -66.63
C SER D 263 -24.33 -0.13 -66.91
N ALA D 264 -25.37 -0.83 -66.48
CA ALA D 264 -25.47 -2.27 -66.71
C ALA D 264 -25.63 -2.57 -68.18
N TRP D 265 -26.55 -1.86 -68.84
CA TRP D 265 -26.74 -2.01 -70.27
C TRP D 265 -25.43 -1.80 -71.02
N MET D 266 -24.69 -0.76 -70.66
CA MET D 266 -23.45 -0.45 -71.36
C MET D 266 -22.48 -1.60 -71.19
N GLY D 267 -22.46 -2.17 -69.99
CA GLY D 267 -21.66 -3.35 -69.70
C GLY D 267 -21.80 -4.42 -70.77
N PHE D 268 -23.04 -4.74 -71.11
CA PHE D 268 -23.33 -5.82 -72.06
C PHE D 268 -23.09 -5.41 -73.50
N PHE D 269 -23.39 -4.16 -73.83
CA PHE D 269 -23.05 -3.63 -75.14
C PHE D 269 -21.55 -3.73 -75.38
N LEU D 270 -20.76 -3.44 -74.34
CA LEU D 270 -19.31 -3.50 -74.43
C LEU D 270 -18.80 -4.94 -74.42
N ALA D 271 -19.51 -5.80 -73.69
CA ALA D 271 -19.20 -7.24 -73.67
C ALA D 271 -19.52 -7.90 -75.00
N ARG D 272 -20.54 -7.40 -75.69
CA ARG D 272 -20.91 -7.93 -77.00
C ARG D 272 -19.91 -7.50 -78.07
N ASP D 273 -19.41 -6.27 -77.95
CA ASP D 273 -18.49 -5.70 -78.92
C ASP D 273 -17.09 -5.63 -78.31
N LYS D 274 -16.32 -6.69 -78.47
CA LYS D 274 -15.08 -6.89 -77.73
C LYS D 274 -13.95 -6.00 -78.25
N THR D 275 -13.96 -5.71 -79.54
CA THR D 275 -12.97 -4.80 -80.12
C THR D 275 -13.23 -3.38 -79.61
N LEU D 276 -14.51 -3.04 -79.50
CA LEU D 276 -14.92 -1.75 -78.96
C LEU D 276 -14.47 -1.56 -77.50
N GLN D 277 -14.69 -2.60 -76.70
CA GLN D 277 -14.26 -2.61 -75.29
C GLN D 277 -12.75 -2.48 -75.15
N LYS D 278 -12.03 -3.16 -76.03
CA LYS D 278 -10.58 -3.08 -76.06
C LYS D 278 -10.15 -1.64 -76.33
N LYS D 279 -10.81 -0.98 -77.27
CA LYS D 279 -10.50 0.40 -77.62
C LYS D 279 -10.80 1.37 -76.48
N CYS D 280 -11.79 1.04 -75.66
CA CYS D 280 -12.11 1.85 -74.49
C CYS D 280 -11.00 1.75 -73.44
N TYR D 281 -10.42 0.56 -73.30
CA TYR D 281 -9.31 0.37 -72.37
C TYR D 281 -8.07 1.11 -72.87
N LEU D 282 -7.81 1.03 -74.17
CA LEU D 282 -6.65 1.66 -74.74
C LEU D 282 -6.76 3.17 -74.59
N GLU D 283 -7.98 3.69 -74.66
CA GLU D 283 -8.23 5.11 -74.49
C GLU D 283 -7.84 5.56 -73.07
N GLN D 284 -8.12 4.69 -72.10
CA GLN D 284 -7.70 4.93 -70.71
C GLN D 284 -6.20 5.21 -70.66
N LYS D 285 -5.43 4.33 -71.32
CA LYS D 285 -3.97 4.46 -71.35
C LYS D 285 -3.54 5.72 -72.10
N THR D 286 -4.17 5.96 -73.25
CA THR D 286 -3.80 7.07 -74.13
C THR D 286 -4.03 8.45 -73.49
N VAL D 287 -5.12 8.59 -72.74
CA VAL D 287 -5.52 9.88 -72.18
C VAL D 287 -4.92 10.09 -70.80
N CYS D 288 -4.83 9.02 -70.02
CA CYS D 288 -4.44 9.09 -68.62
C CYS D 288 -2.98 8.67 -68.38
N GLY D 289 -2.39 7.99 -69.36
CA GLY D 289 -1.02 7.46 -69.23
C GLY D 289 -1.00 5.96 -69.11
N GLU D 290 0.13 5.34 -69.47
CA GLU D 290 0.23 3.88 -69.50
C GLU D 290 0.16 3.26 -68.09
N ASN D 291 0.59 4.02 -67.09
CA ASN D 291 0.58 3.53 -65.71
C ASN D 291 -0.80 3.58 -65.05
N LEU D 292 -1.74 4.23 -65.72
CA LEU D 292 -3.11 4.35 -65.22
C LEU D 292 -3.17 4.94 -63.82
N PRO D 293 -2.89 6.24 -63.69
CA PRO D 293 -2.99 6.92 -62.40
C PRO D 293 -4.43 7.18 -62.00
N PRO D 294 -4.67 7.59 -60.73
CA PRO D 294 -6.03 7.86 -60.27
C PRO D 294 -6.76 8.85 -61.15
N LEU D 295 -8.05 8.62 -61.38
CA LEU D 295 -8.82 9.40 -62.33
C LEU D 295 -8.93 10.86 -61.88
N THR D 296 -9.04 11.75 -62.86
CA THR D 296 -9.36 13.15 -62.58
C THR D 296 -10.47 13.65 -63.50
N TYR D 297 -11.16 14.69 -63.05
CA TYR D 297 -12.25 15.28 -63.81
C TYR D 297 -11.80 15.64 -65.22
N ASP D 298 -10.67 16.33 -65.32
CA ASP D 298 -10.15 16.78 -66.61
C ASP D 298 -9.96 15.62 -67.56
N GLN D 299 -9.46 14.51 -67.03
CA GLN D 299 -9.28 13.31 -67.82
C GLN D 299 -10.61 12.79 -68.36
N LEU D 300 -11.62 12.77 -67.49
CA LEU D 300 -12.95 12.31 -67.91
C LEU D 300 -13.42 13.07 -69.15
N LYS D 301 -13.13 14.35 -69.20
CA LYS D 301 -13.63 15.19 -70.28
C LYS D 301 -12.96 14.83 -71.60
N ASP D 302 -11.90 14.04 -71.54
CA ASP D 302 -11.16 13.65 -72.74
C ASP D 302 -11.44 12.20 -73.15
N LEU D 303 -12.20 11.48 -72.33
CA LEU D 303 -12.53 10.10 -72.65
C LEU D 303 -13.66 10.03 -73.68
N ASN D 304 -13.34 10.43 -74.91
CA ASN D 304 -14.33 10.64 -75.96
C ASN D 304 -15.10 9.39 -76.36
N LEU D 305 -14.38 8.28 -76.51
CA LEU D 305 -15.02 7.03 -76.93
C LEU D 305 -15.96 6.49 -75.85
N LEU D 306 -15.49 6.46 -74.60
CA LEU D 306 -16.35 6.09 -73.49
C LEU D 306 -17.56 7.03 -73.44
N ASP D 307 -17.34 8.30 -73.72
CA ASP D 307 -18.42 9.27 -73.78
C ASP D 307 -19.46 8.87 -74.82
N ARG D 308 -19.01 8.48 -76.00
CA ARG D 308 -19.92 8.12 -77.09
C ARG D 308 -20.66 6.82 -76.79
N CYS D 309 -19.99 5.91 -76.06
CA CYS D 309 -20.62 4.66 -75.65
C CYS D 309 -21.79 4.92 -74.70
N ILE D 310 -21.57 5.76 -73.71
CA ILE D 310 -22.63 6.16 -72.79
C ILE D 310 -23.73 6.84 -73.58
N LYS D 311 -23.34 7.75 -74.47
CA LYS D 311 -24.29 8.44 -75.32
C LYS D 311 -25.13 7.44 -76.13
N GLU D 312 -24.49 6.39 -76.63
CA GLU D 312 -25.15 5.41 -77.48
C GLU D 312 -26.01 4.45 -76.66
N THR D 313 -25.56 4.12 -75.45
CA THR D 313 -26.34 3.32 -74.51
C THR D 313 -27.62 4.04 -74.09
N LEU D 314 -27.50 5.34 -73.86
CA LEU D 314 -28.65 6.16 -73.52
C LEU D 314 -29.60 6.27 -74.71
N ARG D 315 -29.04 6.14 -75.91
CA ARG D 315 -29.83 6.20 -77.12
C ARG D 315 -30.75 4.99 -77.24
N LEU D 316 -30.21 3.81 -76.97
CA LEU D 316 -30.93 2.56 -77.20
C LEU D 316 -31.70 2.11 -75.96
N ARG D 317 -31.22 2.52 -74.79
CA ARG D 317 -31.79 2.09 -73.53
C ARG D 317 -31.96 3.28 -72.59
N PRO D 318 -32.69 4.31 -73.05
CA PRO D 318 -32.91 5.38 -72.09
C PRO D 318 -33.72 4.89 -70.89
N PRO D 319 -33.23 5.17 -69.67
CA PRO D 319 -33.84 4.66 -68.45
C PRO D 319 -35.20 5.29 -68.16
N ILE D 320 -35.39 6.53 -68.60
CA ILE D 320 -36.69 7.18 -68.56
C ILE D 320 -37.36 7.02 -69.93
N MET D 321 -38.20 6.01 -70.07
CA MET D 321 -38.76 5.68 -71.38
C MET D 321 -39.85 6.64 -71.84
N ILE D 322 -40.42 7.40 -70.92
CA ILE D 322 -41.62 8.17 -71.22
C ILE D 322 -41.67 9.49 -70.47
N MET D 323 -42.25 10.49 -71.12
CA MET D 323 -42.54 11.75 -70.47
C MET D 323 -43.95 12.20 -70.79
N MET D 324 -44.69 12.55 -69.74
CA MET D 324 -46.11 12.70 -69.85
C MET D 324 -46.56 14.01 -69.24
N ARG D 325 -47.57 14.61 -69.84
CA ARG D 325 -48.18 15.83 -69.33
C ARG D 325 -49.69 15.73 -69.44
N MET D 326 -50.38 16.41 -68.54
CA MET D 326 -51.81 16.61 -68.68
C MET D 326 -52.07 17.88 -69.48
N ALA D 327 -52.86 17.76 -70.54
CA ALA D 327 -53.29 18.93 -71.30
C ALA D 327 -54.35 19.72 -70.54
N ARG D 328 -54.00 20.95 -70.16
CA ARG D 328 -54.92 21.84 -69.45
C ARG D 328 -55.68 22.72 -70.42
N THR D 329 -55.03 23.03 -71.54
CA THR D 329 -55.61 23.87 -72.56
C THR D 329 -55.51 23.14 -73.90
N PRO D 330 -56.29 23.58 -74.88
CA PRO D 330 -56.20 22.92 -76.18
C PRO D 330 -54.86 23.18 -76.85
N GLN D 331 -54.35 22.19 -77.57
CA GLN D 331 -53.01 22.26 -78.12
C GLN D 331 -52.95 21.77 -79.56
N THR D 332 -52.18 22.46 -80.38
CA THR D 332 -52.16 22.20 -81.80
C THR D 332 -50.83 21.62 -82.23
N VAL D 333 -50.89 20.56 -83.03
CA VAL D 333 -49.70 19.91 -83.51
C VAL D 333 -50.02 19.02 -84.73
N ALA D 334 -49.20 19.15 -85.77
CA ALA D 334 -49.33 18.38 -87.00
C ALA D 334 -50.72 18.46 -87.62
N GLY D 335 -51.41 19.56 -87.37
CA GLY D 335 -52.74 19.79 -87.96
C GLY D 335 -53.87 19.30 -87.06
N TYR D 336 -53.50 18.81 -85.88
CA TYR D 336 -54.48 18.30 -84.93
C TYR D 336 -54.63 19.21 -83.72
N THR D 337 -55.78 19.14 -83.07
CA THR D 337 -56.03 19.86 -81.82
C THR D 337 -56.28 18.86 -80.70
N ILE D 338 -55.44 18.92 -79.66
CA ILE D 338 -55.60 18.03 -78.51
C ILE D 338 -56.42 18.76 -77.44
N PRO D 339 -57.49 18.12 -76.97
CA PRO D 339 -58.39 18.75 -75.99
C PRO D 339 -57.82 18.68 -74.58
N PRO D 340 -58.27 19.58 -73.69
CA PRO D 340 -57.92 19.38 -72.28
C PRO D 340 -58.40 18.02 -71.79
N GLY D 341 -57.66 17.44 -70.85
CA GLY D 341 -58.00 16.13 -70.33
C GLY D 341 -57.18 15.01 -70.93
N HIS D 342 -56.64 15.23 -72.13
CA HIS D 342 -55.71 14.27 -72.71
C HIS D 342 -54.39 14.30 -71.95
N GLN D 343 -53.81 13.12 -71.77
CA GLN D 343 -52.46 13.03 -71.22
C GLN D 343 -51.50 12.86 -72.39
N VAL D 344 -50.60 13.84 -72.54
CA VAL D 344 -49.79 13.96 -73.74
C VAL D 344 -48.41 13.36 -73.51
N CYS D 345 -47.96 12.53 -74.45
CA CYS D 345 -46.81 11.67 -74.22
C CYS D 345 -45.72 11.80 -75.28
N VAL D 346 -44.49 11.63 -74.82
CA VAL D 346 -43.32 11.52 -75.70
C VAL D 346 -42.52 10.28 -75.30
N SER D 347 -41.95 9.60 -76.28
CA SER D 347 -41.06 8.48 -76.02
C SER D 347 -39.67 8.73 -76.60
N PRO D 348 -38.71 9.06 -75.72
CA PRO D 348 -37.30 9.13 -76.10
C PRO D 348 -36.84 7.88 -76.85
N THR D 349 -37.22 6.72 -76.34
CA THR D 349 -36.80 5.45 -76.94
C THR D 349 -37.18 5.37 -78.42
N VAL D 350 -38.43 5.71 -78.72
CA VAL D 350 -38.92 5.67 -80.10
C VAL D 350 -38.23 6.74 -80.94
N ASN D 351 -38.21 7.97 -80.43
CA ASN D 351 -37.52 9.05 -81.11
C ASN D 351 -36.08 8.69 -81.45
N GLN D 352 -35.42 7.98 -80.54
CA GLN D 352 -33.97 7.76 -80.64
C GLN D 352 -33.65 6.56 -81.51
N ARG D 353 -34.62 6.12 -82.30
CA ARG D 353 -34.58 4.81 -82.92
C ARG D 353 -35.39 4.82 -84.22
N LEU D 354 -36.00 5.96 -84.50
CA LEU D 354 -36.90 6.10 -85.64
C LEU D 354 -36.20 5.78 -86.97
N LYS D 355 -36.80 4.86 -87.73
CA LYS D 355 -36.28 4.44 -89.03
C LYS D 355 -36.00 5.63 -89.95
N ASP D 356 -36.91 6.60 -89.97
CA ASP D 356 -36.76 7.79 -90.81
C ASP D 356 -35.39 8.46 -90.64
N SER D 357 -34.86 8.48 -89.42
CA SER D 357 -33.74 9.38 -89.12
C SER D 357 -32.44 8.73 -88.63
N TRP D 358 -32.49 7.46 -88.22
CA TRP D 358 -31.28 6.80 -87.71
C TRP D 358 -30.83 5.65 -88.61
N VAL D 359 -29.66 5.81 -89.24
CA VAL D 359 -29.08 4.74 -90.07
C VAL D 359 -28.68 3.57 -89.18
N GLU D 360 -29.03 2.35 -89.61
CA GLU D 360 -28.81 1.15 -88.81
C GLU D 360 -29.28 1.37 -87.37
N ARG D 361 -30.59 1.53 -87.21
CA ARG D 361 -31.17 2.07 -85.98
C ARG D 361 -31.00 1.18 -84.74
N LEU D 362 -30.89 -0.13 -84.93
CA LEU D 362 -30.80 -1.05 -83.78
C LEU D 362 -29.36 -1.46 -83.47
N ASP D 363 -28.41 -0.91 -84.23
CA ASP D 363 -27.01 -1.25 -84.04
C ASP D 363 -26.40 -0.37 -82.95
N PHE D 364 -25.60 -0.98 -82.08
CA PHE D 364 -24.84 -0.21 -81.10
C PHE D 364 -23.56 0.29 -81.74
N ASN D 365 -23.60 1.53 -82.22
CA ASN D 365 -22.47 2.12 -82.90
C ASN D 365 -22.15 3.52 -82.37
N PRO D 366 -21.24 3.60 -81.38
CA PRO D 366 -20.89 4.88 -80.78
C PRO D 366 -20.28 5.86 -81.78
N ASP D 367 -19.66 5.35 -82.84
CA ASP D 367 -19.01 6.21 -83.82
C ASP D 367 -20.02 6.92 -84.76
N ARG D 368 -21.30 6.62 -84.60
CA ARG D 368 -22.33 7.23 -85.44
C ARG D 368 -22.42 8.74 -85.23
N TYR D 369 -21.88 9.21 -84.11
CA TYR D 369 -21.91 10.63 -83.77
C TYR D 369 -20.73 11.39 -84.35
N LEU D 370 -19.81 10.66 -84.98
CA LEU D 370 -18.68 11.26 -85.68
C LEU D 370 -19.08 11.73 -87.08
N GLN D 371 -20.21 11.22 -87.57
CA GLN D 371 -20.77 11.65 -88.84
C GLN D 371 -22.10 12.35 -88.58
N ASP D 372 -22.78 12.75 -89.65
CA ASP D 372 -24.10 13.36 -89.52
C ASP D 372 -25.06 12.41 -88.83
N ASN D 373 -25.83 12.93 -87.88
CA ASN D 373 -26.75 12.14 -87.09
C ASN D 373 -27.86 13.02 -86.53
N PRO D 374 -29.00 12.43 -86.16
CA PRO D 374 -30.14 13.27 -85.79
C PRO D 374 -30.00 13.98 -84.44
N ALA D 375 -29.10 13.50 -83.59
CA ALA D 375 -28.83 14.19 -82.31
C ALA D 375 -28.32 15.61 -82.55
N SER D 376 -27.44 15.75 -83.53
CA SER D 376 -26.93 17.07 -83.92
C SER D 376 -27.83 17.69 -84.99
N GLY D 377 -28.41 16.84 -85.83
CA GLY D 377 -29.11 17.29 -87.04
C GLY D 377 -30.58 17.62 -86.84
N GLU D 378 -31.17 17.11 -85.76
CA GLU D 378 -32.56 17.42 -85.40
C GLU D 378 -32.64 17.98 -83.98
N LYS D 379 -33.78 18.56 -83.62
CA LYS D 379 -33.93 19.18 -82.30
C LYS D 379 -34.31 18.20 -81.19
N PHE D 380 -35.18 17.25 -81.49
CA PHE D 380 -35.70 16.35 -80.45
C PHE D 380 -35.74 14.90 -80.89
N ALA D 381 -34.82 14.51 -81.77
CA ALA D 381 -34.64 13.10 -82.11
C ALA D 381 -33.90 12.38 -80.98
N TYR D 382 -32.99 13.10 -80.33
CA TYR D 382 -32.20 12.55 -79.24
C TYR D 382 -32.42 13.32 -77.95
N VAL D 383 -33.16 12.72 -77.02
CA VAL D 383 -33.66 13.44 -75.84
C VAL D 383 -33.70 12.58 -74.58
N PRO D 384 -32.58 11.93 -74.22
CA PRO D 384 -32.60 11.07 -73.04
C PRO D 384 -32.69 11.84 -71.72
N PHE D 385 -32.39 13.14 -71.76
CA PHE D 385 -32.48 13.99 -70.57
C PHE D 385 -33.57 15.03 -70.69
N GLY D 386 -34.36 14.92 -71.75
CA GLY D 386 -35.46 15.85 -72.00
C GLY D 386 -35.03 17.16 -72.64
N ALA D 387 -35.88 18.16 -72.49
CA ALA D 387 -35.61 19.52 -72.97
C ALA D 387 -36.71 20.44 -72.44
N GLY D 388 -36.47 21.74 -72.50
CA GLY D 388 -37.44 22.71 -71.99
C GLY D 388 -37.49 22.69 -70.47
N ARG D 389 -38.62 23.09 -69.91
CA ARG D 389 -38.70 23.44 -68.49
C ARG D 389 -38.54 22.25 -67.53
N HIS D 390 -38.88 21.05 -67.96
CA HIS D 390 -38.75 19.87 -67.10
C HIS D 390 -37.49 19.08 -67.38
N ARG D 391 -36.65 19.59 -68.27
CA ARG D 391 -35.43 18.90 -68.65
C ARG D 391 -34.58 18.58 -67.43
N CYS D 392 -33.72 17.60 -67.60
CA CYS D 392 -32.86 17.12 -66.52
C CYS D 392 -31.84 18.17 -66.12
N ILE D 393 -31.47 18.15 -64.85
CA ILE D 393 -30.35 18.96 -64.37
C ILE D 393 -29.17 18.10 -63.92
N GLY D 394 -29.30 16.79 -64.06
CA GLY D 394 -28.31 15.87 -63.50
C GLY D 394 -27.43 15.22 -64.54
N GLU D 395 -27.52 15.70 -65.77
CA GLU D 395 -26.85 15.04 -66.88
C GLU D 395 -25.34 14.98 -66.65
N ASN D 396 -24.77 16.11 -66.23
CA ASN D 396 -23.34 16.20 -66.01
C ASN D 396 -22.88 15.27 -64.89
N PHE D 397 -23.62 15.23 -63.80
CA PHE D 397 -23.27 14.30 -62.72
C PHE D 397 -23.35 12.85 -63.18
N ALA D 398 -24.42 12.51 -63.88
CA ALA D 398 -24.61 11.14 -64.36
C ALA D 398 -23.41 10.71 -65.21
N TYR D 399 -22.97 11.58 -66.09
CA TYR D 399 -21.80 11.29 -66.93
C TYR D 399 -20.54 11.14 -66.09
N VAL D 400 -20.37 12.00 -65.09
CA VAL D 400 -19.26 11.89 -64.16
C VAL D 400 -19.32 10.54 -63.44
N GLN D 401 -20.50 10.19 -62.96
CA GLN D 401 -20.66 8.97 -62.19
C GLN D 401 -20.43 7.74 -63.08
N ILE D 402 -21.05 7.72 -64.25
CA ILE D 402 -20.99 6.56 -65.12
C ILE D 402 -19.58 6.40 -65.72
N LYS D 403 -18.99 7.50 -66.17
CA LYS D 403 -17.62 7.47 -66.68
C LYS D 403 -16.61 7.00 -65.62
N THR D 404 -16.72 7.55 -64.42
CA THR D 404 -15.76 7.22 -63.37
C THR D 404 -15.86 5.74 -63.02
N ILE D 405 -17.08 5.28 -62.87
CA ILE D 405 -17.35 3.87 -62.55
C ILE D 405 -16.82 2.93 -63.63
N TRP D 406 -17.18 3.20 -64.88
CA TRP D 406 -16.82 2.29 -65.96
C TRP D 406 -15.34 2.38 -66.34
N SER D 407 -14.79 3.58 -66.31
CA SER D 407 -13.34 3.73 -66.46
C SER D 407 -12.65 2.79 -65.48
N THR D 408 -13.02 2.90 -64.21
CA THR D 408 -12.42 2.08 -63.17
C THR D 408 -12.63 0.58 -63.44
N MET D 409 -13.86 0.21 -63.80
CA MET D 409 -14.21 -1.19 -64.05
C MET D 409 -13.44 -1.78 -65.24
N LEU D 410 -13.37 -1.02 -66.33
CA LEU D 410 -12.59 -1.45 -67.50
C LEU D 410 -11.11 -1.65 -67.14
N ARG D 411 -10.64 -0.93 -66.14
CA ARG D 411 -9.28 -1.11 -65.65
C ARG D 411 -9.14 -2.39 -64.84
N LEU D 412 -10.17 -2.73 -64.07
CA LEU D 412 -10.16 -3.92 -63.23
C LEU D 412 -10.34 -5.21 -64.03
N TYR D 413 -11.32 -5.20 -64.93
CA TYR D 413 -11.72 -6.43 -65.61
C TYR D 413 -11.89 -6.29 -67.12
N GLU D 414 -11.81 -7.43 -67.78
CA GLU D 414 -12.37 -7.60 -69.11
C GLU D 414 -13.69 -8.36 -69.02
N PHE D 415 -14.69 -7.88 -69.76
CA PHE D 415 -16.06 -8.38 -69.61
C PHE D 415 -16.51 -9.15 -70.84
N ASP D 416 -17.25 -10.23 -70.60
CA ASP D 416 -17.73 -11.09 -71.68
C ASP D 416 -19.17 -11.53 -71.49
N LEU D 417 -19.82 -11.82 -72.60
CA LEU D 417 -21.13 -12.44 -72.59
C LEU D 417 -21.01 -13.90 -72.18
N ILE D 418 -22.09 -14.45 -71.65
CA ILE D 418 -22.13 -15.87 -71.32
C ILE D 418 -22.89 -16.65 -72.38
N ASP D 419 -22.16 -17.51 -73.09
CA ASP D 419 -22.68 -18.23 -74.26
C ASP D 419 -23.34 -17.29 -75.28
N GLY D 420 -22.74 -16.11 -75.47
CA GLY D 420 -23.24 -15.13 -76.43
C GLY D 420 -24.63 -14.59 -76.11
N TYR D 421 -25.08 -14.79 -74.88
CA TYR D 421 -26.39 -14.31 -74.48
C TYR D 421 -26.37 -12.81 -74.22
N PHE D 422 -27.20 -12.09 -74.97
CA PHE D 422 -27.42 -10.67 -74.73
C PHE D 422 -28.78 -10.47 -74.09
N PRO D 423 -28.80 -9.80 -72.91
CA PRO D 423 -30.03 -9.67 -72.14
C PRO D 423 -31.18 -9.05 -72.92
N THR D 424 -32.38 -9.55 -72.66
CA THR D 424 -33.59 -8.94 -73.17
C THR D 424 -34.11 -7.93 -72.16
N VAL D 425 -35.06 -7.12 -72.60
CA VAL D 425 -35.61 -6.05 -71.78
C VAL D 425 -36.77 -6.58 -70.93
N ASN D 426 -36.71 -6.31 -69.63
CA ASN D 426 -37.83 -6.61 -68.73
C ASN D 426 -38.77 -5.42 -68.63
N TYR D 427 -39.93 -5.52 -69.30
CA TYR D 427 -40.85 -4.40 -69.38
C TYR D 427 -41.76 -4.28 -68.15
N THR D 428 -41.76 -5.31 -67.30
CA THR D 428 -42.70 -5.37 -66.17
C THR D 428 -42.23 -4.50 -65.00
N THR D 429 -40.95 -4.15 -64.98
CA THR D 429 -40.40 -3.29 -63.94
C THR D 429 -40.59 -1.80 -64.26
N MET D 430 -40.47 -0.96 -63.23
CA MET D 430 -40.68 0.48 -63.35
C MET D 430 -39.75 1.10 -64.38
N ILE D 431 -38.44 0.97 -64.16
CA ILE D 431 -37.45 1.16 -65.21
C ILE D 431 -37.19 -0.18 -65.88
N HIS D 432 -37.08 -0.17 -67.19
CA HIS D 432 -36.85 -1.39 -67.95
C HIS D 432 -35.45 -1.94 -67.69
N THR D 433 -35.40 -3.08 -67.01
CA THR D 433 -34.15 -3.69 -66.55
C THR D 433 -33.75 -4.83 -67.50
N PRO D 434 -32.46 -5.21 -67.49
CA PRO D 434 -32.10 -6.38 -68.28
C PRO D 434 -32.47 -7.70 -67.60
N GLU D 435 -33.06 -8.61 -68.37
CA GLU D 435 -33.30 -9.98 -67.92
C GLU D 435 -31.98 -10.72 -67.76
N ASN D 436 -31.80 -11.39 -66.63
CA ASN D 436 -30.62 -12.22 -66.39
C ASN D 436 -29.33 -11.47 -66.72
N PRO D 437 -29.07 -10.36 -66.02
CA PRO D 437 -27.92 -9.51 -66.27
C PRO D 437 -26.65 -10.09 -65.67
N VAL D 438 -26.37 -11.36 -65.99
CA VAL D 438 -25.16 -12.01 -65.52
C VAL D 438 -24.08 -11.83 -66.58
N ILE D 439 -22.90 -11.45 -66.12
CA ILE D 439 -21.81 -11.09 -67.03
C ILE D 439 -20.58 -11.89 -66.64
N ARG D 440 -19.77 -12.26 -67.63
CA ARG D 440 -18.50 -12.91 -67.35
C ARG D 440 -17.42 -11.87 -67.22
N TYR D 441 -16.51 -12.08 -66.28
CA TYR D 441 -15.43 -11.14 -66.07
C TYR D 441 -14.17 -11.88 -65.66
N LYS D 442 -13.03 -11.35 -66.08
CA LYS D 442 -11.73 -11.84 -65.65
C LYS D 442 -10.76 -10.66 -65.52
N ARG D 443 -9.83 -10.79 -64.59
CA ARG D 443 -8.88 -9.71 -64.28
C ARG D 443 -8.18 -9.22 -65.55
N ARG D 444 -8.01 -7.90 -65.66
CA ARG D 444 -7.48 -7.25 -66.86
C ARG D 444 -5.95 -7.34 -66.97
N SER D 445 -5.49 -7.76 -68.15
CA SER D 445 -4.06 -7.91 -68.42
C SER D 445 -3.21 -6.88 -67.70
N GLY E 1 7.60 68.05 66.86
CA GLY E 1 8.73 67.24 66.34
C GLY E 1 9.91 68.08 65.88
N LYS E 2 10.86 68.30 66.77
CA LYS E 2 12.14 68.94 66.41
C LYS E 2 13.26 67.90 66.34
N LEU E 3 13.91 67.83 65.20
CA LEU E 3 15.03 66.90 65.00
C LEU E 3 16.25 67.40 65.78
N PRO E 4 17.11 66.46 66.24
CA PRO E 4 18.36 66.86 66.87
C PRO E 4 19.28 67.59 65.90
N PRO E 5 20.21 68.40 66.43
CA PRO E 5 21.20 69.01 65.55
C PRO E 5 21.93 67.96 64.74
N TYR E 6 22.15 68.26 63.46
CA TYR E 6 22.71 67.30 62.51
C TYR E 6 24.09 67.78 62.06
N ILE E 7 25.10 66.96 62.31
CA ILE E 7 26.48 67.35 61.98
C ILE E 7 26.77 67.12 60.51
N PHE E 8 26.84 68.23 59.76
CA PHE E 8 26.95 68.17 58.31
C PHE E 8 28.30 67.63 57.88
N SER E 9 28.31 66.87 56.80
CA SER E 9 29.55 66.49 56.13
C SER E 9 29.51 66.77 54.63
N PRO E 10 30.52 67.50 54.14
CA PRO E 10 30.71 67.75 52.70
C PRO E 10 31.04 66.47 51.92
N ILE E 11 31.72 65.55 52.59
CA ILE E 11 32.17 64.29 51.97
C ILE E 11 30.97 63.38 51.68
N PRO E 12 30.70 63.11 50.39
CA PRO E 12 29.38 62.65 49.89
C PRO E 12 28.83 61.30 50.38
N PHE E 13 29.55 60.18 50.21
CA PHE E 13 29.01 58.88 50.64
C PHE E 13 29.51 58.48 52.03
N LEU E 14 30.74 58.85 52.33
CA LEU E 14 31.39 58.46 53.58
C LEU E 14 30.90 59.26 54.77
N GLY E 15 30.57 60.53 54.55
CA GLY E 15 30.28 61.43 55.65
C GLY E 15 31.50 61.54 56.55
N HIS E 16 31.30 61.39 57.86
CA HIS E 16 32.39 61.53 58.81
C HIS E 16 33.18 60.23 59.05
N ALA E 17 33.07 59.28 58.13
CA ALA E 17 33.59 57.92 58.36
C ALA E 17 35.09 57.90 58.66
N ILE E 18 35.88 58.60 57.86
CA ILE E 18 37.33 58.57 58.04
C ILE E 18 37.73 59.19 59.37
N ALA E 19 37.24 60.40 59.64
CA ALA E 19 37.56 61.10 60.88
C ALA E 19 37.11 60.28 62.09
N PHE E 20 35.88 59.81 62.05
CA PHE E 20 35.32 59.01 63.14
C PHE E 20 36.11 57.72 63.36
N GLY E 21 36.56 57.12 62.27
CA GLY E 21 37.35 55.89 62.33
C GLY E 21 38.72 56.10 62.95
N LYS E 22 39.31 57.28 62.71
CA LYS E 22 40.66 57.58 63.21
C LYS E 22 40.70 57.73 64.74
N SER E 23 39.71 58.44 65.30
CA SER E 23 39.54 58.47 66.75
C SER E 23 38.10 58.82 67.12
N PRO E 24 37.29 57.78 67.38
CA PRO E 24 35.86 57.91 67.63
C PRO E 24 35.53 58.64 68.93
N ILE E 25 36.34 58.45 69.96
CA ILE E 25 36.06 59.04 71.27
C ILE E 25 36.23 60.55 71.22
N GLU E 26 37.33 60.99 70.61
CA GLU E 26 37.59 62.41 70.40
C GLU E 26 36.47 63.02 69.56
N PHE E 27 36.06 62.32 68.52
CA PHE E 27 35.03 62.80 67.62
C PHE E 27 33.73 63.04 68.38
N LEU E 28 33.34 62.08 69.21
CA LEU E 28 32.09 62.18 69.96
C LEU E 28 32.19 63.23 71.07
N GLU E 29 33.35 63.31 71.71
CA GLU E 29 33.57 64.30 72.77
C GLU E 29 33.54 65.73 72.22
N ASN E 30 34.23 65.96 71.09
CA ASN E 30 34.18 67.28 70.45
C ASN E 30 32.76 67.64 70.07
N ALA E 31 32.08 66.71 69.43
CA ALA E 31 30.70 66.89 69.00
C ALA E 31 29.81 67.22 70.20
N TYR E 32 30.10 66.60 71.33
CA TYR E 32 29.35 66.82 72.57
C TYR E 32 29.43 68.29 73.01
N GLU E 33 30.65 68.81 73.08
CA GLU E 33 30.89 70.21 73.42
C GLU E 33 30.09 71.15 72.53
N LYS E 34 30.11 70.85 71.23
CA LYS E 34 29.61 71.74 70.18
C LYS E 34 28.09 71.63 69.99
N TYR E 35 27.52 70.45 70.19
CA TYR E 35 26.11 70.20 69.87
C TYR E 35 25.25 69.72 71.03
N GLY E 36 25.87 69.32 72.14
CA GLY E 36 25.12 68.83 73.31
C GLY E 36 24.98 67.31 73.33
N PRO E 37 24.12 66.78 74.22
CA PRO E 37 24.07 65.35 74.50
C PRO E 37 23.39 64.52 73.40
N VAL E 38 22.63 65.18 72.54
CA VAL E 38 21.92 64.48 71.46
C VAL E 38 22.16 65.17 70.13
N PHE E 39 22.74 64.45 69.19
CA PHE E 39 23.03 64.97 67.86
C PHE E 39 23.01 63.85 66.83
N SER E 40 23.02 64.22 65.56
CA SER E 40 22.93 63.26 64.48
C SER E 40 24.01 63.49 63.42
N PHE E 41 24.34 62.42 62.71
CA PHE E 41 25.16 62.53 61.52
C PHE E 41 24.96 61.30 60.63
N THR E 42 25.36 61.42 59.37
CA THR E 42 25.33 60.28 58.47
C THR E 42 26.71 59.75 58.16
N MET E 43 26.74 58.45 57.91
CA MET E 43 27.93 57.75 57.51
C MET E 43 27.49 56.65 56.56
N VAL E 44 28.24 56.50 55.47
CA VAL E 44 28.07 55.35 54.59
C VAL E 44 26.59 55.00 54.44
N GLY E 45 25.77 56.01 54.21
CA GLY E 45 24.36 55.82 53.85
C GLY E 45 23.38 55.79 55.02
N LYS E 46 23.89 55.61 56.24
CA LYS E 46 23.03 55.48 57.42
C LYS E 46 23.02 56.78 58.23
N THR E 47 21.92 57.05 58.91
CA THR E 47 21.86 58.20 59.83
C THR E 47 21.87 57.73 61.28
N PHE E 48 22.87 58.21 62.02
CA PHE E 48 23.03 57.84 63.43
C PHE E 48 22.72 59.02 64.34
N THR E 49 22.06 58.73 65.45
CA THR E 49 21.82 59.73 66.48
C THR E 49 22.39 59.26 67.81
N TYR E 50 23.36 59.99 68.34
CA TYR E 50 23.98 59.62 69.60
C TYR E 50 23.25 60.18 70.81
N LEU E 51 23.22 59.39 71.88
CA LEU E 51 22.73 59.83 73.19
C LEU E 51 23.89 59.79 74.18
N LEU E 52 24.55 60.93 74.36
CA LEU E 52 25.69 61.02 75.26
C LEU E 52 25.29 61.55 76.64
N GLY E 53 25.96 61.02 77.67
CA GLY E 53 25.64 61.38 79.05
C GLY E 53 24.52 60.52 79.60
N SER E 54 24.41 60.45 80.91
CA SER E 54 23.46 59.56 81.58
C SER E 54 22.00 59.87 81.19
N ASP E 55 21.65 61.15 81.22
CA ASP E 55 20.25 61.54 81.08
C ASP E 55 19.68 61.23 79.70
N ALA E 56 20.46 61.48 78.65
CA ALA E 56 20.06 61.15 77.29
C ALA E 56 20.10 59.64 77.05
N ALA E 57 21.17 58.99 77.50
CA ALA E 57 21.36 57.56 77.28
C ALA E 57 20.20 56.75 77.86
N ALA E 58 19.51 57.35 78.82
CA ALA E 58 18.37 56.72 79.47
C ALA E 58 17.29 56.33 78.47
N LEU E 59 17.17 57.10 77.38
CA LEU E 59 16.17 56.77 76.36
C LEU E 59 16.38 55.35 75.87
N LEU E 60 17.63 55.03 75.49
CA LEU E 60 17.96 53.71 74.94
C LEU E 60 17.81 52.61 75.99
N PHE E 61 18.40 52.82 77.15
CA PHE E 61 18.46 51.77 78.18
C PHE E 61 17.09 51.41 78.75
N ASN E 62 16.19 52.40 78.80
CA ASN E 62 14.85 52.19 79.37
C ASN E 62 13.84 51.72 78.33
N SER E 63 14.20 51.80 77.05
CA SER E 63 13.24 51.66 75.97
C SER E 63 12.79 50.21 75.77
N LYS E 64 11.61 50.05 75.20
CA LYS E 64 11.13 48.74 74.79
C LYS E 64 11.68 48.38 73.41
N ASN E 65 11.87 47.09 73.19
CA ASN E 65 12.45 46.60 71.95
C ASN E 65 11.54 46.83 70.74
N GLU E 66 10.25 47.02 71.00
CA GLU E 66 9.29 47.38 69.94
C GLU E 66 9.56 48.79 69.44
N ASP E 67 10.18 49.60 70.30
CA ASP E 67 10.36 51.02 70.03
C ASP E 67 11.79 51.30 69.57
N LEU E 68 12.75 50.81 70.34
CA LEU E 68 14.15 50.84 69.95
C LEU E 68 14.67 49.41 69.82
N ASN E 69 14.89 48.99 68.58
CA ASN E 69 14.98 47.58 68.24
C ASN E 69 16.42 47.14 67.92
N ALA E 70 16.86 46.05 68.55
CA ALA E 70 18.21 45.54 68.32
C ALA E 70 18.32 44.60 67.11
N GLU E 71 17.29 43.82 66.84
CA GLU E 71 17.34 42.86 65.72
C GLU E 71 17.65 43.61 64.43
N ASP E 72 16.95 44.71 64.22
CA ASP E 72 17.05 45.46 62.98
C ASP E 72 18.49 45.80 62.62
N VAL E 73 19.29 46.10 63.64
CA VAL E 73 20.67 46.53 63.42
C VAL E 73 21.68 45.36 63.49
N TYR E 74 21.32 44.31 64.21
CA TYR E 74 22.31 43.29 64.60
C TYR E 74 22.15 41.94 63.88
N SER E 75 20.93 41.55 63.54
CA SER E 75 20.65 40.17 63.12
C SER E 75 21.39 39.78 61.82
N ARG E 76 21.49 40.71 60.89
CA ARG E 76 22.11 40.42 59.60
C ARG E 76 23.51 39.83 59.82
N LEU E 77 24.25 40.39 60.77
CA LEU E 77 25.60 39.93 61.06
C LEU E 77 25.64 38.76 62.05
N THR E 78 24.80 38.82 63.08
CA THR E 78 24.89 37.85 64.19
C THR E 78 24.34 36.48 63.84
N THR E 79 23.22 36.46 63.12
CA THR E 79 22.51 35.20 62.86
C THR E 79 23.38 34.14 62.18
N PRO E 80 24.14 34.52 61.14
CA PRO E 80 24.98 33.51 60.51
C PRO E 80 26.11 33.03 61.41
N VAL E 81 26.36 33.76 62.48
CA VAL E 81 27.45 33.41 63.40
C VAL E 81 26.94 32.55 64.55
N PHE E 82 25.90 33.02 65.23
CA PHE E 82 25.35 32.30 66.38
C PHE E 82 24.49 31.13 65.93
N GLY E 83 23.75 31.35 64.85
CA GLY E 83 22.85 30.33 64.32
C GLY E 83 21.41 30.76 64.36
N LYS E 84 20.55 29.96 63.73
CA LYS E 84 19.12 30.23 63.68
C LYS E 84 18.47 29.96 65.03
N GLY E 85 17.35 30.64 65.28
CA GLY E 85 16.50 30.34 66.45
C GLY E 85 17.04 30.86 67.77
N VAL E 86 18.03 31.74 67.69
CA VAL E 86 18.79 32.16 68.86
C VAL E 86 19.15 33.64 68.76
N ALA E 87 19.19 34.31 69.91
CA ALA E 87 19.59 35.72 69.98
C ALA E 87 18.69 36.64 69.14
N TYR E 88 19.24 37.24 68.09
CA TYR E 88 18.53 38.27 67.33
C TYR E 88 17.71 37.72 66.16
N ASP E 89 17.68 36.40 66.05
CA ASP E 89 16.93 35.75 64.98
C ASP E 89 15.51 35.41 65.41
N VAL E 90 15.22 35.62 66.69
CA VAL E 90 13.90 35.34 67.24
C VAL E 90 13.31 36.65 67.77
N PRO E 91 11.98 36.69 67.95
CA PRO E 91 11.42 37.82 68.66
C PRO E 91 12.07 37.99 70.02
N ASN E 92 12.19 39.24 70.47
CA ASN E 92 12.92 39.53 71.70
C ASN E 92 12.40 38.76 72.93
N PRO E 93 11.07 38.65 73.08
CA PRO E 93 10.60 37.87 74.23
C PRO E 93 11.20 36.48 74.28
N VAL E 94 11.37 35.85 73.12
CA VAL E 94 12.01 34.53 73.05
C VAL E 94 13.44 34.62 73.55
N PHE E 95 14.17 35.63 73.08
CA PHE E 95 15.55 35.86 73.50
C PHE E 95 15.62 36.11 75.01
N LEU E 96 14.70 36.91 75.52
CA LEU E 96 14.61 37.16 76.96
C LEU E 96 14.46 35.86 77.74
N GLU E 97 13.60 34.97 77.27
CA GLU E 97 13.42 33.67 77.91
C GLU E 97 14.74 32.89 77.86
N GLN E 98 15.38 32.90 76.70
CA GLN E 98 16.66 32.24 76.51
C GLN E 98 17.71 32.77 77.49
N LYS E 99 17.71 34.08 77.70
CA LYS E 99 18.65 34.72 78.61
C LYS E 99 18.44 34.28 80.06
N LYS E 100 17.18 34.17 80.48
CA LYS E 100 16.87 33.69 81.82
C LYS E 100 17.41 32.27 82.02
N MET E 101 17.27 31.44 80.99
CA MET E 101 17.79 30.08 81.03
C MET E 101 19.31 30.10 81.23
N LEU E 102 20.00 30.88 80.40
CA LEU E 102 21.46 30.99 80.51
C LEU E 102 21.86 31.54 81.88
N LYS E 103 21.12 32.55 82.34
CA LYS E 103 21.41 33.20 83.63
C LYS E 103 21.38 32.16 84.75
N SER E 104 20.33 31.36 84.77
CA SER E 104 20.13 30.37 85.81
C SER E 104 21.30 29.39 85.90
N GLY E 105 22.02 29.22 84.81
CA GLY E 105 23.22 28.37 84.81
C GLY E 105 24.44 29.09 85.32
N LEU E 106 24.37 30.41 85.35
CA LEU E 106 25.48 31.22 85.84
C LEU E 106 25.27 31.54 87.31
N ASN E 107 25.37 30.50 88.13
CA ASN E 107 25.08 30.59 89.56
C ASN E 107 26.29 30.23 90.41
N ILE E 108 26.14 30.42 91.71
CA ILE E 108 27.23 30.24 92.66
C ILE E 108 27.76 28.80 92.64
N ALA E 109 26.84 27.84 92.61
CA ALA E 109 27.20 26.42 92.54
C ALA E 109 28.23 26.18 91.44
N HIS E 110 27.93 26.65 90.24
CA HIS E 110 28.82 26.48 89.09
C HIS E 110 30.09 27.34 89.21
N PHE E 111 29.93 28.60 89.61
CA PHE E 111 31.08 29.50 89.76
C PHE E 111 32.15 28.89 90.67
N LYS E 112 31.70 28.24 91.74
CA LYS E 112 32.61 27.59 92.69
C LYS E 112 33.56 26.64 91.95
N GLN E 113 33.01 25.86 91.03
CA GLN E 113 33.81 24.94 90.22
C GLN E 113 34.75 25.70 89.28
N HIS E 114 34.24 26.77 88.67
CA HIS E 114 34.97 27.47 87.62
C HIS E 114 36.31 28.00 88.14
N VAL E 115 36.30 28.49 89.37
CA VAL E 115 37.47 29.15 89.94
C VAL E 115 38.71 28.27 89.83
N SER E 116 38.60 27.03 90.31
CA SER E 116 39.72 26.10 90.30
C SER E 116 40.06 25.62 88.88
N ILE E 117 39.03 25.41 88.07
CA ILE E 117 39.22 25.13 86.64
C ILE E 117 40.06 26.25 86.01
N ILE E 118 39.60 27.48 86.14
CA ILE E 118 40.25 28.63 85.53
C ILE E 118 41.67 28.82 86.07
N GLU E 119 41.83 28.67 87.37
CA GLU E 119 43.16 28.75 87.98
C GLU E 119 44.09 27.69 87.38
N LYS E 120 43.61 26.45 87.32
CA LYS E 120 44.43 25.36 86.80
C LYS E 120 44.84 25.64 85.35
N GLU E 121 43.86 25.97 84.51
CA GLU E 121 44.10 26.31 83.11
C GLU E 121 45.14 27.42 83.00
N THR E 122 44.96 28.45 83.83
CA THR E 122 45.81 29.63 83.76
C THR E 122 47.25 29.26 84.03
N LYS E 123 47.46 28.47 85.08
CA LYS E 123 48.80 28.07 85.50
C LYS E 123 49.49 27.18 84.47
N GLU E 124 48.72 26.32 83.81
CA GLU E 124 49.24 25.48 82.74
C GLU E 124 49.69 26.30 81.53
N TYR E 125 48.94 27.33 81.18
CA TYR E 125 49.26 28.13 79.99
C TYR E 125 50.57 28.94 80.11
N PHE E 126 50.72 29.69 81.19
CA PHE E 126 51.88 30.59 81.33
C PHE E 126 53.12 29.81 81.75
N GLU E 127 52.92 28.55 82.09
CA GLU E 127 54.02 27.60 82.29
C GLU E 127 55.02 27.76 81.15
N SER E 128 54.50 28.02 79.95
CA SER E 128 55.31 28.16 78.74
C SER E 128 56.01 29.51 78.63
N TRP E 129 55.76 30.40 79.60
CA TRP E 129 56.34 31.75 79.55
C TRP E 129 57.69 31.79 80.24
N GLY E 130 58.01 30.72 80.98
CA GLY E 130 59.29 30.61 81.65
C GLY E 130 59.40 31.54 82.85
N GLU E 131 60.61 31.96 83.17
CA GLU E 131 60.87 32.78 84.35
C GLU E 131 60.84 34.27 84.03
N SER E 132 61.14 34.64 82.79
CA SER E 132 61.06 36.04 82.37
C SER E 132 61.05 36.18 80.86
N GLY E 133 60.72 37.38 80.39
CA GLY E 133 60.76 37.68 78.96
C GLY E 133 59.90 38.84 78.52
N GLU E 134 59.62 38.89 77.23
CA GLU E 134 58.78 39.94 76.63
C GLU E 134 57.82 39.34 75.60
N LYS E 135 56.57 39.13 76.03
CA LYS E 135 55.59 38.44 75.19
C LYS E 135 54.30 39.23 75.00
N ASN E 136 53.53 38.81 74.00
CA ASN E 136 52.24 39.42 73.67
C ASN E 136 51.16 38.95 74.61
N VAL E 137 50.77 39.85 75.50
CA VAL E 137 49.83 39.52 76.54
C VAL E 137 48.39 39.37 76.04
N PHE E 138 48.03 40.12 74.98
CA PHE E 138 46.71 39.96 74.37
C PHE E 138 46.57 38.61 73.69
N GLU E 139 47.58 38.22 72.92
CA GLU E 139 47.61 36.89 72.30
C GLU E 139 47.50 35.79 73.36
N ALA E 140 48.26 35.94 74.43
CA ALA E 140 48.27 34.96 75.51
C ALA E 140 46.89 34.84 76.16
N LEU E 141 46.33 35.98 76.54
CA LEU E 141 45.04 35.99 77.22
C LEU E 141 43.94 35.42 76.32
N SER E 142 43.94 35.78 75.03
CA SER E 142 42.95 35.24 74.11
C SER E 142 43.14 33.75 73.82
N GLU E 143 44.38 33.31 73.71
CA GLU E 143 44.67 31.86 73.65
C GLU E 143 44.15 31.20 74.94
N LEU E 144 44.46 31.80 76.07
CA LEU E 144 44.05 31.27 77.37
C LEU E 144 42.53 31.37 77.61
N ILE E 145 41.93 32.50 77.28
CA ILE E 145 40.53 32.74 77.64
C ILE E 145 39.59 31.79 76.90
N ILE E 146 39.95 31.41 75.68
CA ILE E 146 39.13 30.47 74.90
C ILE E 146 39.09 29.09 75.55
N LEU E 147 40.18 28.69 76.19
CA LEU E 147 40.24 27.44 76.95
C LEU E 147 39.42 27.54 78.23
N THR E 148 39.72 28.54 79.03
CA THR E 148 39.00 28.74 80.30
C THR E 148 37.51 28.88 80.06
N ALA E 149 37.14 29.58 79.00
CA ALA E 149 35.73 29.83 78.72
C ALA E 149 35.00 28.56 78.25
N SER E 150 35.64 27.80 77.35
CA SER E 150 35.08 26.52 76.91
C SER E 150 34.90 25.58 78.10
N HIS E 151 35.95 25.46 78.91
CA HIS E 151 35.97 24.53 80.03
C HIS E 151 34.80 24.80 80.97
N CYS E 152 34.63 26.06 81.34
CA CYS E 152 33.58 26.47 82.29
C CYS E 152 32.20 26.45 81.64
N LEU E 153 32.09 26.99 80.43
CA LEU E 153 30.80 27.27 79.82
C LEU E 153 30.30 26.15 78.90
N HIS E 154 31.22 25.33 78.40
CA HIS E 154 30.87 24.19 77.55
C HIS E 154 30.99 22.85 78.27
N GLY E 155 31.99 22.73 79.14
CA GLY E 155 32.24 21.50 79.88
C GLY E 155 33.53 20.83 79.45
N LYS E 156 33.93 19.79 80.20
CA LYS E 156 35.21 19.12 79.94
C LYS E 156 35.18 18.29 78.66
N GLU E 157 34.01 17.73 78.34
CA GLU E 157 33.86 16.90 77.15
C GLU E 157 34.20 17.70 75.91
N ILE E 158 33.49 18.82 75.74
CA ILE E 158 33.72 19.70 74.60
C ILE E 158 35.10 20.35 74.64
N ARG E 159 35.51 20.73 75.83
CA ARG E 159 36.75 21.46 76.05
C ARG E 159 38.00 20.66 75.67
N SER E 160 37.89 19.33 75.71
CA SER E 160 39.02 18.46 75.37
C SER E 160 39.24 18.35 73.86
N GLN E 161 38.27 18.83 73.08
CA GLN E 161 38.36 18.79 71.63
C GLN E 161 38.93 20.10 71.07
N LEU E 162 39.20 21.05 71.95
CA LEU E 162 39.64 22.38 71.54
C LEU E 162 41.14 22.41 71.21
N ASN E 163 41.46 21.99 69.99
CA ASN E 163 42.83 22.09 69.48
C ASN E 163 42.97 23.30 68.57
N GLU E 164 44.15 23.45 67.97
CA GLU E 164 44.42 24.57 67.07
C GLU E 164 43.46 24.62 65.89
N LYS E 165 42.91 23.46 65.50
CA LYS E 165 41.95 23.39 64.41
C LYS E 165 40.61 24.00 64.82
N VAL E 166 40.08 23.55 65.95
CA VAL E 166 38.84 24.11 66.49
C VAL E 166 39.00 25.60 66.81
N ALA E 167 40.18 25.95 67.31
CA ALA E 167 40.49 27.36 67.59
C ALA E 167 40.40 28.18 66.31
N GLN E 168 40.86 27.59 65.21
CA GLN E 168 40.77 28.26 63.92
C GLN E 168 39.32 28.50 63.49
N LEU E 169 38.44 27.57 63.84
CA LEU E 169 37.03 27.70 63.47
C LEU E 169 36.37 28.87 64.18
N TYR E 170 36.72 29.06 65.45
CA TYR E 170 36.14 30.14 66.24
C TYR E 170 36.56 31.49 65.68
N ALA E 171 37.82 31.58 65.26
CA ALA E 171 38.33 32.78 64.60
C ALA E 171 37.59 33.05 63.29
N ASP E 172 37.33 31.98 62.54
CA ASP E 172 36.57 32.08 61.28
C ASP E 172 35.18 32.64 61.54
N LEU E 173 34.56 32.19 62.63
CA LEU E 173 33.27 32.72 63.07
C LEU E 173 33.37 34.21 63.37
N ASP E 174 34.43 34.57 64.09
CA ASP E 174 34.69 35.96 64.45
C ASP E 174 34.82 36.80 63.18
N GLY E 175 35.38 36.20 62.14
CA GLY E 175 35.57 36.85 60.85
C GLY E 175 34.27 37.34 60.23
N GLY E 176 33.15 36.77 60.67
CA GLY E 176 31.84 37.15 60.17
C GLY E 176 31.42 38.53 60.64
N PHE E 177 32.13 39.05 61.63
CA PHE E 177 31.89 40.40 62.13
C PHE E 177 32.91 41.37 61.55
N SER E 178 32.80 41.61 60.25
CA SER E 178 33.75 42.46 59.56
C SER E 178 33.04 43.65 58.92
N HIS E 179 33.83 44.62 58.48
CA HIS E 179 33.30 45.73 57.71
C HIS E 179 32.74 45.24 56.38
N ALA E 180 33.40 44.24 55.81
CA ALA E 180 32.92 43.60 54.59
C ALA E 180 31.53 42.99 54.77
N ALA E 181 31.32 42.25 55.86
CA ALA E 181 30.02 41.63 56.10
C ALA E 181 28.94 42.69 56.29
N TRP E 182 29.33 43.80 56.90
CA TRP E 182 28.42 44.91 57.13
C TRP E 182 28.15 45.68 55.85
N LEU E 183 29.20 45.97 55.08
CA LEU E 183 29.07 46.79 53.88
C LEU E 183 28.48 46.05 52.69
N LEU E 184 28.87 44.79 52.53
CA LEU E 184 28.60 44.05 51.28
C LEU E 184 27.44 43.08 51.43
N PRO E 185 26.77 42.77 50.31
CA PRO E 185 25.67 41.81 50.32
C PRO E 185 26.15 40.39 50.59
N GLY E 186 25.32 39.61 51.28
CA GLY E 186 25.70 38.28 51.74
C GLY E 186 25.93 37.27 50.63
N TRP E 187 25.40 37.54 49.44
CA TRP E 187 25.51 36.57 48.34
C TRP E 187 26.89 36.59 47.66
N LEU E 188 27.75 37.50 48.07
CA LEU E 188 29.14 37.49 47.60
C LEU E 188 29.88 36.28 48.16
N PRO E 189 30.57 35.53 47.30
CA PRO E 189 31.32 34.38 47.80
C PRO E 189 32.68 34.76 48.35
N LEU E 190 32.73 35.73 49.25
CA LEU E 190 33.97 36.14 49.86
C LEU E 190 34.46 35.01 50.77
N PRO E 191 35.78 34.77 50.78
CA PRO E 191 36.34 33.69 51.57
C PRO E 191 35.94 33.77 53.04
N SER E 192 35.91 34.98 53.59
CA SER E 192 35.60 35.18 55.01
C SER E 192 34.17 34.76 55.31
N PHE E 193 33.28 35.02 54.36
CA PHE E 193 31.88 34.60 54.44
C PHE E 193 31.80 33.07 54.40
N ARG E 194 32.54 32.47 53.49
CA ARG E 194 32.53 31.02 53.30
C ARG E 194 33.12 30.31 54.53
N ARG E 195 34.26 30.80 55.00
CA ARG E 195 34.85 30.26 56.23
C ARG E 195 33.87 30.37 57.39
N ARG E 196 33.24 31.53 57.52
CA ARG E 196 32.30 31.73 58.62
C ARG E 196 31.25 30.63 58.59
N ASP E 197 30.64 30.45 57.42
CA ASP E 197 29.59 29.46 57.23
C ASP E 197 30.11 28.04 57.41
N ARG E 198 31.31 27.78 56.91
CA ARG E 198 31.91 26.46 57.05
C ARG E 198 32.17 26.15 58.53
N ALA E 199 32.80 27.10 59.22
CA ALA E 199 33.09 26.95 60.65
C ALA E 199 31.82 26.76 61.47
N HIS E 200 30.77 27.50 61.14
CA HIS E 200 29.52 27.40 61.88
C HIS E 200 28.94 25.99 61.83
N ARG E 201 28.97 25.36 60.65
CA ARG E 201 28.48 24.00 60.49
C ARG E 201 29.32 23.02 61.30
N GLU E 202 30.64 23.18 61.22
CA GLU E 202 31.57 22.25 61.84
C GLU E 202 31.57 22.35 63.37
N ILE E 203 31.34 23.54 63.90
CA ILE E 203 31.31 23.72 65.36
C ILE E 203 30.00 23.20 65.91
N LYS E 204 28.93 23.40 65.16
CA LYS E 204 27.64 22.82 65.51
C LYS E 204 27.74 21.29 65.59
N ASP E 205 28.44 20.68 64.64
CA ASP E 205 28.65 19.23 64.63
C ASP E 205 29.26 18.75 65.94
N ILE E 206 30.33 19.41 66.35
CA ILE E 206 30.98 19.10 67.62
C ILE E 206 29.98 19.18 68.77
N PHE E 207 29.13 20.21 68.74
CA PHE E 207 28.17 20.41 69.81
C PHE E 207 27.04 19.39 69.75
N TYR E 208 26.62 19.05 68.54
CA TYR E 208 25.55 18.06 68.37
C TYR E 208 25.95 16.73 69.01
N LYS E 209 27.16 16.28 68.70
CA LYS E 209 27.63 14.99 69.19
C LYS E 209 27.77 15.01 70.70
N ALA E 210 28.30 16.11 71.24
CA ALA E 210 28.44 16.25 72.68
C ALA E 210 27.09 16.35 73.38
N ILE E 211 26.14 17.05 72.74
CA ILE E 211 24.79 17.14 73.28
C ILE E 211 24.12 15.78 73.32
N GLN E 212 24.16 15.06 72.20
CA GLN E 212 23.57 13.73 72.14
C GLN E 212 24.23 12.83 73.17
N LYS E 213 25.56 12.89 73.21
CA LYS E 213 26.32 12.02 74.09
C LYS E 213 25.82 12.09 75.53
N ARG E 214 25.50 13.30 76.00
CA ARG E 214 25.08 13.48 77.38
C ARG E 214 23.57 13.33 77.55
N ARG E 215 22.82 13.59 76.48
CA ARG E 215 21.38 13.33 76.47
C ARG E 215 21.09 11.82 76.54
N GLN E 216 22.09 11.02 76.19
CA GLN E 216 21.95 9.56 76.14
C GLN E 216 22.52 8.92 77.40
N SER E 217 23.45 9.63 78.05
CA SER E 217 24.00 9.18 79.32
C SER E 217 23.06 9.53 80.46
N GLN E 218 23.11 8.70 81.50
CA GLN E 218 22.36 8.90 82.72
C GLN E 218 23.25 9.62 83.70
N GLU E 219 24.55 9.43 83.55
CA GLU E 219 25.50 10.14 84.38
C GLU E 219 25.38 11.59 83.98
N LYS E 220 24.67 12.34 84.79
CA LYS E 220 24.37 13.73 84.47
C LYS E 220 25.18 14.67 85.38
N ILE E 221 26.13 15.38 84.78
CA ILE E 221 26.96 16.33 85.51
C ILE E 221 26.16 17.62 85.75
N ASP E 222 26.43 18.28 86.88
CA ASP E 222 25.82 19.56 87.18
C ASP E 222 26.68 20.71 86.66
N ASP E 223 26.46 21.05 85.39
CA ASP E 223 27.16 22.14 84.74
C ASP E 223 26.20 22.91 83.83
N ILE E 224 26.73 23.89 83.11
CA ILE E 224 25.91 24.80 82.31
C ILE E 224 25.22 24.09 81.14
N LEU E 225 25.93 23.19 80.46
CA LEU E 225 25.33 22.43 79.36
C LEU E 225 24.09 21.69 79.85
N GLN E 226 24.22 21.01 80.98
CA GLN E 226 23.11 20.28 81.58
C GLN E 226 21.94 21.21 81.90
N THR E 227 22.26 22.39 82.42
CA THR E 227 21.25 23.38 82.76
C THR E 227 20.40 23.69 81.53
N LEU E 228 21.07 23.79 80.38
CA LEU E 228 20.40 24.07 79.12
C LEU E 228 19.52 22.90 78.70
N LEU E 229 20.07 21.70 78.78
CA LEU E 229 19.35 20.49 78.38
C LEU E 229 18.12 20.23 79.25
N ASP E 230 18.12 20.81 80.44
CA ASP E 230 17.00 20.66 81.38
C ASP E 230 15.98 21.80 81.25
N ALA E 231 16.33 22.83 80.48
CA ALA E 231 15.56 24.08 80.49
C ALA E 231 14.23 23.96 79.75
N THR E 232 13.36 24.93 79.98
CA THR E 232 12.01 24.92 79.44
C THR E 232 11.42 26.32 79.35
N TYR E 233 10.83 26.64 78.20
CA TYR E 233 10.15 27.92 78.01
C TYR E 233 8.89 28.00 78.86
N LYS E 234 8.29 29.19 78.92
CA LYS E 234 7.05 29.37 79.67
C LYS E 234 5.89 28.57 79.07
N ASP E 235 5.97 28.32 77.76
CA ASP E 235 4.99 27.45 77.08
C ASP E 235 5.14 25.98 77.50
N GLY E 236 6.31 25.63 78.02
CA GLY E 236 6.59 24.24 78.42
C GLY E 236 7.57 23.52 77.50
N ARG E 237 7.75 24.05 76.30
CA ARG E 237 8.63 23.43 75.29
C ARG E 237 10.10 23.52 75.69
N PRO E 238 10.86 22.41 75.54
CA PRO E 238 12.29 22.39 75.80
C PRO E 238 13.13 22.86 74.60
N LEU E 239 14.41 23.12 74.83
CA LEU E 239 15.30 23.61 73.78
C LEU E 239 15.68 22.48 72.81
N THR E 240 15.65 22.78 71.52
CA THR E 240 16.14 21.86 70.50
C THR E 240 17.67 21.79 70.59
N ASP E 241 18.25 20.79 69.94
CA ASP E 241 19.70 20.62 69.93
C ASP E 241 20.37 21.80 69.25
N ASP E 242 19.66 22.35 68.25
CA ASP E 242 20.19 23.45 67.48
C ASP E 242 20.14 24.73 68.30
N GLU E 243 19.07 24.88 69.08
CA GLU E 243 18.94 25.99 70.01
C GLU E 243 20.07 25.96 71.04
N VAL E 244 20.30 24.80 71.65
CA VAL E 244 21.36 24.64 72.64
C VAL E 244 22.72 24.96 72.04
N ALA E 245 22.99 24.43 70.85
CA ALA E 245 24.29 24.60 70.21
C ALA E 245 24.58 26.07 69.90
N GLY E 246 23.54 26.80 69.49
CA GLY E 246 23.67 28.21 69.20
C GLY E 246 24.00 29.05 70.43
N MET E 247 23.39 28.70 71.55
CA MET E 247 23.59 29.45 72.80
C MET E 247 25.01 29.16 73.31
N LEU E 248 25.51 27.98 72.96
CA LEU E 248 26.86 27.57 73.30
C LEU E 248 27.89 28.34 72.48
N ILE E 249 27.62 28.50 71.19
CA ILE E 249 28.47 29.36 70.35
C ILE E 249 28.46 30.76 70.92
N GLY E 250 27.26 31.27 71.18
CA GLY E 250 27.09 32.59 71.79
C GLY E 250 27.88 32.76 73.07
N LEU E 251 27.80 31.76 73.95
CA LEU E 251 28.50 31.80 75.23
C LEU E 251 30.00 32.02 75.09
N LEU E 252 30.60 31.33 74.13
CA LEU E 252 32.04 31.39 73.97
C LEU E 252 32.50 32.71 73.36
N LEU E 253 31.80 33.15 72.33
CA LEU E 253 32.10 34.44 71.73
C LEU E 253 31.92 35.55 72.75
N ALA E 254 30.83 35.47 73.51
CA ALA E 254 30.58 36.44 74.59
C ALA E 254 31.68 36.38 75.63
N GLY E 255 32.08 35.16 75.98
CA GLY E 255 32.98 34.92 77.11
C GLY E 255 34.45 35.10 76.80
N GLN E 256 34.80 35.23 75.52
CA GLN E 256 36.22 35.26 75.14
C GLN E 256 36.77 36.68 74.99
N HIS E 257 36.33 37.38 73.95
CA HIS E 257 37.01 38.60 73.50
C HIS E 257 36.86 39.76 74.48
N THR E 258 35.70 39.84 75.13
CA THR E 258 35.46 40.90 76.12
C THR E 258 36.38 40.74 77.32
N SER E 259 36.61 39.51 77.74
CA SER E 259 37.48 39.25 78.88
C SER E 259 38.95 39.40 78.51
N SER E 260 39.31 38.96 77.31
CA SER E 260 40.71 38.98 76.88
C SER E 260 41.24 40.40 76.65
N THR E 261 40.41 41.26 76.05
CA THR E 261 40.81 42.65 75.79
C THR E 261 40.87 43.44 77.09
N THR E 262 39.90 43.19 77.96
CA THR E 262 39.84 43.85 79.24
C THR E 262 41.02 43.41 80.11
N SER E 263 41.25 42.11 80.15
CA SER E 263 42.37 41.55 80.91
C SER E 263 43.69 42.11 80.42
N ALA E 264 43.83 42.27 79.11
CA ALA E 264 45.05 42.83 78.54
C ALA E 264 45.25 44.28 78.96
N TRP E 265 44.20 45.09 78.85
CA TRP E 265 44.29 46.51 79.21
C TRP E 265 44.69 46.69 80.67
N MET E 266 44.00 45.97 81.55
CA MET E 266 44.35 46.01 82.98
C MET E 266 45.84 45.67 83.13
N GLY E 267 46.29 44.66 82.40
CA GLY E 267 47.70 44.30 82.38
C GLY E 267 48.62 45.48 82.18
N PHE E 268 48.24 46.36 81.26
CA PHE E 268 49.07 47.54 80.97
C PHE E 268 48.82 48.68 81.95
N PHE E 269 47.60 48.75 82.49
CA PHE E 269 47.30 49.73 83.52
C PHE E 269 48.07 49.42 84.80
N LEU E 270 48.24 48.13 85.08
CA LEU E 270 49.00 47.67 86.25
C LEU E 270 50.51 47.79 86.03
N ALA E 271 50.94 47.65 84.78
CA ALA E 271 52.37 47.76 84.45
C ALA E 271 52.83 49.21 84.49
N ARG E 272 51.92 50.13 84.23
CA ARG E 272 52.24 51.56 84.29
C ARG E 272 52.20 52.07 85.73
N ASP E 273 51.33 51.47 86.54
CA ASP E 273 51.16 51.86 87.93
C ASP E 273 51.65 50.75 88.86
N LYS E 274 52.97 50.71 89.09
CA LYS E 274 53.63 49.57 89.71
C LYS E 274 53.26 49.38 91.19
N THR E 275 53.05 50.48 91.90
CA THR E 275 52.65 50.40 93.30
C THR E 275 51.26 49.76 93.39
N LEU E 276 50.39 50.11 92.46
CA LEU E 276 49.06 49.52 92.41
C LEU E 276 49.17 48.03 92.11
N GLN E 277 50.10 47.67 91.24
CA GLN E 277 50.34 46.27 90.96
C GLN E 277 50.79 45.55 92.22
N LYS E 278 51.76 46.13 92.92
CA LYS E 278 52.23 45.55 94.18
C LYS E 278 51.11 45.43 95.21
N LYS E 279 50.30 46.49 95.33
CA LYS E 279 49.17 46.46 96.26
C LYS E 279 48.18 45.34 95.93
N CYS E 280 48.01 45.05 94.64
CA CYS E 280 47.12 43.95 94.22
C CYS E 280 47.71 42.60 94.59
N TYR E 281 49.03 42.49 94.52
CA TYR E 281 49.72 41.28 94.93
C TYR E 281 49.66 41.10 96.44
N LEU E 282 49.83 42.20 97.16
CA LEU E 282 49.78 42.17 98.62
C LEU E 282 48.40 41.79 99.13
N GLU E 283 47.37 42.21 98.39
CA GLU E 283 45.99 41.83 98.71
C GLU E 283 45.80 40.32 98.66
N GLN E 284 46.47 39.70 97.69
CA GLN E 284 46.41 38.24 97.50
C GLN E 284 46.82 37.49 98.77
N LYS E 285 48.00 37.82 99.28
CA LYS E 285 48.54 37.21 100.49
C LYS E 285 47.67 37.54 101.70
N THR E 286 47.32 38.82 101.83
CA THR E 286 46.45 39.29 102.91
C THR E 286 45.12 38.54 102.97
N VAL E 287 44.51 38.30 101.80
CA VAL E 287 43.16 37.71 101.76
C VAL E 287 43.19 36.18 101.84
N CYS E 288 44.20 35.57 101.24
CA CYS E 288 44.24 34.11 101.07
C CYS E 288 45.30 33.41 101.92
N GLY E 289 46.34 34.16 102.32
CA GLY E 289 47.47 33.59 103.04
C GLY E 289 48.71 33.54 102.15
N GLU E 290 49.89 33.62 102.77
CA GLU E 290 51.14 33.73 102.01
C GLU E 290 51.66 32.38 101.51
N ASN E 291 51.13 31.29 102.06
CA ASN E 291 51.34 29.98 101.45
C ASN E 291 50.71 29.96 100.06
N LEU E 292 49.82 30.93 99.83
CA LEU E 292 49.14 31.12 98.55
C LEU E 292 48.51 29.81 98.07
N PRO E 293 47.40 29.41 98.71
CA PRO E 293 46.67 28.20 98.38
C PRO E 293 45.84 28.35 97.10
N PRO E 294 45.25 27.24 96.62
CA PRO E 294 44.31 27.32 95.50
C PRO E 294 43.19 28.32 95.76
N LEU E 295 42.86 29.10 94.74
CA LEU E 295 41.77 30.07 94.85
C LEU E 295 40.43 29.39 95.07
N THR E 296 39.53 30.10 95.74
CA THR E 296 38.13 29.67 95.84
C THR E 296 37.22 30.85 95.57
N TYR E 297 35.99 30.55 95.17
CA TYR E 297 34.98 31.57 94.93
C TYR E 297 34.84 32.52 96.12
N ASP E 298 34.89 31.96 97.32
CA ASP E 298 34.72 32.76 98.54
C ASP E 298 35.86 33.75 98.71
N GLN E 299 37.08 33.34 98.37
CA GLN E 299 38.22 34.25 98.41
C GLN E 299 38.03 35.40 97.41
N LEU E 300 37.55 35.07 96.22
CA LEU E 300 37.37 36.07 95.16
C LEU E 300 36.55 37.26 95.65
N LYS E 301 35.46 36.99 96.34
CA LYS E 301 34.55 38.05 96.77
C LYS E 301 35.25 39.05 97.68
N ASP E 302 36.43 38.69 98.18
CA ASP E 302 37.17 39.53 99.13
C ASP E 302 38.35 40.26 98.50
N LEU E 303 38.60 40.02 97.22
CA LEU E 303 39.65 40.74 96.51
C LEU E 303 39.12 42.10 96.06
N ASN E 304 38.86 42.96 97.03
CA ASN E 304 38.14 44.21 96.82
C ASN E 304 38.91 45.21 95.96
N LEU E 305 40.23 45.22 96.10
CA LEU E 305 41.07 46.13 95.33
C LEU E 305 41.11 45.70 93.88
N LEU E 306 41.39 44.43 93.65
CA LEU E 306 41.41 43.88 92.30
C LEU E 306 40.06 44.11 91.62
N ASP E 307 39.00 43.95 92.39
CA ASP E 307 37.65 44.18 91.89
C ASP E 307 37.53 45.60 91.32
N ARG E 308 38.05 46.56 92.07
CA ARG E 308 37.99 47.97 91.67
C ARG E 308 38.93 48.26 90.49
N CYS E 309 39.98 47.47 90.36
CA CYS E 309 40.89 47.58 89.21
C CYS E 309 40.25 47.07 87.93
N ILE E 310 39.45 46.01 88.04
CA ILE E 310 38.67 45.51 86.91
C ILE E 310 37.60 46.53 86.52
N LYS E 311 36.92 47.06 87.53
CA LYS E 311 35.85 48.03 87.35
C LYS E 311 36.35 49.29 86.64
N GLU E 312 37.58 49.69 86.96
CA GLU E 312 38.19 50.91 86.42
C GLU E 312 38.78 50.64 85.03
N THR E 313 39.17 49.40 84.79
CA THR E 313 39.58 48.97 83.45
C THR E 313 38.38 49.01 82.51
N LEU E 314 37.24 48.55 83.01
CA LEU E 314 36.00 48.56 82.24
C LEU E 314 35.51 49.99 82.01
N ARG E 315 35.98 50.91 82.84
CA ARG E 315 35.56 52.31 82.78
C ARG E 315 36.27 53.07 81.65
N LEU E 316 37.57 52.84 81.50
CA LEU E 316 38.38 53.51 80.48
C LEU E 316 38.49 52.69 79.21
N ARG E 317 38.26 51.38 79.30
CA ARG E 317 38.38 50.49 78.15
C ARG E 317 37.24 49.48 78.12
N PRO E 318 35.99 49.96 78.02
CA PRO E 318 34.94 48.97 77.83
C PRO E 318 35.11 48.25 76.52
N PRO E 319 35.06 46.91 76.54
CA PRO E 319 35.26 46.14 75.32
C PRO E 319 34.14 46.36 74.31
N ILE E 320 32.93 46.61 74.81
CA ILE E 320 31.80 46.97 73.95
C ILE E 320 31.59 48.48 73.97
N MET E 321 32.19 49.14 72.98
CA MET E 321 32.27 50.60 72.93
C MET E 321 30.97 51.26 72.48
N ILE E 322 30.04 50.47 71.97
CA ILE E 322 28.82 51.01 71.39
C ILE E 322 27.64 50.06 71.56
N MET E 323 26.46 50.65 71.74
CA MET E 323 25.22 49.90 71.76
C MET E 323 24.20 50.65 70.93
N MET E 324 23.48 49.92 70.09
CA MET E 324 22.76 50.53 68.99
C MET E 324 21.37 49.94 68.85
N ARG E 325 20.42 50.79 68.49
CA ARG E 325 19.05 50.35 68.22
C ARG E 325 18.53 51.03 66.97
N MET E 326 17.54 50.38 66.34
CA MET E 326 16.76 51.01 65.30
C MET E 326 15.48 51.57 65.90
N ALA E 327 15.20 52.84 65.64
CA ALA E 327 13.95 53.44 66.07
C ALA E 327 12.81 53.00 65.15
N ARG E 328 11.87 52.24 65.70
CA ARG E 328 10.68 51.82 64.95
C ARG E 328 9.52 52.79 65.18
N THR E 329 9.51 53.43 66.34
CA THR E 329 8.51 54.46 66.64
C THR E 329 9.23 55.75 67.01
N PRO E 330 8.55 56.90 66.86
CA PRO E 330 9.22 58.14 67.24
C PRO E 330 9.55 58.13 68.73
N GLN E 331 10.67 58.73 69.09
CA GLN E 331 11.15 58.72 70.46
C GLN E 331 11.55 60.12 70.86
N THR E 332 11.29 60.47 72.12
CA THR E 332 11.58 61.82 72.59
C THR E 332 12.65 61.81 73.68
N VAL E 333 13.61 62.70 73.52
CA VAL E 333 14.67 62.88 74.50
C VAL E 333 15.26 64.28 74.37
N ALA E 334 15.52 64.90 75.52
CA ALA E 334 16.07 66.26 75.59
C ALA E 334 15.28 67.28 74.77
N GLY E 335 13.97 67.06 74.64
CA GLY E 335 13.12 67.97 73.88
C GLY E 335 13.16 67.73 72.38
N TYR E 336 13.97 66.77 71.94
CA TYR E 336 14.01 66.41 70.53
C TYR E 336 13.13 65.22 70.21
N THR E 337 12.77 65.12 68.94
CA THR E 337 12.06 63.94 68.43
C THR E 337 12.93 63.18 67.45
N ILE E 338 13.16 61.91 67.76
CA ILE E 338 13.89 61.01 66.87
C ILE E 338 12.88 60.20 66.06
N PRO E 339 12.91 60.33 64.73
CA PRO E 339 11.93 59.67 63.87
C PRO E 339 12.27 58.20 63.64
N PRO E 340 11.26 57.38 63.29
CA PRO E 340 11.57 56.03 62.86
C PRO E 340 12.60 56.03 61.74
N GLY E 341 13.49 55.04 61.74
CA GLY E 341 14.52 54.95 60.71
C GLY E 341 15.90 55.38 61.16
N HIS E 342 15.96 56.18 62.22
CA HIS E 342 17.24 56.56 62.82
C HIS E 342 17.84 55.36 63.57
N GLN E 343 19.15 55.17 63.44
CA GLN E 343 19.86 54.26 64.30
C GLN E 343 20.42 55.02 65.50
N VAL E 344 19.95 54.66 66.69
CA VAL E 344 20.18 55.44 67.89
C VAL E 344 21.28 54.79 68.73
N CYS E 345 22.26 55.59 69.15
CA CYS E 345 23.50 55.05 69.68
C CYS E 345 23.84 55.55 71.09
N VAL E 346 24.46 54.67 71.86
CA VAL E 346 25.07 55.04 73.14
C VAL E 346 26.52 54.54 73.19
N SER E 347 27.40 55.37 73.75
CA SER E 347 28.80 55.01 73.94
C SER E 347 29.11 54.93 75.43
N PRO E 348 29.25 53.71 75.95
CA PRO E 348 29.73 53.55 77.32
C PRO E 348 31.05 54.28 77.54
N THR E 349 31.91 54.25 76.53
CA THR E 349 33.21 54.89 76.63
C THR E 349 33.08 56.38 76.91
N VAL E 350 32.24 57.08 76.14
CA VAL E 350 32.09 58.52 76.29
C VAL E 350 31.48 58.89 77.64
N ASN E 351 30.39 58.21 77.99
CA ASN E 351 29.71 58.43 79.27
C ASN E 351 30.60 58.20 80.50
N GLN E 352 31.49 57.22 80.40
CA GLN E 352 32.25 56.74 81.54
C GLN E 352 33.51 57.57 81.73
N ARG E 353 33.52 58.72 81.09
CA ARG E 353 34.73 59.50 80.88
C ARG E 353 34.33 60.98 80.78
N LEU E 354 33.03 61.23 80.88
CA LEU E 354 32.48 62.58 80.72
C LEU E 354 33.04 63.57 81.73
N LYS E 355 33.55 64.71 81.24
CA LYS E 355 34.17 65.74 82.08
C LYS E 355 33.26 66.17 83.23
N ASP E 356 31.99 66.38 82.91
CA ASP E 356 30.99 66.88 83.86
C ASP E 356 30.90 66.07 85.14
N SER E 357 31.13 64.76 85.05
CA SER E 357 30.81 63.87 86.17
C SER E 357 31.98 63.00 86.66
N TRP E 358 33.03 62.88 85.87
CA TRP E 358 34.19 62.10 86.28
C TRP E 358 35.39 63.00 86.61
N VAL E 359 35.70 63.05 87.91
CA VAL E 359 36.88 63.75 88.40
C VAL E 359 38.14 63.05 87.85
N GLU E 360 39.11 63.83 87.39
CA GLU E 360 40.31 63.26 86.75
C GLU E 360 39.93 62.13 85.80
N ARG E 361 39.18 62.49 84.76
CA ARG E 361 38.45 61.53 83.95
C ARG E 361 39.36 60.52 83.24
N LEU E 362 40.56 60.96 82.90
CA LEU E 362 41.50 60.12 82.14
C LEU E 362 42.48 59.39 83.03
N ASP E 363 42.26 59.47 84.34
CA ASP E 363 43.14 58.82 85.31
C ASP E 363 42.67 57.39 85.57
N PHE E 364 43.63 56.47 85.63
CA PHE E 364 43.33 55.11 86.10
C PHE E 364 43.39 55.05 87.62
N ASN E 365 42.22 55.24 88.25
CA ASN E 365 42.17 55.35 89.70
C ASN E 365 41.07 54.51 90.32
N PRO E 366 41.41 53.30 90.79
CA PRO E 366 40.43 52.41 91.42
C PRO E 366 39.81 52.96 92.70
N ASP E 367 40.48 53.93 93.33
CA ASP E 367 40.02 54.45 94.63
C ASP E 367 38.80 55.35 94.50
N ARG E 368 38.46 55.71 93.27
CA ARG E 368 37.33 56.59 92.99
C ARG E 368 36.00 55.96 93.37
N TYR E 369 36.00 54.63 93.52
CA TYR E 369 34.80 53.87 93.87
C TYR E 369 34.67 53.69 95.37
N LEU E 370 35.59 54.31 96.10
CA LEU E 370 35.53 54.38 97.56
C LEU E 370 34.87 55.69 97.99
N GLN E 371 34.70 56.60 97.03
CA GLN E 371 33.97 57.85 97.25
C GLN E 371 32.60 57.81 96.58
N ASP E 372 31.92 58.95 96.61
CA ASP E 372 30.82 59.21 95.70
C ASP E 372 31.35 59.43 94.28
N ASN E 373 30.71 58.76 93.33
CA ASN E 373 31.14 58.74 91.94
C ASN E 373 29.92 58.44 91.07
N PRO E 374 30.01 58.70 89.76
CA PRO E 374 28.77 58.55 89.00
C PRO E 374 28.25 57.12 88.85
N ALA E 375 29.10 56.12 89.07
CA ALA E 375 28.64 54.73 89.09
C ALA E 375 27.58 54.51 90.18
N SER E 376 27.77 55.16 91.33
CA SER E 376 26.75 55.17 92.37
C SER E 376 25.77 56.34 92.20
N GLY E 377 26.29 57.48 91.73
CA GLY E 377 25.53 58.74 91.72
C GLY E 377 24.55 58.91 90.57
N GLU E 378 24.81 58.24 89.45
CA GLU E 378 23.96 58.36 88.26
C GLU E 378 23.44 57.00 87.82
N LYS E 379 22.43 57.01 86.96
CA LYS E 379 21.81 55.77 86.46
C LYS E 379 22.67 55.12 85.38
N PHE E 380 23.11 55.91 84.41
CA PHE E 380 23.73 55.39 83.19
C PHE E 380 25.00 56.15 82.80
N ALA E 381 25.77 56.55 83.80
CA ALA E 381 27.10 57.12 83.58
C ALA E 381 28.14 56.02 83.48
N TYR E 382 27.88 54.92 84.19
CA TYR E 382 28.78 53.76 84.17
C TYR E 382 28.00 52.53 83.74
N VAL E 383 28.20 52.12 82.49
CA VAL E 383 27.35 51.11 81.84
C VAL E 383 28.12 50.12 80.98
N PRO E 384 29.24 49.57 81.50
CA PRO E 384 30.01 48.67 80.65
C PRO E 384 29.32 47.34 80.36
N PHE E 385 28.34 46.97 81.18
CA PHE E 385 27.55 45.75 80.96
C PHE E 385 26.12 46.08 80.51
N GLY E 386 25.90 47.34 80.16
CA GLY E 386 24.60 47.79 79.71
C GLY E 386 23.55 47.90 80.80
N ALA E 387 22.31 48.03 80.39
CA ALA E 387 21.16 48.12 81.29
C ALA E 387 19.87 47.93 80.51
N GLY E 388 18.78 47.69 81.23
CA GLY E 388 17.48 47.52 80.62
C GLY E 388 17.32 46.16 79.94
N ARG E 389 16.48 46.12 78.93
CA ARG E 389 16.04 44.85 78.35
C ARG E 389 17.19 44.03 77.75
N HIS E 390 18.20 44.72 77.19
CA HIS E 390 19.31 44.03 76.51
C HIS E 390 20.55 43.91 77.38
N ARG E 391 20.41 44.20 78.66
CA ARG E 391 21.55 44.23 79.58
C ARG E 391 22.28 42.89 79.61
N CYS E 392 23.56 42.95 79.99
CA CYS E 392 24.39 41.75 80.07
C CYS E 392 23.92 40.82 81.18
N ILE E 393 24.04 39.52 80.94
CA ILE E 393 23.78 38.51 81.97
C ILE E 393 25.07 37.80 82.38
N GLY E 394 26.20 38.29 81.89
CA GLY E 394 27.49 37.64 82.12
C GLY E 394 28.45 38.41 83.02
N GLU E 395 27.94 39.44 83.70
CA GLU E 395 28.79 40.27 84.56
C GLU E 395 29.51 39.43 85.62
N ASN E 396 28.77 38.51 86.25
CA ASN E 396 29.33 37.67 87.31
C ASN E 396 30.43 36.77 86.80
N PHE E 397 30.14 35.99 85.75
CA PHE E 397 31.15 35.07 85.23
C PHE E 397 32.38 35.84 84.77
N ALA E 398 32.16 36.92 84.04
CA ALA E 398 33.27 37.72 83.52
C ALA E 398 34.23 38.08 84.67
N TYR E 399 33.67 38.63 85.74
CA TYR E 399 34.46 38.97 86.92
C TYR E 399 35.15 37.76 87.54
N VAL E 400 34.42 36.67 87.74
CA VAL E 400 35.04 35.44 88.24
C VAL E 400 36.23 35.04 87.36
N GLN E 401 36.02 35.02 86.05
CA GLN E 401 37.07 34.61 85.11
C GLN E 401 38.28 35.53 85.16
N ILE E 402 38.02 36.84 85.09
CA ILE E 402 39.08 37.84 85.02
C ILE E 402 39.84 37.95 86.34
N LYS E 403 39.12 37.80 87.45
CA LYS E 403 39.74 37.79 88.77
C LYS E 403 40.64 36.58 88.95
N THR E 404 40.10 35.39 88.64
CA THR E 404 40.85 34.16 88.81
C THR E 404 42.10 34.15 87.94
N ILE E 405 41.94 34.58 86.69
CA ILE E 405 43.08 34.63 85.76
C ILE E 405 44.14 35.61 86.26
N TRP E 406 43.72 36.78 86.74
CA TRP E 406 44.66 37.82 87.15
C TRP E 406 45.18 37.67 88.58
N SER E 407 44.36 37.10 89.46
CA SER E 407 44.85 36.67 90.78
C SER E 407 46.04 35.74 90.58
N THR E 408 45.84 34.73 89.74
CA THR E 408 46.86 33.75 89.40
C THR E 408 48.07 34.38 88.72
N MET E 409 47.82 35.30 87.79
CA MET E 409 48.91 35.90 87.00
C MET E 409 49.82 36.77 87.88
N LEU E 410 49.23 37.50 88.82
CA LEU E 410 50.01 38.35 89.72
C LEU E 410 50.95 37.51 90.59
N ARG E 411 50.45 36.38 91.06
CA ARG E 411 51.26 35.47 91.86
C ARG E 411 52.45 34.93 91.07
N LEU E 412 52.26 34.79 89.76
CA LEU E 412 53.29 34.22 88.87
C LEU E 412 54.34 35.25 88.47
N TYR E 413 53.91 36.43 88.06
CA TYR E 413 54.82 37.41 87.45
C TYR E 413 54.59 38.82 87.97
N GLU E 414 55.63 39.64 87.81
CA GLU E 414 55.49 41.10 87.87
C GLU E 414 55.71 41.68 86.48
N PHE E 415 54.82 42.57 86.07
CA PHE E 415 54.79 43.06 84.70
C PHE E 415 55.28 44.50 84.61
N ASP E 416 55.93 44.82 83.50
CA ASP E 416 56.45 46.16 83.28
C ASP E 416 56.16 46.61 81.86
N LEU E 417 56.04 47.92 81.70
CA LEU E 417 56.02 48.51 80.38
C LEU E 417 57.38 48.29 79.74
N ILE E 418 57.41 48.25 78.42
CA ILE E 418 58.66 48.18 77.68
C ILE E 418 59.07 49.57 77.20
N ASP E 419 60.11 50.11 77.82
CA ASP E 419 60.55 51.49 77.61
C ASP E 419 59.45 52.50 77.90
N GLY E 420 58.66 52.22 78.93
CA GLY E 420 57.56 53.10 79.33
C GLY E 420 56.54 53.32 78.24
N TYR E 421 56.51 52.42 77.25
CA TYR E 421 55.52 52.52 76.18
C TYR E 421 54.17 52.00 76.65
N PHE E 422 53.19 52.89 76.70
CA PHE E 422 51.82 52.50 77.00
C PHE E 422 51.02 52.36 75.72
N PRO E 423 50.47 51.17 75.44
CA PRO E 423 49.80 50.91 74.18
C PRO E 423 48.69 51.90 73.85
N THR E 424 48.71 52.41 72.63
CA THR E 424 47.63 53.20 72.09
C THR E 424 46.49 52.26 71.66
N VAL E 425 45.28 52.81 71.52
CA VAL E 425 44.13 52.00 71.10
C VAL E 425 44.18 51.74 69.60
N ASN E 426 44.08 50.47 69.23
CA ASN E 426 43.98 50.05 67.83
C ASN E 426 42.54 50.12 67.35
N TYR E 427 42.21 51.18 66.62
CA TYR E 427 40.82 51.43 66.22
C TYR E 427 40.40 50.66 64.96
N THR E 428 41.34 49.99 64.32
CA THR E 428 41.04 49.31 63.05
C THR E 428 40.33 47.97 63.28
N THR E 429 40.40 47.45 64.51
CA THR E 429 39.76 46.19 64.84
C THR E 429 38.37 46.40 65.41
N MET E 430 37.47 45.45 65.17
CA MET E 430 36.16 45.43 65.83
C MET E 430 36.40 45.47 67.32
N ILE E 431 37.34 44.61 67.68
CA ILE E 431 37.78 44.35 69.03
C ILE E 431 38.89 45.36 69.34
N HIS E 432 38.56 46.50 69.94
CA HIS E 432 39.55 47.57 70.09
C HIS E 432 40.68 47.13 71.02
N THR E 433 41.77 46.67 70.41
CA THR E 433 42.89 46.10 71.14
C THR E 433 43.95 47.17 71.41
N PRO E 434 44.90 46.86 72.31
CA PRO E 434 46.06 47.73 72.46
C PRO E 434 47.12 47.50 71.38
N GLU E 435 47.59 48.58 70.76
CA GLU E 435 48.67 48.51 69.77
C GLU E 435 49.94 47.91 70.38
N ASN E 436 50.45 46.86 69.76
CA ASN E 436 51.70 46.24 70.17
C ASN E 436 51.70 45.90 71.66
N PRO E 437 50.77 45.02 72.08
CA PRO E 437 50.59 44.70 73.48
C PRO E 437 51.64 43.72 73.99
N VAL E 438 52.91 44.05 73.78
CA VAL E 438 54.00 43.23 74.27
C VAL E 438 54.38 43.73 75.66
N ILE E 439 54.40 42.82 76.62
CA ILE E 439 54.61 43.19 78.02
C ILE E 439 55.86 42.49 78.56
N ARG E 440 56.61 43.21 79.39
CA ARG E 440 57.77 42.65 80.08
C ARG E 440 57.30 41.92 81.33
N TYR E 441 57.96 40.80 81.65
CA TYR E 441 57.61 40.03 82.84
C TYR E 441 58.82 39.31 83.43
N LYS E 442 58.79 39.17 84.75
CA LYS E 442 59.74 38.31 85.46
C LYS E 442 59.01 37.64 86.61
N ARG E 443 59.50 36.47 87.03
CA ARG E 443 58.86 35.72 88.12
C ARG E 443 58.73 36.60 89.36
N ARG E 444 57.66 36.38 90.11
CA ARG E 444 57.37 37.17 91.32
C ARG E 444 58.13 36.59 92.52
N SER E 445 58.89 37.45 93.20
CA SER E 445 59.76 37.02 94.30
C SER E 445 58.96 36.80 95.58
N GLY F 1 54.36 -13.76 -43.13
CA GLY F 1 53.09 -13.74 -42.35
C GLY F 1 52.29 -12.48 -42.59
N LYS F 2 51.40 -12.53 -43.57
CA LYS F 2 50.53 -11.38 -43.86
C LYS F 2 49.19 -11.54 -43.16
N LEU F 3 48.82 -10.53 -42.38
CA LEU F 3 47.57 -10.55 -41.62
C LEU F 3 46.37 -10.56 -42.57
N PRO F 4 45.29 -11.26 -42.18
CA PRO F 4 44.09 -11.23 -43.02
C PRO F 4 43.51 -9.83 -43.15
N PRO F 5 42.80 -9.57 -44.24
CA PRO F 5 42.19 -8.25 -44.49
C PRO F 5 41.27 -7.80 -43.36
N TYR F 6 41.35 -6.53 -42.99
CA TYR F 6 40.62 -5.99 -41.84
C TYR F 6 39.63 -4.92 -42.30
N ILE F 7 38.34 -5.15 -42.06
CA ILE F 7 37.31 -4.18 -42.46
C ILE F 7 37.28 -3.01 -41.49
N PHE F 8 37.75 -1.85 -41.95
CA PHE F 8 37.84 -0.66 -41.12
C PHE F 8 36.45 -0.17 -40.72
N SER F 9 36.35 0.31 -39.49
CA SER F 9 35.13 0.93 -39.00
C SER F 9 35.46 2.27 -38.33
N PRO F 10 34.67 3.31 -38.64
CA PRO F 10 34.80 4.61 -37.97
C PRO F 10 34.36 4.56 -36.52
N ILE F 11 33.47 3.62 -36.21
CA ILE F 11 32.85 3.55 -34.88
C ILE F 11 33.85 3.06 -33.84
N PRO F 12 34.24 3.95 -32.91
CA PRO F 12 35.36 3.78 -31.98
C PRO F 12 35.37 2.43 -31.26
N PHE F 13 34.45 2.25 -30.32
CA PHE F 13 34.43 1.06 -29.47
C PHE F 13 33.64 -0.08 -30.14
N LEU F 14 32.53 0.28 -30.77
CA LEU F 14 31.59 -0.70 -31.30
C LEU F 14 32.11 -1.39 -32.55
N GLY F 15 32.70 -0.61 -33.45
CA GLY F 15 33.01 -1.09 -34.79
C GLY F 15 31.73 -1.42 -35.52
N HIS F 16 31.66 -2.62 -36.08
CA HIS F 16 30.52 -3.01 -36.91
C HIS F 16 29.39 -3.67 -36.11
N ALA F 17 29.40 -3.44 -34.80
CA ALA F 17 28.45 -4.10 -33.89
C ALA F 17 27.00 -3.93 -34.35
N ILE F 18 26.60 -2.68 -34.60
CA ILE F 18 25.23 -2.39 -34.98
C ILE F 18 24.88 -3.05 -36.32
N ALA F 19 25.67 -2.74 -37.35
CA ALA F 19 25.47 -3.34 -38.68
C ALA F 19 25.41 -4.86 -38.59
N PHE F 20 26.36 -5.44 -37.86
CA PHE F 20 26.48 -6.90 -37.77
C PHE F 20 25.30 -7.52 -37.03
N GLY F 21 24.92 -6.90 -35.91
CA GLY F 21 23.80 -7.39 -35.10
C GLY F 21 22.48 -7.48 -35.85
N LYS F 22 22.26 -6.55 -36.79
CA LYS F 22 21.00 -6.48 -37.52
C LYS F 22 20.78 -7.72 -38.37
N SER F 23 21.73 -8.00 -39.26
CA SER F 23 21.77 -9.29 -39.97
C SER F 23 23.21 -9.73 -40.21
N PRO F 24 23.71 -10.64 -39.36
CA PRO F 24 25.08 -11.14 -39.46
C PRO F 24 25.36 -11.86 -40.78
N ILE F 25 24.37 -12.59 -41.28
CA ILE F 25 24.54 -13.40 -42.47
C ILE F 25 24.74 -12.51 -43.69
N GLU F 26 23.84 -11.54 -43.87
CA GLU F 26 24.00 -10.54 -44.92
C GLU F 26 25.39 -9.92 -44.81
N PHE F 27 25.80 -9.62 -43.58
CA PHE F 27 27.11 -9.03 -43.32
C PHE F 27 28.24 -9.94 -43.77
N LEU F 28 28.22 -11.19 -43.34
CA LEU F 28 29.29 -12.13 -43.64
C LEU F 28 29.35 -12.43 -45.14
N GLU F 29 28.18 -12.51 -45.76
CA GLU F 29 28.07 -12.82 -47.19
C GLU F 29 28.58 -11.67 -48.06
N ASN F 30 28.26 -10.44 -47.69
CA ASN F 30 28.82 -9.26 -48.35
C ASN F 30 30.33 -9.24 -48.23
N ALA F 31 30.82 -9.49 -47.02
CA ALA F 31 32.25 -9.47 -46.72
C ALA F 31 32.99 -10.57 -47.48
N TYR F 32 32.33 -11.72 -47.63
CA TYR F 32 32.90 -12.85 -48.35
C TYR F 32 33.23 -12.45 -49.79
N GLU F 33 32.30 -11.74 -50.41
CA GLU F 33 32.49 -11.22 -51.77
C GLU F 33 33.66 -10.24 -51.86
N LYS F 34 33.72 -9.31 -50.91
CA LYS F 34 34.64 -8.19 -50.99
C LYS F 34 36.06 -8.53 -50.49
N TYR F 35 36.17 -9.42 -49.51
CA TYR F 35 37.46 -9.70 -48.86
C TYR F 35 37.89 -11.16 -48.94
N GLY F 36 37.01 -12.02 -49.44
CA GLY F 36 37.35 -13.45 -49.59
C GLY F 36 36.95 -14.30 -48.39
N PRO F 37 37.48 -15.53 -48.32
CA PRO F 37 37.04 -16.52 -47.31
C PRO F 37 37.56 -16.24 -45.91
N VAL F 38 38.57 -15.39 -45.80
CA VAL F 38 39.20 -15.10 -44.51
C VAL F 38 39.38 -13.59 -44.33
N PHE F 39 38.80 -13.06 -43.27
CA PHE F 39 38.93 -11.63 -42.97
C PHE F 39 38.77 -11.35 -41.48
N SER F 40 39.06 -10.11 -41.10
CA SER F 40 39.02 -9.70 -39.70
C SER F 40 38.33 -8.35 -39.55
N PHE F 41 37.74 -8.15 -38.37
CA PHE F 41 37.16 -6.86 -38.01
C PHE F 41 37.04 -6.72 -36.49
N THR F 42 36.78 -5.51 -36.04
CA THR F 42 36.70 -5.23 -34.61
C THR F 42 35.26 -4.96 -34.17
N MET F 43 34.93 -5.48 -32.99
CA MET F 43 33.64 -5.22 -32.35
C MET F 43 33.83 -5.20 -30.84
N VAL F 44 33.35 -4.14 -30.20
CA VAL F 44 33.36 -4.02 -28.74
C VAL F 44 34.74 -4.38 -28.17
N GLY F 45 35.79 -3.88 -28.81
CA GLY F 45 37.15 -3.99 -28.29
C GLY F 45 37.83 -5.33 -28.59
N LYS F 46 37.11 -6.23 -29.25
CA LYS F 46 37.69 -7.52 -29.64
C LYS F 46 37.91 -7.57 -31.15
N THR F 47 38.94 -8.31 -31.55
CA THR F 47 39.22 -8.51 -32.97
C THR F 47 38.88 -9.94 -33.38
N PHE F 48 37.99 -10.07 -34.35
CA PHE F 48 37.55 -11.38 -34.83
C PHE F 48 38.02 -11.66 -36.25
N THR F 49 38.49 -12.87 -36.48
CA THR F 49 38.84 -13.32 -37.82
C THR F 49 37.95 -14.49 -38.23
N TYR F 50 37.27 -14.33 -39.36
CA TYR F 50 36.36 -15.37 -39.85
C TYR F 50 37.02 -16.32 -40.85
N LEU F 51 36.58 -17.57 -40.81
CA LEU F 51 37.01 -18.57 -41.77
C LEU F 51 35.79 -19.07 -42.55
N LEU F 52 35.44 -18.36 -43.62
CA LEU F 52 34.25 -18.72 -44.40
C LEU F 52 34.59 -19.71 -45.51
N GLY F 53 33.69 -20.65 -45.72
CA GLY F 53 33.91 -21.74 -46.68
C GLY F 53 34.58 -22.93 -46.02
N SER F 54 34.36 -24.11 -46.59
CA SER F 54 34.88 -25.36 -46.04
C SER F 54 36.41 -25.39 -46.00
N ASP F 55 37.03 -24.83 -47.03
CA ASP F 55 38.49 -24.84 -47.13
C ASP F 55 39.12 -24.02 -46.01
N ALA F 56 38.58 -22.82 -45.78
CA ALA F 56 39.05 -21.95 -44.70
C ALA F 56 38.67 -22.50 -43.32
N ALA F 57 37.42 -22.94 -43.17
CA ALA F 57 36.89 -23.39 -41.88
C ALA F 57 37.65 -24.62 -41.36
N ALA F 58 38.27 -25.35 -42.28
CA ALA F 58 39.05 -26.54 -41.93
C ALA F 58 40.08 -26.25 -40.84
N LEU F 59 40.64 -25.04 -40.86
CA LEU F 59 41.61 -24.62 -39.85
C LEU F 59 41.06 -24.84 -38.43
N LEU F 60 39.86 -24.33 -38.18
CA LEU F 60 39.22 -24.45 -36.86
C LEU F 60 38.84 -25.89 -36.56
N PHE F 61 38.25 -26.58 -37.53
CA PHE F 61 37.71 -27.92 -37.32
C PHE F 61 38.82 -28.97 -37.11
N ASN F 62 39.99 -28.74 -37.67
CA ASN F 62 41.09 -29.70 -37.56
C ASN F 62 42.06 -29.41 -36.42
N SER F 63 42.12 -28.15 -36.00
CA SER F 63 43.17 -27.71 -35.09
C SER F 63 43.03 -28.32 -33.69
N LYS F 64 44.16 -28.51 -33.03
CA LYS F 64 44.15 -28.87 -31.62
C LYS F 64 43.80 -27.65 -30.78
N ASN F 65 43.27 -27.90 -29.58
CA ASN F 65 42.78 -26.84 -28.72
C ASN F 65 43.89 -25.97 -28.15
N GLU F 66 45.12 -26.49 -28.15
CA GLU F 66 46.27 -25.73 -27.65
C GLU F 66 46.53 -24.50 -28.51
N ASP F 67 46.16 -24.58 -29.79
CA ASP F 67 46.36 -23.49 -30.74
C ASP F 67 45.13 -22.61 -30.86
N LEU F 68 44.00 -23.25 -31.17
CA LEU F 68 42.72 -22.57 -31.24
C LEU F 68 41.85 -23.02 -30.08
N ASN F 69 41.72 -22.13 -29.10
CA ASN F 69 41.26 -22.49 -27.75
C ASN F 69 39.83 -22.05 -27.47
N ALA F 70 39.07 -22.94 -26.83
CA ALA F 70 37.64 -22.71 -26.56
C ALA F 70 37.40 -22.08 -25.18
N GLU F 71 38.09 -22.55 -24.15
CA GLU F 71 37.86 -22.05 -22.79
C GLU F 71 38.03 -20.54 -22.76
N ASP F 72 39.07 -20.06 -23.43
CA ASP F 72 39.41 -18.63 -23.42
C ASP F 72 38.20 -17.79 -23.83
N VAL F 73 37.35 -18.34 -24.69
CA VAL F 73 36.19 -17.60 -25.19
C VAL F 73 34.88 -17.98 -24.49
N TYR F 74 34.79 -19.19 -23.97
CA TYR F 74 33.51 -19.74 -23.49
C TYR F 74 33.40 -19.80 -21.96
N SER F 75 34.52 -20.08 -21.29
CA SER F 75 34.51 -20.43 -19.87
C SER F 75 33.77 -19.40 -19.00
N ARG F 76 34.08 -18.14 -19.24
CA ARG F 76 33.58 -17.06 -18.40
C ARG F 76 32.05 -17.08 -18.29
N LEU F 77 31.39 -17.34 -19.41
CA LEU F 77 29.92 -17.36 -19.45
C LEU F 77 29.34 -18.70 -19.01
N THR F 78 30.01 -19.79 -19.40
CA THR F 78 29.44 -21.12 -19.27
C THR F 78 29.61 -21.69 -17.87
N THR F 79 30.70 -21.32 -17.22
CA THR F 79 31.04 -21.88 -15.91
C THR F 79 29.99 -21.53 -14.85
N PRO F 80 29.55 -20.27 -14.80
CA PRO F 80 28.49 -19.95 -13.84
C PRO F 80 27.18 -20.69 -14.12
N VAL F 81 26.97 -21.08 -15.38
CA VAL F 81 25.75 -21.81 -15.76
C VAL F 81 25.89 -23.31 -15.52
N PHE F 82 26.90 -23.94 -16.12
CA PHE F 82 27.01 -25.40 -16.11
C PHE F 82 27.54 -25.93 -14.78
N GLY F 83 28.43 -25.16 -14.16
CA GLY F 83 29.04 -25.55 -12.88
C GLY F 83 30.54 -25.64 -12.97
N LYS F 84 31.20 -25.78 -11.82
CA LYS F 84 32.65 -25.90 -11.78
C LYS F 84 33.08 -27.33 -12.10
N GLY F 85 34.31 -27.47 -12.58
CA GLY F 85 34.90 -28.79 -12.83
C GLY F 85 34.21 -29.53 -13.96
N VAL F 86 33.69 -28.79 -14.93
CA VAL F 86 32.91 -29.36 -16.02
C VAL F 86 33.10 -28.52 -17.27
N ALA F 87 33.09 -29.19 -18.43
CA ALA F 87 33.11 -28.47 -19.69
C ALA F 87 34.34 -27.59 -19.84
N TYR F 88 34.10 -26.29 -19.95
CA TYR F 88 35.13 -25.33 -20.32
C TYR F 88 35.86 -24.75 -19.10
N ASP F 89 35.53 -25.26 -17.92
CA ASP F 89 36.19 -24.80 -16.69
C ASP F 89 37.43 -25.64 -16.41
N VAL F 90 37.67 -26.64 -17.26
CA VAL F 90 38.76 -27.59 -17.07
C VAL F 90 39.60 -27.65 -18.35
N PRO F 91 40.87 -28.11 -18.25
CA PRO F 91 41.67 -28.30 -19.46
C PRO F 91 40.96 -29.23 -20.44
N ASN F 92 41.21 -29.03 -21.73
CA ASN F 92 40.41 -29.70 -22.75
C ASN F 92 40.42 -31.23 -22.66
N PRO F 93 41.59 -31.83 -22.40
CA PRO F 93 41.63 -33.29 -22.35
C PRO F 93 40.70 -33.94 -21.32
N VAL F 94 40.55 -33.34 -20.14
CA VAL F 94 39.65 -33.90 -19.11
C VAL F 94 38.19 -33.78 -19.56
N PHE F 95 37.90 -32.72 -20.31
CA PHE F 95 36.58 -32.53 -20.93
C PHE F 95 36.31 -33.63 -21.95
N LEU F 96 37.34 -33.97 -22.74
CA LEU F 96 37.24 -35.05 -23.72
C LEU F 96 36.78 -36.35 -23.08
N GLU F 97 37.34 -36.65 -21.92
CA GLU F 97 36.96 -37.84 -21.18
C GLU F 97 35.48 -37.74 -20.79
N GLN F 98 35.08 -36.55 -20.36
CA GLN F 98 33.68 -36.26 -20.01
C GLN F 98 32.74 -36.51 -21.19
N LYS F 99 33.12 -36.00 -22.37
CA LYS F 99 32.33 -36.18 -23.59
C LYS F 99 32.22 -37.65 -23.99
N LYS F 100 33.28 -38.42 -23.77
CA LYS F 100 33.25 -39.86 -24.05
C LYS F 100 32.27 -40.57 -23.11
N MET F 101 32.23 -40.13 -21.86
CA MET F 101 31.32 -40.70 -20.86
C MET F 101 29.86 -40.48 -21.23
N LEU F 102 29.53 -39.25 -21.62
CA LEU F 102 28.16 -38.91 -22.00
C LEU F 102 27.77 -39.68 -23.27
N LYS F 103 28.70 -39.70 -24.23
CA LYS F 103 28.49 -40.38 -25.52
C LYS F 103 27.99 -41.81 -25.30
N SER F 104 28.63 -42.51 -24.38
CA SER F 104 28.37 -43.93 -24.14
C SER F 104 26.95 -44.17 -23.63
N GLY F 105 26.41 -43.17 -22.94
CA GLY F 105 25.02 -43.24 -22.45
C GLY F 105 24.02 -43.06 -23.58
N LEU F 106 24.45 -42.38 -24.62
CA LEU F 106 23.60 -42.10 -25.77
C LEU F 106 23.65 -43.23 -26.80
N ASN F 107 23.12 -44.39 -26.42
CA ASN F 107 23.22 -45.55 -27.28
C ASN F 107 21.84 -46.09 -27.67
N ILE F 108 21.85 -47.02 -28.62
CA ILE F 108 20.64 -47.58 -29.21
C ILE F 108 19.77 -48.25 -28.15
N ALA F 109 20.40 -48.84 -27.16
CA ALA F 109 19.68 -49.41 -26.02
C ALA F 109 18.74 -48.39 -25.40
N HIS F 110 19.26 -47.19 -25.15
CA HIS F 110 18.48 -46.13 -24.51
C HIS F 110 17.51 -45.46 -25.49
N PHE F 111 17.97 -45.23 -26.71
CA PHE F 111 17.15 -44.57 -27.73
C PHE F 111 15.83 -45.30 -27.98
N LYS F 112 15.85 -46.63 -27.88
CA LYS F 112 14.62 -47.42 -28.04
C LYS F 112 13.64 -47.11 -26.92
N GLN F 113 14.15 -46.80 -25.74
CA GLN F 113 13.31 -46.41 -24.60
C GLN F 113 12.80 -44.99 -24.77
N HIS F 114 13.63 -44.12 -25.33
CA HIS F 114 13.28 -42.71 -25.52
C HIS F 114 12.09 -42.56 -26.46
N VAL F 115 12.10 -43.33 -27.56
CA VAL F 115 11.07 -43.21 -28.58
C VAL F 115 9.66 -43.18 -27.97
N SER F 116 9.35 -44.20 -27.18
CA SER F 116 8.01 -44.30 -26.60
C SER F 116 7.79 -43.21 -25.54
N ILE F 117 8.82 -42.98 -24.74
CA ILE F 117 8.81 -41.90 -23.74
C ILE F 117 8.42 -40.56 -24.38
N ILE F 118 9.12 -40.21 -25.45
CA ILE F 118 8.94 -38.91 -26.09
C ILE F 118 7.56 -38.83 -26.76
N GLU F 119 7.17 -39.92 -27.42
CA GLU F 119 5.87 -39.99 -28.08
C GLU F 119 4.75 -39.68 -27.08
N LYS F 120 4.77 -40.36 -25.95
CA LYS F 120 3.73 -40.20 -24.93
C LYS F 120 3.65 -38.74 -24.46
N GLU F 121 4.80 -38.16 -24.12
CA GLU F 121 4.88 -36.77 -23.70
C GLU F 121 4.24 -35.83 -24.71
N THR F 122 4.49 -36.09 -25.98
CA THR F 122 4.02 -35.23 -27.05
C THR F 122 2.50 -35.26 -27.19
N LYS F 123 1.93 -36.46 -27.24
CA LYS F 123 0.48 -36.61 -27.33
C LYS F 123 -0.19 -35.93 -26.13
N GLU F 124 0.39 -36.14 -24.96
CA GLU F 124 -0.14 -35.56 -23.72
C GLU F 124 -0.09 -34.03 -23.77
N TYR F 125 1.04 -33.46 -24.17
CA TYR F 125 1.19 -32.00 -24.22
C TYR F 125 0.16 -31.37 -25.15
N PHE F 126 0.03 -31.94 -26.34
CA PHE F 126 -0.77 -31.33 -27.40
C PHE F 126 -2.27 -31.62 -27.26
N GLU F 127 -2.64 -32.39 -26.25
CA GLU F 127 -4.06 -32.55 -25.91
C GLU F 127 -4.71 -31.19 -25.64
N SER F 128 -3.92 -30.27 -25.09
CA SER F 128 -4.43 -28.94 -24.71
C SER F 128 -4.60 -28.03 -25.92
N TRP F 129 -4.19 -28.48 -27.10
CA TRP F 129 -4.31 -27.68 -28.31
C TRP F 129 -5.68 -27.84 -28.97
N GLY F 130 -6.43 -28.85 -28.54
CA GLY F 130 -7.77 -29.07 -29.06
C GLY F 130 -7.78 -29.47 -30.52
N GLU F 131 -8.86 -29.13 -31.22
CA GLU F 131 -9.07 -29.60 -32.59
C GLU F 131 -8.39 -28.68 -33.62
N SER F 132 -8.38 -27.38 -33.33
CA SER F 132 -7.70 -26.42 -34.21
C SER F 132 -7.41 -25.10 -33.49
N GLY F 133 -6.77 -24.18 -34.21
CA GLY F 133 -6.50 -22.86 -33.67
C GLY F 133 -5.26 -22.23 -34.27
N GLU F 134 -4.75 -21.22 -33.58
CA GLU F 134 -3.50 -20.55 -33.97
C GLU F 134 -2.65 -20.29 -32.73
N LYS F 135 -1.58 -21.08 -32.58
CA LYS F 135 -0.76 -21.03 -31.38
C LYS F 135 0.73 -20.94 -31.67
N ASN F 136 1.47 -20.55 -30.64
CA ASN F 136 2.92 -20.40 -30.73
C ASN F 136 3.61 -21.74 -30.64
N VAL F 137 4.11 -22.20 -31.78
CA VAL F 137 4.73 -23.50 -31.90
C VAL F 137 6.11 -23.56 -31.24
N PHE F 138 6.84 -22.45 -31.24
CA PHE F 138 8.13 -22.39 -30.53
C PHE F 138 7.95 -22.48 -29.02
N GLU F 139 7.00 -21.72 -28.49
CA GLU F 139 6.66 -21.80 -27.07
C GLU F 139 6.22 -23.22 -26.71
N ALA F 140 5.36 -23.79 -27.55
CA ALA F 140 4.88 -25.15 -27.37
C ALA F 140 6.03 -26.15 -27.34
N LEU F 141 6.93 -26.05 -28.30
CA LEU F 141 8.03 -27.01 -28.41
C LEU F 141 9.03 -26.87 -27.26
N SER F 142 9.34 -25.63 -26.88
CA SER F 142 10.24 -25.40 -25.76
C SER F 142 9.72 -26.04 -24.48
N GLU F 143 8.42 -25.85 -24.20
CA GLU F 143 7.79 -26.48 -23.06
C GLU F 143 7.77 -28.01 -23.16
N LEU F 144 7.50 -28.53 -24.35
CA LEU F 144 7.45 -29.99 -24.53
C LEU F 144 8.85 -30.60 -24.44
N ILE F 145 9.82 -29.98 -25.10
CA ILE F 145 11.16 -30.55 -25.17
C ILE F 145 11.84 -30.57 -23.81
N ILE F 146 11.62 -29.54 -23.00
CA ILE F 146 12.23 -29.50 -21.68
C ILE F 146 11.76 -30.72 -20.89
N LEU F 147 10.52 -31.15 -21.13
CA LEU F 147 10.00 -32.35 -20.50
C LEU F 147 10.60 -33.62 -21.11
N THR F 148 10.66 -33.68 -22.44
CA THR F 148 11.16 -34.89 -23.11
C THR F 148 12.66 -35.09 -22.86
N ALA F 149 13.42 -33.99 -22.90
CA ALA F 149 14.87 -34.05 -22.67
C ALA F 149 15.21 -34.46 -21.24
N SER F 150 14.47 -33.94 -20.28
CA SER F 150 14.61 -34.37 -18.89
C SER F 150 14.29 -35.86 -18.77
N HIS F 151 13.12 -36.24 -19.26
CA HIS F 151 12.66 -37.62 -19.15
C HIS F 151 13.74 -38.59 -19.64
N CYS F 152 14.34 -38.27 -20.79
CA CYS F 152 15.30 -39.18 -21.43
C CYS F 152 16.69 -39.10 -20.83
N LEU F 153 17.17 -37.89 -20.58
CA LEU F 153 18.56 -37.68 -20.17
C LEU F 153 18.73 -37.69 -18.65
N HIS F 154 17.67 -37.34 -17.92
CA HIS F 154 17.74 -37.29 -16.45
C HIS F 154 17.13 -38.53 -15.82
N GLY F 155 16.03 -38.99 -16.40
CA GLY F 155 15.32 -40.15 -15.89
C GLY F 155 13.93 -39.75 -15.41
N LYS F 156 13.10 -40.74 -15.12
CA LYS F 156 11.70 -40.50 -14.76
C LYS F 156 11.55 -39.92 -13.36
N GLU F 157 12.51 -40.18 -12.48
CA GLU F 157 12.50 -39.61 -11.13
C GLU F 157 12.50 -38.08 -11.22
N ILE F 158 13.54 -37.55 -11.85
CA ILE F 158 13.74 -36.11 -11.91
C ILE F 158 12.70 -35.42 -12.80
N ARG F 159 12.30 -36.09 -13.87
CA ARG F 159 11.29 -35.56 -14.77
C ARG F 159 9.98 -35.34 -14.03
N SER F 160 9.73 -36.19 -13.05
CA SER F 160 8.52 -36.14 -12.25
C SER F 160 8.40 -34.81 -11.51
N GLN F 161 9.56 -34.22 -11.25
CA GLN F 161 9.66 -33.02 -10.42
C GLN F 161 9.77 -31.75 -11.23
N LEU F 162 9.79 -31.87 -12.56
CA LEU F 162 9.86 -30.69 -13.41
C LEU F 162 8.49 -30.03 -13.51
N ASN F 163 8.11 -29.32 -12.47
CA ASN F 163 6.90 -28.50 -12.48
C ASN F 163 7.25 -27.09 -12.98
N GLU F 164 6.27 -26.19 -12.91
CA GLU F 164 6.46 -24.83 -13.42
C GLU F 164 7.61 -24.09 -12.73
N LYS F 165 7.80 -24.33 -11.43
CA LYS F 165 8.86 -23.66 -10.67
C LYS F 165 10.25 -24.04 -11.20
N VAL F 166 10.50 -25.33 -11.31
CA VAL F 166 11.79 -25.82 -11.83
C VAL F 166 12.00 -25.36 -13.27
N ALA F 167 10.92 -25.29 -14.03
CA ALA F 167 10.99 -24.81 -15.41
C ALA F 167 11.52 -23.38 -15.44
N GLN F 168 11.07 -22.58 -14.47
CA GLN F 168 11.52 -21.20 -14.34
C GLN F 168 12.99 -21.12 -13.94
N LEU F 169 13.42 -22.08 -13.12
CA LEU F 169 14.82 -22.15 -12.72
C LEU F 169 15.71 -22.34 -13.94
N TYR F 170 15.22 -23.12 -14.90
CA TYR F 170 15.96 -23.36 -16.14
C TYR F 170 16.01 -22.12 -17.04
N ALA F 171 14.93 -21.36 -17.08
CA ALA F 171 14.95 -20.06 -17.77
C ALA F 171 15.97 -19.13 -17.13
N ASP F 172 16.03 -19.14 -15.80
CA ASP F 172 16.95 -18.30 -15.04
C ASP F 172 18.41 -18.63 -15.35
N LEU F 173 18.70 -19.92 -15.51
CA LEU F 173 20.04 -20.36 -15.94
C LEU F 173 20.39 -19.82 -17.31
N ASP F 174 19.46 -19.99 -18.26
CA ASP F 174 19.63 -19.47 -19.62
C ASP F 174 19.99 -17.99 -19.60
N GLY F 175 19.37 -17.26 -18.66
CA GLY F 175 19.57 -15.82 -18.55
C GLY F 175 21.03 -15.46 -18.35
N GLY F 176 21.80 -16.42 -17.89
CA GLY F 176 23.25 -16.27 -17.74
C GLY F 176 24.03 -16.16 -19.03
N PHE F 177 23.39 -16.50 -20.16
CA PHE F 177 24.04 -16.36 -21.47
C PHE F 177 23.58 -15.09 -22.18
N SER F 178 23.81 -13.95 -21.53
CA SER F 178 23.30 -12.69 -22.06
C SER F 178 24.41 -11.76 -22.50
N HIS F 179 24.03 -10.74 -23.25
CA HIS F 179 24.94 -9.67 -23.64
C HIS F 179 25.46 -8.95 -22.40
N ALA F 180 24.61 -8.88 -21.37
CA ALA F 180 25.01 -8.34 -20.08
C ALA F 180 26.12 -9.17 -19.44
N ALA F 181 25.88 -10.47 -19.31
CA ALA F 181 26.84 -11.39 -18.69
C ALA F 181 28.18 -11.39 -19.42
N TRP F 182 28.12 -11.16 -20.73
CA TRP F 182 29.31 -11.16 -21.58
C TRP F 182 30.07 -9.85 -21.48
N LEU F 183 29.33 -8.75 -21.43
CA LEU F 183 29.92 -7.41 -21.50
C LEU F 183 30.34 -6.92 -20.12
N LEU F 184 29.60 -7.34 -19.10
CA LEU F 184 29.72 -6.76 -17.77
C LEU F 184 30.40 -7.71 -16.78
N PRO F 185 31.03 -7.15 -15.75
CA PRO F 185 31.67 -7.93 -14.69
C PRO F 185 30.67 -8.74 -13.89
N GLY F 186 31.11 -9.91 -13.42
CA GLY F 186 30.23 -10.80 -12.67
C GLY F 186 29.92 -10.34 -11.26
N TRP F 187 30.65 -9.35 -10.76
CA TRP F 187 30.47 -8.87 -9.39
C TRP F 187 29.32 -7.87 -9.24
N LEU F 188 28.81 -7.34 -10.35
CA LEU F 188 27.61 -6.51 -10.31
C LEU F 188 26.42 -7.34 -9.85
N PRO F 189 25.62 -6.82 -8.91
CA PRO F 189 24.45 -7.57 -8.44
C PRO F 189 23.22 -7.35 -9.33
N LEU F 190 23.36 -7.63 -10.63
CA LEU F 190 22.22 -7.57 -11.55
C LEU F 190 21.26 -8.71 -11.27
N PRO F 191 19.95 -8.44 -11.39
CA PRO F 191 18.94 -9.47 -11.17
C PRO F 191 19.16 -10.75 -11.97
N SER F 192 19.59 -10.63 -13.22
CA SER F 192 19.78 -11.84 -14.05
C SER F 192 20.94 -12.70 -13.54
N PHE F 193 22.00 -12.07 -13.05
CA PHE F 193 23.13 -12.79 -12.44
C PHE F 193 22.67 -13.49 -11.17
N ARG F 194 21.95 -12.76 -10.34
CA ARG F 194 21.44 -13.28 -9.08
C ARG F 194 20.49 -14.44 -9.33
N ARG F 195 19.53 -14.24 -10.23
CA ARG F 195 18.61 -15.30 -10.63
C ARG F 195 19.37 -16.53 -11.10
N ARG F 196 20.37 -16.33 -11.95
CA ARG F 196 21.16 -17.44 -12.46
C ARG F 196 21.82 -18.19 -11.31
N ASP F 197 22.61 -17.48 -10.52
CA ASP F 197 23.38 -18.10 -9.45
C ASP F 197 22.47 -18.83 -8.47
N ARG F 198 21.34 -18.19 -8.15
CA ARG F 198 20.35 -18.81 -7.27
C ARG F 198 19.81 -20.11 -7.87
N ALA F 199 19.42 -20.07 -9.15
CA ALA F 199 18.85 -21.23 -9.81
C ALA F 199 19.87 -22.35 -9.95
N HIS F 200 21.13 -21.99 -10.20
CA HIS F 200 22.17 -22.98 -10.30
C HIS F 200 22.21 -23.81 -9.01
N ARG F 201 22.15 -23.14 -7.86
CA ARG F 201 22.15 -23.81 -6.55
C ARG F 201 20.92 -24.69 -6.34
N GLU F 202 19.74 -24.16 -6.64
CA GLU F 202 18.50 -24.88 -6.43
C GLU F 202 18.38 -26.10 -7.34
N ILE F 203 18.86 -25.96 -8.57
CA ILE F 203 18.87 -27.08 -9.53
C ILE F 203 19.91 -28.13 -9.13
N LYS F 204 21.11 -27.68 -8.79
CA LYS F 204 22.14 -28.58 -8.30
C LYS F 204 21.66 -29.37 -7.09
N ASP F 205 20.90 -28.70 -6.22
CA ASP F 205 20.33 -29.35 -5.04
C ASP F 205 19.42 -30.51 -5.44
N ILE F 206 18.50 -30.25 -6.37
CA ILE F 206 17.60 -31.28 -6.88
C ILE F 206 18.36 -32.46 -7.48
N PHE F 207 19.40 -32.17 -8.25
CA PHE F 207 20.26 -33.23 -8.78
C PHE F 207 21.01 -33.94 -7.66
N TYR F 208 21.52 -33.17 -6.71
CA TYR F 208 22.21 -33.74 -5.54
C TYR F 208 21.33 -34.76 -4.84
N LYS F 209 20.07 -34.40 -4.60
CA LYS F 209 19.15 -35.29 -3.90
C LYS F 209 18.90 -36.55 -4.71
N ALA F 210 18.70 -36.37 -6.02
CA ALA F 210 18.45 -37.50 -6.91
C ALA F 210 19.70 -38.36 -7.08
N ILE F 211 20.86 -37.73 -7.28
CA ILE F 211 22.11 -38.46 -7.46
C ILE F 211 22.41 -39.33 -6.24
N GLN F 212 22.15 -38.78 -5.05
CA GLN F 212 22.40 -39.49 -3.80
C GLN F 212 21.37 -40.60 -3.60
N LYS F 213 20.14 -40.36 -4.05
CA LYS F 213 19.09 -41.37 -3.95
C LYS F 213 19.42 -42.60 -4.77
N ARG F 214 19.99 -42.43 -5.96
CA ARG F 214 20.29 -43.58 -6.82
C ARG F 214 21.61 -44.26 -6.46
N ARG F 215 22.56 -43.49 -5.96
CA ARG F 215 23.81 -44.06 -5.46
C ARG F 215 23.54 -45.05 -4.32
N GLN F 216 22.32 -45.01 -3.80
CA GLN F 216 21.90 -45.93 -2.73
C GLN F 216 20.78 -46.87 -3.20
N SER F 217 20.34 -46.67 -4.44
CA SER F 217 19.14 -47.34 -4.98
C SER F 217 19.30 -48.86 -5.15
N GLN F 218 18.17 -49.52 -5.37
CA GLN F 218 18.12 -50.98 -5.54
C GLN F 218 17.90 -51.39 -6.99
N GLU F 219 16.68 -51.25 -7.50
CA GLU F 219 16.42 -51.69 -8.87
C GLU F 219 17.57 -51.16 -9.71
N LYS F 220 18.26 -52.01 -10.45
CA LYS F 220 19.30 -51.46 -11.33
C LYS F 220 18.71 -50.78 -12.54
N ILE F 221 19.25 -49.61 -12.82
CA ILE F 221 18.64 -48.70 -13.77
C ILE F 221 19.40 -48.66 -15.07
N ASP F 222 18.69 -48.96 -16.16
CA ASP F 222 19.30 -48.85 -17.48
C ASP F 222 19.02 -47.49 -18.13
N ASP F 223 19.75 -46.47 -17.71
CA ASP F 223 19.63 -45.14 -18.31
C ASP F 223 20.92 -44.32 -18.23
N ILE F 224 20.83 -43.06 -18.62
CA ILE F 224 22.01 -42.21 -18.82
C ILE F 224 22.62 -41.76 -17.49
N LEU F 225 21.76 -41.46 -16.52
CA LEU F 225 22.24 -41.11 -15.18
C LEU F 225 23.15 -42.21 -14.64
N GLN F 226 22.73 -43.47 -14.81
CA GLN F 226 23.50 -44.60 -14.34
C GLN F 226 24.84 -44.66 -15.06
N THR F 227 24.81 -44.43 -16.36
CA THR F 227 26.02 -44.41 -17.18
C THR F 227 27.04 -43.40 -16.65
N LEU F 228 26.54 -42.29 -16.09
CA LEU F 228 27.42 -41.25 -15.54
C LEU F 228 27.89 -41.58 -14.13
N LEU F 229 27.06 -42.28 -13.37
CA LEU F 229 27.43 -42.69 -12.01
C LEU F 229 28.55 -43.73 -12.03
N ASP F 230 28.64 -44.48 -13.13
CA ASP F 230 29.51 -45.66 -13.19
C ASP F 230 30.82 -45.37 -13.89
N ALA F 231 30.89 -44.25 -14.61
CA ALA F 231 32.05 -43.94 -15.42
C ALA F 231 33.28 -43.70 -14.55
N THR F 232 34.44 -43.81 -15.19
CA THR F 232 35.71 -43.50 -14.55
C THR F 232 36.63 -42.89 -15.58
N TYR F 233 37.37 -41.87 -15.19
CA TYR F 233 38.39 -41.28 -16.06
C TYR F 233 39.44 -42.34 -16.39
N LYS F 234 40.41 -41.99 -17.22
CA LYS F 234 41.54 -42.89 -17.49
C LYS F 234 42.31 -43.14 -16.19
N ASP F 235 42.18 -42.20 -15.25
CA ASP F 235 42.69 -42.36 -13.88
C ASP F 235 42.10 -43.60 -13.22
N GLY F 236 40.82 -43.86 -13.46
CA GLY F 236 40.05 -44.79 -12.67
C GLY F 236 39.13 -44.06 -11.70
N ARG F 237 39.38 -42.77 -11.54
CA ARG F 237 38.59 -41.92 -10.65
C ARG F 237 37.16 -41.74 -11.19
N PRO F 238 36.16 -42.00 -10.34
CA PRO F 238 34.79 -41.76 -10.75
C PRO F 238 34.38 -40.30 -10.56
N LEU F 239 33.35 -39.87 -11.28
CA LEU F 239 32.88 -38.49 -11.21
C LEU F 239 32.35 -38.17 -9.82
N THR F 240 32.64 -36.96 -9.34
CA THR F 240 32.00 -36.45 -8.13
C THR F 240 30.57 -36.08 -8.47
N ASP F 241 29.74 -35.93 -7.43
CA ASP F 241 28.34 -35.55 -7.63
C ASP F 241 28.24 -34.17 -8.27
N ASP F 242 29.15 -33.27 -7.94
CA ASP F 242 29.12 -31.93 -8.52
C ASP F 242 29.55 -31.96 -9.98
N GLU F 243 30.45 -32.89 -10.32
CA GLU F 243 30.76 -33.16 -11.72
C GLU F 243 29.53 -33.72 -12.44
N VAL F 244 28.87 -34.72 -11.85
CA VAL F 244 27.67 -35.32 -12.44
C VAL F 244 26.52 -34.31 -12.60
N ALA F 245 26.24 -33.54 -11.55
CA ALA F 245 25.14 -32.58 -11.57
C ALA F 245 25.36 -31.53 -12.66
N GLY F 246 26.61 -31.11 -12.81
CA GLY F 246 26.98 -30.14 -13.83
C GLY F 246 26.77 -30.72 -15.21
N MET F 247 26.99 -32.02 -15.32
CA MET F 247 26.79 -32.72 -16.57
C MET F 247 25.33 -32.84 -16.94
N LEU F 248 24.48 -33.10 -15.95
CA LEU F 248 23.04 -33.18 -16.21
C LEU F 248 22.49 -31.83 -16.63
N ILE F 249 22.96 -30.77 -16.01
CA ILE F 249 22.58 -29.43 -16.42
C ILE F 249 22.94 -29.22 -17.89
N GLY F 250 24.18 -29.56 -18.23
CA GLY F 250 24.64 -29.50 -19.62
C GLY F 250 23.76 -30.33 -20.53
N LEU F 251 23.40 -31.52 -20.09
CA LEU F 251 22.56 -32.40 -20.89
C LEU F 251 21.23 -31.72 -21.23
N LEU F 252 20.62 -31.07 -20.26
CA LEU F 252 19.32 -30.46 -20.48
C LEU F 252 19.42 -29.25 -21.40
N LEU F 253 20.28 -28.31 -21.05
CA LEU F 253 20.42 -27.11 -21.85
C LEU F 253 20.80 -27.47 -23.30
N ALA F 254 21.63 -28.49 -23.46
CA ALA F 254 21.99 -28.98 -24.79
C ALA F 254 20.79 -29.59 -25.51
N GLY F 255 20.01 -30.38 -24.78
CA GLY F 255 18.93 -31.17 -25.38
C GLY F 255 17.68 -30.40 -25.71
N GLN F 256 17.58 -29.16 -25.23
CA GLN F 256 16.34 -28.41 -25.37
C GLN F 256 16.34 -27.40 -26.50
N HIS F 257 17.16 -26.38 -26.38
CA HIS F 257 17.07 -25.22 -27.26
C HIS F 257 17.50 -25.49 -28.70
N THR F 258 18.45 -26.40 -28.89
CA THR F 258 18.86 -26.75 -30.24
C THR F 258 17.71 -27.45 -30.94
N SER F 259 17.01 -28.30 -30.21
CA SER F 259 15.91 -29.08 -30.79
C SER F 259 14.63 -28.26 -30.92
N SER F 260 14.37 -27.39 -29.94
CA SER F 260 13.12 -26.63 -29.93
C SER F 260 13.10 -25.55 -31.01
N THR F 261 14.22 -24.87 -31.22
CA THR F 261 14.30 -23.89 -32.30
C THR F 261 14.26 -24.58 -33.67
N THR F 262 15.00 -25.68 -33.79
CA THR F 262 15.05 -26.43 -35.04
C THR F 262 13.66 -26.96 -35.40
N SER F 263 13.03 -27.65 -34.45
CA SER F 263 11.70 -28.20 -34.65
C SER F 263 10.66 -27.11 -34.96
N ALA F 264 10.86 -25.92 -34.42
CA ALA F 264 9.98 -24.79 -34.71
C ALA F 264 10.10 -24.39 -36.18
N TRP F 265 11.34 -24.25 -36.63
CA TRP F 265 11.59 -23.83 -38.01
C TRP F 265 11.07 -24.86 -39.00
N MET F 266 11.30 -26.14 -38.72
CA MET F 266 10.81 -27.20 -39.61
C MET F 266 9.30 -27.09 -39.74
N GLY F 267 8.64 -26.74 -38.65
CA GLY F 267 7.21 -26.50 -38.65
C GLY F 267 6.78 -25.47 -39.68
N PHE F 268 7.51 -24.37 -39.75
CA PHE F 268 7.18 -23.31 -40.70
C PHE F 268 7.65 -23.62 -42.11
N PHE F 269 8.72 -24.40 -42.22
CA PHE F 269 9.16 -24.90 -43.52
C PHE F 269 8.12 -25.88 -44.10
N LEU F 270 7.50 -26.66 -43.22
CA LEU F 270 6.46 -27.61 -43.66
C LEU F 270 5.10 -26.92 -43.87
N ALA F 271 4.83 -25.85 -43.13
CA ALA F 271 3.57 -25.13 -43.30
C ALA F 271 3.56 -24.33 -44.60
N ARG F 272 4.72 -23.82 -44.99
CA ARG F 272 4.85 -23.10 -46.25
C ARG F 272 4.81 -24.03 -47.46
N ASP F 273 5.35 -25.24 -47.30
CA ASP F 273 5.37 -26.23 -48.37
C ASP F 273 4.42 -27.39 -48.04
N LYS F 274 3.15 -27.21 -48.41
CA LYS F 274 2.08 -28.10 -47.99
C LYS F 274 2.14 -29.49 -48.62
N THR F 275 2.60 -29.58 -49.86
CA THR F 275 2.72 -30.89 -50.51
C THR F 275 3.82 -31.70 -49.84
N LEU F 276 4.91 -31.03 -49.47
CA LEU F 276 5.99 -31.67 -48.72
C LEU F 276 5.52 -32.11 -47.33
N GLN F 277 4.65 -31.32 -46.71
CA GLN F 277 4.06 -31.72 -45.44
C GLN F 277 3.19 -32.96 -45.63
N LYS F 278 2.29 -32.91 -46.61
CA LYS F 278 1.42 -34.06 -46.87
C LYS F 278 2.24 -35.30 -47.22
N LYS F 279 3.31 -35.14 -47.98
CA LYS F 279 4.20 -36.26 -48.27
C LYS F 279 4.77 -36.86 -46.98
N CYS F 280 5.17 -36.00 -46.04
CA CYS F 280 5.69 -36.45 -44.75
C CYS F 280 4.65 -37.27 -44.00
N TYR F 281 3.41 -36.80 -44.01
CA TYR F 281 2.32 -37.52 -43.36
C TYR F 281 2.06 -38.86 -44.04
N LEU F 282 2.16 -38.88 -45.35
CA LEU F 282 1.96 -40.13 -46.10
C LEU F 282 3.05 -41.12 -45.72
N GLU F 283 4.27 -40.63 -45.53
CA GLU F 283 5.39 -41.49 -45.14
C GLU F 283 5.12 -42.20 -43.82
N GLN F 284 4.40 -41.53 -42.92
CA GLN F 284 4.00 -42.12 -41.65
C GLN F 284 3.20 -43.39 -41.87
N LYS F 285 2.13 -43.27 -42.65
CA LYS F 285 1.27 -44.40 -42.99
C LYS F 285 2.05 -45.49 -43.72
N THR F 286 2.78 -45.09 -44.75
CA THR F 286 3.57 -46.02 -45.56
C THR F 286 4.49 -46.87 -44.68
N VAL F 287 5.19 -46.21 -43.76
CA VAL F 287 6.28 -46.84 -43.02
C VAL F 287 5.79 -47.58 -41.78
N CYS F 288 4.82 -47.01 -41.08
CA CYS F 288 4.44 -47.49 -39.74
C CYS F 288 3.12 -48.26 -39.75
N GLY F 289 2.44 -48.23 -40.90
CA GLY F 289 1.14 -48.87 -41.03
C GLY F 289 0.01 -47.85 -41.08
N GLU F 290 -1.02 -48.17 -41.87
CA GLU F 290 -2.16 -47.27 -42.09
C GLU F 290 -2.95 -47.06 -40.80
N ASN F 291 -2.91 -48.04 -39.92
CA ASN F 291 -3.58 -47.97 -38.61
C ASN F 291 -2.82 -47.07 -37.64
N LEU F 292 -1.59 -46.74 -38.01
CA LEU F 292 -0.73 -45.82 -37.26
C LEU F 292 -0.57 -46.21 -35.79
N PRO F 293 0.22 -47.26 -35.52
CA PRO F 293 0.53 -47.76 -34.18
C PRO F 293 1.63 -46.96 -33.48
N PRO F 294 1.87 -47.24 -32.18
CA PRO F 294 2.92 -46.55 -31.44
C PRO F 294 4.29 -46.63 -32.14
N LEU F 295 5.02 -45.52 -32.08
CA LEU F 295 6.29 -45.40 -32.81
C LEU F 295 7.38 -46.26 -32.17
N THR F 296 8.29 -46.75 -33.00
CA THR F 296 9.48 -47.43 -32.52
C THR F 296 10.75 -46.86 -33.15
N TYR F 297 11.88 -47.16 -32.54
CA TYR F 297 13.18 -46.68 -33.01
C TYR F 297 13.47 -47.19 -34.41
N ASP F 298 13.08 -48.43 -34.69
CA ASP F 298 13.35 -49.05 -35.99
C ASP F 298 12.62 -48.30 -37.11
N GLN F 299 11.41 -47.85 -36.80
CA GLN F 299 10.60 -47.11 -37.76
C GLN F 299 11.23 -45.75 -38.05
N LEU F 300 11.80 -45.13 -37.01
CA LEU F 300 12.41 -43.81 -37.14
C LEU F 300 13.57 -43.84 -38.13
N LYS F 301 14.27 -44.96 -38.18
CA LYS F 301 15.38 -45.13 -39.13
C LYS F 301 14.87 -45.19 -40.56
N ASP F 302 13.58 -45.49 -40.72
CA ASP F 302 12.97 -45.61 -42.05
C ASP F 302 12.25 -44.35 -42.51
N LEU F 303 12.02 -43.41 -41.59
CA LEU F 303 11.43 -42.12 -41.96
C LEU F 303 12.47 -41.24 -42.65
N ASN F 304 12.82 -41.64 -43.86
CA ASN F 304 13.92 -41.02 -44.60
C ASN F 304 13.59 -39.62 -45.15
N LEU F 305 12.33 -39.40 -45.50
CA LEU F 305 11.90 -38.05 -45.93
C LEU F 305 11.92 -37.09 -44.75
N LEU F 306 11.37 -37.54 -43.63
CA LEU F 306 11.37 -36.76 -42.41
C LEU F 306 12.80 -36.42 -42.02
N ASP F 307 13.68 -37.40 -42.19
CA ASP F 307 15.10 -37.23 -41.87
C ASP F 307 15.75 -36.15 -42.75
N ARG F 308 15.45 -36.17 -44.04
CA ARG F 308 16.02 -35.21 -44.97
C ARG F 308 15.45 -33.82 -44.71
N CYS F 309 14.22 -33.79 -44.19
CA CYS F 309 13.57 -32.54 -43.80
C CYS F 309 14.23 -31.90 -42.58
N ILE F 310 14.56 -32.72 -41.59
CA ILE F 310 15.31 -32.24 -40.44
C ILE F 310 16.68 -31.72 -40.91
N LYS F 311 17.33 -32.53 -41.73
CA LYS F 311 18.67 -32.26 -42.23
C LYS F 311 18.72 -30.94 -43.00
N GLU F 312 17.63 -30.65 -43.70
CA GLU F 312 17.53 -29.43 -44.50
C GLU F 312 17.16 -28.23 -43.62
N THR F 313 16.44 -28.48 -42.53
CA THR F 313 16.15 -27.44 -41.55
C THR F 313 17.44 -27.03 -40.84
N LEU F 314 18.25 -28.01 -40.48
CA LEU F 314 19.55 -27.75 -39.84
C LEU F 314 20.52 -27.03 -40.77
N ARG F 315 20.33 -27.20 -42.08
CA ARG F 315 21.16 -26.53 -43.07
C ARG F 315 20.85 -25.03 -43.11
N LEU F 316 19.57 -24.69 -43.21
CA LEU F 316 19.14 -23.31 -43.38
C LEU F 316 18.96 -22.60 -42.04
N ARG F 317 18.79 -23.37 -40.97
CA ARG F 317 18.60 -22.82 -39.63
C ARG F 317 19.37 -23.63 -38.60
N PRO F 318 20.72 -23.62 -38.69
CA PRO F 318 21.49 -24.30 -37.66
C PRO F 318 21.39 -23.57 -36.32
N PRO F 319 21.01 -24.30 -35.25
CA PRO F 319 20.76 -23.64 -33.96
C PRO F 319 22.02 -22.99 -33.38
N ILE F 320 23.16 -23.67 -33.51
CA ILE F 320 24.43 -23.07 -33.18
C ILE F 320 24.99 -22.37 -34.41
N MET F 321 24.74 -21.07 -34.51
CA MET F 321 25.10 -20.29 -35.69
C MET F 321 26.60 -19.97 -35.74
N ILE F 322 27.31 -20.23 -34.66
CA ILE F 322 28.68 -19.75 -34.52
C ILE F 322 29.52 -20.71 -33.69
N MET F 323 30.77 -20.88 -34.10
CA MET F 323 31.76 -21.56 -33.28
C MET F 323 33.04 -20.75 -33.26
N MET F 324 33.58 -20.56 -32.05
CA MET F 324 34.59 -19.55 -31.85
C MET F 324 35.79 -20.09 -31.09
N ARG F 325 36.96 -19.58 -31.44
CA ARG F 325 38.19 -19.95 -30.76
C ARG F 325 39.08 -18.73 -30.51
N MET F 326 39.87 -18.81 -29.45
CA MET F 326 40.95 -17.86 -29.20
C MET F 326 42.24 -18.45 -29.75
N ALA F 327 42.94 -17.67 -30.56
CA ALA F 327 44.17 -18.15 -31.17
C ALA F 327 45.33 -17.98 -30.19
N ARG F 328 45.75 -19.10 -29.62
CA ARG F 328 46.89 -19.11 -28.72
C ARG F 328 48.20 -18.94 -29.46
N THR F 329 48.30 -19.60 -30.61
CA THR F 329 49.51 -19.56 -31.43
C THR F 329 49.20 -18.96 -32.80
N PRO F 330 50.24 -18.48 -33.51
CA PRO F 330 49.98 -17.98 -34.85
C PRO F 330 49.48 -19.09 -35.77
N GLN F 331 48.54 -18.75 -36.65
CA GLN F 331 47.90 -19.72 -37.53
C GLN F 331 47.90 -19.25 -38.98
N THR F 332 48.15 -20.17 -39.90
CA THR F 332 48.19 -19.84 -41.32
C THR F 332 47.03 -20.50 -42.06
N VAL F 333 46.38 -19.71 -42.91
CA VAL F 333 45.26 -20.21 -43.72
C VAL F 333 44.99 -19.30 -44.91
N ALA F 334 44.76 -19.91 -46.07
CA ALA F 334 44.47 -19.19 -47.31
C ALA F 334 45.53 -18.14 -47.64
N GLY F 335 46.76 -18.43 -47.25
CA GLY F 335 47.88 -17.52 -47.51
C GLY F 335 48.06 -16.45 -46.45
N TYR F 336 47.15 -16.41 -45.48
CA TYR F 336 47.21 -15.42 -44.41
C TYR F 336 47.71 -16.04 -43.11
N THR F 337 48.28 -15.21 -42.25
CA THR F 337 48.69 -15.64 -40.91
C THR F 337 47.88 -14.91 -39.85
N ILE F 338 47.19 -15.68 -39.02
CA ILE F 338 46.35 -15.13 -37.95
C ILE F 338 47.11 -15.11 -36.63
N PRO F 339 47.29 -13.90 -36.06
CA PRO F 339 48.14 -13.70 -34.90
C PRO F 339 47.50 -14.24 -33.61
N PRO F 340 48.31 -14.38 -32.56
CA PRO F 340 47.85 -14.55 -31.18
C PRO F 340 47.00 -13.38 -30.72
N GLY F 341 45.87 -13.67 -30.08
CA GLY F 341 44.97 -12.63 -29.59
C GLY F 341 43.75 -12.45 -30.47
N HIS F 342 43.81 -12.99 -31.69
CA HIS F 342 42.65 -12.99 -32.58
C HIS F 342 41.65 -14.05 -32.16
N GLN F 343 40.37 -13.71 -32.25
CA GLN F 343 39.30 -14.67 -32.01
C GLN F 343 38.82 -15.26 -33.35
N VAL F 344 38.95 -16.57 -33.47
CA VAL F 344 38.77 -17.23 -34.76
C VAL F 344 37.43 -17.94 -34.84
N CYS F 345 36.66 -17.61 -35.88
CA CYS F 345 35.24 -17.92 -35.94
C CYS F 345 34.89 -18.76 -37.18
N VAL F 346 33.98 -19.70 -37.00
CA VAL F 346 33.34 -20.40 -38.12
C VAL F 346 31.81 -20.26 -38.05
N SER F 347 31.18 -20.12 -39.22
CA SER F 347 29.73 -19.92 -39.31
C SER F 347 29.04 -21.03 -40.09
N PRO F 348 28.45 -22.02 -39.38
CA PRO F 348 27.71 -23.09 -40.04
C PRO F 348 26.64 -22.56 -41.00
N THR F 349 25.98 -21.47 -40.61
CA THR F 349 24.92 -20.88 -41.42
C THR F 349 25.43 -20.41 -42.79
N VAL F 350 26.59 -19.76 -42.78
CA VAL F 350 27.16 -19.21 -44.01
C VAL F 350 27.68 -20.32 -44.92
N ASN F 351 28.42 -21.26 -44.32
CA ASN F 351 28.97 -22.40 -45.04
C ASN F 351 27.91 -23.29 -45.71
N GLN F 352 26.76 -23.40 -45.05
CA GLN F 352 25.70 -24.33 -45.47
C GLN F 352 24.76 -23.69 -46.50
N ARG F 353 25.15 -22.51 -46.96
CA ARG F 353 24.30 -21.63 -47.75
C ARG F 353 25.15 -20.96 -48.81
N LEU F 354 26.37 -21.44 -48.92
CA LEU F 354 27.35 -20.88 -49.83
C LEU F 354 26.90 -20.86 -51.26
N LYS F 355 27.07 -19.69 -51.87
CA LYS F 355 26.71 -19.43 -53.23
C LYS F 355 27.50 -20.31 -54.16
N ASP F 356 28.79 -20.46 -53.87
CA ASP F 356 29.63 -21.28 -54.73
C ASP F 356 29.28 -22.78 -54.74
N SER F 357 28.68 -23.27 -53.66
CA SER F 357 28.55 -24.73 -53.46
C SER F 357 27.15 -25.28 -53.19
N TRP F 358 26.16 -24.41 -53.02
CA TRP F 358 24.79 -24.89 -52.81
C TRP F 358 23.87 -24.40 -53.93
N VAL F 359 23.38 -25.32 -54.75
CA VAL F 359 22.44 -24.95 -55.81
C VAL F 359 21.10 -24.57 -55.20
N GLU F 360 20.57 -23.42 -55.64
CA GLU F 360 19.34 -22.88 -55.08
C GLU F 360 19.45 -22.67 -53.57
N ARG F 361 20.49 -21.95 -53.18
CA ARG F 361 20.98 -21.97 -51.80
C ARG F 361 19.93 -21.64 -50.74
N LEU F 362 18.98 -20.77 -51.07
CA LEU F 362 17.97 -20.35 -50.09
C LEU F 362 16.69 -21.19 -50.14
N ASP F 363 16.71 -22.24 -50.95
CA ASP F 363 15.51 -23.05 -51.13
C ASP F 363 15.47 -24.24 -50.18
N PHE F 364 14.32 -24.42 -49.54
CA PHE F 364 14.13 -25.57 -48.67
C PHE F 364 13.78 -26.80 -49.51
N ASN F 365 14.78 -27.62 -49.76
CA ASN F 365 14.61 -28.83 -50.56
C ASN F 365 15.31 -30.04 -49.93
N PRO F 366 14.53 -30.89 -49.25
CA PRO F 366 15.02 -32.14 -48.65
C PRO F 366 15.53 -33.15 -49.68
N ASP F 367 15.10 -33.03 -50.93
CA ASP F 367 15.43 -34.01 -51.96
C ASP F 367 16.86 -33.84 -52.49
N ARG F 368 17.54 -32.78 -52.04
CA ARG F 368 18.88 -32.47 -52.53
C ARG F 368 19.93 -33.48 -52.04
N TYR F 369 19.60 -34.21 -50.98
CA TYR F 369 20.52 -35.19 -50.39
C TYR F 369 20.31 -36.57 -51.02
N LEU F 370 19.61 -36.57 -52.15
CA LEU F 370 19.49 -37.77 -52.99
C LEU F 370 20.37 -37.66 -54.23
N GLN F 371 21.01 -36.51 -54.40
CA GLN F 371 21.96 -36.31 -55.49
C GLN F 371 23.37 -36.17 -54.94
N ASP F 372 24.27 -35.66 -55.77
CA ASP F 372 25.52 -35.08 -55.30
C ASP F 372 25.23 -33.77 -54.58
N ASN F 373 25.80 -33.63 -53.40
CA ASN F 373 25.61 -32.41 -52.61
C ASN F 373 26.80 -32.18 -51.68
N PRO F 374 27.00 -30.93 -51.25
CA PRO F 374 28.21 -30.62 -50.49
C PRO F 374 28.29 -31.27 -49.11
N ALA F 375 27.20 -31.87 -48.64
CA ALA F 375 27.24 -32.57 -47.35
C ALA F 375 28.15 -33.80 -47.43
N SER F 376 28.08 -34.51 -48.55
CA SER F 376 28.98 -35.63 -48.83
C SER F 376 30.13 -35.23 -49.75
N GLY F 377 29.93 -34.18 -50.54
CA GLY F 377 30.91 -33.74 -51.55
C GLY F 377 32.08 -32.92 -51.01
N GLU F 378 31.88 -32.28 -49.86
CA GLU F 378 32.94 -31.50 -49.22
C GLU F 378 33.11 -31.95 -47.76
N LYS F 379 34.14 -31.45 -47.09
CA LYS F 379 34.43 -31.85 -45.72
C LYS F 379 33.66 -31.02 -44.69
N PHE F 380 33.65 -29.70 -44.86
CA PHE F 380 33.11 -28.79 -43.85
C PHE F 380 32.21 -27.72 -44.46
N ALA F 381 31.43 -28.12 -45.47
CA ALA F 381 30.43 -27.22 -46.06
C ALA F 381 29.12 -27.33 -45.28
N TYR F 382 28.88 -28.52 -44.73
CA TYR F 382 27.67 -28.79 -43.96
C TYR F 382 28.02 -29.28 -42.56
N VAL F 383 27.85 -28.39 -41.57
CA VAL F 383 28.44 -28.60 -40.25
C VAL F 383 27.50 -28.17 -39.12
N PRO F 384 26.25 -28.63 -39.14
CA PRO F 384 25.34 -28.18 -38.09
C PRO F 384 25.70 -28.76 -36.73
N PHE F 385 26.50 -29.82 -36.72
CA PHE F 385 26.96 -30.44 -35.49
C PHE F 385 28.48 -30.32 -35.34
N GLY F 386 29.06 -29.39 -36.09
CA GLY F 386 30.49 -29.12 -36.01
C GLY F 386 31.35 -30.27 -36.50
N ALA F 387 32.64 -30.19 -36.20
CA ALA F 387 33.60 -31.20 -36.61
C ALA F 387 34.87 -31.09 -35.77
N GLY F 388 35.72 -32.11 -35.86
CA GLY F 388 36.96 -32.13 -35.09
C GLY F 388 36.72 -32.47 -33.62
N ARG F 389 37.57 -31.92 -32.75
CA ARG F 389 37.59 -32.34 -31.36
C ARG F 389 36.42 -31.78 -30.54
N HIS F 390 35.88 -30.64 -30.97
CA HIS F 390 34.74 -30.02 -30.27
C HIS F 390 33.38 -30.41 -30.88
N ARG F 391 33.39 -31.40 -31.76
CA ARG F 391 32.17 -31.88 -32.43
C ARG F 391 31.11 -32.34 -31.42
N CYS F 392 29.85 -32.27 -31.83
CA CYS F 392 28.74 -32.65 -30.96
C CYS F 392 28.70 -34.15 -30.69
N ILE F 393 28.15 -34.53 -29.54
CA ILE F 393 27.98 -35.93 -29.20
C ILE F 393 26.50 -36.30 -29.10
N GLY F 394 25.62 -35.36 -29.45
CA GLY F 394 24.19 -35.53 -29.22
C GLY F 394 23.37 -35.70 -30.49
N GLU F 395 24.06 -35.79 -31.62
CA GLU F 395 23.39 -35.81 -32.93
C GLU F 395 22.31 -36.87 -32.97
N ASN F 396 22.66 -38.12 -32.68
CA ASN F 396 21.69 -39.21 -32.72
C ASN F 396 20.47 -38.96 -31.85
N PHE F 397 20.68 -38.48 -30.63
CA PHE F 397 19.55 -38.26 -29.72
C PHE F 397 18.64 -37.16 -30.26
N ALA F 398 19.26 -36.07 -30.73
CA ALA F 398 18.51 -34.94 -31.25
C ALA F 398 17.56 -35.44 -32.34
N TYR F 399 18.07 -36.30 -33.21
CA TYR F 399 17.28 -36.84 -34.30
C TYR F 399 16.16 -37.73 -33.77
N VAL F 400 16.49 -38.57 -32.79
CA VAL F 400 15.48 -39.38 -32.11
C VAL F 400 14.38 -38.51 -31.49
N GLN F 401 14.78 -37.37 -30.91
CA GLN F 401 13.82 -36.48 -30.26
C GLN F 401 12.97 -35.75 -31.30
N ILE F 402 13.63 -35.08 -32.24
CA ILE F 402 12.94 -34.30 -33.26
C ILE F 402 12.04 -35.17 -34.14
N LYS F 403 12.56 -36.29 -34.61
CA LYS F 403 11.75 -37.21 -35.42
C LYS F 403 10.49 -37.62 -34.67
N THR F 404 10.67 -38.16 -33.48
CA THR F 404 9.56 -38.70 -32.71
C THR F 404 8.47 -37.64 -32.49
N ILE F 405 8.89 -36.45 -32.06
CA ILE F 405 7.94 -35.38 -31.79
C ILE F 405 7.15 -35.04 -33.06
N TRP F 406 7.87 -34.79 -34.14
CA TRP F 406 7.25 -34.36 -35.39
C TRP F 406 6.46 -35.47 -36.08
N SER F 407 6.93 -36.71 -35.96
CA SER F 407 6.13 -37.85 -36.38
C SER F 407 4.78 -37.79 -35.68
N THR F 408 4.84 -37.60 -34.36
CA THR F 408 3.64 -37.52 -33.54
C THR F 408 2.78 -36.32 -33.95
N MET F 409 3.43 -35.18 -34.16
CA MET F 409 2.73 -33.94 -34.48
C MET F 409 2.06 -33.98 -35.86
N LEU F 410 2.76 -34.55 -36.84
CA LEU F 410 2.20 -34.66 -38.20
C LEU F 410 0.97 -35.58 -38.21
N ARG F 411 1.01 -36.60 -37.37
CA ARG F 411 -0.13 -37.50 -37.18
C ARG F 411 -1.31 -36.81 -36.52
N LEU F 412 -1.03 -35.82 -35.67
CA LEU F 412 -2.07 -35.13 -34.92
C LEU F 412 -2.69 -33.99 -35.72
N TYR F 413 -1.86 -33.23 -36.44
CA TYR F 413 -2.31 -31.98 -37.06
C TYR F 413 -1.81 -31.74 -38.47
N GLU F 414 -2.55 -30.90 -39.19
CA GLU F 414 -2.05 -30.25 -40.39
C GLU F 414 -1.76 -28.78 -40.08
N PHE F 415 -0.57 -28.32 -40.47
CA PHE F 415 -0.09 -27.01 -40.07
C PHE F 415 -0.09 -26.03 -41.24
N ASP F 416 -0.44 -24.78 -40.96
CA ASP F 416 -0.50 -23.75 -42.00
C ASP F 416 0.06 -22.43 -41.52
N LEU F 417 0.62 -21.67 -42.47
CA LEU F 417 0.99 -20.29 -42.22
C LEU F 417 -0.25 -19.47 -41.93
N ILE F 418 -0.05 -18.34 -41.26
CA ILE F 418 -1.14 -17.41 -41.03
C ILE F 418 -0.99 -16.23 -41.98
N ASP F 419 -1.89 -16.15 -42.95
CA ASP F 419 -1.87 -15.10 -43.95
C ASP F 419 -0.57 -15.15 -44.75
N GLY F 420 -0.09 -16.35 -45.00
CA GLY F 420 1.11 -16.58 -45.80
C GLY F 420 2.38 -15.98 -45.19
N TYR F 421 2.33 -15.66 -43.90
CA TYR F 421 3.47 -15.08 -43.20
C TYR F 421 4.47 -16.16 -42.79
N PHE F 422 5.66 -16.12 -43.38
CA PHE F 422 6.76 -16.99 -42.98
C PHE F 422 7.71 -16.23 -42.07
N PRO F 423 7.90 -16.73 -40.84
CA PRO F 423 8.64 -15.98 -39.82
C PRO F 423 10.03 -15.56 -40.26
N THR F 424 10.35 -14.30 -40.01
CA THR F 424 11.71 -13.81 -40.14
C THR F 424 12.53 -14.26 -38.94
N VAL F 425 13.85 -14.13 -39.04
CA VAL F 425 14.77 -14.58 -37.99
C VAL F 425 14.96 -13.50 -36.92
N ASN F 426 14.77 -13.86 -35.66
CA ASN F 426 14.97 -12.92 -34.55
C ASN F 426 16.42 -12.89 -34.11
N TYR F 427 17.12 -11.82 -34.48
CA TYR F 427 18.55 -11.72 -34.26
C TYR F 427 18.92 -11.19 -32.88
N THR F 428 17.92 -10.78 -32.11
CA THR F 428 18.18 -10.21 -30.79
C THR F 428 18.39 -11.27 -29.70
N THR F 429 17.95 -12.50 -29.94
CA THR F 429 18.21 -13.59 -29.00
C THR F 429 19.54 -14.27 -29.27
N MET F 430 20.01 -15.02 -28.28
CA MET F 430 21.24 -15.78 -28.39
C MET F 430 21.06 -16.86 -29.44
N ILE F 431 20.12 -17.75 -29.17
CA ILE F 431 19.69 -18.74 -30.13
C ILE F 431 18.57 -18.12 -30.98
N HIS F 432 18.76 -18.15 -32.29
CA HIS F 432 17.89 -17.40 -33.21
C HIS F 432 16.54 -18.07 -33.41
N THR F 433 15.51 -17.46 -32.83
CA THR F 433 14.15 -17.96 -32.91
C THR F 433 13.42 -17.32 -34.09
N PRO F 434 12.28 -17.91 -34.51
CA PRO F 434 11.50 -17.24 -35.52
C PRO F 434 10.65 -16.11 -34.92
N GLU F 435 10.70 -14.93 -35.52
CA GLU F 435 9.86 -13.82 -35.09
C GLU F 435 8.40 -14.19 -35.24
N ASN F 436 7.63 -13.96 -34.18
CA ASN F 436 6.19 -14.24 -34.19
C ASN F 436 5.89 -15.65 -34.68
N PRO F 437 6.30 -16.67 -33.92
CA PRO F 437 6.16 -18.06 -34.36
C PRO F 437 4.78 -18.64 -34.08
N VAL F 438 3.73 -17.91 -34.45
CA VAL F 438 2.37 -18.44 -34.31
C VAL F 438 2.01 -19.22 -35.57
N ILE F 439 1.50 -20.43 -35.38
CA ILE F 439 1.16 -21.32 -36.50
C ILE F 439 -0.32 -21.69 -36.48
N ARG F 440 -0.91 -21.86 -37.65
CA ARG F 440 -2.28 -22.37 -37.76
C ARG F 440 -2.29 -23.88 -37.86
N TYR F 441 -3.17 -24.51 -37.10
CA TYR F 441 -3.25 -25.96 -37.07
C TYR F 441 -4.70 -26.44 -37.06
N LYS F 442 -4.96 -27.54 -37.75
CA LYS F 442 -6.24 -28.22 -37.64
C LYS F 442 -6.03 -29.73 -37.62
N ARG F 443 -6.96 -30.42 -36.98
CA ARG F 443 -6.90 -31.87 -36.83
C ARG F 443 -6.64 -32.56 -38.17
N ARG F 444 -5.72 -33.51 -38.15
CA ARG F 444 -5.39 -34.28 -39.34
C ARG F 444 -6.46 -35.31 -39.66
N SER F 445 -6.56 -35.67 -40.94
CA SER F 445 -7.53 -36.68 -41.38
C SER F 445 -7.52 -37.89 -40.44
N GLY G 1 39.01 35.80 13.21
CA GLY G 1 38.70 35.67 14.66
C GLY G 1 37.79 34.50 14.97
N LYS G 2 38.39 33.38 15.39
CA LYS G 2 37.63 32.31 16.03
C LYS G 2 37.87 32.32 17.53
N LEU G 3 36.83 32.63 18.30
CA LEU G 3 36.95 32.69 19.75
C LEU G 3 37.19 31.32 20.36
N PRO G 4 38.00 31.25 21.41
CA PRO G 4 38.17 29.97 22.10
C PRO G 4 36.88 29.53 22.77
N PRO G 5 36.71 28.21 22.96
CA PRO G 5 35.48 27.70 23.56
C PRO G 5 35.21 28.32 24.93
N TYR G 6 33.98 28.77 25.11
CA TYR G 6 33.59 29.48 26.31
C TYR G 6 32.71 28.58 27.18
N ILE G 7 33.16 28.33 28.41
CA ILE G 7 32.43 27.46 29.34
C ILE G 7 31.27 28.20 29.97
N PHE G 8 30.06 27.91 29.54
CA PHE G 8 28.90 28.67 29.97
C PHE G 8 28.60 28.47 31.45
N SER G 9 28.22 29.57 32.11
CA SER G 9 27.63 29.52 33.44
C SER G 9 26.29 30.26 33.47
N PRO G 10 25.26 29.65 34.07
CA PRO G 10 23.96 30.30 34.24
C PRO G 10 23.97 31.42 35.29
N ILE G 11 24.98 31.40 36.17
CA ILE G 11 25.10 32.40 37.24
C ILE G 11 25.69 33.70 36.70
N PRO G 12 24.85 34.75 36.56
CA PRO G 12 25.27 35.95 35.83
C PRO G 12 26.65 36.52 36.17
N PHE G 13 26.80 37.17 37.32
CA PHE G 13 28.01 37.97 37.59
C PHE G 13 29.14 37.09 38.13
N LEU G 14 28.78 36.18 39.02
CA LEU G 14 29.72 35.31 39.71
C LEU G 14 30.37 34.30 38.76
N GLY G 15 29.61 33.84 37.79
CA GLY G 15 30.07 32.81 36.87
C GLY G 15 30.49 31.57 37.64
N HIS G 16 31.74 31.18 37.47
CA HIS G 16 32.26 29.97 38.10
C HIS G 16 33.01 30.22 39.42
N ALA G 17 32.77 31.38 40.04
CA ALA G 17 33.54 31.78 41.23
C ALA G 17 33.60 30.69 42.29
N ILE G 18 32.44 30.12 42.62
CA ILE G 18 32.35 29.15 43.71
C ILE G 18 33.03 27.82 43.34
N ALA G 19 32.68 27.28 42.18
CA ALA G 19 33.24 26.02 41.70
C ALA G 19 34.76 26.10 41.53
N PHE G 20 35.23 27.20 40.96
CA PHE G 20 36.66 27.41 40.74
C PHE G 20 37.37 27.61 42.07
N GLY G 21 36.75 28.42 42.93
CA GLY G 21 37.27 28.65 44.28
C GLY G 21 37.42 27.38 45.11
N LYS G 22 36.45 26.48 45.02
CA LYS G 22 36.49 25.25 45.82
C LYS G 22 37.70 24.39 45.44
N SER G 23 37.87 24.10 44.15
CA SER G 23 39.09 23.43 43.69
C SER G 23 39.49 23.79 42.26
N PRO G 24 40.41 24.76 42.13
CA PRO G 24 40.91 25.31 40.88
C PRO G 24 41.57 24.28 39.97
N ILE G 25 42.34 23.36 40.57
CA ILE G 25 43.11 22.39 39.79
C ILE G 25 42.16 21.41 39.11
N GLU G 26 41.21 20.91 39.88
CA GLU G 26 40.22 19.95 39.39
C GLU G 26 39.36 20.61 38.31
N PHE G 27 38.98 21.86 38.55
CA PHE G 27 38.22 22.63 37.57
C PHE G 27 38.98 22.77 36.27
N LEU G 28 40.24 23.18 36.35
CA LEU G 28 41.06 23.41 35.17
C LEU G 28 41.38 22.11 34.43
N GLU G 29 41.63 21.04 35.19
CA GLU G 29 41.93 19.74 34.58
C GLU G 29 40.71 19.18 33.86
N ASN G 30 39.54 19.25 34.49
CA ASN G 30 38.29 18.85 33.84
C ASN G 30 38.00 19.67 32.58
N ALA G 31 38.24 20.97 32.67
CA ALA G 31 38.01 21.87 31.54
C ALA G 31 38.94 21.50 30.39
N TYR G 32 40.17 21.15 30.75
CA TYR G 32 41.17 20.74 29.77
C TYR G 32 40.66 19.55 28.97
N GLU G 33 40.12 18.55 29.68
CA GLU G 33 39.64 17.35 29.01
C GLU G 33 38.39 17.56 28.15
N LYS G 34 37.46 18.40 28.59
CA LYS G 34 36.27 18.68 27.78
C LYS G 34 36.52 19.66 26.63
N TYR G 35 37.35 20.67 26.87
CA TYR G 35 37.45 21.81 25.95
C TYR G 35 38.83 21.95 25.30
N GLY G 36 39.80 21.17 25.79
CA GLY G 36 41.16 21.25 25.26
C GLY G 36 42.05 22.22 26.02
N PRO G 37 43.13 22.71 25.36
CA PRO G 37 44.18 23.50 25.99
C PRO G 37 43.87 24.99 26.11
N VAL G 38 42.95 25.49 25.31
CA VAL G 38 42.58 26.90 25.36
C VAL G 38 41.07 27.06 25.48
N PHE G 39 40.64 27.75 26.52
CA PHE G 39 39.21 27.95 26.79
C PHE G 39 38.97 29.18 27.64
N SER G 40 37.70 29.57 27.75
CA SER G 40 37.31 30.80 28.43
C SER G 40 36.17 30.56 29.41
N PHE G 41 36.09 31.41 30.43
CA PHE G 41 34.97 31.42 31.37
C PHE G 41 34.95 32.72 32.16
N THR G 42 33.80 33.08 32.73
CA THR G 42 33.74 34.29 33.54
C THR G 42 33.72 33.97 35.03
N MET G 43 34.35 34.86 35.79
CA MET G 43 34.35 34.83 37.25
C MET G 43 34.26 36.26 37.75
N VAL G 44 33.31 36.50 38.65
CA VAL G 44 33.11 37.81 39.27
C VAL G 44 33.29 38.93 38.24
N GLY G 45 32.59 38.79 37.12
CA GLY G 45 32.45 39.86 36.13
C GLY G 45 33.55 39.91 35.08
N LYS G 46 34.53 39.02 35.19
CA LYS G 46 35.67 39.05 34.27
C LYS G 46 35.69 37.82 33.38
N THR G 47 36.22 37.99 32.17
CA THR G 47 36.47 36.85 31.30
C THR G 47 37.93 36.44 31.37
N PHE G 48 38.15 35.18 31.73
CA PHE G 48 39.49 34.62 31.76
C PHE G 48 39.66 33.53 30.70
N THR G 49 40.77 33.60 29.99
CA THR G 49 41.13 32.58 29.03
C THR G 49 42.41 31.89 29.47
N TYR G 50 42.32 30.59 29.74
CA TYR G 50 43.47 29.82 30.19
C TYR G 50 44.24 29.19 29.03
N LEU G 51 45.56 29.09 29.21
CA LEU G 51 46.43 28.40 28.26
C LEU G 51 47.10 27.21 28.94
N LEU G 52 46.51 26.04 28.79
CA LEU G 52 47.03 24.82 29.41
C LEU G 52 47.92 24.03 28.44
N GLY G 53 48.93 23.37 28.99
CA GLY G 53 49.94 22.69 28.19
C GLY G 53 51.06 23.63 27.80
N SER G 54 52.21 23.05 27.45
CA SER G 54 53.37 23.84 27.05
C SER G 54 53.12 24.67 25.80
N ASP G 55 52.54 24.05 24.78
CA ASP G 55 52.35 24.72 23.49
C ASP G 55 51.52 25.98 23.65
N ALA G 56 50.41 25.87 24.35
CA ALA G 56 49.49 27.00 24.54
C ALA G 56 50.09 28.07 25.45
N ALA G 57 50.71 27.64 26.55
CA ALA G 57 51.27 28.56 27.53
C ALA G 57 52.41 29.37 26.93
N ALA G 58 53.06 28.81 25.91
CA ALA G 58 54.15 29.50 25.22
C ALA G 58 53.73 30.90 24.82
N LEU G 59 52.47 31.05 24.41
CA LEU G 59 51.93 32.35 24.04
C LEU G 59 52.18 33.39 25.13
N LEU G 60 51.84 33.06 26.37
CA LEU G 60 52.03 34.02 27.46
C LEU G 60 53.52 34.23 27.73
N PHE G 61 54.27 33.13 27.79
CA PHE G 61 55.68 33.19 28.14
C PHE G 61 56.53 33.92 27.10
N ASN G 62 56.18 33.80 25.83
CA ASN G 62 56.96 34.44 24.76
C ASN G 62 56.52 35.87 24.45
N SER G 63 55.42 36.29 25.07
CA SER G 63 54.74 37.53 24.67
C SER G 63 55.48 38.80 25.10
N LYS G 64 55.30 39.86 24.33
CA LYS G 64 55.71 41.20 24.74
C LYS G 64 54.71 41.75 25.73
N ASN G 65 55.16 42.64 26.61
CA ASN G 65 54.27 43.23 27.61
C ASN G 65 53.27 44.21 26.99
N GLU G 66 53.54 44.67 25.77
CA GLU G 66 52.61 45.55 25.06
C GLU G 66 51.35 44.80 24.66
N ASP G 67 51.48 43.49 24.48
CA ASP G 67 50.38 42.68 23.95
C ASP G 67 49.65 41.95 25.06
N LEU G 68 50.40 41.26 25.90
CA LEU G 68 49.85 40.65 27.11
C LEU G 68 50.46 41.31 28.34
N ASN G 69 49.68 42.18 28.97
CA ASN G 69 50.20 43.19 29.87
C ASN G 69 49.97 42.88 31.34
N ALA G 70 51.00 43.10 32.15
CA ALA G 70 50.98 42.69 33.55
C ALA G 70 50.50 43.80 34.48
N GLU G 71 50.89 45.04 34.21
CA GLU G 71 50.46 46.17 35.04
C GLU G 71 48.94 46.21 35.12
N ASP G 72 48.31 46.01 33.97
CA ASP G 72 46.85 46.13 33.87
C ASP G 72 46.13 45.25 34.89
N VAL G 73 46.72 44.11 35.24
CA VAL G 73 46.07 43.20 36.18
C VAL G 73 46.64 43.27 37.60
N TYR G 74 47.89 43.70 37.73
CA TYR G 74 48.57 43.63 39.03
C TYR G 74 48.73 44.97 39.74
N SER G 75 48.85 46.05 38.98
CA SER G 75 49.28 47.34 39.54
C SER G 75 48.36 47.85 40.66
N ARG G 76 47.05 47.66 40.51
CA ARG G 76 46.13 48.23 41.49
C ARG G 76 46.23 47.58 42.87
N LEU G 77 46.62 46.31 42.92
CA LEU G 77 46.84 45.65 44.21
C LEU G 77 48.27 45.83 44.72
N THR G 78 49.23 45.85 43.80
CA THR G 78 50.64 45.79 44.19
C THR G 78 51.21 47.16 44.57
N THR G 79 50.76 48.22 43.89
CA THR G 79 51.38 49.54 44.05
C THR G 79 51.24 50.09 45.47
N PRO G 80 50.05 49.97 46.08
CA PRO G 80 49.95 50.47 47.45
C PRO G 80 50.77 49.66 48.45
N VAL G 81 51.28 48.51 48.01
CA VAL G 81 52.11 47.67 48.88
C VAL G 81 53.60 47.94 48.66
N PHE G 82 54.07 47.77 47.43
CA PHE G 82 55.50 47.92 47.13
C PHE G 82 55.89 49.40 47.12
N GLY G 83 54.96 50.24 46.69
CA GLY G 83 55.20 51.67 46.65
C GLY G 83 55.29 52.22 45.24
N LYS G 84 55.36 53.54 45.15
CA LYS G 84 55.47 54.23 43.86
C LYS G 84 56.87 54.05 43.25
N GLY G 85 56.91 54.02 41.93
CA GLY G 85 58.17 54.05 41.18
C GLY G 85 58.82 52.68 41.08
N VAL G 86 58.05 51.64 41.36
CA VAL G 86 58.59 50.31 41.51
C VAL G 86 57.66 49.27 40.88
N ALA G 87 58.25 48.23 40.30
CA ALA G 87 57.50 47.08 39.81
C ALA G 87 56.40 47.50 38.81
N TYR G 88 55.14 47.24 39.14
CA TYR G 88 54.06 47.39 38.15
C TYR G 88 53.51 48.82 38.08
N ASP G 89 54.11 49.71 38.87
CA ASP G 89 53.72 51.12 38.87
C ASP G 89 54.40 51.91 37.75
N VAL G 90 55.47 51.35 37.20
CA VAL G 90 56.24 52.03 36.15
C VAL G 90 56.11 51.30 34.82
N PRO G 91 56.51 51.94 33.71
CA PRO G 91 56.52 51.19 32.45
C PRO G 91 57.42 49.97 32.56
N ASN G 92 57.12 48.93 31.79
CA ASN G 92 57.83 47.68 31.93
C ASN G 92 59.34 47.83 31.74
N PRO G 93 59.78 48.57 30.71
CA PRO G 93 61.23 48.76 30.54
C PRO G 93 61.94 49.28 31.79
N VAL G 94 61.31 50.21 32.51
CA VAL G 94 61.88 50.66 33.78
C VAL G 94 61.96 49.50 34.78
N PHE G 95 60.92 48.67 34.82
CA PHE G 95 60.91 47.53 35.74
C PHE G 95 62.01 46.54 35.35
N LEU G 96 62.16 46.29 34.05
CA LEU G 96 63.22 45.41 33.56
C LEU G 96 64.58 45.83 34.10
N GLU G 97 64.86 47.13 33.98
CA GLU G 97 66.11 47.70 34.49
C GLU G 97 66.25 47.43 35.99
N GLN G 98 65.16 47.62 36.71
CA GLN G 98 65.14 47.40 38.16
C GLN G 98 65.49 45.96 38.51
N LYS G 99 65.06 45.04 37.66
CA LYS G 99 65.31 43.62 37.87
C LYS G 99 66.76 43.23 37.56
N LYS G 100 67.36 43.87 36.57
CA LYS G 100 68.80 43.71 36.31
C LYS G 100 69.63 44.17 37.49
N MET G 101 69.27 45.31 38.07
CA MET G 101 69.97 45.82 39.25
C MET G 101 69.90 44.78 40.38
N LEU G 102 68.70 44.25 40.62
CA LEU G 102 68.50 43.27 41.68
C LEU G 102 69.28 41.99 41.40
N LYS G 103 69.25 41.56 40.15
CA LYS G 103 69.94 40.32 39.76
C LYS G 103 71.41 40.41 40.15
N SER G 104 72.04 41.53 39.80
CA SER G 104 73.46 41.76 40.01
C SER G 104 73.86 41.57 41.48
N GLY G 105 72.96 41.91 42.40
CA GLY G 105 73.21 41.71 43.82
C GLY G 105 73.05 40.26 44.23
N LEU G 106 72.24 39.53 43.46
CA LEU G 106 72.00 38.11 43.73
C LEU G 106 73.03 37.25 43.02
N ASN G 107 74.29 37.40 43.42
CA ASN G 107 75.38 36.68 42.80
C ASN G 107 76.08 35.77 43.80
N ILE G 108 76.99 34.96 43.28
CA ILE G 108 77.70 33.96 44.08
C ILE G 108 78.37 34.60 45.29
N ALA G 109 78.99 35.76 45.07
CA ALA G 109 79.73 36.46 46.12
C ALA G 109 78.84 36.63 47.35
N HIS G 110 77.62 37.13 47.11
CA HIS G 110 76.66 37.38 48.18
C HIS G 110 76.02 36.09 48.72
N PHE G 111 75.80 35.11 47.86
CA PHE G 111 75.23 33.81 48.28
C PHE G 111 76.13 33.10 49.29
N LYS G 112 77.45 33.18 49.07
CA LYS G 112 78.42 32.59 50.00
C LYS G 112 78.26 33.21 51.40
N GLN G 113 78.04 34.51 51.44
CA GLN G 113 77.75 35.19 52.70
C GLN G 113 76.42 34.68 53.27
N HIS G 114 75.46 34.45 52.38
CA HIS G 114 74.09 34.13 52.78
C HIS G 114 74.01 32.80 53.51
N VAL G 115 74.82 31.84 53.09
CA VAL G 115 74.70 30.46 53.58
C VAL G 115 74.90 30.36 55.08
N SER G 116 75.93 31.01 55.62
CA SER G 116 76.22 30.95 57.06
C SER G 116 75.24 31.81 57.87
N ILE G 117 74.83 32.93 57.29
CA ILE G 117 73.75 33.75 57.85
C ILE G 117 72.50 32.94 58.10
N ILE G 118 72.10 32.19 57.08
CA ILE G 118 70.86 31.43 57.11
C ILE G 118 70.98 30.25 58.07
N GLU G 119 72.13 29.59 58.03
CA GLU G 119 72.43 28.47 58.94
C GLU G 119 72.27 28.86 60.40
N LYS G 120 72.90 29.97 60.80
CA LYS G 120 72.82 30.46 62.17
C LYS G 120 71.39 30.76 62.58
N GLU G 121 70.70 31.55 61.75
CA GLU G 121 69.31 31.91 62.00
C GLU G 121 68.44 30.65 62.21
N THR G 122 68.65 29.65 61.37
CA THR G 122 67.86 28.42 61.45
C THR G 122 68.14 27.68 62.76
N LYS G 123 69.41 27.51 63.10
CA LYS G 123 69.78 26.88 64.36
C LYS G 123 69.27 27.69 65.54
N GLU G 124 69.50 29.00 65.50
CA GLU G 124 69.03 29.87 66.58
C GLU G 124 67.51 29.78 66.73
N TYR G 125 66.78 29.88 65.63
CA TYR G 125 65.33 29.82 65.71
C TYR G 125 64.86 28.53 66.37
N PHE G 126 65.41 27.39 65.95
CA PHE G 126 64.81 26.09 66.27
C PHE G 126 65.19 25.58 67.65
N GLU G 127 66.04 26.31 68.34
CA GLU G 127 66.35 25.99 69.74
C GLU G 127 65.07 25.91 70.56
N SER G 128 64.11 26.77 70.26
CA SER G 128 62.87 26.84 71.02
C SER G 128 61.97 25.62 70.75
N TRP G 129 62.37 24.77 69.81
CA TRP G 129 61.60 23.57 69.49
C TRP G 129 62.00 22.38 70.38
N GLY G 130 63.12 22.51 71.07
CA GLY G 130 63.54 21.51 72.05
C GLY G 130 63.98 20.20 71.41
N GLU G 131 63.80 19.11 72.15
CA GLU G 131 64.32 17.81 71.75
C GLU G 131 63.35 17.05 70.86
N SER G 132 62.06 17.25 71.10
CA SER G 132 61.01 16.67 70.27
C SER G 132 59.68 17.35 70.54
N GLY G 133 58.68 17.01 69.75
CA GLY G 133 57.33 17.51 69.98
C GLY G 133 56.46 17.50 68.74
N GLU G 134 55.40 18.29 68.78
CA GLU G 134 54.51 18.47 67.64
C GLU G 134 54.15 19.94 67.49
N LYS G 135 54.73 20.59 66.49
CA LYS G 135 54.52 22.02 66.28
C LYS G 135 54.19 22.36 64.84
N ASN G 136 53.75 23.59 64.63
CA ASN G 136 53.36 24.09 63.31
C ASN G 136 54.59 24.52 62.52
N VAL G 137 54.95 23.71 61.53
CA VAL G 137 56.17 23.96 60.76
C VAL G 137 56.01 25.12 59.78
N PHE G 138 54.79 25.31 59.26
CA PHE G 138 54.54 26.43 58.33
C PHE G 138 54.72 27.77 59.04
N GLU G 139 54.11 27.90 60.21
CA GLU G 139 54.24 29.12 60.99
C GLU G 139 55.70 29.30 61.40
N ALA G 140 56.31 28.21 61.85
CA ALA G 140 57.72 28.23 62.22
C ALA G 140 58.55 28.78 61.07
N LEU G 141 58.32 28.24 59.88
CA LEU G 141 59.12 28.60 58.71
C LEU G 141 58.89 30.04 58.26
N SER G 142 57.65 30.51 58.27
CA SER G 142 57.36 31.92 57.97
C SER G 142 58.08 32.87 58.94
N GLU G 143 57.98 32.59 60.23
CA GLU G 143 58.67 33.39 61.24
C GLU G 143 60.17 33.42 60.96
N LEU G 144 60.70 32.28 60.54
CA LEU G 144 62.14 32.13 60.30
C LEU G 144 62.61 32.80 59.01
N ILE G 145 61.81 32.67 57.95
CA ILE G 145 62.21 33.14 56.62
C ILE G 145 62.16 34.67 56.54
N ILE G 146 61.25 35.27 57.29
CA ILE G 146 61.20 36.73 57.35
C ILE G 146 62.51 37.26 57.94
N LEU G 147 63.09 36.50 58.86
CA LEU G 147 64.38 36.85 59.44
C LEU G 147 65.54 36.60 58.46
N THR G 148 65.59 35.41 57.88
CA THR G 148 66.69 35.06 56.97
C THR G 148 66.66 35.92 55.71
N ALA G 149 65.46 36.19 55.21
CA ALA G 149 65.29 36.98 53.99
C ALA G 149 65.71 38.43 54.23
N SER G 150 65.32 38.97 55.38
CA SER G 150 65.71 40.32 55.76
C SER G 150 67.24 40.39 55.91
N HIS G 151 67.79 39.47 56.69
CA HIS G 151 69.22 39.43 56.97
C HIS G 151 70.03 39.46 55.67
N CYS G 152 69.66 38.59 54.73
CA CYS G 152 70.44 38.41 53.51
C CYS G 152 70.16 39.52 52.50
N LEU G 153 68.91 39.99 52.47
CA LEU G 153 68.45 40.89 51.42
C LEU G 153 68.34 42.34 51.90
N HIS G 154 68.17 42.54 53.20
CA HIS G 154 68.15 43.88 53.78
C HIS G 154 69.47 44.24 54.47
N GLY G 155 70.08 43.27 55.13
CA GLY G 155 71.32 43.48 55.87
C GLY G 155 71.09 43.41 57.36
N LYS G 156 72.17 43.47 58.15
CA LYS G 156 72.07 43.29 59.59
C LYS G 156 71.48 44.52 60.28
N GLU G 157 71.72 45.70 59.70
CA GLU G 157 71.18 46.94 60.26
C GLU G 157 69.67 46.79 60.38
N ILE G 158 69.03 46.55 59.24
CA ILE G 158 67.59 46.41 59.19
C ILE G 158 67.11 45.16 59.90
N ARG G 159 67.82 44.06 59.65
CA ARG G 159 67.48 42.77 60.24
C ARG G 159 67.39 42.92 61.75
N SER G 160 68.24 43.79 62.26
CA SER G 160 68.31 44.09 63.69
C SER G 160 66.99 44.66 64.21
N GLN G 161 66.31 45.37 63.32
CA GLN G 161 65.08 46.11 63.65
C GLN G 161 63.84 45.23 63.65
N LEU G 162 63.99 43.98 63.22
CA LEU G 162 62.81 43.13 62.99
C LEU G 162 62.35 42.43 64.27
N ASN G 163 61.52 43.13 65.04
CA ASN G 163 60.85 42.55 66.20
C ASN G 163 59.42 42.11 65.86
N GLU G 164 58.64 41.80 66.88
CA GLU G 164 57.26 41.37 66.70
C GLU G 164 56.42 42.43 66.01
N LYS G 165 56.72 43.70 66.28
CA LYS G 165 55.93 44.80 65.72
C LYS G 165 56.14 44.94 64.22
N VAL G 166 57.38 44.88 63.77
CA VAL G 166 57.68 45.03 62.35
C VAL G 166 57.19 43.81 61.56
N ALA G 167 57.27 42.64 62.17
CA ALA G 167 56.71 41.44 61.57
C ALA G 167 55.22 41.64 61.30
N GLN G 168 54.51 42.20 62.27
CA GLN G 168 53.09 42.52 62.11
C GLN G 168 52.87 43.57 61.01
N LEU G 169 53.79 44.52 60.89
CA LEU G 169 53.70 45.53 59.83
C LEU G 169 53.82 44.89 58.45
N TYR G 170 54.63 43.83 58.35
CA TYR G 170 54.76 43.10 57.09
C TYR G 170 53.49 42.30 56.78
N ALA G 171 52.87 41.74 57.81
CA ALA G 171 51.58 41.08 57.65
C ALA G 171 50.52 42.07 57.19
N ASP G 172 50.56 43.28 57.74
CA ASP G 172 49.64 44.34 57.34
C ASP G 172 49.80 44.70 55.86
N LEU G 173 51.03 44.58 55.34
CA LEU G 173 51.25 44.81 53.91
C LEU G 173 50.63 43.69 53.07
N ASP G 174 50.85 42.44 53.48
CA ASP G 174 50.22 41.29 52.83
C ASP G 174 48.72 41.49 52.70
N GLY G 175 48.11 41.99 53.77
CA GLY G 175 46.66 42.16 53.83
C GLY G 175 46.11 43.08 52.76
N GLY G 176 46.99 43.85 52.12
CA GLY G 176 46.60 44.69 50.98
C GLY G 176 46.26 43.89 49.74
N PHE G 177 46.75 42.66 49.70
CA PHE G 177 46.41 41.74 48.61
C PHE G 177 45.15 40.98 48.97
N SER G 178 44.01 41.67 48.99
CA SER G 178 42.78 41.05 49.44
C SER G 178 41.69 41.09 48.38
N HIS G 179 40.67 40.29 48.62
CA HIS G 179 39.47 40.31 47.80
C HIS G 179 38.80 41.67 47.87
N ALA G 180 38.81 42.25 49.06
CA ALA G 180 38.30 43.60 49.25
C ALA G 180 39.06 44.60 48.38
N ALA G 181 40.38 44.46 48.34
CA ALA G 181 41.23 45.38 47.56
C ALA G 181 40.97 45.22 46.08
N TRP G 182 40.74 43.98 45.66
CA TRP G 182 40.42 43.69 44.27
C TRP G 182 39.04 44.25 43.93
N LEU G 183 38.12 44.06 44.87
CA LEU G 183 36.72 44.39 44.65
C LEU G 183 36.32 45.85 44.79
N LEU G 184 36.94 46.56 45.73
CA LEU G 184 36.43 47.89 46.09
C LEU G 184 37.39 49.03 45.85
N PRO G 185 36.85 50.25 45.73
CA PRO G 185 37.69 51.43 45.55
C PRO G 185 38.61 51.68 46.75
N GLY G 186 39.77 52.25 46.47
CA GLY G 186 40.78 52.49 47.49
C GLY G 186 40.41 53.60 48.47
N TRP G 187 39.44 54.43 48.10
CA TRP G 187 39.08 55.57 48.94
C TRP G 187 38.20 55.16 50.12
N LEU G 188 37.71 53.92 50.11
CA LEU G 188 36.99 53.38 51.25
C LEU G 188 37.96 53.17 52.40
N PRO G 189 37.60 53.66 53.60
CA PRO G 189 38.47 53.51 54.77
C PRO G 189 38.31 52.16 55.47
N LEU G 190 38.46 51.07 54.72
CA LEU G 190 38.41 49.74 55.30
C LEU G 190 39.65 49.51 56.17
N PRO G 191 39.49 48.80 57.28
CA PRO G 191 40.58 48.57 58.23
C PRO G 191 41.85 48.02 57.57
N SER G 192 41.69 47.07 56.65
CA SER G 192 42.84 46.44 56.00
C SER G 192 43.55 47.41 55.05
N PHE G 193 42.78 48.27 54.38
CA PHE G 193 43.36 49.35 53.57
C PHE G 193 44.12 50.30 54.48
N ARG G 194 43.53 50.59 55.64
CA ARG G 194 44.13 51.49 56.63
C ARG G 194 45.43 50.92 57.18
N ARG G 195 45.41 49.66 57.61
CA ARG G 195 46.61 49.02 58.15
C ARG G 195 47.73 48.98 57.11
N ARG G 196 47.36 48.57 55.90
CA ARG G 196 48.33 48.48 54.80
C ARG G 196 49.06 49.79 54.59
N ASP G 197 48.29 50.85 54.41
CA ASP G 197 48.84 52.16 54.06
C ASP G 197 49.69 52.71 55.19
N ARG G 198 49.27 52.42 56.42
CA ARG G 198 50.01 52.80 57.62
C ARG G 198 51.31 51.99 57.71
N ALA G 199 51.18 50.68 57.59
CA ALA G 199 52.32 49.77 57.67
C ALA G 199 53.34 50.08 56.57
N HIS G 200 52.84 50.54 55.44
CA HIS G 200 53.70 50.88 54.31
C HIS G 200 54.59 52.07 54.68
N ARG G 201 53.97 53.10 55.24
CA ARG G 201 54.69 54.31 55.63
C ARG G 201 55.73 54.05 56.71
N GLU G 202 55.34 53.28 57.72
CA GLU G 202 56.22 53.04 58.87
C GLU G 202 57.42 52.17 58.46
N ILE G 203 57.22 51.29 57.50
CA ILE G 203 58.30 50.45 56.99
C ILE G 203 59.22 51.19 56.03
N LYS G 204 58.65 52.07 55.21
CA LYS G 204 59.47 52.94 54.37
C LYS G 204 60.36 53.82 55.25
N ASP G 205 59.76 54.30 56.34
CA ASP G 205 60.47 55.11 57.32
C ASP G 205 61.71 54.39 57.85
N ILE G 206 61.52 53.16 58.31
CA ILE G 206 62.63 52.35 58.84
C ILE G 206 63.73 52.19 57.79
N PHE G 207 63.33 51.99 56.53
CA PHE G 207 64.30 51.85 55.44
C PHE G 207 65.03 53.17 55.18
N TYR G 208 64.29 54.28 55.21
CA TYR G 208 64.88 55.59 54.93
C TYR G 208 66.06 55.86 55.84
N LYS G 209 65.89 55.59 57.12
CA LYS G 209 66.94 55.82 58.11
C LYS G 209 68.17 54.95 57.84
N ALA G 210 67.93 53.68 57.53
CA ALA G 210 69.03 52.77 57.20
C ALA G 210 69.70 53.16 55.90
N ILE G 211 68.92 53.65 54.94
CA ILE G 211 69.45 54.05 53.64
C ILE G 211 70.34 55.28 53.77
N GLN G 212 69.89 56.26 54.55
CA GLN G 212 70.64 57.50 54.72
C GLN G 212 71.89 57.27 55.54
N LYS G 213 71.78 56.44 56.57
CA LYS G 213 72.92 56.10 57.38
C LYS G 213 73.99 55.45 56.51
N ARG G 214 73.56 54.55 55.64
CA ARG G 214 74.49 53.82 54.80
C ARG G 214 75.10 54.67 53.70
N ARG G 215 74.34 55.64 53.23
CA ARG G 215 74.79 56.48 52.15
C ARG G 215 76.04 57.25 52.54
N GLN G 216 76.09 57.72 53.77
CA GLN G 216 77.24 58.50 54.19
C GLN G 216 78.37 57.85 54.98
N SER G 217 78.07 56.96 55.91
CA SER G 217 79.14 56.30 56.65
C SER G 217 79.78 55.44 55.58
N GLN G 218 81.10 55.30 55.56
CA GLN G 218 81.70 54.51 54.48
C GLN G 218 82.14 53.07 54.57
N GLU G 219 81.88 52.39 55.68
CA GLU G 219 82.35 51.03 55.67
C GLU G 219 81.45 50.59 54.51
N LYS G 220 82.08 50.41 53.36
CA LYS G 220 81.45 50.06 52.10
C LYS G 220 81.11 48.57 52.08
N ILE G 221 80.16 48.20 52.94
CA ILE G 221 79.74 46.81 53.16
C ILE G 221 79.33 46.15 51.85
N ASP G 222 79.74 44.90 51.66
CA ASP G 222 79.36 44.18 50.45
C ASP G 222 78.07 43.38 50.63
N ASP G 223 76.94 44.04 50.43
CA ASP G 223 75.65 43.37 50.47
C ASP G 223 74.66 43.93 49.44
N ILE G 224 73.41 43.50 49.53
CA ILE G 224 72.39 43.77 48.52
C ILE G 224 72.03 45.26 48.51
N LEU G 225 71.77 45.81 49.69
CA LEU G 225 71.44 47.22 49.83
C LEU G 225 72.49 48.08 49.13
N GLN G 226 73.74 47.79 49.43
CA GLN G 226 74.89 48.53 48.89
C GLN G 226 74.89 48.48 47.37
N THR G 227 74.57 47.31 46.81
CA THR G 227 74.44 47.14 45.36
C THR G 227 73.37 48.06 44.78
N LEU G 228 72.30 48.26 45.54
CA LEU G 228 71.19 49.11 45.10
C LEU G 228 71.58 50.59 45.17
N LEU G 229 72.30 50.96 46.22
CA LEU G 229 72.78 52.33 46.39
C LEU G 229 73.80 52.71 45.31
N ASP G 230 74.49 51.72 44.79
CA ASP G 230 75.54 51.96 43.79
C ASP G 230 75.02 51.81 42.37
N ALA G 231 73.74 51.47 42.23
CA ALA G 231 73.16 51.09 40.94
C ALA G 231 72.82 52.31 40.07
N THR G 232 72.58 52.06 38.79
CA THR G 232 72.35 53.14 37.82
C THR G 232 71.58 52.63 36.59
N TYR G 233 70.58 53.41 36.16
CA TYR G 233 69.82 53.09 34.95
C TYR G 233 70.71 53.29 33.73
N LYS G 234 70.20 52.96 32.54
CA LYS G 234 70.97 53.15 31.30
C LYS G 234 71.30 54.63 31.12
N ASP G 235 70.37 55.50 31.50
CA ASP G 235 70.52 56.95 31.33
C ASP G 235 71.58 57.54 32.28
N GLY G 236 71.87 56.84 33.37
CA GLY G 236 72.87 57.29 34.33
C GLY G 236 72.33 57.61 35.72
N ARG G 237 71.00 57.70 35.83
CA ARG G 237 70.37 58.12 37.09
C ARG G 237 70.51 57.05 38.19
N PRO G 238 70.94 57.45 39.39
CA PRO G 238 70.92 56.56 40.56
C PRO G 238 69.55 56.49 41.23
N LEU G 239 69.32 55.44 41.99
CA LEU G 239 68.01 55.21 42.62
C LEU G 239 67.75 56.20 43.74
N THR G 240 66.53 56.72 43.79
CA THR G 240 66.09 57.53 44.92
C THR G 240 65.89 56.63 46.14
N ASP G 241 65.83 57.23 47.32
CA ASP G 241 65.61 56.49 48.56
C ASP G 241 64.32 55.70 48.51
N ASP G 242 63.31 56.27 47.86
CA ASP G 242 61.96 55.69 47.85
C ASP G 242 61.86 54.50 46.90
N GLU G 243 62.53 54.61 45.76
CA GLU G 243 62.69 53.48 44.85
C GLU G 243 63.34 52.29 45.55
N VAL G 244 64.48 52.56 46.20
CA VAL G 244 65.24 51.53 46.90
C VAL G 244 64.42 50.89 48.01
N ALA G 245 63.76 51.74 48.79
CA ALA G 245 62.90 51.28 49.88
C ALA G 245 61.77 50.41 49.34
N GLY G 246 61.25 50.78 48.18
CA GLY G 246 60.21 50.00 47.52
C GLY G 246 60.70 48.63 47.11
N MET G 247 61.92 48.56 46.60
CA MET G 247 62.50 47.31 46.13
C MET G 247 62.81 46.40 47.30
N LEU G 248 63.19 47.00 48.42
CA LEU G 248 63.51 46.25 49.62
C LEU G 248 62.24 45.61 50.19
N ILE G 249 61.12 46.31 50.07
CA ILE G 249 59.83 45.74 50.46
C ILE G 249 59.51 44.56 49.57
N GLY G 250 59.63 44.79 48.27
CA GLY G 250 59.39 43.75 47.29
C GLY G 250 60.28 42.54 47.56
N LEU G 251 61.53 42.81 47.89
CA LEU G 251 62.50 41.74 48.12
C LEU G 251 62.03 40.83 49.23
N LEU G 252 61.56 41.44 50.31
CA LEU G 252 61.10 40.69 51.46
C LEU G 252 59.84 39.90 51.17
N LEU G 253 58.87 40.53 50.52
CA LEU G 253 57.61 39.88 50.25
C LEU G 253 57.82 38.67 49.36
N ALA G 254 58.65 38.86 48.34
CA ALA G 254 58.98 37.79 47.42
C ALA G 254 59.80 36.72 48.13
N GLY G 255 60.74 37.17 48.95
CA GLY G 255 61.68 36.27 49.61
C GLY G 255 61.07 35.46 50.74
N GLN G 256 59.89 35.86 51.21
CA GLN G 256 59.30 35.19 52.37
C GLN G 256 58.32 34.10 51.96
N HIS G 257 57.21 34.49 51.38
CA HIS G 257 56.03 33.64 51.28
C HIS G 257 56.23 32.47 50.30
N THR G 258 56.93 32.73 49.20
CA THR G 258 57.20 31.68 48.24
C THR G 258 58.05 30.56 48.84
N SER G 259 58.98 30.91 49.72
CA SER G 259 59.89 29.93 50.32
C SER G 259 59.27 29.26 51.55
N SER G 260 58.47 30.00 52.32
CA SER G 260 57.90 29.45 53.54
C SER G 260 56.90 28.35 53.20
N THR G 261 56.03 28.61 52.23
CA THR G 261 55.07 27.62 51.78
C THR G 261 55.78 26.43 51.13
N THR G 262 56.77 26.72 50.28
CA THR G 262 57.50 25.66 49.59
C THR G 262 58.24 24.74 50.57
N SER G 263 58.97 25.35 51.50
CA SER G 263 59.72 24.60 52.51
C SER G 263 58.78 23.72 53.32
N ALA G 264 57.63 24.27 53.68
CA ALA G 264 56.66 23.56 54.52
C ALA G 264 56.11 22.32 53.82
N TRP G 265 55.72 22.46 52.56
CA TRP G 265 55.24 21.30 51.80
C TRP G 265 56.32 20.23 51.74
N MET G 266 57.57 20.65 51.50
CA MET G 266 58.67 19.70 51.39
C MET G 266 58.87 18.98 52.71
N GLY G 267 58.60 19.68 53.80
CA GLY G 267 58.59 19.09 55.13
C GLY G 267 57.62 17.91 55.24
N PHE G 268 56.42 18.07 54.68
CA PHE G 268 55.42 17.02 54.81
C PHE G 268 55.60 15.91 53.79
N PHE G 269 56.14 16.25 52.62
CA PHE G 269 56.52 15.24 51.64
C PHE G 269 57.60 14.33 52.21
N LEU G 270 58.55 14.91 52.93
CA LEU G 270 59.68 14.15 53.48
C LEU G 270 59.28 13.42 54.77
N ALA G 271 58.30 13.96 55.48
CA ALA G 271 57.77 13.30 56.66
C ALA G 271 56.89 12.12 56.26
N ARG G 272 56.30 12.22 55.08
CA ARG G 272 55.50 11.13 54.54
C ARG G 272 56.38 10.02 53.99
N ASP G 273 57.49 10.42 53.36
CA ASP G 273 58.39 9.47 52.73
C ASP G 273 59.69 9.37 53.54
N LYS G 274 59.68 8.52 54.56
CA LYS G 274 60.78 8.47 55.52
C LYS G 274 62.08 7.97 54.89
N THR G 275 61.96 7.09 53.91
CA THR G 275 63.13 6.55 53.22
C THR G 275 63.87 7.66 52.50
N LEU G 276 63.11 8.51 51.81
CA LEU G 276 63.68 9.63 51.07
C LEU G 276 64.30 10.65 52.01
N GLN G 277 63.67 10.88 53.16
CA GLN G 277 64.23 11.77 54.18
C GLN G 277 65.59 11.24 54.62
N LYS G 278 65.63 9.94 54.93
CA LYS G 278 66.87 9.25 55.27
C LYS G 278 67.95 9.50 54.22
N LYS G 279 67.62 9.25 52.96
CA LYS G 279 68.56 9.47 51.86
C LYS G 279 69.09 10.90 51.82
N CYS G 280 68.20 11.87 52.09
CA CYS G 280 68.60 13.28 52.13
C CYS G 280 69.62 13.52 53.25
N TYR G 281 69.42 12.86 54.38
CA TYR G 281 70.32 13.02 55.53
C TYR G 281 71.69 12.43 55.25
N LEU G 282 71.71 11.24 54.64
CA LEU G 282 72.96 10.57 54.31
C LEU G 282 73.74 11.33 53.24
N GLU G 283 73.02 12.06 52.39
CA GLU G 283 73.65 12.87 51.35
C GLU G 283 74.41 14.04 51.97
N GLN G 284 73.87 14.59 53.04
CA GLN G 284 74.53 15.65 53.79
C GLN G 284 75.91 15.17 54.22
N LYS G 285 75.94 14.03 54.90
CA LYS G 285 77.18 13.42 55.37
C LYS G 285 78.13 13.10 54.21
N THR G 286 77.60 12.48 53.16
CA THR G 286 78.41 12.12 51.99
C THR G 286 79.06 13.34 51.32
N VAL G 287 78.31 14.43 51.21
CA VAL G 287 78.78 15.62 50.52
C VAL G 287 79.59 16.55 51.43
N CYS G 288 79.27 16.52 52.73
CA CYS G 288 79.86 17.49 53.68
C CYS G 288 80.86 16.85 54.64
N GLY G 289 80.83 15.52 54.74
CA GLY G 289 81.63 14.81 55.73
C GLY G 289 80.80 14.38 56.93
N GLU G 290 81.22 13.29 57.58
CA GLU G 290 80.44 12.67 58.66
C GLU G 290 80.30 13.59 59.88
N ASN G 291 81.27 14.49 60.06
CA ASN G 291 81.25 15.46 61.17
C ASN G 291 80.18 16.53 60.99
N LEU G 292 79.67 16.65 59.78
CA LEU G 292 78.69 17.68 59.42
C LEU G 292 79.17 19.07 59.83
N PRO G 293 80.18 19.58 59.12
CA PRO G 293 80.73 20.91 59.36
C PRO G 293 79.76 22.00 58.92
N PRO G 294 80.07 23.27 59.22
CA PRO G 294 79.25 24.37 58.74
C PRO G 294 79.04 24.34 57.23
N LEU G 295 77.80 24.60 56.81
CA LEU G 295 77.43 24.54 55.40
C LEU G 295 78.15 25.61 54.60
N THR G 296 78.38 25.32 53.32
CA THR G 296 79.01 26.27 52.42
C THR G 296 78.26 26.30 51.10
N TYR G 297 78.43 27.39 50.36
CA TYR G 297 77.78 27.54 49.05
C TYR G 297 78.15 26.39 48.11
N ASP G 298 79.40 25.98 48.15
CA ASP G 298 79.92 24.95 47.25
C ASP G 298 79.32 23.58 47.52
N GLN G 299 79.12 23.26 48.80
CA GLN G 299 78.49 22.00 49.19
C GLN G 299 77.05 21.94 48.65
N LEU G 300 76.34 23.05 48.76
CA LEU G 300 74.94 23.13 48.31
C LEU G 300 74.79 22.68 46.86
N LYS G 301 75.70 23.12 46.00
CA LYS G 301 75.59 22.84 44.57
C LYS G 301 75.64 21.33 44.30
N ASP G 302 76.18 20.58 45.24
CA ASP G 302 76.37 19.13 45.08
C ASP G 302 75.27 18.31 45.76
N LEU G 303 74.41 18.99 46.51
CA LEU G 303 73.30 18.32 47.18
C LEU G 303 72.16 18.07 46.18
N ASN G 304 72.41 17.15 45.26
CA ASN G 304 71.50 16.88 44.14
C ASN G 304 70.14 16.33 44.58
N LEU G 305 70.15 15.37 45.50
CA LEU G 305 68.91 14.76 45.96
C LEU G 305 68.01 15.82 46.59
N LEU G 306 68.58 16.58 47.52
CA LEU G 306 67.85 17.67 48.17
C LEU G 306 67.38 18.68 47.14
N ASP G 307 68.22 18.95 46.15
CA ASP G 307 67.88 19.84 45.05
C ASP G 307 66.63 19.33 44.34
N ARG G 308 66.62 18.03 44.06
CA ARG G 308 65.55 17.40 43.29
C ARG G 308 64.26 17.31 44.12
N CYS G 309 64.42 17.27 45.43
CA CYS G 309 63.27 17.27 46.34
C CYS G 309 62.59 18.64 46.34
N ILE G 310 63.39 19.69 46.26
CA ILE G 310 62.87 21.05 46.15
C ILE G 310 62.23 21.25 44.78
N LYS G 311 62.89 20.72 43.76
CA LYS G 311 62.37 20.81 42.40
C LYS G 311 61.02 20.12 42.30
N GLU G 312 60.89 19.02 43.03
CA GLU G 312 59.68 18.20 43.00
C GLU G 312 58.57 18.83 43.84
N THR G 313 58.95 19.47 44.93
CA THR G 313 57.98 20.21 45.74
C THR G 313 57.42 21.39 44.95
N LEU G 314 58.29 22.09 44.23
CA LEU G 314 57.87 23.20 43.38
C LEU G 314 57.01 22.72 42.21
N ARG G 315 57.21 21.46 41.82
CA ARG G 315 56.39 20.86 40.78
C ARG G 315 54.95 20.66 41.25
N LEU G 316 54.80 20.06 42.43
CA LEU G 316 53.48 19.70 42.95
C LEU G 316 52.80 20.82 43.72
N ARG G 317 53.58 21.74 44.27
CA ARG G 317 53.07 22.84 45.09
C ARG G 317 53.76 24.16 44.77
N PRO G 318 53.65 24.61 43.51
CA PRO G 318 54.21 25.92 43.20
C PRO G 318 53.48 27.01 43.99
N PRO G 319 54.23 27.86 44.70
CA PRO G 319 53.57 28.86 45.54
C PRO G 319 52.83 29.92 44.72
N ILE G 320 53.36 30.22 43.54
CA ILE G 320 52.66 31.07 42.58
C ILE G 320 51.84 30.18 41.65
N MET G 321 50.55 30.02 41.98
CA MET G 321 49.69 29.08 41.26
C MET G 321 49.26 29.59 39.90
N ILE G 322 49.45 30.88 39.66
CA ILE G 322 48.88 31.49 38.47
C ILE G 322 49.76 32.60 37.94
N MET G 323 49.74 32.78 36.62
CA MET G 323 50.30 33.96 36.01
C MET G 323 49.32 34.54 35.00
N MET G 324 49.10 35.84 35.12
CA MET G 324 48.01 36.50 34.42
C MET G 324 48.51 37.72 33.66
N ARG G 325 47.91 37.93 32.51
CA ARG G 325 48.15 39.14 31.72
C ARG G 325 46.82 39.68 31.21
N MET G 326 46.83 40.95 30.86
CA MET G 326 45.72 41.55 30.14
C MET G 326 46.09 41.61 28.66
N ALA G 327 45.24 41.06 27.80
CA ALA G 327 45.44 41.19 26.36
C ALA G 327 45.07 42.59 25.92
N ARG G 328 46.06 43.35 25.42
CA ARG G 328 45.80 44.67 24.86
C ARG G 328 45.69 44.59 23.33
N THR G 329 46.24 43.53 22.76
CA THR G 329 46.11 43.28 21.33
C THR G 329 45.62 41.85 21.09
N PRO G 330 45.00 41.60 19.92
CA PRO G 330 44.58 40.24 19.59
C PRO G 330 45.76 39.27 19.54
N GLN G 331 45.56 38.07 20.06
CA GLN G 331 46.63 37.09 20.14
C GLN G 331 46.14 35.73 19.65
N THR G 332 47.00 35.03 18.92
CA THR G 332 46.60 33.78 18.28
C THR G 332 47.33 32.59 18.91
N VAL G 333 46.57 31.54 19.16
CA VAL G 333 47.11 30.30 19.71
C VAL G 333 46.13 29.16 19.47
N ALA G 334 46.67 28.01 19.07
CA ALA G 334 45.87 26.79 18.89
C ALA G 334 44.67 27.01 17.96
N GLY G 335 44.81 27.93 17.01
CA GLY G 335 43.76 28.19 16.03
C GLY G 335 42.71 29.19 16.48
N TYR G 336 42.83 29.67 17.71
CA TYR G 336 41.86 30.64 18.24
C TYR G 336 42.45 32.03 18.28
N THR G 337 41.57 33.02 18.28
CA THR G 337 41.97 34.41 18.41
C THR G 337 41.42 34.99 19.70
N ILE G 338 42.30 35.53 20.54
CA ILE G 338 41.92 36.08 21.83
C ILE G 338 41.80 37.61 21.72
N PRO G 339 40.61 38.14 22.03
CA PRO G 339 40.37 39.57 21.90
C PRO G 339 41.01 40.35 23.03
N PRO G 340 41.36 41.63 22.78
CA PRO G 340 41.75 42.48 23.89
C PRO G 340 40.67 42.48 24.96
N GLY G 341 41.07 42.67 26.21
CA GLY G 341 40.12 42.73 27.31
C GLY G 341 39.96 41.40 28.03
N HIS G 342 40.31 40.32 27.37
CA HIS G 342 40.44 39.03 28.04
C HIS G 342 41.62 39.07 28.98
N GLN G 343 41.48 38.41 30.13
CA GLN G 343 42.62 38.19 31.00
C GLN G 343 43.14 36.78 30.78
N VAL G 344 44.39 36.71 30.34
CA VAL G 344 44.97 35.49 29.82
C VAL G 344 45.85 34.87 30.89
N CYS G 345 45.70 33.57 31.09
CA CYS G 345 46.24 32.91 32.27
C CYS G 345 47.02 31.65 31.95
N VAL G 346 48.09 31.45 32.71
CA VAL G 346 48.78 30.18 32.75
C VAL G 346 48.80 29.66 34.19
N SER G 347 48.61 28.36 34.34
CA SER G 347 48.69 27.71 35.65
C SER G 347 49.88 26.77 35.70
N PRO G 348 50.93 27.16 36.42
CA PRO G 348 52.05 26.24 36.59
C PRO G 348 51.58 24.89 37.12
N THR G 349 50.73 24.92 38.15
CA THR G 349 50.28 23.69 38.80
C THR G 349 49.75 22.68 37.78
N VAL G 350 48.86 23.13 36.91
CA VAL G 350 48.24 22.23 35.93
C VAL G 350 49.26 21.66 34.94
N ASN G 351 50.04 22.54 34.30
CA ASN G 351 51.10 22.10 33.40
C ASN G 351 52.03 21.08 34.07
N GLN G 352 52.33 21.32 35.34
CA GLN G 352 53.37 20.55 36.04
C GLN G 352 52.88 19.18 36.52
N ARG G 353 51.61 18.87 36.26
CA ARG G 353 51.05 17.57 36.60
C ARG G 353 50.16 17.05 35.48
N LEU G 354 50.35 17.64 34.30
CA LEU G 354 49.55 17.30 33.12
C LEU G 354 49.66 15.81 32.81
N LYS G 355 48.50 15.17 32.73
CA LYS G 355 48.41 13.72 32.57
C LYS G 355 49.21 13.20 31.36
N ASP G 356 49.11 13.90 30.23
CA ASP G 356 49.76 13.44 29.00
C ASP G 356 51.28 13.36 29.09
N SER G 357 51.89 14.09 30.02
CA SER G 357 53.35 14.27 30.00
C SER G 357 54.11 13.89 31.28
N TRP G 358 53.41 13.88 32.42
CA TRP G 358 54.05 13.45 33.66
C TRP G 358 53.58 12.05 34.04
N VAL G 359 54.49 11.08 33.97
CA VAL G 359 54.19 9.73 34.41
C VAL G 359 54.01 9.74 35.92
N GLU G 360 52.97 9.07 36.40
CA GLU G 360 52.66 9.07 37.82
C GLU G 360 52.62 10.51 38.34
N ARG G 361 51.72 11.29 37.76
CA ARG G 361 51.75 12.75 37.89
C ARG G 361 51.54 13.28 39.33
N LEU G 362 50.83 12.52 40.15
CA LEU G 362 50.53 13.00 41.50
C LEU G 362 51.50 12.44 42.53
N ASP G 363 52.49 11.69 42.07
CA ASP G 363 53.50 11.10 42.96
C ASP G 363 54.66 12.05 43.24
N PHE G 364 55.04 12.16 44.51
CA PHE G 364 56.25 12.88 44.87
C PHE G 364 57.48 12.01 44.63
N ASN G 365 58.06 12.16 43.44
CA ASN G 365 59.21 11.34 43.04
C ASN G 365 60.34 12.21 42.48
N PRO G 366 61.32 12.56 43.32
CA PRO G 366 62.45 13.39 42.92
C PRO G 366 63.32 12.73 41.86
N ASP G 367 63.32 11.41 41.83
CA ASP G 367 64.20 10.68 40.92
C ASP G 367 63.65 10.67 39.49
N ARG G 368 62.51 11.31 39.29
CA ARG G 368 61.93 11.44 37.94
C ARG G 368 62.80 12.33 37.06
N TYR G 369 63.63 13.15 37.71
CA TYR G 369 64.55 14.05 36.99
C TYR G 369 65.87 13.38 36.63
N LEU G 370 66.01 12.11 37.00
CA LEU G 370 67.19 11.33 36.59
C LEU G 370 66.98 10.64 35.25
N GLN G 371 65.76 10.68 34.76
CA GLN G 371 65.41 10.09 33.46
C GLN G 371 64.89 11.18 32.53
N ASP G 372 64.35 10.81 31.39
CA ASP G 372 63.71 11.77 30.50
C ASP G 372 62.40 12.26 31.12
N ASN G 373 62.21 13.57 31.12
CA ASN G 373 61.04 14.17 31.74
C ASN G 373 60.75 15.55 31.15
N PRO G 374 59.51 16.03 31.32
CA PRO G 374 59.10 17.24 30.62
C PRO G 374 59.76 18.54 31.11
N ALA G 375 60.39 18.50 32.28
CA ALA G 375 61.16 19.66 32.74
C ALA G 375 62.34 19.95 31.79
N SER G 376 62.97 18.88 31.31
CA SER G 376 64.05 19.00 30.32
C SER G 376 63.51 18.83 28.89
N GLY G 377 62.49 18.00 28.73
CA GLY G 377 61.99 17.63 27.41
C GLY G 377 61.10 18.65 26.71
N GLU G 378 60.36 19.46 27.48
CA GLU G 378 59.47 20.47 26.91
C GLU G 378 59.91 21.86 27.31
N LYS G 379 59.35 22.88 26.66
CA LYS G 379 59.71 24.26 26.97
C LYS G 379 59.00 24.78 28.21
N PHE G 380 57.71 24.47 28.37
CA PHE G 380 56.92 25.12 29.42
C PHE G 380 56.01 24.17 30.19
N ALA G 381 56.43 22.92 30.34
CA ALA G 381 55.73 21.97 31.19
C ALA G 381 56.08 22.22 32.66
N TYR G 382 57.31 22.68 32.88
CA TYR G 382 57.81 22.94 34.22
C TYR G 382 58.24 24.40 34.34
N VAL G 383 57.44 25.18 35.04
CA VAL G 383 57.56 26.64 35.00
C VAL G 383 57.29 27.30 36.36
N PRO G 384 57.87 26.76 37.44
CA PRO G 384 57.54 27.31 38.76
C PRO G 384 58.09 28.72 38.99
N PHE G 385 59.07 29.12 38.19
CA PHE G 385 59.65 30.45 38.29
C PHE G 385 59.32 31.29 37.07
N GLY G 386 58.39 30.80 36.26
CA GLY G 386 57.97 31.48 35.05
C GLY G 386 58.98 31.42 33.93
N ALA G 387 58.81 32.33 32.97
CA ALA G 387 59.69 32.43 31.81
C ALA G 387 59.41 33.75 31.10
N GLY G 388 60.21 34.06 30.10
CA GLY G 388 60.05 35.27 29.31
C GLY G 388 60.29 36.52 30.12
N ARG G 389 59.69 37.63 29.69
CA ARG G 389 60.07 38.94 30.22
C ARG G 389 59.79 39.08 31.72
N HIS G 390 58.73 38.43 32.19
CA HIS G 390 58.33 38.57 33.60
C HIS G 390 58.90 37.47 34.49
N ARG G 391 59.84 36.68 33.97
CA ARG G 391 60.45 35.55 34.69
C ARG G 391 61.04 35.98 36.04
N CYS G 392 61.14 35.02 36.96
CA CYS G 392 61.71 35.27 38.28
C CYS G 392 63.20 35.60 38.19
N ILE G 393 63.68 36.37 39.16
CA ILE G 393 65.12 36.65 39.28
C ILE G 393 65.68 36.05 40.57
N GLY G 394 64.81 35.42 41.36
CA GLY G 394 65.18 35.01 42.72
C GLY G 394 65.35 33.52 42.88
N GLU G 395 65.37 32.80 41.76
CA GLU G 395 65.41 31.33 41.79
C GLU G 395 66.62 30.84 42.56
N ASN G 396 67.80 31.35 42.18
CA ASN G 396 69.05 30.96 42.84
C ASN G 396 69.05 31.28 44.33
N PHE G 397 68.54 32.45 44.71
CA PHE G 397 68.48 32.80 46.13
C PHE G 397 67.52 31.87 46.87
N ALA G 398 66.38 31.59 46.25
CA ALA G 398 65.37 30.72 46.84
C ALA G 398 65.97 29.35 47.13
N TYR G 399 66.66 28.80 46.14
CA TYR G 399 67.33 27.52 46.29
C TYR G 399 68.40 27.59 47.38
N VAL G 400 69.18 28.66 47.40
CA VAL G 400 70.14 28.88 48.50
C VAL G 400 69.42 28.88 49.85
N GLN G 401 68.29 29.59 49.92
CA GLN G 401 67.57 29.74 51.19
C GLN G 401 66.94 28.42 51.64
N ILE G 402 66.20 27.77 50.74
CA ILE G 402 65.50 26.53 51.08
C ILE G 402 66.49 25.41 51.38
N LYS G 403 67.54 25.31 50.57
CA LYS G 403 68.57 24.28 50.78
C LYS G 403 69.25 24.43 52.15
N THR G 404 69.65 25.65 52.48
CA THR G 404 70.37 25.88 53.72
C THR G 404 69.47 25.60 54.94
N ILE G 405 68.26 26.14 54.91
CA ILE G 405 67.32 25.96 56.02
C ILE G 405 66.99 24.48 56.23
N TRP G 406 66.73 23.75 55.14
CA TRP G 406 66.34 22.35 55.25
C TRP G 406 67.53 21.40 55.44
N SER G 407 68.67 21.72 54.84
CA SER G 407 69.91 21.00 55.15
C SER G 407 70.12 21.00 56.66
N THR G 408 70.02 22.19 57.24
CA THR G 408 70.18 22.40 58.68
C THR G 408 69.13 21.63 59.46
N MET G 409 67.89 21.72 59.01
CA MET G 409 66.75 21.12 59.72
C MET G 409 66.84 19.60 59.72
N LEU G 410 67.32 19.04 58.61
CA LEU G 410 67.54 17.60 58.52
C LEU G 410 68.60 17.17 59.54
N ARG G 411 69.66 17.97 59.66
CA ARG G 411 70.72 17.70 60.63
C ARG G 411 70.17 17.72 62.06
N LEU G 412 69.27 18.65 62.34
CA LEU G 412 68.70 18.79 63.68
C LEU G 412 67.67 17.70 63.97
N TYR G 413 66.75 17.46 63.03
CA TYR G 413 65.56 16.66 63.34
C TYR G 413 65.19 15.61 62.29
N GLU G 414 64.47 14.60 62.76
CA GLU G 414 63.76 13.66 61.90
C GLU G 414 62.27 13.97 62.02
N PHE G 415 61.57 14.01 60.89
CA PHE G 415 60.20 14.53 60.86
C PHE G 415 59.19 13.46 60.52
N ASP G 416 58.02 13.55 61.15
CA ASP G 416 56.97 12.55 60.97
C ASP G 416 55.60 13.20 60.80
N LEU G 417 54.73 12.52 60.06
CA LEU G 417 53.32 12.87 60.01
C LEU G 417 52.66 12.49 61.33
N ILE G 418 51.60 13.20 61.67
CA ILE G 418 50.86 12.93 62.89
C ILE G 418 49.61 12.13 62.55
N ASP G 419 49.57 10.88 63.01
CA ASP G 419 48.48 9.97 62.69
C ASP G 419 48.26 9.89 61.18
N GLY G 420 49.36 9.87 60.43
CA GLY G 420 49.32 9.70 58.99
C GLY G 420 48.63 10.80 58.20
N TYR G 421 48.41 11.95 58.83
CA TYR G 421 47.71 13.05 58.16
C TYR G 421 48.66 13.82 57.23
N PHE G 422 48.31 13.86 55.94
CA PHE G 422 49.01 14.71 54.99
C PHE G 422 48.19 15.95 54.68
N PRO G 423 48.75 17.14 54.97
CA PRO G 423 48.02 18.40 54.84
C PRO G 423 47.30 18.56 53.51
N THR G 424 46.04 18.99 53.58
CA THR G 424 45.32 19.39 52.38
C THR G 424 45.68 20.84 52.06
N VAL G 425 45.34 21.26 50.85
CA VAL G 425 45.64 22.61 50.39
C VAL G 425 44.55 23.57 50.85
N ASN G 426 44.96 24.67 51.49
CA ASN G 426 44.03 25.75 51.83
C ASN G 426 43.91 26.72 50.65
N TYR G 427 42.85 26.54 49.86
CA TYR G 427 42.64 27.34 48.67
C TYR G 427 42.04 28.69 49.00
N THR G 428 41.62 28.84 50.25
CA THR G 428 40.96 30.06 50.71
C THR G 428 41.95 31.20 50.90
N THR G 429 43.19 30.89 51.19
CA THR G 429 44.19 31.92 51.33
C THR G 429 44.83 32.10 49.96
N MET G 430 45.39 33.25 49.71
CA MET G 430 46.00 33.53 48.41
C MET G 430 47.18 32.76 47.99
N ILE G 431 48.07 32.50 48.93
CA ILE G 431 49.18 31.68 48.61
C ILE G 431 48.59 30.47 49.24
N HIS G 432 48.45 29.45 48.43
CA HIS G 432 47.81 28.21 48.88
C HIS G 432 48.68 27.51 49.92
N THR G 433 48.27 27.65 51.18
CA THR G 433 49.03 27.13 52.29
C THR G 433 48.55 25.72 52.61
N PRO G 434 49.35 24.94 53.34
CA PRO G 434 48.89 23.64 53.81
C PRO G 434 47.92 23.76 54.99
N GLU G 435 46.85 22.98 54.96
CA GLU G 435 45.88 22.91 56.07
C GLU G 435 46.46 22.18 57.27
N ASN G 436 46.28 22.77 58.46
CA ASN G 436 46.66 22.15 59.72
C ASN G 436 48.09 21.58 59.69
N PRO G 437 49.08 22.43 59.35
CA PRO G 437 50.43 21.95 59.06
C PRO G 437 51.25 21.70 60.32
N VAL G 438 50.74 20.83 61.19
CA VAL G 438 51.49 20.44 62.37
C VAL G 438 52.30 19.18 62.07
N ILE G 439 53.59 19.21 62.39
CA ILE G 439 54.48 18.10 62.08
C ILE G 439 55.14 17.57 63.35
N ARG G 440 55.29 16.25 63.43
CA ARG G 440 56.03 15.64 64.53
C ARG G 440 57.52 15.68 64.25
N TYR G 441 58.29 15.89 65.31
CA TYR G 441 59.74 15.93 65.21
C TYR G 441 60.41 15.35 66.44
N LYS G 442 61.56 14.70 66.24
CA LYS G 442 62.41 14.25 67.33
C LYS G 442 63.87 14.47 66.93
N ARG G 443 64.73 14.70 67.92
CA ARG G 443 66.14 14.97 67.66
C ARG G 443 66.75 13.86 66.80
N ARG G 444 67.68 14.25 65.94
CA ARG G 444 68.24 13.35 64.91
C ARG G 444 69.47 12.58 65.36
N SER G 445 69.50 11.29 65.03
CA SER G 445 70.67 10.42 65.24
C SER G 445 71.88 11.19 65.76
N GLY H 1 3.55 -41.86 -7.92
CA GLY H 1 2.34 -42.70 -7.69
C GLY H 1 1.96 -42.74 -6.21
N LYS H 2 1.07 -41.84 -5.81
CA LYS H 2 0.53 -41.87 -4.45
C LYS H 2 -0.81 -42.60 -4.42
N LEU H 3 -0.84 -43.72 -3.70
CA LEU H 3 -2.03 -44.55 -3.61
C LEU H 3 -3.15 -43.85 -2.86
N PRO H 4 -4.41 -44.21 -3.18
CA PRO H 4 -5.55 -43.72 -2.42
C PRO H 4 -5.52 -44.26 -1.00
N PRO H 5 -6.16 -43.54 -0.06
CA PRO H 5 -6.26 -44.07 1.29
C PRO H 5 -6.89 -45.45 1.30
N TYR H 6 -6.31 -46.35 2.07
CA TYR H 6 -6.72 -47.74 2.11
C TYR H 6 -7.32 -48.09 3.47
N ILE H 7 -8.57 -48.53 3.49
CA ILE H 7 -9.26 -48.83 4.75
C ILE H 7 -8.82 -50.18 5.31
N PHE H 8 -7.97 -50.14 6.33
CA PHE H 8 -7.37 -51.37 6.85
C PHE H 8 -8.42 -52.30 7.44
N SER H 9 -8.22 -53.60 7.22
CA SER H 9 -8.99 -54.64 7.88
C SER H 9 -8.04 -55.68 8.48
N PRO H 10 -8.27 -56.06 9.74
CA PRO H 10 -7.50 -57.10 10.39
C PRO H 10 -7.83 -58.49 9.85
N ILE H 11 -8.96 -58.60 9.17
CA ILE H 11 -9.41 -59.87 8.58
C ILE H 11 -8.77 -60.14 7.22
N PRO H 12 -7.83 -61.09 7.14
CA PRO H 12 -6.98 -61.27 5.97
C PRO H 12 -7.66 -61.29 4.59
N PHE H 13 -8.32 -62.39 4.24
CA PHE H 13 -8.77 -62.60 2.87
C PHE H 13 -10.14 -61.94 2.66
N LEU H 14 -11.03 -62.12 3.63
CA LEU H 14 -12.40 -61.61 3.56
C LEU H 14 -12.45 -60.09 3.61
N GLY H 15 -11.51 -59.48 4.35
CA GLY H 15 -11.52 -58.04 4.53
C GLY H 15 -12.87 -57.55 5.03
N HIS H 16 -13.48 -56.62 4.31
CA HIS H 16 -14.73 -55.98 4.74
C HIS H 16 -16.00 -56.67 4.21
N ALA H 17 -15.87 -57.90 3.74
CA ALA H 17 -16.98 -58.58 3.08
C ALA H 17 -18.28 -58.49 3.89
N ILE H 18 -18.20 -58.84 5.17
CA ILE H 18 -19.40 -58.91 6.00
C ILE H 18 -19.97 -57.51 6.24
N ALA H 19 -19.12 -56.60 6.70
CA ALA H 19 -19.53 -55.21 6.97
C ALA H 19 -20.17 -54.57 5.74
N PHE H 20 -19.49 -54.66 4.60
CA PHE H 20 -19.98 -54.07 3.36
C PHE H 20 -21.28 -54.73 2.90
N GLY H 21 -21.32 -56.06 2.92
CA GLY H 21 -22.50 -56.81 2.50
C GLY H 21 -23.73 -56.48 3.34
N LYS H 22 -23.49 -56.10 4.59
CA LYS H 22 -24.55 -55.88 5.57
C LYS H 22 -25.33 -54.60 5.28
N SER H 23 -24.62 -53.48 5.15
CA SER H 23 -25.19 -52.27 4.55
C SER H 23 -24.12 -51.48 3.78
N PRO H 24 -24.10 -51.64 2.44
CA PRO H 24 -23.07 -51.07 1.57
C PRO H 24 -23.13 -49.55 1.49
N ILE H 25 -24.34 -49.01 1.41
CA ILE H 25 -24.51 -47.55 1.32
C ILE H 25 -23.93 -46.89 2.55
N GLU H 26 -24.39 -47.34 3.71
CA GLU H 26 -23.95 -46.79 4.98
C GLU H 26 -22.44 -46.92 5.08
N PHE H 27 -21.94 -48.05 4.62
CA PHE H 27 -20.50 -48.31 4.59
C PHE H 27 -19.77 -47.26 3.77
N LEU H 28 -20.26 -47.01 2.56
CA LEU H 28 -19.62 -46.09 1.63
C LEU H 28 -19.76 -44.64 2.06
N GLU H 29 -20.93 -44.29 2.59
CA GLU H 29 -21.16 -42.94 3.09
C GLU H 29 -20.18 -42.62 4.23
N ASN H 30 -20.02 -43.55 5.17
CA ASN H 30 -19.05 -43.39 6.25
C ASN H 30 -17.63 -43.23 5.71
N ALA H 31 -17.26 -44.12 4.79
CA ALA H 31 -15.92 -44.09 4.21
C ALA H 31 -15.68 -42.74 3.55
N TYR H 32 -16.74 -42.19 2.96
CA TYR H 32 -16.69 -40.89 2.31
C TYR H 32 -16.32 -39.77 3.30
N GLU H 33 -17.00 -39.76 4.44
CA GLU H 33 -16.71 -38.80 5.51
C GLU H 33 -15.25 -38.89 5.93
N LYS H 34 -14.80 -40.10 6.25
CA LYS H 34 -13.49 -40.30 6.86
C LYS H 34 -12.33 -40.21 5.87
N TYR H 35 -12.50 -40.81 4.69
CA TYR H 35 -11.37 -41.00 3.77
C TYR H 35 -11.43 -40.13 2.52
N GLY H 36 -12.56 -39.48 2.28
CA GLY H 36 -12.72 -38.64 1.09
C GLY H 36 -13.38 -39.36 -0.06
N PRO H 37 -13.31 -38.77 -1.27
CA PRO H 37 -14.06 -39.24 -2.44
C PRO H 37 -13.44 -40.47 -3.11
N VAL H 38 -12.15 -40.69 -2.90
CA VAL H 38 -11.47 -41.86 -3.47
C VAL H 38 -10.73 -42.64 -2.39
N PHE H 39 -11.08 -43.91 -2.26
CA PHE H 39 -10.49 -44.78 -1.24
C PHE H 39 -10.48 -46.23 -1.68
N SER H 40 -9.73 -47.04 -0.95
CA SER H 40 -9.57 -48.46 -1.28
C SER H 40 -9.76 -49.36 -0.07
N PHE H 41 -10.23 -50.58 -0.34
CA PHE H 41 -10.31 -51.63 0.67
C PHE H 41 -10.38 -52.98 -0.03
N THR H 42 -10.17 -54.06 0.71
CA THR H 42 -10.31 -55.40 0.11
C THR H 42 -11.59 -56.11 0.56
N MET H 43 -12.12 -56.89 -0.35
CA MET H 43 -13.22 -57.75 -0.11
C MET H 43 -12.92 -59.02 -0.80
N VAL H 44 -12.94 -60.10 -0.06
CA VAL H 44 -12.73 -61.39 -0.64
C VAL H 44 -11.55 -61.54 -1.56
N GLY H 45 -10.43 -61.05 -1.12
CA GLY H 45 -9.17 -61.22 -1.83
C GLY H 45 -8.93 -60.21 -2.92
N LYS H 46 -9.89 -59.33 -3.16
CA LYS H 46 -9.76 -58.33 -4.21
C LYS H 46 -9.67 -56.93 -3.63
N THR H 47 -8.93 -56.07 -4.31
CA THR H 47 -8.84 -54.67 -3.93
C THR H 47 -9.82 -53.84 -4.75
N PHE H 48 -10.65 -53.07 -4.05
CA PHE H 48 -11.65 -52.23 -4.71
C PHE H 48 -11.39 -50.78 -4.37
N THR H 49 -11.34 -49.94 -5.41
CA THR H 49 -11.19 -48.50 -5.24
C THR H 49 -12.46 -47.78 -5.69
N TYR H 50 -13.06 -47.04 -4.76
CA TYR H 50 -14.31 -46.33 -5.05
C TYR H 50 -14.08 -44.89 -5.46
N LEU H 51 -14.89 -44.45 -6.42
CA LEU H 51 -14.93 -43.05 -6.85
C LEU H 51 -16.31 -42.48 -6.52
N LEU H 52 -16.38 -41.68 -5.47
CA LEU H 52 -17.64 -41.13 -5.00
C LEU H 52 -17.77 -39.64 -5.32
N GLY H 53 -18.98 -39.23 -5.65
CA GLY H 53 -19.23 -37.84 -6.05
C GLY H 53 -18.96 -37.67 -7.54
N SER H 54 -19.44 -36.56 -8.08
CA SER H 54 -19.38 -36.31 -9.52
C SER H 54 -17.95 -36.22 -10.05
N ASP H 55 -17.09 -35.51 -9.34
CA ASP H 55 -15.73 -35.23 -9.82
C ASP H 55 -14.86 -36.48 -9.90
N ALA H 56 -14.90 -37.32 -8.87
CA ALA H 56 -14.11 -38.55 -8.86
C ALA H 56 -14.69 -39.56 -9.85
N ALA H 57 -16.02 -39.64 -9.91
CA ALA H 57 -16.69 -40.64 -10.73
C ALA H 57 -16.42 -40.38 -12.21
N ALA H 58 -16.14 -39.12 -12.53
CA ALA H 58 -15.83 -38.71 -13.89
C ALA H 58 -14.73 -39.57 -14.49
N LEU H 59 -13.81 -40.05 -13.66
CA LEU H 59 -12.70 -40.86 -14.13
C LEU H 59 -13.22 -42.08 -14.89
N LEU H 60 -14.11 -42.81 -14.23
CA LEU H 60 -14.67 -44.04 -14.80
C LEU H 60 -15.55 -43.73 -16.01
N PHE H 61 -16.46 -42.77 -15.85
CA PHE H 61 -17.43 -42.47 -16.89
C PHE H 61 -16.79 -41.96 -18.19
N ASN H 62 -15.66 -41.28 -18.06
CA ASN H 62 -15.00 -40.72 -19.24
C ASN H 62 -13.96 -41.65 -19.85
N SER H 63 -13.56 -42.68 -19.10
CA SER H 63 -12.36 -43.43 -19.47
C SER H 63 -12.62 -44.35 -20.65
N LYS H 64 -11.53 -44.72 -21.31
CA LYS H 64 -11.57 -45.68 -22.39
C LYS H 64 -11.52 -47.09 -21.82
N ASN H 65 -12.11 -48.04 -22.54
CA ASN H 65 -12.21 -49.40 -22.08
C ASN H 65 -10.86 -50.11 -22.11
N GLU H 66 -9.92 -49.57 -22.88
CA GLU H 66 -8.54 -50.05 -22.87
C GLU H 66 -7.91 -49.79 -21.50
N ASP H 67 -8.40 -48.76 -20.82
CA ASP H 67 -7.82 -48.30 -19.56
C ASP H 67 -8.60 -48.86 -18.36
N LEU H 68 -9.88 -48.54 -18.31
CA LEU H 68 -10.78 -49.14 -17.33
C LEU H 68 -11.70 -50.12 -18.04
N ASN H 69 -11.43 -51.40 -17.86
CA ASN H 69 -12.01 -52.45 -18.69
C ASN H 69 -13.20 -53.12 -18.02
N ALA H 70 -14.23 -53.41 -18.81
CA ALA H 70 -15.46 -54.02 -18.29
C ALA H 70 -15.43 -55.54 -18.44
N GLU H 71 -14.88 -56.03 -19.55
CA GLU H 71 -14.81 -57.47 -19.80
C GLU H 71 -14.09 -58.19 -18.67
N ASP H 72 -12.98 -57.62 -18.23
CA ASP H 72 -12.11 -58.25 -17.23
C ASP H 72 -12.86 -58.52 -15.92
N VAL H 73 -13.82 -57.66 -15.60
CA VAL H 73 -14.61 -57.86 -14.38
C VAL H 73 -15.94 -58.58 -14.63
N TYR H 74 -16.54 -58.41 -15.80
CA TYR H 74 -17.91 -58.90 -16.05
C TYR H 74 -18.00 -60.17 -16.90
N SER H 75 -17.06 -60.32 -17.83
CA SER H 75 -17.15 -61.36 -18.88
C SER H 75 -17.44 -62.75 -18.34
N ARG H 76 -16.74 -63.10 -17.26
CA ARG H 76 -16.75 -64.45 -16.70
C ARG H 76 -18.13 -64.91 -16.25
N LEU H 77 -18.91 -64.01 -15.67
CA LEU H 77 -20.27 -64.31 -15.22
C LEU H 77 -21.28 -64.18 -16.37
N THR H 78 -21.10 -63.16 -17.20
CA THR H 78 -22.10 -62.79 -18.19
C THR H 78 -22.12 -63.73 -19.40
N THR H 79 -20.94 -64.15 -19.86
CA THR H 79 -20.85 -64.95 -21.08
C THR H 79 -21.67 -66.23 -21.01
N PRO H 80 -21.55 -67.01 -19.91
CA PRO H 80 -22.37 -68.22 -19.90
C PRO H 80 -23.88 -67.95 -19.89
N VAL H 81 -24.27 -66.70 -19.64
CA VAL H 81 -25.69 -66.33 -19.60
C VAL H 81 -26.20 -65.77 -20.93
N PHE H 82 -25.56 -64.73 -21.43
CA PHE H 82 -25.97 -64.10 -22.69
C PHE H 82 -25.60 -64.95 -23.91
N GLY H 83 -24.46 -65.60 -23.84
CA GLY H 83 -23.98 -66.45 -24.93
C GLY H 83 -22.72 -65.89 -25.57
N LYS H 84 -22.08 -66.73 -26.38
CA LYS H 84 -20.82 -66.36 -27.03
C LYS H 84 -21.03 -65.28 -28.10
N GLY H 85 -19.99 -64.50 -28.38
CA GLY H 85 -20.00 -63.54 -29.47
C GLY H 85 -20.90 -62.34 -29.24
N VAL H 86 -21.16 -62.04 -27.98
CA VAL H 86 -22.10 -60.97 -27.63
C VAL H 86 -21.64 -60.27 -26.34
N ALA H 87 -22.03 -59.01 -26.18
CA ALA H 87 -21.75 -58.29 -24.93
C ALA H 87 -20.27 -58.31 -24.57
N TYR H 88 -19.95 -58.92 -23.44
CA TYR H 88 -18.62 -58.87 -22.88
C TYR H 88 -17.75 -60.04 -23.33
N ASP H 89 -18.32 -60.88 -24.20
CA ASP H 89 -17.57 -61.99 -24.78
C ASP H 89 -16.82 -61.56 -26.04
N VAL H 90 -17.09 -60.35 -26.50
CA VAL H 90 -16.41 -59.79 -27.68
C VAL H 90 -15.59 -58.54 -27.31
N PRO H 91 -14.66 -58.14 -28.19
CA PRO H 91 -13.99 -56.86 -27.99
C PRO H 91 -14.98 -55.70 -27.99
N ASN H 92 -14.70 -54.69 -27.19
CA ASN H 92 -15.66 -53.61 -26.94
C ASN H 92 -16.19 -52.91 -28.20
N PRO H 93 -15.30 -52.61 -29.17
CA PRO H 93 -15.81 -51.95 -30.38
C PRO H 93 -16.91 -52.75 -31.08
N VAL H 94 -16.78 -54.07 -31.07
CA VAL H 94 -17.82 -54.94 -31.60
C VAL H 94 -19.09 -54.84 -30.75
N PHE H 95 -18.91 -54.70 -29.44
CA PHE H 95 -20.04 -54.51 -28.53
C PHE H 95 -20.72 -53.17 -28.81
N LEU H 96 -19.91 -52.15 -29.12
CA LEU H 96 -20.43 -50.83 -29.45
C LEU H 96 -21.34 -50.86 -30.69
N GLU H 97 -20.91 -51.58 -31.72
CA GLU H 97 -21.74 -51.74 -32.92
C GLU H 97 -23.07 -52.39 -32.54
N GLN H 98 -22.97 -53.49 -31.79
CA GLN H 98 -24.14 -54.22 -31.34
C GLN H 98 -25.14 -53.33 -30.60
N LYS H 99 -24.64 -52.36 -29.83
CA LYS H 99 -25.50 -51.46 -29.08
C LYS H 99 -26.23 -50.49 -30.02
N LYS H 100 -25.56 -50.04 -31.07
CA LYS H 100 -26.17 -49.15 -32.07
C LYS H 100 -27.33 -49.85 -32.78
N MET H 101 -27.11 -51.10 -33.17
CA MET H 101 -28.15 -51.90 -33.82
C MET H 101 -29.40 -51.96 -32.93
N LEU H 102 -29.17 -52.24 -31.66
CA LEU H 102 -30.26 -52.30 -30.68
C LEU H 102 -30.89 -50.92 -30.51
N LYS H 103 -30.04 -49.90 -30.35
CA LYS H 103 -30.51 -48.52 -30.19
C LYS H 103 -31.40 -48.11 -31.37
N SER H 104 -31.00 -48.49 -32.57
CA SER H 104 -31.78 -48.14 -33.77
C SER H 104 -33.17 -48.75 -33.69
N GLY H 105 -33.26 -49.90 -33.03
CA GLY H 105 -34.54 -50.58 -32.84
C GLY H 105 -35.41 -49.91 -31.80
N LEU H 106 -34.79 -49.14 -30.92
CA LEU H 106 -35.51 -48.50 -29.81
C LEU H 106 -35.95 -47.09 -30.21
N ASN H 107 -36.87 -47.04 -31.18
CA ASN H 107 -37.28 -45.79 -31.80
C ASN H 107 -38.76 -45.48 -31.58
N ILE H 108 -39.19 -44.33 -32.04
CA ILE H 108 -40.55 -43.84 -31.79
C ILE H 108 -41.60 -44.77 -32.39
N ALA H 109 -41.36 -45.24 -33.61
CA ALA H 109 -42.30 -46.13 -34.29
C ALA H 109 -42.67 -47.30 -33.39
N HIS H 110 -41.65 -48.00 -32.89
CA HIS H 110 -41.86 -49.15 -32.02
C HIS H 110 -42.46 -48.75 -30.68
N PHE H 111 -41.96 -47.67 -30.09
CA PHE H 111 -42.53 -47.18 -28.83
C PHE H 111 -44.05 -47.01 -28.95
N LYS H 112 -44.50 -46.53 -30.09
CA LYS H 112 -45.95 -46.33 -30.31
C LYS H 112 -46.72 -47.64 -30.27
N GLN H 113 -46.13 -48.68 -30.87
CA GLN H 113 -46.68 -50.04 -30.76
C GLN H 113 -46.68 -50.50 -29.31
N HIS H 114 -45.54 -50.30 -28.63
CA HIS H 114 -45.34 -50.82 -27.29
C HIS H 114 -46.41 -50.35 -26.31
N VAL H 115 -46.79 -49.07 -26.40
CA VAL H 115 -47.71 -48.47 -25.42
C VAL H 115 -49.02 -49.25 -25.29
N SER H 116 -49.66 -49.54 -26.42
CA SER H 116 -50.95 -50.24 -26.39
C SER H 116 -50.74 -51.69 -25.98
N ILE H 117 -49.66 -52.29 -26.47
CA ILE H 117 -49.26 -53.64 -26.07
C ILE H 117 -49.13 -53.74 -24.55
N ILE H 118 -48.32 -52.86 -23.99
CA ILE H 118 -48.02 -52.90 -22.56
C ILE H 118 -49.28 -52.60 -21.75
N GLU H 119 -50.05 -51.62 -22.20
CA GLU H 119 -51.32 -51.26 -21.55
C GLU H 119 -52.24 -52.47 -21.45
N LYS H 120 -52.37 -53.20 -22.55
CA LYS H 120 -53.23 -54.39 -22.59
C LYS H 120 -52.74 -55.43 -21.59
N GLU H 121 -51.45 -55.72 -21.67
CA GLU H 121 -50.83 -56.72 -20.81
C GLU H 121 -51.05 -56.41 -19.33
N THR H 122 -50.95 -55.14 -18.98
CA THR H 122 -51.14 -54.71 -17.59
C THR H 122 -52.59 -54.88 -17.15
N LYS H 123 -53.52 -54.41 -17.98
CA LYS H 123 -54.95 -54.55 -17.69
C LYS H 123 -55.33 -56.02 -17.53
N GLU H 124 -54.87 -56.84 -18.46
CA GLU H 124 -55.10 -58.28 -18.43
C GLU H 124 -54.55 -58.94 -17.17
N TYR H 125 -53.29 -58.66 -16.86
CA TYR H 125 -52.64 -59.28 -15.72
C TYR H 125 -53.38 -58.96 -14.43
N PHE H 126 -53.77 -57.70 -14.27
CA PHE H 126 -54.32 -57.22 -13.02
C PHE H 126 -55.82 -57.44 -12.89
N GLU H 127 -56.43 -58.11 -13.87
CA GLU H 127 -57.82 -58.58 -13.73
C GLU H 127 -57.91 -59.55 -12.55
N SER H 128 -56.84 -60.33 -12.36
CA SER H 128 -56.79 -61.34 -11.31
C SER H 128 -56.56 -60.75 -9.91
N TRP H 129 -56.40 -59.43 -9.83
CA TRP H 129 -56.21 -58.75 -8.54
C TRP H 129 -57.55 -58.36 -7.91
N GLY H 130 -58.61 -58.44 -8.69
CA GLY H 130 -59.95 -58.17 -8.19
C GLY H 130 -60.15 -56.71 -7.83
N GLU H 131 -61.09 -56.45 -6.93
CA GLU H 131 -61.49 -55.08 -6.60
C GLU H 131 -60.58 -54.44 -5.55
N SER H 132 -60.09 -55.26 -4.63
CA SER H 132 -59.16 -54.80 -3.59
C SER H 132 -58.42 -55.98 -3.00
N GLY H 133 -57.51 -55.70 -2.06
CA GLY H 133 -56.79 -56.77 -1.37
C GLY H 133 -55.42 -56.35 -0.87
N GLU H 134 -54.57 -57.35 -0.66
CA GLU H 134 -53.17 -57.11 -0.30
C GLU H 134 -52.29 -58.18 -0.95
N LYS H 135 -51.58 -57.80 -1.99
CA LYS H 135 -50.75 -58.75 -2.74
C LYS H 135 -49.33 -58.23 -2.95
N ASN H 136 -48.44 -59.14 -3.32
CA ASN H 136 -47.06 -58.80 -3.56
C ASN H 136 -46.87 -58.08 -4.89
N VAL H 137 -46.67 -56.78 -4.80
CA VAL H 137 -46.56 -55.93 -5.97
C VAL H 137 -45.28 -56.21 -6.78
N PHE H 138 -44.18 -56.50 -6.07
CA PHE H 138 -42.92 -56.80 -6.73
C PHE H 138 -43.00 -58.08 -7.54
N GLU H 139 -43.56 -59.13 -6.94
CA GLU H 139 -43.77 -60.38 -7.67
C GLU H 139 -44.66 -60.12 -8.87
N ALA H 140 -45.75 -59.40 -8.64
CA ALA H 140 -46.70 -59.03 -9.70
C ALA H 140 -45.99 -58.33 -10.85
N LEU H 141 -45.23 -57.29 -10.53
CA LEU H 141 -44.55 -56.48 -11.53
C LEU H 141 -43.52 -57.28 -12.33
N SER H 142 -42.71 -58.10 -11.66
CA SER H 142 -41.74 -58.94 -12.34
C SER H 142 -42.44 -59.99 -13.19
N GLU H 143 -43.54 -60.53 -12.69
CA GLU H 143 -44.36 -61.44 -13.48
C GLU H 143 -44.94 -60.72 -14.70
N LEU H 144 -45.41 -59.49 -14.51
CA LEU H 144 -46.00 -58.72 -15.61
C LEU H 144 -44.93 -58.29 -16.62
N ILE H 145 -43.81 -57.80 -16.11
CA ILE H 145 -42.77 -57.20 -16.96
C ILE H 145 -42.14 -58.21 -17.91
N ILE H 146 -41.96 -59.44 -17.45
CA ILE H 146 -41.34 -60.46 -18.30
C ILE H 146 -42.19 -60.65 -19.55
N LEU H 147 -43.50 -60.50 -19.40
CA LEU H 147 -44.42 -60.58 -20.53
C LEU H 147 -44.29 -59.34 -21.41
N THR H 148 -44.41 -58.16 -20.80
CA THR H 148 -44.38 -56.91 -21.57
C THR H 148 -43.04 -56.77 -22.30
N ALA H 149 -41.96 -57.17 -21.65
CA ALA H 149 -40.62 -57.07 -22.24
C ALA H 149 -40.44 -58.03 -23.42
N SER H 150 -40.89 -59.27 -23.24
CA SER H 150 -40.89 -60.25 -24.34
C SER H 150 -41.74 -59.78 -25.51
N HIS H 151 -42.96 -59.35 -25.20
CA HIS H 151 -43.89 -58.91 -26.24
C HIS H 151 -43.27 -57.78 -27.05
N CYS H 152 -42.66 -56.81 -26.34
CA CYS H 152 -42.14 -55.62 -26.99
C CYS H 152 -40.77 -55.85 -27.62
N LEU H 153 -39.92 -56.64 -26.98
CA LEU H 153 -38.53 -56.76 -27.42
C LEU H 153 -38.29 -58.01 -28.26
N HIS H 154 -39.06 -59.07 -28.02
CA HIS H 154 -38.90 -60.33 -28.76
C HIS H 154 -39.92 -60.48 -29.88
N GLY H 155 -41.12 -59.98 -29.65
CA GLY H 155 -42.21 -60.12 -30.62
C GLY H 155 -43.28 -61.08 -30.14
N LYS H 156 -44.40 -61.11 -30.86
CA LYS H 156 -45.58 -61.88 -30.44
C LYS H 156 -45.36 -63.39 -30.51
N GLU H 157 -44.61 -63.84 -31.51
CA GLU H 157 -44.34 -65.26 -31.70
C GLU H 157 -43.73 -65.86 -30.43
N ILE H 158 -42.61 -65.29 -30.02
CA ILE H 158 -41.89 -65.73 -28.83
C ILE H 158 -42.71 -65.48 -27.58
N ARG H 159 -43.40 -64.36 -27.57
CA ARG H 159 -44.22 -63.96 -26.44
C ARG H 159 -45.31 -65.00 -26.15
N SER H 160 -45.77 -65.68 -27.20
CA SER H 160 -46.81 -66.68 -27.07
C SER H 160 -46.25 -67.97 -26.45
N GLN H 161 -44.93 -68.04 -26.39
CA GLN H 161 -44.22 -69.21 -25.90
C GLN H 161 -43.94 -69.08 -24.40
N LEU H 162 -44.15 -67.89 -23.86
CA LEU H 162 -43.78 -67.59 -22.47
C LEU H 162 -44.78 -68.19 -21.49
N ASN H 163 -44.62 -69.48 -21.21
CA ASN H 163 -45.35 -70.14 -20.15
C ASN H 163 -44.49 -70.19 -18.87
N GLU H 164 -45.01 -70.78 -17.81
CA GLU H 164 -44.30 -70.81 -16.53
C GLU H 164 -43.03 -71.65 -16.60
N LYS H 165 -42.96 -72.59 -17.54
CA LYS H 165 -41.74 -73.35 -17.78
C LYS H 165 -40.62 -72.45 -18.30
N VAL H 166 -40.95 -71.61 -19.28
CA VAL H 166 -39.97 -70.73 -19.90
C VAL H 166 -39.58 -69.59 -18.94
N ALA H 167 -40.54 -69.13 -18.15
CA ALA H 167 -40.26 -68.18 -17.07
C ALA H 167 -39.22 -68.77 -16.13
N GLN H 168 -39.35 -70.06 -15.85
CA GLN H 168 -38.41 -70.78 -14.99
C GLN H 168 -37.02 -70.83 -15.61
N LEU H 169 -36.95 -70.98 -16.93
CA LEU H 169 -35.68 -71.01 -17.63
C LEU H 169 -34.95 -69.67 -17.52
N TYR H 170 -35.71 -68.59 -17.46
CA TYR H 170 -35.12 -67.26 -17.32
C TYR H 170 -34.56 -67.03 -15.92
N ALA H 171 -35.24 -67.59 -14.93
CA ALA H 171 -34.73 -67.58 -13.55
C ALA H 171 -33.44 -68.38 -13.46
N ASP H 172 -33.39 -69.51 -14.17
CA ASP H 172 -32.19 -70.35 -14.20
C ASP H 172 -30.99 -69.60 -14.80
N LEU H 173 -31.27 -68.72 -15.76
CA LEU H 173 -30.22 -67.87 -16.32
C LEU H 173 -29.73 -66.86 -15.28
N ASP H 174 -30.67 -66.19 -14.63
CA ASP H 174 -30.35 -65.25 -13.53
C ASP H 174 -29.48 -65.92 -12.47
N GLY H 175 -29.74 -67.20 -12.23
CA GLY H 175 -29.03 -67.98 -11.21
C GLY H 175 -27.55 -68.15 -11.52
N GLY H 176 -27.18 -67.83 -12.77
CA GLY H 176 -25.78 -67.82 -13.17
C GLY H 176 -25.01 -66.66 -12.59
N PHE H 177 -25.73 -65.64 -12.12
CA PHE H 177 -25.11 -64.47 -11.50
C PHE H 177 -25.00 -64.65 -9.99
N SER H 178 -24.13 -65.55 -9.57
CA SER H 178 -24.07 -65.97 -8.18
C SER H 178 -22.68 -65.81 -7.59
N HIS H 179 -22.63 -65.79 -6.26
CA HIS H 179 -21.36 -65.85 -5.54
C HIS H 179 -20.58 -67.09 -5.95
N ALA H 180 -21.30 -68.17 -6.22
CA ALA H 180 -20.68 -69.41 -6.70
C ALA H 180 -19.96 -69.18 -8.02
N ALA H 181 -20.67 -68.59 -8.99
CA ALA H 181 -20.09 -68.37 -10.31
C ALA H 181 -18.87 -67.45 -10.20
N TRP H 182 -18.94 -66.53 -9.24
CA TRP H 182 -17.84 -65.61 -8.96
C TRP H 182 -16.64 -66.32 -8.32
N LEU H 183 -16.90 -67.25 -7.41
CA LEU H 183 -15.83 -67.86 -6.60
C LEU H 183 -15.15 -69.04 -7.29
N LEU H 184 -15.95 -69.84 -7.98
CA LEU H 184 -15.50 -71.17 -8.39
C LEU H 184 -15.27 -71.27 -9.89
N PRO H 185 -14.35 -72.15 -10.31
CA PRO H 185 -14.10 -72.30 -11.73
C PRO H 185 -15.33 -72.85 -12.46
N GLY H 186 -15.52 -72.38 -13.68
CA GLY H 186 -16.67 -72.77 -14.47
C GLY H 186 -16.75 -74.25 -14.77
N TRP H 187 -15.62 -74.95 -14.66
CA TRP H 187 -15.61 -76.37 -14.99
C TRP H 187 -16.24 -77.26 -13.91
N LEU H 188 -16.52 -76.69 -12.75
CA LEU H 188 -17.22 -77.44 -11.69
C LEU H 188 -18.70 -77.61 -12.04
N PRO H 189 -19.20 -78.85 -11.92
CA PRO H 189 -20.58 -79.14 -12.28
C PRO H 189 -21.56 -78.82 -11.16
N LEU H 190 -21.61 -77.55 -10.77
CA LEU H 190 -22.59 -77.09 -9.79
C LEU H 190 -23.98 -77.09 -10.37
N PRO H 191 -24.98 -77.43 -9.54
CA PRO H 191 -26.37 -77.48 -9.99
C PRO H 191 -26.83 -76.19 -10.67
N SER H 192 -26.47 -75.04 -10.10
CA SER H 192 -26.90 -73.76 -10.68
C SER H 192 -26.18 -73.47 -12.00
N PHE H 193 -24.94 -73.93 -12.11
CA PHE H 193 -24.22 -73.87 -13.38
C PHE H 193 -24.94 -74.73 -14.41
N ARG H 194 -25.33 -75.93 -13.97
CA ARG H 194 -26.02 -76.90 -14.82
C ARG H 194 -27.39 -76.39 -15.27
N ARG H 195 -28.16 -75.87 -14.31
CA ARG H 195 -29.43 -75.24 -14.62
C ARG H 195 -29.23 -74.10 -15.62
N ARG H 196 -28.25 -73.25 -15.35
CA ARG H 196 -27.99 -72.09 -16.20
C ARG H 196 -27.72 -72.51 -17.65
N ASP H 197 -26.80 -73.46 -17.82
CA ASP H 197 -26.40 -73.90 -19.15
C ASP H 197 -27.53 -74.60 -19.89
N ARG H 198 -28.30 -75.40 -19.15
CA ARG H 198 -29.49 -76.08 -19.68
C ARG H 198 -30.53 -75.06 -20.16
N ALA H 199 -30.87 -74.12 -19.30
CA ALA H 199 -31.84 -73.08 -19.64
C ALA H 199 -31.36 -72.28 -20.84
N HIS H 200 -30.05 -72.04 -20.88
CA HIS H 200 -29.45 -71.28 -21.98
C HIS H 200 -29.69 -71.98 -23.31
N ARG H 201 -29.46 -73.28 -23.33
CA ARG H 201 -29.62 -74.06 -24.56
C ARG H 201 -31.09 -74.12 -24.97
N GLU H 202 -31.96 -74.38 -24.00
CA GLU H 202 -33.39 -74.51 -24.27
C GLU H 202 -34.02 -73.18 -24.72
N ILE H 203 -33.53 -72.07 -24.18
CA ILE H 203 -34.05 -70.75 -24.58
C ILE H 203 -33.54 -70.35 -25.96
N LYS H 204 -32.28 -70.68 -26.24
CA LYS H 204 -31.70 -70.40 -27.56
C LYS H 204 -32.44 -71.16 -28.66
N ASP H 205 -32.92 -72.35 -28.35
CA ASP H 205 -33.69 -73.14 -29.31
C ASP H 205 -35.00 -72.46 -29.67
N ILE H 206 -35.73 -71.99 -28.67
CA ILE H 206 -36.96 -71.24 -28.92
C ILE H 206 -36.67 -70.02 -29.81
N PHE H 207 -35.55 -69.36 -29.57
CA PHE H 207 -35.15 -68.19 -30.36
C PHE H 207 -34.72 -68.59 -31.77
N TYR H 208 -34.02 -69.72 -31.88
CA TYR H 208 -33.60 -70.23 -33.18
C TYR H 208 -34.80 -70.49 -34.09
N LYS H 209 -35.80 -71.17 -33.52
CA LYS H 209 -37.00 -71.53 -34.28
C LYS H 209 -37.80 -70.29 -34.68
N ALA H 210 -37.85 -69.31 -33.78
CA ALA H 210 -38.53 -68.05 -34.07
C ALA H 210 -37.78 -67.22 -35.10
N ILE H 211 -36.45 -67.31 -35.08
CA ILE H 211 -35.61 -66.50 -35.97
C ILE H 211 -35.83 -66.90 -37.44
N GLN H 212 -35.73 -68.19 -37.72
CA GLN H 212 -35.78 -68.69 -39.09
C GLN H 212 -37.21 -68.74 -39.63
N LYS H 213 -38.20 -68.87 -38.74
CA LYS H 213 -39.60 -68.75 -39.14
C LYS H 213 -39.90 -67.33 -39.63
N ARG H 214 -39.18 -66.36 -39.08
CA ARG H 214 -39.31 -64.97 -39.51
C ARG H 214 -38.42 -64.69 -40.71
N ARG H 215 -37.26 -65.34 -40.75
CA ARG H 215 -36.34 -65.19 -41.87
C ARG H 215 -36.93 -65.76 -43.16
N GLN H 216 -37.94 -66.63 -43.03
CA GLN H 216 -38.60 -67.24 -44.19
C GLN H 216 -39.99 -66.69 -44.49
N SER H 217 -40.54 -65.88 -43.59
CA SER H 217 -41.86 -65.27 -43.80
C SER H 217 -41.77 -64.07 -44.74
N GLN H 218 -42.83 -63.84 -45.52
CA GLN H 218 -42.91 -62.67 -46.40
C GLN H 218 -43.83 -61.58 -45.84
N GLU H 219 -44.37 -61.81 -44.65
CA GLU H 219 -45.39 -60.92 -44.06
C GLU H 219 -44.93 -59.49 -43.76
N LYS H 220 -43.63 -59.28 -43.59
CA LYS H 220 -43.07 -57.94 -43.31
C LYS H 220 -43.55 -57.36 -41.97
N ILE H 221 -43.19 -58.00 -40.86
CA ILE H 221 -43.54 -57.45 -39.55
C ILE H 221 -42.52 -56.41 -39.08
N ASP H 222 -43.01 -55.32 -38.50
CA ASP H 222 -42.16 -54.22 -38.05
C ASP H 222 -41.98 -54.25 -36.52
N ASP H 223 -40.96 -54.97 -36.07
CA ASP H 223 -40.64 -55.02 -34.64
C ASP H 223 -39.12 -55.04 -34.40
N ILE H 224 -38.74 -55.20 -33.13
CA ILE H 224 -37.33 -55.22 -32.74
C ILE H 224 -36.62 -56.43 -33.35
N LEU H 225 -37.25 -57.59 -33.24
CA LEU H 225 -36.70 -58.83 -33.76
C LEU H 225 -36.35 -58.66 -35.24
N GLN H 226 -37.21 -57.96 -35.97
CA GLN H 226 -36.95 -57.66 -37.38
C GLN H 226 -35.77 -56.72 -37.55
N THR H 227 -35.70 -55.69 -36.70
CA THR H 227 -34.57 -54.76 -36.74
C THR H 227 -33.24 -55.51 -36.62
N LEU H 228 -33.25 -56.59 -35.84
CA LEU H 228 -32.03 -57.36 -35.59
C LEU H 228 -31.68 -58.26 -36.77
N LEU H 229 -32.68 -58.90 -37.35
CA LEU H 229 -32.46 -59.80 -38.48
C LEU H 229 -31.93 -59.04 -39.70
N ASP H 230 -32.37 -57.80 -39.86
CA ASP H 230 -31.98 -56.99 -41.01
C ASP H 230 -30.70 -56.19 -40.77
N ALA H 231 -30.20 -56.22 -39.54
CA ALA H 231 -29.03 -55.42 -39.19
C ALA H 231 -27.75 -55.98 -39.80
N THR H 232 -26.75 -55.13 -39.89
CA THR H 232 -25.46 -55.46 -40.51
C THR H 232 -24.37 -54.65 -39.82
N TYR H 233 -23.22 -55.26 -39.58
CA TYR H 233 -22.07 -54.53 -39.05
C TYR H 233 -21.56 -53.57 -40.13
N LYS H 234 -20.67 -52.66 -39.75
CA LYS H 234 -20.03 -51.79 -40.73
C LYS H 234 -19.29 -52.61 -41.79
N ASP H 235 -18.86 -53.81 -41.39
CA ASP H 235 -18.26 -54.78 -42.31
C ASP H 235 -19.24 -55.15 -43.42
N GLY H 236 -20.53 -55.17 -43.08
CA GLY H 236 -21.57 -55.63 -44.00
C GLY H 236 -22.16 -56.96 -43.57
N ARG H 237 -21.47 -57.66 -42.68
CA ARG H 237 -21.95 -58.97 -42.24
C ARG H 237 -23.21 -58.82 -41.38
N PRO H 238 -24.28 -59.55 -41.75
CA PRO H 238 -25.47 -59.59 -40.91
C PRO H 238 -25.26 -60.45 -39.68
N LEU H 239 -26.11 -60.30 -38.68
CA LEU H 239 -25.99 -61.10 -37.45
C LEU H 239 -26.31 -62.55 -37.76
N THR H 240 -25.48 -63.46 -37.23
CA THR H 240 -25.82 -64.88 -37.26
C THR H 240 -27.00 -65.12 -36.32
N ASP H 241 -27.64 -66.27 -36.49
CA ASP H 241 -28.77 -66.62 -35.63
C ASP H 241 -28.34 -66.62 -34.16
N ASP H 242 -27.14 -67.11 -33.91
CA ASP H 242 -26.64 -67.23 -32.55
C ASP H 242 -26.42 -65.85 -31.92
N GLU H 243 -25.87 -64.93 -32.70
CA GLU H 243 -25.70 -63.55 -32.25
C GLU H 243 -27.06 -62.94 -31.88
N VAL H 244 -27.99 -63.00 -32.82
CA VAL H 244 -29.33 -62.46 -32.60
C VAL H 244 -29.92 -63.02 -31.32
N ALA H 245 -29.78 -64.34 -31.15
CA ALA H 245 -30.33 -65.02 -29.99
C ALA H 245 -29.68 -64.49 -28.72
N GLY H 246 -28.37 -64.32 -28.78
CA GLY H 246 -27.62 -63.74 -27.67
C GLY H 246 -28.15 -62.38 -27.26
N MET H 247 -28.49 -61.56 -28.25
CA MET H 247 -28.97 -60.21 -28.01
C MET H 247 -30.41 -60.21 -27.48
N LEU H 248 -31.20 -61.21 -27.85
CA LEU H 248 -32.56 -61.35 -27.33
C LEU H 248 -32.57 -61.73 -25.84
N ILE H 249 -31.65 -62.60 -25.44
CA ILE H 249 -31.53 -62.99 -24.04
C ILE H 249 -31.15 -61.78 -23.20
N GLY H 250 -30.14 -61.05 -23.65
CA GLY H 250 -29.72 -59.83 -22.98
C GLY H 250 -30.89 -58.86 -22.84
N LEU H 251 -31.58 -58.64 -23.96
CA LEU H 251 -32.66 -57.67 -24.00
C LEU H 251 -33.71 -57.93 -22.93
N LEU H 252 -34.04 -59.20 -22.71
CA LEU H 252 -35.07 -59.52 -21.73
C LEU H 252 -34.57 -59.30 -20.32
N LEU H 253 -33.36 -59.78 -20.06
CA LEU H 253 -32.74 -59.66 -18.74
C LEU H 253 -32.66 -58.18 -18.33
N ALA H 254 -32.08 -57.37 -19.21
CA ALA H 254 -31.96 -55.93 -18.99
C ALA H 254 -33.31 -55.23 -18.89
N GLY H 255 -34.29 -55.71 -19.65
CA GLY H 255 -35.59 -55.07 -19.74
C GLY H 255 -36.55 -55.44 -18.62
N GLN H 256 -36.22 -56.47 -17.84
CA GLN H 256 -37.14 -56.96 -16.81
C GLN H 256 -36.83 -56.43 -15.41
N HIS H 257 -35.70 -56.85 -14.86
CA HIS H 257 -35.43 -56.66 -13.44
C HIS H 257 -35.20 -55.19 -13.08
N THR H 258 -34.63 -54.44 -14.01
CA THR H 258 -34.41 -53.01 -13.80
C THR H 258 -35.73 -52.26 -13.71
N SER H 259 -36.70 -52.66 -14.52
CA SER H 259 -38.01 -52.01 -14.52
C SER H 259 -38.90 -52.52 -13.39
N SER H 260 -38.77 -53.80 -13.07
CA SER H 260 -39.67 -54.44 -12.10
C SER H 260 -39.35 -53.98 -10.68
N THR H 261 -38.07 -53.92 -10.36
CA THR H 261 -37.64 -53.46 -9.04
C THR H 261 -37.93 -51.97 -8.87
N THR H 262 -37.71 -51.21 -9.94
CA THR H 262 -37.93 -49.77 -9.90
C THR H 262 -39.42 -49.46 -9.77
N SER H 263 -40.22 -50.12 -10.61
CA SER H 263 -41.67 -49.96 -10.58
C SER H 263 -42.25 -50.31 -9.21
N ALA H 264 -41.70 -51.35 -8.59
CA ALA H 264 -42.18 -51.78 -7.27
C ALA H 264 -41.91 -50.72 -6.20
N TRP H 265 -40.68 -50.22 -6.18
CA TRP H 265 -40.30 -49.15 -5.25
C TRP H 265 -41.15 -47.89 -5.42
N MET H 266 -41.42 -47.52 -6.67
CA MET H 266 -42.22 -46.34 -6.94
C MET H 266 -43.61 -46.52 -6.34
N GLY H 267 -44.13 -47.74 -6.45
CA GLY H 267 -45.39 -48.11 -5.83
C GLY H 267 -45.48 -47.71 -4.37
N PHE H 268 -44.43 -48.00 -3.61
CA PHE H 268 -44.41 -47.73 -2.18
C PHE H 268 -44.12 -46.26 -1.87
N PHE H 269 -43.34 -45.62 -2.73
CA PHE H 269 -43.09 -44.19 -2.60
C PHE H 269 -44.39 -43.41 -2.82
N LEU H 270 -45.22 -43.93 -3.72
CA LEU H 270 -46.52 -43.31 -4.03
C LEU H 270 -47.57 -43.65 -2.99
N ALA H 271 -47.49 -44.86 -2.43
CA ALA H 271 -48.45 -45.29 -1.42
C ALA H 271 -48.20 -44.60 -0.08
N ARG H 272 -46.94 -44.23 0.16
CA ARG H 272 -46.58 -43.49 1.37
C ARG H 272 -46.97 -42.01 1.28
N ASP H 273 -46.94 -41.46 0.06
CA ASP H 273 -47.28 -40.06 -0.17
C ASP H 273 -48.57 -39.99 -0.97
N LYS H 274 -49.70 -40.06 -0.29
CA LYS H 274 -51.00 -40.16 -0.95
C LYS H 274 -51.37 -38.87 -1.68
N THR H 275 -50.93 -37.75 -1.14
CA THR H 275 -51.15 -36.45 -1.78
C THR H 275 -50.49 -36.45 -3.16
N LEU H 276 -49.28 -36.97 -3.21
CA LEU H 276 -48.50 -37.10 -4.43
C LEU H 276 -49.13 -38.13 -5.38
N GLN H 277 -49.61 -39.23 -4.81
CA GLN H 277 -50.29 -40.25 -5.62
C GLN H 277 -51.54 -39.67 -6.25
N LYS H 278 -52.31 -38.92 -5.47
CA LYS H 278 -53.53 -38.31 -5.98
C LYS H 278 -53.19 -37.42 -7.17
N LYS H 279 -52.17 -36.58 -6.99
CA LYS H 279 -51.71 -35.69 -8.05
C LYS H 279 -51.41 -36.44 -9.34
N CYS H 280 -50.76 -37.60 -9.22
CA CYS H 280 -50.42 -38.42 -10.39
C CYS H 280 -51.67 -38.88 -11.14
N TYR H 281 -52.69 -39.26 -10.39
CA TYR H 281 -53.96 -39.67 -10.99
C TYR H 281 -54.67 -38.49 -11.65
N LEU H 282 -54.65 -37.34 -10.98
CA LEU H 282 -55.28 -36.14 -11.54
C LEU H 282 -54.58 -35.72 -12.82
N GLU H 283 -53.26 -35.93 -12.86
CA GLU H 283 -52.47 -35.64 -14.06
C GLU H 283 -52.91 -36.51 -15.23
N GLN H 284 -53.30 -37.76 -14.95
CA GLN H 284 -53.81 -38.65 -15.98
C GLN H 284 -55.01 -38.00 -16.69
N LYS H 285 -55.97 -37.54 -15.90
CA LYS H 285 -57.18 -36.92 -16.41
C LYS H 285 -56.88 -35.59 -17.11
N THR H 286 -56.03 -34.78 -16.49
CA THR H 286 -55.65 -33.46 -17.04
C THR H 286 -55.07 -33.59 -18.44
N VAL H 287 -54.22 -34.60 -18.62
CA VAL H 287 -53.40 -34.74 -19.84
C VAL H 287 -54.11 -35.59 -20.90
N CYS H 288 -54.82 -36.61 -20.45
CA CYS H 288 -55.41 -37.59 -21.34
C CYS H 288 -56.92 -37.42 -21.47
N GLY H 289 -57.51 -36.67 -20.55
CA GLY H 289 -58.95 -36.42 -20.56
C GLY H 289 -59.67 -37.20 -19.46
N GLU H 290 -60.82 -36.66 -19.04
CA GLU H 290 -61.59 -37.23 -17.93
C GLU H 290 -62.14 -38.62 -18.25
N ASN H 291 -62.34 -38.90 -19.53
CA ASN H 291 -62.83 -40.21 -19.98
C ASN H 291 -61.76 -41.31 -19.90
N LEU H 292 -60.51 -40.91 -19.68
CA LEU H 292 -59.38 -41.85 -19.64
C LEU H 292 -59.39 -42.83 -20.81
N PRO H 293 -59.08 -42.33 -22.02
CA PRO H 293 -59.00 -43.14 -23.22
C PRO H 293 -57.69 -43.92 -23.30
N PRO H 294 -57.61 -44.90 -24.22
CA PRO H 294 -56.38 -45.66 -24.40
C PRO H 294 -55.14 -44.79 -24.51
N LEU H 295 -54.08 -45.21 -23.84
CA LEU H 295 -52.84 -44.44 -23.77
C LEU H 295 -52.11 -44.37 -25.10
N THR H 296 -51.41 -43.26 -25.30
CA THR H 296 -50.60 -43.06 -26.50
C THR H 296 -49.20 -42.62 -26.09
N TYR H 297 -48.25 -42.84 -27.00
CA TYR H 297 -46.88 -42.41 -26.77
C TYR H 297 -46.82 -40.91 -26.51
N ASP H 298 -47.62 -40.15 -27.25
CA ASP H 298 -47.59 -38.68 -27.16
C ASP H 298 -48.08 -38.19 -25.80
N GLN H 299 -49.08 -38.87 -25.24
CA GLN H 299 -49.59 -38.55 -23.91
C GLN H 299 -48.53 -38.81 -22.83
N LEU H 300 -47.82 -39.94 -22.95
CA LEU H 300 -46.77 -40.30 -21.98
C LEU H 300 -45.75 -39.17 -21.84
N LYS H 301 -45.40 -38.55 -22.96
CA LYS H 301 -44.42 -37.47 -22.97
C LYS H 301 -44.91 -36.24 -22.19
N ASP H 302 -46.22 -36.19 -21.92
CA ASP H 302 -46.81 -35.03 -21.24
C ASP H 302 -47.14 -35.31 -19.78
N LEU H 303 -46.90 -36.54 -19.33
CA LEU H 303 -47.07 -36.89 -17.91
C LEU H 303 -45.83 -36.52 -17.12
N ASN H 304 -45.69 -35.22 -16.87
CA ASN H 304 -44.48 -34.68 -16.27
C ASN H 304 -44.27 -35.16 -14.84
N LEU H 305 -45.36 -35.18 -14.06
CA LEU H 305 -45.27 -35.58 -12.66
C LEU H 305 -44.95 -37.06 -12.51
N LEU H 306 -45.60 -37.89 -13.34
CA LEU H 306 -45.27 -39.32 -13.35
C LEU H 306 -43.80 -39.49 -13.69
N ASP H 307 -43.33 -38.70 -14.65
CA ASP H 307 -41.93 -38.73 -15.10
C ASP H 307 -40.99 -38.41 -13.95
N ARG H 308 -41.30 -37.33 -13.23
CA ARG H 308 -40.48 -36.90 -12.09
C ARG H 308 -40.47 -37.94 -10.98
N CYS H 309 -41.59 -38.65 -10.83
CA CYS H 309 -41.69 -39.70 -9.82
C CYS H 309 -40.78 -40.89 -10.18
N ILE H 310 -40.75 -41.25 -11.46
CA ILE H 310 -39.81 -42.26 -11.94
C ILE H 310 -38.38 -41.76 -11.78
N LYS H 311 -38.12 -40.53 -12.21
CA LYS H 311 -36.79 -39.94 -12.10
C LYS H 311 -36.32 -40.01 -10.65
N GLU H 312 -37.23 -39.76 -9.73
CA GLU H 312 -36.92 -39.73 -8.29
C GLU H 312 -36.74 -41.12 -7.69
N THR H 313 -37.48 -42.09 -8.20
CA THR H 313 -37.35 -43.48 -7.75
C THR H 313 -35.97 -44.02 -8.13
N LEU H 314 -35.57 -43.77 -9.37
CA LEU H 314 -34.25 -44.19 -9.86
C LEU H 314 -33.15 -43.48 -9.09
N ARG H 315 -33.45 -42.31 -8.56
CA ARG H 315 -32.48 -41.60 -7.72
C ARG H 315 -32.23 -42.36 -6.43
N LEU H 316 -33.32 -42.76 -5.77
CA LEU H 316 -33.22 -43.33 -4.42
C LEU H 316 -33.03 -44.84 -4.44
N ARG H 317 -33.52 -45.50 -5.49
CA ARG H 317 -33.41 -46.95 -5.60
C ARG H 317 -32.97 -47.35 -7.00
N PRO H 318 -31.76 -46.94 -7.41
CA PRO H 318 -31.31 -47.40 -8.72
C PRO H 318 -31.06 -48.90 -8.75
N PRO H 319 -31.64 -49.61 -9.75
CA PRO H 319 -31.54 -51.07 -9.82
C PRO H 319 -30.11 -51.55 -9.98
N ILE H 320 -29.29 -50.79 -10.69
CA ILE H 320 -27.87 -51.07 -10.83
C ILE H 320 -27.11 -50.23 -9.81
N MET H 321 -26.76 -50.85 -8.68
CA MET H 321 -26.18 -50.12 -7.56
C MET H 321 -24.71 -49.81 -7.80
N ILE H 322 -24.10 -50.49 -8.77
CA ILE H 322 -22.67 -50.42 -8.95
C ILE H 322 -22.27 -50.53 -10.42
N MET H 323 -21.20 -49.83 -10.76
CA MET H 323 -20.52 -50.01 -12.02
C MET H 323 -19.03 -50.16 -11.78
N MET H 324 -18.45 -51.17 -12.40
CA MET H 324 -17.11 -51.61 -12.04
C MET H 324 -16.25 -51.82 -13.27
N ARG H 325 -15.00 -51.39 -13.18
CA ARG H 325 -14.02 -51.64 -14.22
C ARG H 325 -12.74 -52.21 -13.63
N MET H 326 -12.01 -52.95 -14.45
CA MET H 326 -10.65 -53.34 -14.12
C MET H 326 -9.68 -52.33 -14.74
N ALA H 327 -8.80 -51.77 -13.93
CA ALA H 327 -7.76 -50.87 -14.43
C ALA H 327 -6.64 -51.65 -15.09
N ARG H 328 -6.45 -51.41 -16.37
CA ARG H 328 -5.39 -52.07 -17.14
C ARG H 328 -4.12 -51.21 -17.17
N THR H 329 -4.30 -49.91 -17.07
CA THR H 329 -3.20 -48.94 -17.01
C THR H 329 -3.40 -48.01 -15.81
N PRO H 330 -2.33 -47.34 -15.35
CA PRO H 330 -2.46 -46.46 -14.19
C PRO H 330 -3.41 -45.29 -14.46
N GLN H 331 -4.12 -44.85 -13.43
CA GLN H 331 -5.12 -43.80 -13.57
C GLN H 331 -5.03 -42.79 -12.43
N THR H 332 -5.23 -41.53 -12.76
CA THR H 332 -5.10 -40.45 -11.78
C THR H 332 -6.46 -39.87 -11.46
N VAL H 333 -6.66 -39.51 -10.19
CA VAL H 333 -7.88 -38.86 -9.75
C VAL H 333 -7.70 -38.24 -8.36
N ALA H 334 -8.20 -37.02 -8.20
CA ALA H 334 -8.14 -36.32 -6.91
C ALA H 334 -6.76 -36.39 -6.26
N GLY H 335 -5.71 -36.41 -7.07
CA GLY H 335 -4.34 -36.37 -6.57
C GLY H 335 -3.73 -37.73 -6.32
N TYR H 336 -4.53 -38.78 -6.55
CA TYR H 336 -4.08 -40.15 -6.30
C TYR H 336 -3.84 -40.89 -7.60
N THR H 337 -2.98 -41.90 -7.52
CA THR H 337 -2.73 -42.79 -8.64
C THR H 337 -3.24 -44.20 -8.34
N ILE H 338 -4.02 -44.75 -9.26
CA ILE H 338 -4.57 -46.09 -9.14
C ILE H 338 -3.78 -47.06 -10.02
N PRO H 339 -3.19 -48.10 -9.39
CA PRO H 339 -2.41 -49.08 -10.15
C PRO H 339 -3.31 -50.00 -10.96
N PRO H 340 -2.77 -50.57 -12.05
CA PRO H 340 -3.50 -51.65 -12.69
C PRO H 340 -3.72 -52.81 -11.73
N GLY H 341 -4.81 -53.53 -11.90
CA GLY H 341 -5.16 -54.62 -11.00
C GLY H 341 -6.21 -54.23 -9.98
N HIS H 342 -6.32 -52.94 -9.71
CA HIS H 342 -7.44 -52.42 -8.92
C HIS H 342 -8.73 -52.55 -9.70
N GLN H 343 -9.83 -52.82 -8.99
CA GLN H 343 -11.14 -52.81 -9.58
C GLN H 343 -11.86 -51.55 -9.15
N VAL H 344 -12.12 -50.68 -10.12
CA VAL H 344 -12.52 -49.31 -9.84
C VAL H 344 -14.03 -49.21 -9.95
N CYS H 345 -14.64 -48.61 -8.93
CA CYS H 345 -16.08 -48.71 -8.75
C CYS H 345 -16.73 -47.34 -8.66
N VAL H 346 -17.98 -47.28 -9.12
CA VAL H 346 -18.83 -46.12 -8.93
C VAL H 346 -20.18 -46.56 -8.38
N SER H 347 -20.73 -45.81 -7.44
CA SER H 347 -22.06 -46.09 -6.90
C SER H 347 -23.05 -44.98 -7.26
N PRO H 348 -23.95 -45.26 -8.22
CA PRO H 348 -25.06 -44.35 -8.50
C PRO H 348 -25.82 -43.99 -7.23
N THR H 349 -26.06 -44.98 -6.38
CA THR H 349 -26.86 -44.81 -5.19
C THR H 349 -26.27 -43.76 -4.26
N VAL H 350 -24.98 -43.87 -4.00
CA VAL H 350 -24.28 -42.93 -3.13
C VAL H 350 -24.26 -41.53 -3.75
N ASN H 351 -23.76 -41.44 -4.98
CA ASN H 351 -23.71 -40.18 -5.71
C ASN H 351 -25.05 -39.45 -5.72
N GLN H 352 -26.11 -40.23 -5.91
CA GLN H 352 -27.45 -39.69 -6.12
C GLN H 352 -28.10 -39.28 -4.81
N ARG H 353 -27.28 -39.18 -3.76
CA ARG H 353 -27.78 -39.14 -2.40
C ARG H 353 -26.81 -38.37 -1.51
N LEU H 354 -25.74 -37.89 -2.12
CA LEU H 354 -24.66 -37.21 -1.40
C LEU H 354 -25.20 -35.97 -0.69
N LYS H 355 -25.08 -35.94 0.63
CA LYS H 355 -25.53 -34.81 1.44
C LYS H 355 -25.08 -33.46 0.87
N ASP H 356 -23.82 -33.39 0.46
CA ASP H 356 -23.20 -32.13 0.02
C ASP H 356 -23.88 -31.52 -1.21
N SER H 357 -24.61 -32.32 -1.97
CA SER H 357 -25.19 -31.83 -3.23
C SER H 357 -26.69 -32.10 -3.41
N TRP H 358 -27.27 -32.99 -2.61
CA TRP H 358 -28.72 -33.21 -2.64
C TRP H 358 -29.38 -32.71 -1.36
N VAL H 359 -30.18 -31.65 -1.50
CA VAL H 359 -30.90 -31.09 -0.37
C VAL H 359 -32.03 -32.04 0.03
N GLU H 360 -32.18 -32.27 1.34
CA GLU H 360 -33.09 -33.31 1.85
C GLU H 360 -32.91 -34.61 1.08
N ARG H 361 -31.72 -35.19 1.20
CA ARG H 361 -31.25 -36.26 0.32
C ARG H 361 -32.09 -37.53 0.37
N LEU H 362 -32.66 -37.84 1.52
CA LEU H 362 -33.37 -39.11 1.71
C LEU H 362 -34.88 -38.97 1.54
N ASP H 363 -35.31 -37.75 1.21
CA ASP H 363 -36.73 -37.48 0.97
C ASP H 363 -37.09 -37.81 -0.48
N PHE H 364 -38.21 -38.50 -0.65
CA PHE H 364 -38.77 -38.72 -1.97
C PHE H 364 -39.58 -37.49 -2.39
N ASN H 365 -38.93 -36.63 -3.17
CA ASN H 365 -39.53 -35.38 -3.61
C ASN H 365 -39.36 -35.17 -5.12
N PRO H 366 -40.36 -35.59 -5.90
CA PRO H 366 -40.32 -35.45 -7.36
C PRO H 366 -40.23 -34.00 -7.83
N ASP H 367 -40.70 -33.08 -7.00
CA ASP H 367 -40.66 -31.65 -7.36
C ASP H 367 -39.28 -31.04 -7.13
N ARG H 368 -38.33 -31.84 -6.67
CA ARG H 368 -36.97 -31.33 -6.45
C ARG H 368 -36.29 -30.97 -7.77
N TYR H 369 -36.79 -31.52 -8.87
CA TYR H 369 -36.19 -31.29 -10.20
C TYR H 369 -36.73 -30.03 -10.88
N LEU H 370 -37.67 -29.34 -10.24
CA LEU H 370 -38.19 -28.08 -10.75
C LEU H 370 -37.38 -26.88 -10.24
N GLN H 371 -36.40 -27.17 -9.39
CA GLN H 371 -35.44 -26.16 -8.98
C GLN H 371 -34.05 -26.56 -9.42
N ASP H 372 -33.05 -25.86 -8.90
CA ASP H 372 -31.66 -26.22 -9.14
C ASP H 372 -31.33 -27.52 -8.44
N ASN H 373 -30.73 -28.44 -9.18
CA ASN H 373 -30.39 -29.75 -8.66
C ASN H 373 -29.20 -30.33 -9.39
N PRO H 374 -28.51 -31.30 -8.78
CA PRO H 374 -27.29 -31.88 -9.35
C PRO H 374 -27.51 -32.73 -10.60
N ALA H 375 -28.74 -33.18 -10.85
CA ALA H 375 -29.04 -33.90 -12.09
C ALA H 375 -28.78 -33.00 -13.29
N SER H 376 -29.20 -31.74 -13.18
CA SER H 376 -28.90 -30.74 -14.19
C SER H 376 -27.63 -29.97 -13.84
N GLY H 377 -27.39 -29.76 -12.56
CA GLY H 377 -26.29 -28.92 -12.09
C GLY H 377 -24.91 -29.53 -12.24
N GLU H 378 -24.83 -30.86 -12.20
CA GLU H 378 -23.54 -31.55 -12.26
C GLU H 378 -23.52 -32.62 -13.34
N LYS H 379 -22.31 -33.10 -13.64
CA LYS H 379 -22.11 -34.07 -14.71
C LYS H 379 -22.59 -35.45 -14.28
N PHE H 380 -22.10 -35.93 -13.14
CA PHE H 380 -22.26 -37.33 -12.76
C PHE H 380 -22.78 -37.52 -11.34
N ALA H 381 -23.55 -36.57 -10.84
CA ALA H 381 -24.25 -36.75 -9.57
C ALA H 381 -25.47 -37.65 -9.78
N TYR H 382 -26.01 -37.61 -10.98
CA TYR H 382 -27.19 -38.41 -11.32
C TYR H 382 -26.89 -39.32 -12.51
N VAL H 383 -26.74 -40.61 -12.23
CA VAL H 383 -26.20 -41.53 -13.22
C VAL H 383 -26.82 -42.93 -13.19
N PRO H 384 -28.17 -43.02 -13.08
CA PRO H 384 -28.79 -44.34 -13.01
C PRO H 384 -28.75 -45.13 -14.31
N PHE H 385 -28.49 -44.46 -15.43
CA PHE H 385 -28.31 -45.13 -16.71
C PHE H 385 -26.86 -45.03 -17.16
N GLY H 386 -26.01 -44.64 -16.22
CA GLY H 386 -24.59 -44.54 -16.49
C GLY H 386 -24.27 -43.37 -17.39
N ALA H 387 -23.08 -43.43 -17.99
CA ALA H 387 -22.60 -42.38 -18.89
C ALA H 387 -21.32 -42.85 -19.58
N GLY H 388 -20.91 -42.14 -20.62
CA GLY H 388 -19.70 -42.50 -21.36
C GLY H 388 -19.87 -43.78 -22.16
N ARG H 389 -18.78 -44.52 -22.31
CA ARG H 389 -18.72 -45.62 -23.28
C ARG H 389 -19.66 -46.80 -22.97
N HIS H 390 -20.00 -47.01 -21.70
CA HIS H 390 -20.83 -48.15 -21.33
C HIS H 390 -22.27 -47.78 -20.97
N ARG H 391 -22.66 -46.55 -21.26
CA ARG H 391 -23.99 -46.04 -20.88
C ARG H 391 -25.12 -46.93 -21.37
N CYS H 392 -26.27 -46.81 -20.71
CA CYS H 392 -27.47 -47.55 -21.07
C CYS H 392 -28.01 -47.13 -22.45
N ILE H 393 -28.67 -48.06 -23.12
CA ILE H 393 -29.36 -47.77 -24.39
C ILE H 393 -30.88 -47.88 -24.24
N GLY H 394 -31.33 -48.39 -23.10
CA GLY H 394 -32.70 -48.83 -22.94
C GLY H 394 -33.53 -47.86 -22.12
N GLU H 395 -32.98 -46.68 -21.89
CA GLU H 395 -33.62 -45.69 -21.02
C GLU H 395 -35.02 -45.33 -21.51
N ASN H 396 -35.13 -44.93 -22.78
CA ASN H 396 -36.42 -44.51 -23.32
C ASN H 396 -37.45 -45.62 -23.20
N PHE H 397 -37.03 -46.85 -23.52
CA PHE H 397 -37.92 -47.99 -23.39
C PHE H 397 -38.38 -48.15 -21.95
N ALA H 398 -37.42 -48.19 -21.04
CA ALA H 398 -37.71 -48.36 -19.63
C ALA H 398 -38.76 -47.36 -19.17
N TYR H 399 -38.60 -46.11 -19.62
CA TYR H 399 -39.57 -45.07 -19.30
C TYR H 399 -40.92 -45.35 -19.98
N VAL H 400 -40.88 -45.81 -21.22
CA VAL H 400 -42.12 -46.19 -21.91
C VAL H 400 -42.85 -47.28 -21.13
N GLN H 401 -42.11 -48.32 -20.74
CA GLN H 401 -42.67 -49.45 -20.04
C GLN H 401 -43.20 -49.10 -18.65
N ILE H 402 -42.37 -48.41 -17.87
CA ILE H 402 -42.74 -48.07 -16.50
C ILE H 402 -43.90 -47.07 -16.49
N LYS H 403 -43.81 -46.02 -17.31
CA LYS H 403 -44.87 -45.02 -17.41
C LYS H 403 -46.21 -45.65 -17.79
N THR H 404 -46.18 -46.53 -18.79
CA THR H 404 -47.39 -47.18 -19.26
C THR H 404 -48.01 -48.04 -18.16
N ILE H 405 -47.21 -48.93 -17.60
CA ILE H 405 -47.66 -49.84 -16.56
C ILE H 405 -48.31 -49.08 -15.41
N TRP H 406 -47.64 -48.03 -14.94
CA TRP H 406 -48.08 -47.32 -13.74
C TRP H 406 -49.24 -46.36 -14.00
N SER H 407 -49.30 -45.81 -15.20
CA SER H 407 -50.47 -45.06 -15.62
C SER H 407 -51.68 -45.97 -15.46
N THR H 408 -51.62 -47.12 -16.10
CA THR H 408 -52.69 -48.12 -16.04
C THR H 408 -53.03 -48.50 -14.60
N MET H 409 -52.00 -48.77 -13.80
CA MET H 409 -52.20 -49.19 -12.42
C MET H 409 -52.86 -48.10 -11.58
N LEU H 410 -52.45 -46.86 -11.79
CA LEU H 410 -53.04 -45.72 -11.07
C LEU H 410 -54.51 -45.55 -11.43
N ARG H 411 -54.85 -45.83 -12.69
CA ARG H 411 -56.24 -45.75 -13.15
C ARG H 411 -57.09 -46.83 -12.49
N LEU H 412 -56.47 -47.98 -12.24
CA LEU H 412 -57.17 -49.15 -11.73
C LEU H 412 -57.32 -49.08 -10.21
N TYR H 413 -56.26 -48.67 -9.52
CA TYR H 413 -56.23 -48.79 -8.07
C TYR H 413 -55.72 -47.55 -7.35
N GLU H 414 -56.11 -47.45 -6.09
CA GLU H 414 -55.48 -46.57 -5.12
C GLU H 414 -54.67 -47.47 -4.19
N PHE H 415 -53.42 -47.09 -3.95
CA PHE H 415 -52.48 -47.97 -3.25
C PHE H 415 -52.13 -47.41 -1.87
N ASP H 416 -52.04 -48.29 -0.88
CA ASP H 416 -51.75 -47.86 0.49
C ASP H 416 -50.72 -48.75 1.18
N LEU H 417 -49.95 -48.15 2.08
CA LEU H 417 -49.10 -48.90 2.99
C LEU H 417 -49.95 -49.74 3.94
N ILE H 418 -49.37 -50.84 4.41
CA ILE H 418 -50.04 -51.71 5.36
C ILE H 418 -49.50 -51.46 6.76
N ASP H 419 -50.30 -50.76 7.57
CA ASP H 419 -49.89 -50.34 8.92
C ASP H 419 -48.63 -49.47 8.90
N GLY H 420 -48.48 -48.68 7.84
CA GLY H 420 -47.40 -47.69 7.76
C GLY H 420 -46.01 -48.25 7.55
N TYR H 421 -45.91 -49.53 7.21
CA TYR H 421 -44.62 -50.15 6.94
C TYR H 421 -44.11 -49.76 5.55
N PHE H 422 -42.91 -49.20 5.51
CA PHE H 422 -42.24 -48.92 4.25
C PHE H 422 -41.10 -49.92 4.04
N PRO H 423 -41.17 -50.71 2.97
CA PRO H 423 -40.21 -51.79 2.75
C PRO H 423 -38.77 -51.37 2.93
N THR H 424 -38.01 -52.20 3.62
CA THR H 424 -36.57 -52.04 3.73
C THR H 424 -35.89 -52.77 2.58
N VAL H 425 -34.58 -52.58 2.45
CA VAL H 425 -33.84 -53.08 1.29
C VAL H 425 -33.21 -54.45 1.56
N ASN H 426 -33.46 -55.40 0.66
CA ASN H 426 -32.78 -56.70 0.68
C ASN H 426 -31.46 -56.64 -0.07
N TYR H 427 -30.36 -56.59 0.69
CA TYR H 427 -29.05 -56.28 0.10
C TYR H 427 -28.30 -57.49 -0.45
N THR H 428 -28.72 -58.70 -0.08
CA THR H 428 -27.94 -59.90 -0.45
C THR H 428 -28.34 -60.49 -1.79
N THR H 429 -29.53 -60.15 -2.28
CA THR H 429 -29.89 -60.53 -3.65
C THR H 429 -29.22 -59.56 -4.61
N MET H 430 -29.08 -59.99 -5.86
CA MET H 430 -28.26 -59.27 -6.83
C MET H 430 -28.71 -57.83 -6.97
N ILE H 431 -29.96 -57.66 -7.42
CA ILE H 431 -30.58 -56.35 -7.45
C ILE H 431 -31.43 -56.18 -6.20
N HIS H 432 -31.17 -55.10 -5.47
CA HIS H 432 -31.77 -54.90 -4.16
C HIS H 432 -33.29 -54.75 -4.26
N THR H 433 -33.97 -55.81 -3.84
CA THR H 433 -35.42 -55.88 -3.91
C THR H 433 -36.00 -55.41 -2.59
N PRO H 434 -37.29 -55.02 -2.59
CA PRO H 434 -37.89 -54.59 -1.34
C PRO H 434 -38.18 -55.76 -0.40
N GLU H 435 -37.95 -55.54 0.89
CA GLU H 435 -38.34 -56.51 1.92
C GLU H 435 -39.86 -56.54 2.06
N ASN H 436 -40.41 -57.74 2.10
CA ASN H 436 -41.85 -57.93 2.30
C ASN H 436 -42.65 -56.98 1.40
N PRO H 437 -42.53 -57.13 0.08
CA PRO H 437 -43.12 -56.18 -0.85
C PRO H 437 -44.62 -56.42 -1.06
N VAL H 438 -45.37 -56.44 0.03
CA VAL H 438 -46.83 -56.56 -0.07
C VAL H 438 -47.48 -55.20 0.13
N ILE H 439 -48.41 -54.87 -0.75
CA ILE H 439 -49.07 -53.56 -0.75
C ILE H 439 -50.58 -53.72 -0.69
N ARG H 440 -51.22 -52.82 0.04
CA ARG H 440 -52.68 -52.75 0.06
C ARG H 440 -53.17 -51.91 -1.10
N TYR H 441 -54.24 -52.37 -1.74
CA TYR H 441 -54.81 -51.68 -2.88
C TYR H 441 -56.33 -51.76 -2.85
N LYS H 442 -56.98 -50.71 -3.36
CA LYS H 442 -58.42 -50.71 -3.53
C LYS H 442 -58.78 -50.03 -4.85
N ARG H 443 -59.85 -50.51 -5.47
CA ARG H 443 -60.32 -49.92 -6.72
C ARG H 443 -60.40 -48.41 -6.62
N ARG H 444 -60.03 -47.76 -7.70
CA ARG H 444 -60.05 -46.31 -7.79
C ARG H 444 -61.47 -45.82 -8.08
N SER H 445 -61.94 -44.82 -7.33
CA SER H 445 -63.30 -44.30 -7.50
C SER H 445 -63.58 -43.96 -8.96
CHA HEM I . 1.11 8.38 -10.53
CHB HEM I . 0.11 4.25 -8.23
CHC HEM I . -2.93 3.01 -11.81
CHD HEM I . -1.56 6.91 -14.30
C1A HEM I . 1.07 7.37 -9.61
C2A HEM I . 1.81 7.38 -8.42
C3A HEM I . 1.53 6.21 -7.77
C4A HEM I . 0.64 5.48 -8.56
CMA HEM I . 2.09 5.79 -6.43
CAA HEM I . 2.71 8.49 -7.94
CBA HEM I . 4.03 8.49 -8.73
CGA HEM I . 5.03 9.42 -8.10
O1A HEM I . 6.22 9.42 -8.48
O2A HEM I . 4.68 10.21 -7.19
C1B HEM I . -0.82 3.58 -9.03
C2B HEM I . -1.42 2.35 -8.64
C3B HEM I . -2.28 1.99 -9.64
C4B HEM I . -2.19 3.05 -10.64
CMB HEM I . -1.13 1.61 -7.36
CAB HEM I . -3.18 0.82 -9.76
CBB HEM I . -3.42 0.01 -8.74
C1C HEM I . -2.82 3.97 -12.81
C2C HEM I . -3.56 3.98 -13.98
C3C HEM I . -3.15 5.08 -14.71
C4C HEM I . -2.16 5.74 -13.94
CMC HEM I . -4.60 2.94 -14.38
CAC HEM I . -3.74 5.58 -15.97
CBC HEM I . -5.01 5.29 -16.24
C1D HEM I . -0.73 7.60 -13.43
C2D HEM I . -0.17 8.88 -13.80
C3D HEM I . 0.58 9.28 -12.76
C4D HEM I . 0.45 8.26 -11.74
CMD HEM I . -0.39 9.60 -15.11
CAD HEM I . 1.32 10.59 -12.64
CBD HEM I . 2.84 10.42 -12.77
CGD HEM I . 3.51 11.76 -12.51
O1D HEM I . 4.76 11.83 -12.44
O2D HEM I . 2.82 12.79 -12.36
NA HEM I . 0.42 6.16 -9.72
NB HEM I . -1.29 3.95 -10.21
NC HEM I . -1.95 5.01 -12.81
ND HEM I . -0.33 7.25 -12.19
FE HEM I . -0.81 5.73 -11.22
CAO VFV J . 2.56 9.03 -18.25
CAK VFV J . 1.89 9.79 -19.19
CBD VFV J . 0.69 9.32 -19.72
FAB VFV J . 0.07 10.05 -20.63
CAJ VFV J . 0.16 8.11 -19.32
CAN VFV J . 0.84 7.35 -18.36
CBG VFV J . 2.03 7.82 -17.83
CBJ VFV J . 2.73 7.06 -16.90
CAV VFV J . 2.68 5.69 -17.02
CBE VFV J . 3.36 4.90 -16.12
FAC VFV J . 3.27 3.61 -16.25
CAR VFV J . 3.50 7.65 -15.90
CAS VFV J . 4.20 6.85 -14.99
CBK VFV J . 4.14 5.47 -15.10
CBN VFV J . 4.78 4.62 -14.19
CAW VFV J . 4.27 4.89 -12.77
NBO VFV J . 2.83 4.56 -12.64
CAT VFV J . 2.18 3.49 -13.08
CAG VFV J . 0.91 3.63 -12.71
NAX VFV J . 0.78 4.78 -12.05
CAU VFV J . 1.98 5.35 -11.99
NBA VFV J . 6.24 4.81 -14.14
CBC VFV J . 7.04 3.96 -14.78
OAA VFV J . 6.60 3.01 -15.44
CBF VFV J . 8.40 4.03 -14.49
CAM VFV J . 9.17 2.89 -14.75
CAQ VFV J . 10.52 2.87 -14.43
CAL VFV J . 8.98 5.12 -13.84
CAP VFV J . 10.34 5.08 -13.52
CBI VFV J . 11.11 3.98 -13.86
CBM VFV J . 12.39 3.91 -13.46
OBB VFV J . 13.03 2.76 -13.29
NAZ VFV J . 13.09 4.92 -12.94
NAY VFV J . 14.20 4.45 -12.56
CBL VFV J . 14.19 3.13 -12.80
CBH VFV J . 15.16 2.30 -12.46
CAI VFV J . 15.11 0.95 -12.78
CAF VFV J . 16.12 0.09 -12.36
CAD VFV J . 17.18 0.59 -11.61
CAE VFV J . 17.21 1.95 -11.26
CAH VFV J . 16.20 2.79 -11.68
CAO VFV K . 21.22 -2.75 -9.30
CAK VFV K . 22.12 -3.64 -9.87
CBD VFV K . 23.26 -3.16 -10.49
FAB VFV K . 24.13 -4.02 -11.04
CAJ VFV K . 23.49 -1.80 -10.55
CAN VFV K . 22.61 -0.90 -9.97
CBG VFV K . 21.46 -1.38 -9.38
CBJ VFV K . 20.57 -0.51 -8.77
CAV VFV K . 20.88 0.81 -8.56
CBE VFV K . 20.03 1.67 -7.93
FAC VFV K . 20.36 2.94 -7.76
CAR VFV K . 19.36 -0.99 -8.28
CAS VFV K . 18.50 -0.12 -7.65
CBK VFV K . 18.81 1.20 -7.50
CBN VFV K . 17.98 2.05 -6.78
CAW VFV K . 17.97 1.51 -5.35
NBO VFV K . 17.20 2.34 -4.43
CAT VFV K . 16.00 2.00 -3.98
CAG VFV K . 15.59 2.94 -3.15
NAX VFV K . 16.55 3.87 -3.06
CAU VFV K . 17.55 3.48 -3.85
NBA VFV K . 16.62 2.06 -7.33
CBC VFV K . 16.16 3.13 -7.99
OAA VFV K . 16.80 4.18 -8.11
CBF VFV K . 14.86 3.05 -8.49
CAM VFV K . 14.26 1.82 -8.73
CAQ VFV K . 12.97 1.78 -9.23
CAL VFV K . 14.18 4.22 -8.74
CAP VFV K . 12.89 4.19 -9.25
CBI VFV K . 12.27 2.97 -9.46
CBM VFV K . 11.06 2.95 -9.99
OBB VFV K . 10.51 2.02 -10.60
NAZ VFV K . 10.29 4.03 -10.18
NAY VFV K . 9.31 3.65 -10.69
CBL VFV K . 9.42 2.39 -11.00
CBH VFV K . 8.55 1.64 -11.63
CAI VFV K . 8.93 0.44 -12.17
CAF VFV K . 8.02 -0.32 -12.88
CAD VFV K . 6.72 0.12 -13.07
CAE VFV K . 6.35 1.33 -12.54
CAH VFV K . 7.28 2.10 -11.85
CHA HEM L . 2.20 14.44 46.79
CHB HEM L . -0.29 14.24 42.67
CHC HEM L . -3.95 16.67 44.81
CHD HEM L . -1.13 17.41 48.67
C1A HEM L . 1.79 14.14 45.52
C2A HEM L . 2.56 13.38 44.61
C3A HEM L . 1.86 13.33 43.44
C4A HEM L . 0.69 14.08 43.63
CMA HEM L . 2.27 12.59 42.20
CAA HEM L . 3.88 12.70 44.87
CBA HEM L . 5.02 13.73 44.82
CGA HEM L . 6.36 13.05 44.67
O1A HEM L . 7.38 13.73 44.39
O2A HEM L . 6.47 11.82 44.82
C1B HEM L . -1.50 14.88 42.94
C2B HEM L . -2.55 14.93 41.99
C3B HEM L . -3.57 15.62 42.56
C4B HEM L . -3.14 15.96 43.92
CMB HEM L . -2.49 14.34 40.61
CAB HEM L . -4.91 15.88 42.01
CBB HEM L . -5.37 15.14 41.02
C1C HEM L . -3.51 17.09 46.05
C2C HEM L . -4.26 17.80 47.00
C3C HEM L . -3.43 18.03 48.09
C4C HEM L . -2.19 17.43 47.81
CMC HEM L . -5.68 18.24 46.82
CAC HEM L . -3.78 18.63 49.39
CBC HEM L . -5.02 18.51 49.87
C1D HEM L . -0.02 16.62 48.42
C2D HEM L . 1.02 16.49 49.42
C3D HEM L . 1.96 15.69 48.89
C4D HEM L . 1.46 15.29 47.59
CMD HEM L . 1.08 17.16 50.77
CAD HEM L . 3.21 15.23 49.59
CBD HEM L . 4.48 15.66 48.86
CGD HEM L . 5.66 15.02 49.56
O1D HEM L . 6.83 15.34 49.24
O2D HEM L . 5.48 14.18 50.46
NA HEM L . 0.67 14.60 44.88
NB HEM L . -1.88 15.52 44.06
NC HEM L . -2.26 16.88 46.56
ND HEM L . 0.30 15.91 47.33
FE HEM L . -0.75 15.67 45.79
CAO VFV M . 3.43 21.05 50.93
CAK VFV M . 3.14 21.23 52.27
CBD VFV M . 1.83 21.51 52.67
FAB VFV M . 1.56 21.68 53.97
CAJ VFV M . 0.81 21.61 51.73
CAN VFV M . 1.11 21.43 50.38
CBG VFV M . 2.41 21.17 49.98
CBJ VFV M . 2.69 20.97 48.65
CAV VFV M . 1.94 21.64 47.70
CBE VFV M . 2.18 21.43 46.35
FAC VFV M . 1.46 22.06 45.51
CAR VFV M . 3.70 20.09 48.26
CAS VFV M . 3.95 19.88 46.90
CBK VFV M . 3.19 20.56 45.94
CBN VFV M . 3.40 20.37 44.57
CAW VFV M . 3.17 18.91 44.21
NBO VFV M . 1.77 18.54 44.37
CAT VFV M . 0.69 19.21 43.96
CAG VFV M . -0.38 18.50 44.32
NAX VFV M . 0.05 17.40 44.95
CAU VFV M . 1.37 17.42 44.98
NBA VFV M . 4.79 20.66 44.17
CBC VFV M . 5.15 21.88 43.75
OAA VFV M . 4.37 22.83 43.71
CBF VFV M . 6.41 21.96 43.14
CAM VFV M . 6.59 22.91 42.14
CAQ VFV M . 7.81 23.00 41.47
CAL VFV M . 7.44 21.07 43.43
CAP VFV M . 8.66 21.16 42.76
CBI VFV M . 8.85 22.14 41.80
CBM VFV M . 9.97 22.23 41.06
OBB VFV M . 9.97 22.84 39.90
NAZ VFV M . 11.14 21.64 41.28
NAY VFV M . 11.91 21.95 40.28
CBL VFV M . 11.20 22.70 39.45
CBH VFV M . 11.56 23.20 38.26
CAI VFV M . 10.73 24.10 37.63
CAF VFV M . 11.02 24.59 36.37
CAD VFV M . 12.17 24.15 35.72
CAE VFV M . 13.00 23.23 36.34
CAH VFV M . 12.70 22.74 37.61
CAO VFV N . 14.85 24.61 30.22
CAK VFV N . 15.18 25.77 29.53
CBD VFV N . 16.07 26.68 30.09
FAB VFV N . 16.38 27.80 29.44
CAJ VFV N . 16.62 26.44 31.34
CAN VFV N . 16.29 25.28 32.03
CBG VFV N . 15.38 24.38 31.48
CBJ VFV N . 15.09 23.20 32.12
CAV VFV N . 16.07 22.56 32.86
CBE VFV N . 15.80 21.34 33.47
FAC VFV N . 16.73 20.76 34.16
CAR VFV N . 13.85 22.58 31.94
CAS VFV N . 13.58 21.36 32.55
CBK VFV N . 14.55 20.76 33.34
CBN VFV N . 14.32 19.49 33.89
CAW VFV N . 14.20 18.54 32.70
NBO VFV N . 13.98 17.16 33.13
CAT VFV N . 12.79 16.56 33.13
CAG VFV N . 12.96 15.32 33.57
NAX VFV N . 14.25 15.15 33.84
CAU VFV N . 14.89 16.29 33.56
NBA VFV N . 13.09 19.47 34.71
CBC VFV N . 13.15 19.36 36.05
OAA VFV N . 14.20 19.30 36.68
CBF VFV N . 11.93 19.41 36.71
CAM VFV N . 10.79 19.95 36.13
CAQ VFV N . 9.60 20.02 36.84
CAL VFV N . 11.87 18.94 38.02
CAP VFV N . 10.68 19.02 38.73
CBI VFV N . 9.54 19.52 38.14
CBM VFV N . 8.42 19.60 38.85
OBB VFV N . 7.43 20.36 38.55
NAZ VFV N . 8.22 19.03 40.03
NAY VFV N . 7.17 19.34 40.42
CBL VFV N . 6.64 20.17 39.53
CBH VFV N . 5.46 20.77 39.64
CAI VFV N . 5.09 21.75 38.73
CAF VFV N . 3.87 22.40 38.85
CAD VFV N . 3.01 22.07 39.90
CAE VFV N . 3.38 21.09 40.82
CAH VFV N . 4.61 20.44 40.69
CHA HEM O . -52.19 -27.24 -42.68
CHB HEM O . -48.99 -24.94 -39.89
CHC HEM O . -45.35 -27.23 -42.20
CHD HEM O . -48.55 -28.94 -45.38
C1A HEM O . -51.62 -26.46 -41.71
C2A HEM O . -52.35 -25.66 -40.81
C3A HEM O . -51.45 -25.02 -40.03
C4A HEM O . -50.16 -25.38 -40.46
CMA HEM O . -51.78 -24.06 -38.91
CAA HEM O . -53.85 -25.57 -40.69
CBA HEM O . -54.40 -24.54 -41.70
CGA HEM O . -55.88 -24.29 -41.46
O1A HEM O . -56.44 -23.32 -42.00
O2A HEM O . -56.54 -25.07 -40.73
C1B HEM O . -47.72 -25.40 -40.29
C2B HEM O . -46.52 -25.02 -39.63
C3B HEM O . -45.49 -25.65 -40.26
C4B HEM O . -46.11 -26.46 -41.33
CMB HEM O . -46.45 -24.08 -38.45
CAB HEM O . -44.05 -25.65 -39.96
CBB HEM O . -43.59 -25.14 -38.82
C1C HEM O . -45.91 -27.89 -43.28
C2C HEM O . -45.21 -28.73 -44.15
C3C HEM O . -46.12 -29.21 -45.08
C4C HEM O . -47.39 -28.66 -44.74
CMC HEM O . -43.73 -29.02 -44.07
CAC HEM O . -45.88 -30.18 -46.14
CBC HEM O . -44.86 -31.02 -46.06
C1D HEM O . -49.78 -28.61 -44.84
C2D HEM O . -51.01 -29.06 -45.47
C3D HEM O . -52.02 -28.56 -44.73
C4D HEM O . -51.39 -27.86 -43.62
CMD HEM O . -51.11 -29.88 -46.72
CAD HEM O . -53.49 -28.79 -44.92
CBD HEM O . -54.24 -27.58 -45.46
CGD HEM O . -55.73 -27.87 -45.40
O1D HEM O . -56.57 -26.97 -45.66
O2D HEM O . -56.13 -29.00 -45.06
NA HEM O . -50.29 -26.21 -41.54
NB HEM O . -47.42 -26.24 -41.28
NC HEM O . -47.23 -27.85 -43.66
ND HEM O . -50.05 -27.90 -43.74
FE HEM O . -48.84 -27.15 -42.53
CAO VFV P . -51.85 -28.07 -50.12
CAK VFV P . -51.76 -29.24 -50.86
CBD VFV P . -50.52 -29.68 -51.33
FAB VFV P . -50.43 -30.77 -52.04
CAJ VFV P . -49.37 -28.95 -51.05
CAN VFV P . -49.47 -27.78 -50.30
CBG VFV P . -50.71 -27.34 -49.85
CBJ VFV P . -50.73 -26.17 -49.10
CAV VFV P . -49.55 -25.46 -49.02
CBE VFV P . -49.50 -24.29 -48.29
FAC VFV P . -48.33 -23.63 -48.25
CAR VFV P . -51.87 -25.71 -48.44
CAS VFV P . -51.81 -24.52 -47.70
CBK VFV P . -50.62 -23.80 -47.63
CBN VFV P . -50.50 -22.64 -46.87
CAW VFV P . -50.67 -22.92 -45.38
NBO VFV P . -49.69 -23.89 -44.87
CAT VFV P . -48.42 -24.01 -45.22
CAG VFV P . -47.89 -24.99 -44.49
NAX VFV P . -48.84 -25.49 -43.71
CAU VFV P . -49.95 -24.80 -43.93
NBA VFV P . -51.51 -21.64 -47.22
CBC VFV P . -51.23 -20.64 -48.07
OAA VFV P . -50.12 -20.52 -48.61
CBF VFV P . -52.14 -19.60 -48.13
CAM VFV P . -51.66 -18.34 -48.47
CAQ VFV P . -52.51 -17.25 -48.49
CAL VFV P . -53.47 -19.75 -47.73
CAP VFV P . -54.33 -18.66 -47.74
CBI VFV P . -53.85 -17.41 -48.15
CBM VFV P . -54.61 -16.32 -48.11
OBB VFV P . -54.10 -15.07 -48.06
NAZ VFV P . -55.94 -16.27 -47.96
NAY VFV P . -56.27 -15.05 -47.88
CBL VFV P . -55.17 -14.30 -47.94
CBH VFV P . -55.15 -12.97 -47.86
CAI VFV P . -54.00 -12.23 -48.10
CAF VFV P . -54.01 -10.84 -47.98
CAD VFV P . -55.18 -10.19 -47.61
CAE VFV P . -56.33 -10.92 -47.36
CAH VFV P . -56.32 -12.31 -47.48
CAO VFV Q . -55.34 -4.88 -46.12
CAK VFV Q . -55.16 -3.71 -46.84
CBD VFV Q . -56.22 -3.18 -47.57
FAB VFV Q . -56.06 -2.10 -48.24
CAJ VFV Q . -57.47 -3.79 -47.57
CAN VFV Q . -57.63 -4.95 -46.84
CBG VFV Q . -56.57 -5.51 -46.14
CBJ VFV Q . -56.85 -6.65 -45.42
CAV VFV Q . -58.18 -6.94 -45.26
CBE VFV Q . -58.57 -8.04 -44.53
FAC VFV Q . -59.82 -8.30 -44.41
CAR VFV Q . -55.87 -7.42 -44.80
CAS VFV Q . -56.25 -8.52 -44.06
CBK VFV Q . -57.60 -8.85 -43.96
CBN VFV Q . -58.02 -9.89 -43.17
CAW VFV Q . -58.06 -9.30 -41.75
NBO VFV Q . -58.57 -10.22 -40.76
CAT VFV Q . -57.81 -10.88 -39.90
CAG VFV Q . -58.61 -11.60 -39.11
NAX VFV Q . -59.87 -11.36 -39.47
CAU VFV Q . -59.85 -10.49 -40.47
NBA VFV Q . -57.09 -11.02 -43.28
CBC VFV Q . -57.51 -12.16 -43.85
OAA VFV Q . -58.66 -12.32 -44.28
CBF VFV Q . -56.56 -13.17 -43.99
CAM VFV Q . -55.19 -12.90 -43.91
CAQ VFV Q . -54.26 -13.91 -44.06
CAL VFV Q . -56.97 -14.47 -44.26
CAP VFV Q . -56.03 -15.48 -44.43
CBI VFV Q . -54.68 -15.21 -44.33
CBM VFV Q . -53.78 -16.19 -44.51
OBB VFV Q . -52.48 -16.01 -44.56
NAZ VFV Q . -54.09 -17.47 -44.64
NAY VFV Q . -53.07 -18.09 -44.77
CBL VFV Q . -52.05 -17.23 -44.70
CBH VFV Q . -50.77 -17.57 -44.85
CAI VFV Q . -49.77 -16.61 -44.74
CAF VFV Q . -48.43 -16.95 -44.91
CAD VFV Q . -48.10 -18.26 -45.21
CAE VFV Q . -49.09 -19.22 -45.34
CAH VFV Q . -50.42 -18.88 -45.15
CHA HEM R . -35.58 15.46 -65.31
CHB HEM R . -33.42 11.67 -67.38
CHC HEM R . -30.08 11.68 -63.84
CHD HEM R . -32.54 15.16 -61.59
C1A HEM R . -35.24 14.46 -66.17
C2A HEM R . -35.94 14.19 -67.36
C3A HEM R . -35.34 13.13 -67.94
C4A HEM R . -34.27 12.71 -67.11
CMA HEM R . -35.75 12.48 -69.24
CAA HEM R . -37.12 14.95 -67.90
CBA HEM R . -38.40 14.52 -67.18
CGA HEM R . -39.62 15.03 -67.90
O1A HEM R . -40.73 14.48 -67.73
O2A HEM R . -39.54 16.02 -68.67
C1B HEM R . -32.31 11.37 -66.58
C2B HEM R . -31.38 10.36 -66.91
C3B HEM R . -30.44 10.33 -65.92
C4B HEM R . -30.82 11.40 -64.98
CMB HEM R . -31.46 9.46 -68.11
CAB HEM R . -29.21 9.51 -65.79
CBB HEM R . -28.73 8.82 -66.81
C1C HEM R . -30.45 12.63 -62.91
C2C HEM R . -29.73 12.98 -61.78
C3C HEM R . -30.45 13.97 -61.12
C4C HEM R . -31.60 14.22 -61.90
CMC HEM R . -28.42 12.37 -61.36
CAC HEM R . -30.05 14.77 -59.95
CBC HEM R . -28.77 15.09 -59.80
C1D HEM R . -33.55 15.50 -62.48
C2D HEM R . -34.47 16.59 -62.17
C3D HEM R . -35.32 16.67 -63.19
C4D HEM R . -34.90 15.64 -64.14
CMD HEM R . -34.47 17.45 -60.94
CAD HEM R . -36.44 17.68 -63.35
CBD HEM R . -37.79 17.02 -63.63
CGD HEM R . -38.89 18.06 -63.71
O1D HEM R . -40.09 17.73 -63.55
O2D HEM R . -38.61 19.25 -63.96
NA HEM R . -34.27 13.50 -66.01
NB HEM R . -31.95 11.95 -65.43
NC HEM R . -31.60 13.36 -62.96
ND HEM R . -33.86 14.95 -63.66
FE HEM R . -32.94 13.57 -64.55
CAO VFV S . -37.34 16.12 -57.81
CAK VFV S . -36.89 17.13 -56.96
CBD VFV S . -35.62 17.07 -56.42
FAB VFV S . -35.19 18.03 -55.61
CAJ VFV S . -34.77 16.01 -56.74
CAN VFV S . -35.21 15.02 -57.60
CBG VFV S . -36.49 15.07 -58.13
CBJ VFV S . -36.90 14.05 -58.97
CAV VFV S . -36.33 12.81 -58.79
CBE VFV S . -36.65 11.75 -59.61
FAC VFV S . -36.07 10.58 -59.40
CAR VFV S . -37.83 14.22 -60.00
CAS VFV S . -38.16 13.16 -60.83
CBK VFV S . -37.58 11.90 -60.63
CBN VFV S . -37.86 10.80 -61.46
CAW VFV S . -37.43 11.10 -62.89
NBO VFV S . -35.98 11.29 -63.01
CAT VFV S . -35.00 10.47 -62.64
CAG VFV S . -33.85 11.04 -62.98
NAX VFV S . -34.11 12.20 -63.59
CAU VFV S . -35.44 12.34 -63.61
NBA VFV S . -39.29 10.50 -61.53
CBC VFV S . -39.84 9.58 -60.71
OAA VFV S . -39.19 8.96 -59.87
CBF VFV S . -41.13 9.18 -61.04
CAM VFV S . -41.51 7.90 -60.70
CAQ VFV S . -42.77 7.43 -61.04
CAL VFV S . -41.99 10.00 -61.79
CAP VFV S . -43.25 9.53 -62.14
CBI VFV S . -43.65 8.25 -61.74
CBM VFV S . -44.82 7.73 -62.11
OBB VFV S . -45.05 6.41 -62.14
NAZ VFV S . -45.86 8.38 -62.64
NAY VFV S . -46.73 7.53 -62.92
CBL VFV S . -46.26 6.32 -62.61
CBH VFV S . -46.90 5.17 -62.80
CAI VFV S . -46.36 3.98 -62.33
CAF VFV S . -47.03 2.77 -62.56
CAD VFV S . -48.22 2.76 -63.28
CAE VFV S . -48.76 3.96 -63.75
CAH VFV S . -48.09 5.16 -63.52
CAO VFV T . -51.42 -1.40 -65.87
CAK VFV T . -52.11 -2.45 -65.26
CBD VFV T . -53.08 -2.17 -64.31
FAB VFV T . -53.74 -3.17 -63.73
CAJ VFV T . -53.37 -0.86 -63.96
CAN VFV T . -52.69 0.18 -64.57
CBG VFV T . -51.67 -0.10 -65.48
CBJ VFV T . -51.06 0.95 -66.15
CAV VFV T . -51.85 2.05 -66.43
CBE VFV T . -51.33 3.11 -67.15
FAC VFV T . -52.07 4.13 -67.36
CAR VFV T . -49.77 0.87 -66.68
CAS VFV T . -49.25 1.94 -67.40
CBK VFV T . -50.02 3.08 -67.60
CBN VFV T . -49.57 4.12 -68.40
CAW VFV T . -49.47 3.56 -69.81
NBO VFV T . -48.96 4.52 -70.79
CAT VFV T . -47.68 4.66 -71.08
CAG VFV T . -47.57 5.58 -72.03
NAX VFV T . -48.79 6.00 -72.33
CAU VFV T . -49.67 5.34 -71.57
NBA VFV T . -48.26 4.61 -67.95
CBC VFV T . -48.13 5.82 -67.37
OAA VFV T . -49.08 6.57 -67.17
CBF VFV T . -46.86 6.14 -66.90
CAM VFV T . -45.88 5.18 -66.74
CAQ VFV T . -44.64 5.53 -66.23
CAL VFV T . -46.60 7.46 -66.54
CAP VFV T . -45.36 7.82 -66.03
CBI VFV T . -44.37 6.86 -65.90
CBM VFV T . -43.20 7.23 -65.38
OBB VFV T . -42.37 6.43 -64.86
NAZ VFV T . -42.78 8.48 -65.27
NAY VFV T . -41.72 8.47 -64.73
CBL VFV T . -41.42 7.20 -64.46
CBH VFV T . -40.33 6.75 -63.85
CAI VFV T . -40.13 5.39 -63.74
CAF VFV T . -39.02 4.91 -63.08
CAD VFV T . -38.09 5.79 -62.54
CAE VFV T . -38.29 7.16 -62.65
CAH VFV T . -39.42 7.65 -63.30
CHA HEM U . 24.79 41.91 76.76
CHB HEM U . 29.14 43.68 77.87
CHC HEM U . 30.59 39.23 79.19
CHD HEM U . 26.43 37.43 77.55
C1A HEM U . 25.85 42.74 77.00
C2A HEM U . 25.79 44.13 76.80
C3A HEM U . 27.01 44.63 77.10
C4A HEM U . 27.83 43.56 77.48
CMA HEM U . 27.43 46.08 77.04
CAA HEM U . 24.59 44.92 76.32
CBA HEM U . 24.50 44.85 74.79
CGA HEM U . 23.48 45.82 74.25
O1A HEM U . 23.59 46.27 73.09
O2A HEM U . 22.51 46.18 74.96
C1B HEM U . 29.88 42.60 78.33
C2B HEM U . 31.20 42.75 78.84
C3B HEM U . 31.63 41.52 79.21
C4B HEM U . 30.52 40.60 78.93
CMB HEM U . 31.95 44.04 78.94
CAB HEM U . 32.92 41.15 79.83
CBB HEM U . 33.79 42.08 80.20
C1C HEM U . 29.58 38.35 78.87
C2C HEM U . 29.60 36.98 79.15
C3C HEM U . 28.41 36.45 78.66
C4C HEM U . 27.68 37.53 78.10
CMC HEM U . 30.71 36.26 79.83
CAC HEM U . 27.91 35.08 78.79
CBC HEM U . 28.40 34.27 79.73
C1D HEM U . 25.68 38.55 77.22
C2D HEM U . 24.28 38.41 76.77
C3D HEM U . 23.83 39.65 76.53
C4D HEM U . 24.94 40.55 76.88
CMD HEM U . 23.53 37.12 76.58
CAD HEM U . 22.44 40.01 76.08
CBD HEM U . 22.46 40.84 74.79
CGD HEM U . 21.06 41.26 74.39
O1D HEM U . 20.88 41.82 73.28
O2D HEM U . 20.09 41.07 75.16
NA HEM U . 27.12 42.40 77.39
NB HEM U . 29.53 41.31 78.37
NC HEM U . 28.42 38.66 78.24
ND HEM U . 26.03 39.84 77.23
FE HEM U . 27.66 40.55 77.83
CAO VFV V . 23.55 35.65 72.37
CAK VFV V . 22.86 34.52 72.73
CBD VFV V . 23.50 33.54 73.50
FAB VFV V . 22.84 32.46 73.84
CAJ VFV V . 24.82 33.70 73.91
CAN VFV V . 25.50 34.84 73.54
CBG VFV V . 24.87 35.81 72.76
CBJ VFV V . 25.61 36.92 72.41
CAV VFV V . 26.98 36.79 72.36
CBE VFV V . 27.77 37.88 72.01
FAC VFV V . 29.06 37.74 71.98
CAR VFV V . 25.01 38.15 72.11
CAS VFV V . 25.81 39.24 71.78
CBK VFV V . 27.19 39.09 71.71
CBN VFV V . 28.01 40.18 71.43
CAW VFV V . 27.88 41.22 72.55
NBO VFV V . 28.40 40.76 73.86
CAT VFV V . 29.60 40.27 74.15
CAG VFV V . 29.65 40.05 75.46
NAX VFV V . 28.48 40.43 75.99
CAU VFV V . 27.72 40.88 74.99
NBA VFV V . 27.65 40.87 70.18
CBC VFV V . 28.32 40.63 69.03
OAA VFV V . 29.24 39.82 68.97
CBF VFV V . 28.10 41.50 67.97
CAM VFV V . 29.13 41.68 67.07
CAQ VFV V . 29.02 42.56 66.01
CAL VFV V . 26.94 42.27 67.84
CAP VFV V . 26.82 43.16 66.77
CBI VFV V . 27.85 43.28 65.84
CBM VFV V . 27.78 44.17 64.86
OBB VFV V . 28.84 44.63 64.26
NAZ VFV V . 26.70 44.84 64.46
NAY VFV V . 27.05 45.63 63.58
CBL VFV V . 28.37 45.49 63.43
CBH VFV V . 29.12 46.19 62.61
CAI VFV V . 30.47 45.88 62.44
CAF VFV V . 31.25 46.66 61.61
CAD VFV V . 30.71 47.75 60.96
CAE VFV V . 29.37 48.08 61.15
CAH VFV V . 28.57 47.30 61.98
CAO VFV W . 33.85 51.94 57.65
CAK VFV W . 34.55 51.82 56.46
CBD VFV W . 33.93 51.31 55.33
FAB VFV W . 34.62 51.22 54.17
CAJ VFV W . 32.60 50.91 55.38
CAN VFV W . 31.90 51.00 56.56
CBG VFV W . 32.53 51.47 57.71
CBJ VFV W . 31.80 51.65 58.87
CAV VFV W . 30.48 52.04 58.70
CBE VFV W . 29.67 52.29 59.79
FAC VFV W . 28.41 52.65 59.60
CAR VFV W . 32.33 51.56 60.14
CAS VFV W . 31.53 51.82 61.25
CBK VFV W . 30.18 52.14 61.08
CBN VFV W . 29.38 52.46 62.16
CAW VFV W . 29.90 53.82 62.66
NBO VFV W . 29.16 54.31 63.83
CAT VFV W . 29.54 54.07 65.08
CAG VFV W . 28.68 54.69 65.88
NAX VFV W . 27.77 55.31 65.13
CAU VFV W . 28.08 55.09 63.85
NBA VFV W . 29.48 51.42 63.19
CBC VFV W . 28.43 50.62 63.45
OAA VFV W . 27.35 50.69 62.87
CBF VFV W . 28.63 49.65 64.43
CAM VFV W . 29.92 49.29 64.83
CAQ VFV W . 30.10 48.31 65.80
CAL VFV W . 27.53 49.01 64.99
CAP VFV W . 27.71 48.03 65.95
CBI VFV W . 28.98 47.69 66.37
CBM VFV W . 29.13 46.74 67.28
OBB VFV W . 30.24 46.11 67.49
NAZ VFV W . 28.16 46.22 68.02
NAY VFV W . 28.62 45.34 68.70
CBL VFV W . 29.92 45.25 68.40
CBH VFV W . 30.77 44.39 68.93
CAI VFV W . 32.13 44.52 68.60
CAF VFV W . 33.05 43.62 69.14
CAD VFV W . 32.61 42.60 69.98
CAE VFV W . 31.26 42.48 70.29
CAH VFV W . 30.35 43.36 69.75
CHA HEM X . 28.96 -29.59 -29.66
CHB HEM X . 25.17 -28.44 -32.43
CHC HEM X . 22.33 -31.24 -29.62
CHD HEM X . 26.07 -32.08 -26.70
C1A HEM X . 28.17 -29.10 -30.65
C2A HEM X . 28.65 -28.23 -31.64
C3A HEM X . 27.60 -27.89 -32.43
C4A HEM X . 26.45 -28.53 -31.92
CMA HEM X . 27.65 -26.99 -33.63
CAA HEM X . 30.09 -27.80 -31.75
CBA HEM X . 30.36 -26.71 -30.69
CGA HEM X . 31.63 -25.95 -30.99
O1A HEM X . 31.69 -24.72 -30.77
O2A HEM X . 32.63 -26.54 -31.44
C1B HEM X . 24.08 -29.13 -31.89
C2B HEM X . 22.79 -29.13 -32.47
C3B HEM X . 21.97 -29.88 -31.68
C4B HEM X . 22.84 -30.40 -30.61
CMB HEM X . 22.35 -28.38 -33.71
CAB HEM X . 20.60 -30.31 -31.92
CBB HEM X . 20.15 -30.36 -33.17
C1C HEM X . 23.11 -31.73 -28.59
C2C HEM X . 22.70 -32.69 -27.66
C3C HEM X . 23.78 -32.92 -26.83
C4C HEM X . 24.84 -32.10 -27.27
CMC HEM X . 21.34 -33.33 -27.59
CAC HEM X . 23.87 -33.84 -25.68
CBC HEM X . 22.86 -34.61 -25.33
C1D HEM X . 27.14 -31.46 -27.33
C2D HEM X . 28.48 -31.59 -26.79
C3D HEM X . 29.28 -30.89 -27.59
C4D HEM X . 28.42 -30.36 -28.65
CMD HEM X . 28.87 -32.34 -25.54
CAD HEM X . 30.78 -30.74 -27.48
CBD HEM X . 31.16 -29.42 -26.82
CGD HEM X . 32.67 -29.28 -26.83
O1D HEM X . 33.20 -28.18 -26.59
O2D HEM X . 33.39 -30.27 -27.08
NA HEM X . 26.81 -29.24 -30.81
NB HEM X . 24.06 -29.90 -30.79
NC HEM X . 24.41 -31.39 -28.36
ND HEM X . 27.15 -30.72 -28.45
FE HEM X . 25.70 -30.26 -29.52
CAO VFV Y . 28.86 -29.46 -21.76
CAK VFV Y . 29.14 -30.51 -20.90
CBD VFV Y . 28.15 -31.41 -20.56
FAB VFV Y . 28.42 -32.39 -19.75
CAJ VFV Y . 26.87 -31.29 -21.08
CAN VFV Y . 26.59 -30.24 -21.94
CBG VFV Y . 27.59 -29.34 -22.29
CBJ VFV Y . 27.29 -28.28 -23.14
CAV VFV Y . 25.98 -27.89 -23.25
CBE VFV Y . 25.64 -26.82 -24.07
FAC VFV Y . 24.38 -26.49 -24.17
CAR VFV Y . 28.28 -27.56 -23.83
CAS VFV Y . 27.94 -26.49 -24.66
CBK VFV Y . 26.61 -26.11 -24.76
CBN VFV Y . 26.17 -25.06 -25.59
CAW VFV Y . 26.33 -25.48 -27.06
NBO VFV Y . 25.55 -26.70 -27.47
CAT VFV Y . 24.25 -27.00 -27.36
CAG VFV Y . 24.04 -28.18 -27.94
NAX VFV Y . 25.20 -28.61 -28.45
CAU VFV Y . 26.12 -27.68 -28.18
NBA VFV Y . 26.95 -23.81 -25.40
CBC VFV Y . 26.45 -22.78 -24.68
OAA VFV Y . 25.38 -22.86 -24.08
CBF VFV Y . 27.07 -21.52 -24.82
CAM VFV Y . 26.30 -20.39 -24.64
CAQ VFV Y . 26.85 -19.11 -24.80
CAL VFV Y . 28.41 -21.38 -25.20
CAP VFV Y . 28.96 -20.11 -25.37
CBI VFV Y . 28.20 -18.98 -25.13
CBM VFV Y . 28.67 -17.75 -25.37
OBB VFV Y . 27.89 -16.74 -25.57
NAZ VFV Y . 29.93 -17.44 -25.68
NAY VFV Y . 29.94 -16.20 -25.95
CBL VFV Y . 28.68 -15.78 -25.89
CBH VFV Y . 28.25 -14.54 -26.10
CAI VFV Y . 26.91 -14.25 -25.85
CAF VFV Y . 26.43 -12.97 -26.09
CAD VFV Y . 27.28 -11.99 -26.59
CAE VFV Y . 28.62 -12.30 -26.84
CAH VFV Y . 29.10 -13.57 -26.61
CAO VFV Z . 26.55 -6.98 -27.99
CAK VFV Z . 26.00 -5.88 -27.34
CBD VFV Z . 26.84 -4.89 -26.87
FAB VFV Z . 26.33 -3.85 -26.27
CAJ VFV Z . 28.22 -4.98 -27.03
CAN VFV Z . 28.76 -6.08 -27.67
CBG VFV Z . 27.92 -7.08 -28.13
CBJ VFV Z . 28.46 -8.16 -28.78
CAV VFV Z . 29.81 -8.12 -29.06
CBE VFV Z . 30.39 -9.18 -29.71
FAC VFV Z . 31.69 -9.16 -29.98
CAR VFV Z . 27.66 -9.22 -29.15
CAS VFV Z . 28.24 -10.29 -29.80
CBK VFV Z . 29.61 -10.28 -30.02
CBN VFV Z . 30.19 -11.29 -30.76
CAW VFV Z . 29.92 -10.85 -32.19
NBO VFV Z . 30.55 -11.71 -33.17
CAT VFV Z . 30.13 -12.91 -33.58
CAG VFV Z . 30.97 -13.31 -34.52
NAX VFV Z . 31.89 -12.36 -34.70
CAU VFV Z . 31.62 -11.36 -33.87
NBA VFV Z . 29.54 -12.58 -30.47
CBC VFV Z . 30.26 -13.56 -29.91
OAA VFV Z . 31.43 -13.44 -29.57
CBF VFV Z . 29.58 -14.74 -29.67
CAM VFV Z . 28.20 -14.82 -29.76
CAQ VFV Z . 27.54 -16.01 -29.49
CAL VFV Z . 30.31 -15.87 -29.30
CAP VFV Z . 29.66 -17.07 -29.04
CBI VFV Z . 28.28 -17.15 -29.15
CBM VFV Z . 27.66 -18.28 -28.88
OBB VFV Z . 26.37 -18.41 -28.79
NAZ VFV Z . 28.27 -19.43 -28.59
NAY VFV Z . 27.45 -20.23 -28.35
CBL VFV Z . 26.26 -19.68 -28.52
CBH VFV Z . 25.12 -20.27 -28.21
CAI VFV Z . 24.04 -19.50 -27.81
CAF VFV Z . 22.86 -20.10 -27.38
CAD VFV Z . 22.80 -21.49 -27.30
CAE VFV Z . 23.90 -22.26 -27.64
CAH VFV Z . 25.07 -21.65 -28.08
CHA HEM AA . 58.76 36.57 39.08
CHB HEM AA . 58.12 32.36 41.37
CHC HEM AA . 61.27 33.78 44.79
CHD HEM AA . 61.56 38.12 42.69
C1A HEM AA . 58.37 35.29 39.42
C2A HEM AA . 57.46 34.54 38.67
C3A HEM AA . 57.28 33.36 39.31
C4A HEM AA . 58.07 33.38 40.46
CMA HEM AA . 56.40 32.23 38.85
CAA HEM AA . 56.82 34.94 37.37
CBA HEM AA . 55.55 35.74 37.67
CGA HEM AA . 54.92 36.19 36.37
O1A HEM AA . 53.67 36.40 36.32
O2A HEM AA . 55.63 36.35 35.36
C1B HEM AA . 58.94 32.42 42.48
C2B HEM AA . 59.08 31.32 43.36
C3B HEM AA . 59.96 31.69 44.34
C4B HEM AA . 60.37 33.07 44.01
CMB HEM AA . 58.36 30.01 43.20
CAB HEM AA . 60.48 30.91 45.46
CBB HEM AA . 60.27 29.59 45.51
C1C HEM AA . 61.64 35.08 44.53
C2C HEM AA . 62.58 35.83 45.23
C3C HEM AA . 62.63 37.08 44.64
C4C HEM AA . 61.75 37.07 43.55
CMC HEM AA . 63.36 35.35 46.43
CAC HEM AA . 63.57 38.18 44.96
CBC HEM AA . 64.75 37.88 45.50
C1D HEM AA . 60.80 37.99 41.53
C2D HEM AA . 60.72 39.10 40.58
C3D HEM AA . 59.93 38.67 39.58
C4D HEM AA . 59.56 37.30 39.92
CMD HEM AA . 61.36 40.45 40.70
CAD HEM AA . 59.56 39.44 38.34
CBD HEM AA . 58.16 40.04 38.46
CGD HEM AA . 57.63 40.47 37.12
O1D HEM AA . 56.46 40.91 37.00
O2D HEM AA . 58.35 40.39 36.09
NA HEM AA . 58.73 34.58 40.54
NB HEM AA . 59.70 33.44 42.91
NC HEM AA . 61.17 35.84 43.51
ND HEM AA . 60.07 36.94 41.11
FE HEM AA . 59.92 35.29 41.96
CAO VFV BA . 59.12 43.46 42.40
CAK VFV BA . 60.17 44.37 42.37
CBD VFV BA . 61.08 44.40 43.41
FAB VFV BA . 62.05 45.24 43.37
CAJ VFV BA . 60.97 43.52 44.48
CAN VFV BA . 59.92 42.61 44.51
CBG VFV BA . 58.98 42.59 43.47
CBJ VFV BA . 57.94 41.68 43.52
CAV VFV BA . 57.73 40.97 44.70
CBE VFV BA . 56.69 40.07 44.80
FAC VFV BA . 56.56 39.44 45.90
CAR VFV BA . 57.09 41.46 42.45
CAS VFV BA . 56.04 40.53 42.54
CBK VFV BA . 55.83 39.84 43.74
CBN VFV BA . 54.82 38.86 43.89
CAW VFV BA . 55.13 37.63 43.04
NBO VFV BA . 56.41 36.95 43.38
CAT VFV BA . 56.91 36.52 44.54
CAG VFV BA . 58.09 35.94 44.30
NAX VFV BA . 58.31 35.99 42.99
CAU VFV BA . 57.27 36.60 42.42
NBA VFV BA . 53.46 39.32 43.50
CBC VFV BA . 52.56 39.68 44.42
OAA VFV BA . 52.84 39.73 45.62
CBF VFV BA . 51.24 39.83 43.99
CAM VFV BA . 50.23 39.68 44.95
CAQ VFV BA . 48.89 39.77 44.57
CAL VFV BA . 50.89 40.05 42.66
CAP VFV BA . 49.54 40.14 42.29
CBI VFV BA . 48.55 40.03 43.25
CBM VFV BA . 47.27 40.03 42.92
OBB VFV BA . 46.36 39.49 43.67
NAZ VFV BA . 46.74 40.41 41.75
NAY VFV BA . 45.49 40.17 41.82
CBL VFV BA . 45.27 39.59 43.00
CBH VFV BA . 44.10 39.17 43.49
CAI VFV BA . 44.02 38.82 44.83
CAF VFV BA . 42.81 38.38 45.35
CAD VFV BA . 41.69 38.28 44.53
CAE VFV BA . 41.78 38.64 43.19
CAH VFV BA . 42.99 39.08 42.66
CAO VFV CA . 36.47 36.02 44.68
CAK VFV CA . 35.43 36.31 45.54
CBD VFV CA . 34.83 37.55 45.50
FAB VFV CA . 33.84 37.82 46.30
CAJ VFV CA . 35.27 38.51 44.58
CAN VFV CA . 36.31 38.22 43.72
CBG VFV CA . 36.93 36.97 43.80
CBJ VFV CA . 37.92 36.63 42.90
CAV VFV CA . 37.90 37.19 41.64
CBE VFV CA . 38.83 36.80 40.70
FAC VFV CA . 38.82 37.37 39.53
CAR VFV CA . 38.82 35.60 43.20
CAS VFV CA . 39.75 35.21 42.26
CBK VFV CA . 39.78 35.84 41.02
CBN VFV CA . 40.66 35.41 40.05
CAW VFV CA . 40.26 33.97 39.76
NBO VFV CA . 40.99 33.41 38.65
CAT VFV CA . 42.01 32.56 38.66
CAG VFV CA . 42.32 32.29 37.40
NAX VFV CA . 41.48 32.97 36.61
CAU VFV CA . 40.65 33.64 37.39
NBA VFV CA . 42.04 35.49 40.51
CBC VFV CA . 42.88 36.40 40.01
OAA VFV CA . 42.57 37.20 39.13
CBF VFV CA . 44.16 36.38 40.53
CAM VFV CA . 44.42 35.80 41.76
CAQ VFV CA . 45.72 35.82 42.27
CAL VFV CA . 45.18 36.99 39.81
CAP VFV CA . 46.48 36.99 40.30
CBI VFV CA . 46.74 36.39 41.52
CBM VFV CA . 47.97 36.40 42.00
OBB VFV CA . 48.20 36.30 43.23
NAZ VFV CA . 49.11 36.54 41.32
NAY VFV CA . 50.00 36.52 42.11
CBL VFV CA . 49.46 36.33 43.31
CBH VFV CA . 50.07 36.34 44.48
CAI VFV CA . 49.32 36.64 45.61
CAF VFV CA . 49.93 36.70 46.85
CAD VFV CA . 51.30 36.46 46.94
CAE VFV CA . 52.05 36.17 45.81
CAH VFV CA . 51.44 36.12 44.56
CHA HEM DA . -25.98 -50.23 -19.56
CHB HEM DA . -29.15 -49.04 -16.12
CHC HEM DA . -32.75 -50.70 -18.91
CHD HEM DA . -29.52 -52.36 -22.07
C1A HEM DA . -26.55 -49.72 -18.41
C2A HEM DA . -25.83 -49.11 -17.36
C3A HEM DA . -26.73 -48.78 -16.41
C4A HEM DA . -28.00 -49.19 -16.83
CMA HEM DA . -26.44 -48.09 -15.10
CAA HEM DA . -24.35 -48.82 -17.31
CBA HEM DA . -23.55 -50.11 -17.20
CGA HEM DA . -22.13 -49.79 -16.81
O1A HEM DA . -21.42 -50.66 -16.24
O2A HEM DA . -21.63 -48.67 -17.06
C1B HEM DA . -30.39 -49.40 -16.62
C2B HEM DA . -31.59 -49.10 -15.93
C3B HEM DA . -32.61 -49.57 -16.70
C4B HEM DA . -31.99 -50.14 -17.90
CMB HEM DA . -31.66 -48.42 -14.60
CAB HEM DA . -34.06 -49.47 -16.49
CBB HEM DA . -34.55 -48.62 -15.59
C1C HEM DA . -32.19 -51.29 -20.02
C2C HEM DA . -32.91 -51.87 -21.05
C3C HEM DA . -31.99 -52.36 -21.97
C4C HEM DA . -30.70 -52.05 -21.46
CMC HEM DA . -34.42 -51.92 -21.13
CAC HEM DA . -32.30 -52.98 -23.27
CBC HEM DA . -33.49 -52.82 -23.80
C1D HEM DA . -28.31 -51.87 -21.60
C2D HEM DA . -27.09 -52.07 -22.38
C3D HEM DA . -26.10 -51.50 -21.67
C4D HEM DA . -26.73 -50.92 -20.49
CMD HEM DA . -26.97 -52.80 -23.68
CAD HEM DA . -24.65 -51.39 -22.08
CBD HEM DA . -23.73 -52.31 -21.28
CGD HEM DA . -22.30 -51.92 -21.55
O1D HEM DA . -21.38 -52.39 -20.84
O2D HEM DA . -22.02 -51.13 -22.48
NA HEM DA . -27.87 -49.79 -18.05
NB HEM DA . -30.68 -50.00 -17.78
NC HEM DA . -30.87 -51.40 -20.27
ND HEM DA . -28.05 -51.17 -20.49
FE HEM DA . -29.26 -50.67 -19.17
CAO VFV EA . -25.93 -56.80 -23.49
CAK VFV EA . -26.06 -56.96 -24.87
CBD VFV EA . -27.30 -57.22 -25.41
FAB VFV EA . -27.43 -57.38 -26.70
CAJ VFV EA . -28.43 -57.32 -24.60
CAN VFV EA . -28.29 -57.15 -23.22
CBG VFV EA . -27.04 -56.90 -22.67
CBJ VFV EA . -26.94 -56.74 -21.30
CAV VFV EA . -28.04 -57.06 -20.52
CBE VFV EA . -27.96 -56.92 -19.14
FAC VFV EA . -29.02 -57.21 -18.43
CAR VFV EA . -25.76 -56.29 -20.70
CAS VFV EA . -25.69 -56.14 -19.31
CBK VFV EA . -26.80 -56.48 -18.53
CBN VFV EA . -26.81 -56.33 -17.14
CAW VFV EA . -26.79 -54.85 -16.76
NBO VFV EA . -27.96 -54.06 -17.26
CAT VFV EA . -29.28 -54.29 -17.17
CAG VFV EA . -29.90 -53.24 -17.71
NAX VFV EA . -28.98 -52.39 -18.15
CAU VFV EA . -27.79 -52.88 -17.84
NBA VFV EA . -25.65 -56.96 -16.45
CBC VFV EA . -25.78 -58.13 -15.80
OAA VFV EA . -26.83 -58.78 -15.79
CBF VFV EA . -24.75 -58.50 -14.93
CAM VFV EA . -25.06 -59.34 -13.88
CAQ VFV EA . -24.09 -59.70 -12.95
CAL VFV EA . -23.46 -57.96 -15.03
CAP VFV EA . -22.48 -58.33 -14.11
CBI VFV EA . -22.79 -59.22 -13.08
CBM VFV EA . -21.90 -59.53 -12.14
OBB VFV EA . -22.24 -60.07 -11.01
NAZ VFV EA . -20.60 -59.21 -12.12
NAY VFV EA . -20.12 -59.62 -11.00
CBL VFV EA . -21.14 -60.15 -10.32
CBH VFV EA . -21.09 -60.69 -9.10
CAI VFV EA . -22.21 -61.35 -8.61
CAF VFV EA . -22.19 -61.89 -7.34
CAD VFV EA . -21.05 -61.76 -6.54
CAE VFV EA . -19.94 -61.10 -7.04
CAH VFV EA . -19.95 -60.55 -8.32
CAO VFV FA . -19.38 -62.52 -1.11
CAK VFV FA . -19.35 -63.70 -0.39
CBD VFV FA . -18.42 -64.68 -0.67
FAB VFV FA . -18.39 -65.76 0.01
CAJ VFV FA . -17.51 -64.48 -1.69
CAN VFV FA . -17.52 -63.30 -2.42
CBG VFV FA . -18.47 -62.33 -2.14
CBJ VFV FA . -18.44 -61.13 -2.85
CAV VFV FA . -17.24 -60.75 -3.42
CBE VFV FA . -17.15 -59.54 -4.09
FAC VFV FA . -16.04 -59.23 -4.63
CAR VFV FA . -19.54 -60.27 -2.90
CAS VFV FA . -19.44 -59.06 -3.58
CBK VFV FA . -18.25 -58.72 -4.22
CBN VFV FA . -18.10 -57.48 -4.81
CAW VFV FA . -18.12 -56.52 -3.63
NBO VFV FA . -17.97 -55.15 -4.03
CAT VFV FA . -18.96 -54.33 -4.34
CAG VFV FA . -18.43 -53.14 -4.59
NAX VFV FA . -17.11 -53.23 -4.41
CAU VFV FA . -16.83 -54.48 -4.05
NBA VFV FA . -19.19 -57.18 -5.76
CBC VFV FA . -18.94 -57.17 -7.08
OAA VFV FA . -17.83 -57.44 -7.56
CBF VFV FA . -20.02 -56.92 -7.92
CAM VFV FA . -21.33 -57.02 -7.45
CAQ VFV FA . -22.40 -56.77 -8.31
CAL VFV FA . -19.79 -56.61 -9.25
CAP VFV FA . -20.85 -56.37 -10.11
CBI VFV FA . -22.15 -56.42 -9.63
CBM VFV FA . -23.13 -56.22 -10.49
OBB VFV FA . -24.25 -56.73 -10.41
NAZ VFV FA . -22.96 -55.62 -11.68
NAY VFV FA . -23.94 -55.67 -12.24
CBL VFV FA . -24.78 -56.39 -11.50
CBH VFV FA . -26.03 -56.66 -11.80
CAI VFV FA . -26.87 -57.09 -10.79
CAF VFV FA . -28.19 -57.41 -11.07
CAD VFV FA . -28.67 -57.31 -12.38
CAE VFV FA . -27.82 -56.88 -13.40
CAH VFV FA . -26.49 -56.56 -13.11
#